data_5T1P
#
_entry.id   5T1P
#
_cell.length_a   82.190
_cell.length_b   89.276
_cell.length_c   100.394
_cell.angle_alpha   68.88
_cell.angle_beta   82.52
_cell.angle_gamma   70.66
#
_symmetry.space_group_name_H-M   'P 1'
#
loop_
_entity.id
_entity.type
_entity.pdbx_description
1 polymer 'ABC transporter, periplasmic substrate-binding protein'
2 non-polymer DI(HYDROXYETHYL)ETHER
3 non-polymer L-ALPHA-GLYCEROPHOSPHORYLETHANOLAMINE
4 non-polymer 2-[BIS-(2-HYDROXY-ETHYL)-AMINO]-2-HYDROXYMETHYL-PROPANE-1,3-DIOL
5 non-polymer 2-AMINO-2-HYDROXYMETHYL-PROPANE-1,3-DIOL
6 water water
#
_entity_poly.entity_id   1
_entity_poly.type   'polypeptide(L)'
_entity_poly.pdbx_seq_one_letter_code
;(MSE)SKKFFLSLGLVALLFSNSQAIDENLIKAAQAEGRVNSLA(MSE)PDTWANWKDTWADLKNLYDIEHSDTD(MSE)
SSAQEIAKFKTEKKNASGDIGDVGASFGEIAVKQGVAQPFKTSYWDQIPTWAKDKDGNWLLAYTGTIAFIVNKDVVKDIP
KTWQDLLKGNYKITVGDVSVAAQAVSAVLAANYALGGDEKDLSPALAFFNTLAKQGRLVNNDVSIANLEKGEVEVGLVWD
FNGLGYRDKVGKDRYEVLIPADGSVISGYTTIINKYAKHPNAAKLAREFILSDKGQINLAKGYARPIRIDHITLPDDIKA
KLLPSEQYKNARAIKDQKAWEKSAKELPQLWQEKVIVD(MSE)K
;
_entity_poly.pdbx_strand_id   A,B,C,D,E,F,G,H
#
# COMPACT_ATOMS: atom_id res chain seq x y z
N ILE A 22 -23.47 7.40 -25.47
CA ILE A 22 -22.03 7.02 -25.34
C ILE A 22 -21.15 8.04 -26.04
N ASP A 23 -20.36 8.78 -25.26
CA ASP A 23 -19.47 9.84 -25.78
C ASP A 23 -18.71 9.39 -27.05
N GLU A 24 -18.72 10.25 -28.07
CA GLU A 24 -18.09 9.95 -29.36
C GLU A 24 -16.56 9.89 -29.30
N ASN A 25 -15.96 10.76 -28.48
CA ASN A 25 -14.51 10.77 -28.28
C ASN A 25 -14.05 9.44 -27.62
N LEU A 26 -14.89 8.84 -26.78
CA LEU A 26 -14.57 7.57 -26.11
C LEU A 26 -14.59 6.44 -27.14
N ILE A 27 -15.64 6.39 -27.95
CA ILE A 27 -15.73 5.39 -29.02
C ILE A 27 -14.46 5.54 -29.90
N LYS A 28 -14.17 6.79 -30.31
CA LYS A 28 -13.00 7.07 -31.16
C LYS A 28 -11.68 6.62 -30.52
N ALA A 29 -11.49 6.94 -29.25
CA ALA A 29 -10.26 6.56 -28.52
C ALA A 29 -10.18 5.03 -28.33
N ALA A 30 -11.33 4.40 -28.10
CA ALA A 30 -11.37 2.95 -27.98
C ALA A 30 -11.04 2.30 -29.33
N GLN A 31 -11.52 2.88 -30.44
CA GLN A 31 -11.22 2.30 -31.76
C GLN A 31 -9.73 2.45 -32.16
N ALA A 32 -9.08 3.52 -31.68
CA ALA A 32 -7.64 3.78 -31.94
C ALA A 32 -6.82 2.71 -31.26
N GLU A 33 -7.24 2.31 -30.06
CA GLU A 33 -6.62 1.21 -29.32
C GLU A 33 -6.93 -0.08 -30.08
N GLY A 34 -8.21 -0.24 -30.45
CA GLY A 34 -8.65 -1.32 -31.30
C GLY A 34 -9.17 -2.57 -30.67
N ARG A 35 -8.89 -2.77 -29.38
CA ARG A 35 -9.33 -3.95 -28.73
C ARG A 35 -9.38 -3.79 -27.23
N VAL A 36 -10.04 -4.76 -26.61
CA VAL A 36 -10.09 -4.84 -25.18
C VAL A 36 -9.79 -6.30 -24.76
N ASN A 37 -8.83 -6.50 -23.86
CA ASN A 37 -8.45 -7.83 -23.39
C ASN A 37 -9.08 -7.99 -22.02
N SER A 38 -9.85 -9.05 -21.84
CA SER A 38 -10.46 -9.27 -20.54
C SER A 38 -9.85 -10.43 -19.80
N LEU A 39 -10.06 -10.41 -18.48
CA LEU A 39 -9.72 -11.50 -17.60
C LEU A 39 -11.05 -12.00 -16.99
N ALA A 40 -11.22 -13.30 -16.91
CA ALA A 40 -12.39 -13.90 -16.25
C ALA A 40 -13.75 -13.46 -16.73
N PRO A 42 -15.34 -15.11 -19.61
CA PRO A 42 -15.53 -16.03 -20.72
C PRO A 42 -16.94 -15.94 -21.28
N ASP A 43 -17.13 -16.39 -22.51
CA ASP A 43 -18.44 -16.38 -23.21
C ASP A 43 -19.57 -17.10 -22.48
N THR A 44 -19.21 -18.17 -21.77
CA THR A 44 -20.09 -19.08 -21.05
C THR A 44 -20.58 -18.57 -19.70
N TRP A 45 -20.02 -17.45 -19.25
CA TRP A 45 -20.41 -16.83 -18.00
C TRP A 45 -21.39 -15.67 -18.18
N ALA A 46 -22.62 -15.87 -17.72
CA ALA A 46 -23.68 -14.84 -17.79
C ALA A 46 -23.87 -14.13 -19.16
N ASN A 47 -23.63 -14.87 -20.22
CA ASN A 47 -23.81 -14.36 -21.58
C ASN A 47 -22.89 -13.20 -21.95
N TRP A 48 -21.65 -13.20 -21.43
CA TRP A 48 -20.68 -12.24 -21.89
C TRP A 48 -20.54 -12.39 -23.44
N LYS A 49 -20.81 -13.59 -23.94
CA LYS A 49 -20.77 -13.85 -25.35
C LYS A 49 -21.46 -12.75 -26.20
N ASP A 50 -22.69 -12.40 -25.83
CA ASP A 50 -23.50 -11.41 -26.59
C ASP A 50 -22.88 -10.03 -26.46
N THR A 51 -22.31 -9.75 -25.30
CA THR A 51 -21.68 -8.46 -25.07
C THR A 51 -20.40 -8.26 -25.89
N TRP A 52 -19.53 -9.26 -26.00
CA TRP A 52 -18.31 -9.11 -26.80
C TRP A 52 -18.66 -9.03 -28.29
N ALA A 53 -19.67 -9.80 -28.70
CA ALA A 53 -20.19 -9.75 -30.09
C ALA A 53 -20.66 -8.33 -30.37
N ASP A 54 -21.45 -7.78 -29.46
CA ASP A 54 -21.95 -6.40 -29.60
C ASP A 54 -20.86 -5.33 -29.70
N LEU A 55 -19.76 -5.48 -28.95
CA LEU A 55 -18.67 -4.50 -29.03
C LEU A 55 -18.00 -4.55 -30.41
N LYS A 56 -17.89 -5.76 -30.97
CA LYS A 56 -17.30 -5.95 -32.29
C LYS A 56 -18.25 -5.40 -33.34
N ASN A 57 -19.51 -5.83 -33.24
CA ASN A 57 -20.54 -5.46 -34.25
C ASN A 57 -20.98 -4.00 -34.24
N LEU A 58 -21.03 -3.38 -33.07
CA LEU A 58 -21.45 -1.98 -32.95
C LEU A 58 -20.31 -0.94 -32.99
N TYR A 59 -19.17 -1.23 -32.34
CA TYR A 59 -18.06 -0.27 -32.29
C TYR A 59 -16.74 -0.75 -32.89
N ASP A 60 -16.76 -1.91 -33.54
CA ASP A 60 -15.59 -2.52 -34.18
C ASP A 60 -14.39 -2.78 -33.26
N ILE A 61 -14.70 -3.04 -31.99
CA ILE A 61 -13.68 -3.35 -31.00
C ILE A 61 -13.48 -4.87 -30.91
N GLU A 62 -12.23 -5.32 -31.14
CA GLU A 62 -11.85 -6.73 -31.04
C GLU A 62 -11.68 -7.08 -29.53
N HIS A 63 -11.63 -8.38 -29.23
CA HIS A 63 -11.48 -8.87 -27.85
C HIS A 63 -10.99 -10.30 -27.80
N SER A 64 -10.33 -10.59 -26.69
CA SER A 64 -9.89 -11.93 -26.33
C SER A 64 -9.91 -11.96 -24.81
N ASP A 65 -10.17 -13.14 -24.26
CA ASP A 65 -10.31 -13.32 -22.82
C ASP A 65 -9.40 -14.42 -22.33
N THR A 66 -9.01 -14.34 -21.07
N THR A 66 -8.96 -14.33 -21.07
CA THR A 66 -8.23 -15.36 -20.40
CA THR A 66 -8.20 -15.38 -20.41
C THR A 66 -9.01 -15.64 -19.10
C THR A 66 -8.99 -15.66 -19.10
N ASP A 67 -9.62 -16.82 -18.99
CA ASP A 67 -10.44 -17.11 -17.82
C ASP A 67 -9.57 -17.38 -16.56
N SER A 69 -10.01 -16.87 -11.79
CA SER A 69 -10.82 -16.53 -10.64
C SER A 69 -10.44 -15.15 -10.09
N SER A 70 -11.35 -14.57 -9.29
CA SER A 70 -11.21 -13.23 -8.71
C SER A 70 -9.85 -12.86 -8.15
N ALA A 71 -9.34 -13.69 -7.24
CA ALA A 71 -8.06 -13.38 -6.58
C ALA A 71 -6.88 -13.31 -7.59
N GLN A 72 -6.93 -14.17 -8.61
CA GLN A 72 -5.88 -14.27 -9.62
C GLN A 72 -5.87 -13.04 -10.56
N GLU A 73 -7.06 -12.49 -10.84
CA GLU A 73 -7.19 -11.36 -11.74
C GLU A 73 -6.44 -10.15 -11.14
N ILE A 74 -6.68 -9.90 -9.85
CA ILE A 74 -6.01 -8.81 -9.11
C ILE A 74 -4.48 -9.01 -9.07
N ALA A 75 -4.01 -10.24 -8.83
CA ALA A 75 -2.57 -10.46 -8.79
C ALA A 75 -1.93 -10.30 -10.17
N LYS A 76 -2.67 -10.65 -11.24
N LYS A 76 -2.68 -10.66 -11.22
CA LYS A 76 -2.16 -10.56 -12.60
CA LYS A 76 -2.19 -10.57 -12.59
C LYS A 76 -1.98 -9.10 -13.01
C LYS A 76 -2.03 -9.13 -13.06
N PHE A 77 -3.01 -8.27 -12.79
CA PHE A 77 -2.91 -6.85 -13.10
C PHE A 77 -1.71 -6.30 -12.31
N LYS A 78 -1.60 -6.69 -11.04
CA LYS A 78 -0.49 -6.20 -10.23
C LYS A 78 0.90 -6.61 -10.76
N THR A 79 1.07 -7.90 -11.00
CA THR A 79 2.34 -8.46 -11.50
C THR A 79 2.77 -7.89 -12.84
N GLU A 80 1.81 -7.75 -13.75
CA GLU A 80 2.16 -7.29 -15.09
C GLU A 80 2.34 -5.78 -15.29
N LYS A 81 1.75 -4.96 -14.42
CA LYS A 81 1.90 -3.50 -14.59
C LYS A 81 1.59 -3.02 -16.00
N LYS A 82 2.33 -2.02 -16.53
CA LYS A 82 2.10 -1.49 -17.90
C LYS A 82 2.13 -2.45 -19.09
N ASN A 83 2.85 -3.57 -18.95
CA ASN A 83 2.91 -4.60 -19.99
C ASN A 83 1.82 -5.56 -19.65
N ALA A 84 0.62 -4.99 -19.58
CA ALA A 84 -0.62 -5.64 -19.14
C ALA A 84 -1.17 -6.56 -20.21
N SER A 85 -1.46 -7.80 -19.86
CA SER A 85 -2.08 -8.74 -20.77
C SER A 85 -3.58 -8.52 -20.62
N GLY A 86 -4.03 -7.85 -19.57
CA GLY A 86 -5.48 -7.61 -19.43
C GLY A 86 -5.85 -6.16 -19.19
N ASP A 87 -7.00 -5.75 -19.70
CA ASP A 87 -7.49 -4.40 -19.55
C ASP A 87 -8.64 -4.26 -18.56
N ILE A 88 -9.48 -5.28 -18.52
CA ILE A 88 -10.65 -5.28 -17.68
C ILE A 88 -10.87 -6.68 -17.12
N GLY A 89 -11.39 -6.78 -15.91
CA GLY A 89 -11.66 -8.04 -15.27
C GLY A 89 -13.02 -7.92 -14.63
N ASP A 90 -13.45 -9.00 -14.01
CA ASP A 90 -14.76 -9.05 -13.34
C ASP A 90 -14.52 -9.88 -12.09
N VAL A 91 -14.81 -9.30 -10.95
CA VAL A 91 -14.54 -9.95 -9.67
C VAL A 91 -15.70 -9.88 -8.74
N GLY A 92 -15.71 -10.76 -7.73
CA GLY A 92 -16.84 -10.77 -6.78
C GLY A 92 -16.91 -9.53 -5.93
N ALA A 93 -18.10 -9.26 -5.39
CA ALA A 93 -18.32 -8.10 -4.55
C ALA A 93 -17.31 -7.97 -3.41
N SER A 94 -16.84 -9.06 -2.82
CA SER A 94 -15.87 -8.95 -1.71
C SER A 94 -14.47 -8.57 -2.19
N PHE A 95 -14.24 -8.53 -3.51
CA PHE A 95 -12.91 -8.21 -4.04
C PHE A 95 -12.72 -6.81 -4.59
N GLY A 96 -13.78 -6.01 -4.68
CA GLY A 96 -13.68 -4.63 -5.19
C GLY A 96 -12.67 -3.85 -4.39
N GLU A 97 -12.79 -3.97 -3.08
CA GLU A 97 -11.88 -3.28 -2.18
C GLU A 97 -10.49 -3.84 -2.20
N ILE A 98 -10.32 -5.13 -2.46
CA ILE A 98 -8.98 -5.69 -2.55
C ILE A 98 -8.27 -5.07 -3.76
N ALA A 99 -8.98 -4.95 -4.87
CA ALA A 99 -8.41 -4.36 -6.07
C ALA A 99 -7.90 -2.95 -5.80
N VAL A 100 -8.73 -2.16 -5.12
CA VAL A 100 -8.42 -0.81 -4.75
C VAL A 100 -7.19 -0.77 -3.82
N LYS A 101 -7.17 -1.59 -2.78
CA LYS A 101 -6.05 -1.65 -1.81
C LYS A 101 -4.71 -2.08 -2.49
N GLN A 102 -4.81 -2.95 -3.51
CA GLN A 102 -3.67 -3.41 -4.27
C GLN A 102 -3.25 -2.43 -5.35
N GLY A 103 -4.02 -1.35 -5.51
CA GLY A 103 -3.68 -0.34 -6.48
C GLY A 103 -3.78 -0.75 -7.94
N VAL A 104 -4.73 -1.62 -8.27
CA VAL A 104 -4.87 -2.06 -9.65
C VAL A 104 -6.11 -1.53 -10.35
N ALA A 105 -6.94 -0.74 -9.66
CA ALA A 105 -8.17 -0.24 -10.22
C ALA A 105 -8.09 1.22 -10.63
N GLN A 106 -8.76 1.58 -11.72
CA GLN A 106 -8.89 3.03 -12.09
C GLN A 106 -10.41 3.28 -12.19
N PRO A 107 -10.84 4.50 -11.84
CA PRO A 107 -12.28 4.79 -11.77
C PRO A 107 -12.91 5.15 -13.10
N PHE A 108 -14.17 4.77 -13.23
CA PHE A 108 -15.03 5.08 -14.37
C PHE A 108 -16.46 4.75 -13.93
N LYS A 109 -17.19 5.79 -13.57
CA LYS A 109 -18.56 5.65 -13.05
C LYS A 109 -19.61 5.23 -14.07
N THR A 110 -19.36 5.58 -15.33
CA THR A 110 -20.29 5.35 -16.47
C THR A 110 -21.41 6.40 -16.34
N SER A 111 -22.11 6.63 -17.45
CA SER A 111 -23.28 7.52 -17.48
C SER A 111 -24.46 6.97 -16.65
N TYR A 112 -24.37 5.75 -16.12
CA TYR A 112 -25.49 5.14 -15.39
C TYR A 112 -25.30 5.10 -13.87
N TRP A 113 -24.26 5.79 -13.40
CA TRP A 113 -23.88 5.78 -11.99
C TRP A 113 -25.02 5.99 -11.01
N ASP A 114 -25.85 7.00 -11.28
CA ASP A 114 -26.96 7.33 -10.38
C ASP A 114 -28.05 6.26 -10.25
N GLN A 115 -28.15 5.38 -11.24
CA GLN A 115 -29.09 4.26 -11.16
C GLN A 115 -28.50 3.05 -10.48
N ILE A 116 -27.20 3.09 -10.11
CA ILE A 116 -26.59 1.96 -9.44
C ILE A 116 -26.79 2.17 -7.95
N PRO A 117 -27.31 1.17 -7.25
CA PRO A 117 -27.59 1.38 -5.84
C PRO A 117 -26.34 1.68 -5.01
N THR A 118 -26.51 2.45 -3.94
CA THR A 118 -25.38 2.87 -3.06
C THR A 118 -24.66 1.64 -2.50
N TRP A 119 -25.42 0.62 -2.08
CA TRP A 119 -24.83 -0.64 -1.62
C TRP A 119 -24.09 -1.44 -2.73
N ALA A 120 -24.24 -1.08 -4.00
CA ALA A 120 -23.60 -1.84 -5.10
C ALA A 120 -22.38 -1.20 -5.73
N LYS A 121 -21.84 -0.16 -5.10
CA LYS A 121 -20.70 0.58 -5.65
C LYS A 121 -19.91 1.29 -4.56
N ASP A 122 -18.68 1.69 -4.92
CA ASP A 122 -17.81 2.42 -4.01
C ASP A 122 -18.19 3.91 -4.13
N LYS A 123 -17.33 4.83 -3.70
CA LYS A 123 -17.70 6.24 -3.84
C LYS A 123 -17.08 6.93 -5.08
N ASP A 124 -15.90 6.46 -5.51
CA ASP A 124 -15.17 7.05 -6.65
C ASP A 124 -15.37 6.46 -8.05
N GLY A 125 -16.03 5.30 -8.15
CA GLY A 125 -16.21 4.65 -9.44
C GLY A 125 -15.20 3.55 -9.77
N ASN A 126 -14.40 3.12 -8.81
CA ASN A 126 -13.47 2.01 -9.05
C ASN A 126 -14.17 0.67 -9.18
N TRP A 127 -15.31 0.50 -8.54
CA TRP A 127 -16.05 -0.76 -8.62
C TRP A 127 -17.55 -0.48 -8.49
N LEU A 128 -18.31 -1.33 -9.21
CA LEU A 128 -19.75 -1.20 -9.31
C LEU A 128 -20.35 -2.48 -9.87
N LEU A 129 -21.30 -3.04 -9.15
CA LEU A 129 -21.89 -4.29 -9.54
C LEU A 129 -22.78 -4.10 -10.77
N ALA A 130 -22.57 -4.94 -11.78
CA ALA A 130 -23.43 -4.89 -12.98
C ALA A 130 -24.58 -5.89 -12.88
N TYR A 131 -24.46 -6.84 -11.97
CA TYR A 131 -25.46 -7.87 -11.84
C TYR A 131 -25.26 -8.67 -10.59
N THR A 132 -26.32 -9.40 -10.19
CA THR A 132 -26.31 -10.25 -9.05
C THR A 132 -26.86 -11.62 -9.34
N GLY A 133 -26.55 -12.53 -8.43
CA GLY A 133 -27.08 -13.91 -8.44
C GLY A 133 -27.26 -14.47 -7.02
N THR A 134 -27.80 -15.68 -6.96
CA THR A 134 -28.04 -16.39 -5.71
C THR A 134 -27.39 -17.77 -5.80
N ILE A 135 -26.66 -18.15 -4.74
CA ILE A 135 -26.02 -19.48 -4.68
C ILE A 135 -27.09 -20.59 -4.79
N ALA A 136 -26.79 -21.59 -5.61
CA ALA A 136 -27.63 -22.71 -5.94
C ALA A 136 -26.85 -24.01 -5.94
N PHE A 137 -27.63 -25.09 -5.95
CA PHE A 137 -27.09 -26.44 -6.15
C PHE A 137 -27.34 -26.85 -7.60
N ILE A 138 -26.36 -27.48 -8.25
CA ILE A 138 -26.60 -28.09 -9.55
C ILE A 138 -26.42 -29.60 -9.21
N VAL A 139 -27.42 -30.40 -9.49
CA VAL A 139 -27.43 -31.83 -9.12
C VAL A 139 -27.56 -32.79 -10.32
N ASN A 140 -26.68 -33.79 -10.37
CA ASN A 140 -26.66 -34.81 -11.42
C ASN A 140 -27.83 -35.78 -11.16
N LYS A 141 -28.84 -35.77 -12.03
CA LYS A 141 -30.03 -36.60 -11.84
C LYS A 141 -29.81 -38.14 -12.00
N ASP A 142 -28.80 -38.53 -12.79
CA ASP A 142 -28.43 -39.92 -12.97
C ASP A 142 -27.83 -40.50 -11.66
N VAL A 143 -26.94 -39.75 -11.00
CA VAL A 143 -26.26 -40.21 -9.78
C VAL A 143 -26.97 -39.95 -8.45
N VAL A 144 -27.53 -38.75 -8.28
CA VAL A 144 -28.14 -38.36 -7.03
C VAL A 144 -29.65 -38.61 -7.10
N LYS A 145 -30.10 -39.71 -6.50
CA LYS A 145 -31.51 -40.11 -6.49
C LYS A 145 -32.41 -39.33 -5.52
N ASP A 146 -31.88 -39.03 -4.34
CA ASP A 146 -32.58 -38.21 -3.34
C ASP A 146 -31.94 -36.80 -3.49
N ILE A 147 -32.55 -35.96 -4.31
CA ILE A 147 -32.00 -34.63 -4.61
C ILE A 147 -31.92 -33.78 -3.34
N PRO A 148 -30.75 -33.23 -3.00
CA PRO A 148 -30.79 -32.41 -1.77
C PRO A 148 -31.58 -31.13 -1.98
N LYS A 149 -32.44 -30.78 -1.04
CA LYS A 149 -33.19 -29.53 -1.12
C LYS A 149 -32.65 -28.46 -0.16
N THR A 150 -31.77 -28.86 0.75
CA THR A 150 -31.23 -27.97 1.77
C THR A 150 -29.77 -28.27 2.03
N TRP A 151 -29.07 -27.32 2.67
CA TRP A 151 -27.71 -27.56 3.08
C TRP A 151 -27.68 -28.78 4.03
N GLN A 152 -28.64 -28.89 4.95
CA GLN A 152 -28.66 -30.04 5.89
C GLN A 152 -28.71 -31.38 5.14
N ASP A 153 -29.49 -31.45 4.06
CA ASP A 153 -29.53 -32.67 3.27
C ASP A 153 -28.16 -33.14 2.79
N LEU A 154 -27.24 -32.22 2.49
CA LEU A 154 -25.92 -32.56 1.99
C LEU A 154 -25.09 -33.37 2.96
N LEU A 155 -25.33 -33.20 4.26
CA LEU A 155 -24.60 -33.93 5.27
C LEU A 155 -24.98 -35.40 5.32
N LYS A 156 -26.13 -35.81 4.78
CA LYS A 156 -26.48 -37.23 4.83
C LYS A 156 -26.22 -38.07 3.56
N GLY A 157 -25.92 -37.51 2.40
CA GLY A 157 -25.67 -38.44 1.26
C GLY A 157 -24.31 -39.15 1.31
N ASN A 158 -23.95 -39.78 0.19
CA ASN A 158 -22.60 -40.32 0.02
C ASN A 158 -21.95 -39.74 -1.27
N TYR A 159 -22.71 -38.99 -2.04
CA TYR A 159 -22.22 -38.33 -3.29
C TYR A 159 -21.19 -37.18 -3.01
N LYS A 160 -20.40 -36.84 -4.02
CA LYS A 160 -19.35 -35.83 -3.93
C LYS A 160 -19.88 -34.41 -4.14
N ILE A 161 -19.43 -33.46 -3.31
N ILE A 161 -19.39 -33.47 -3.34
CA ILE A 161 -19.86 -32.07 -3.41
CA ILE A 161 -19.87 -32.08 -3.43
C ILE A 161 -18.75 -31.23 -4.05
C ILE A 161 -18.76 -31.22 -4.04
N THR A 162 -19.01 -30.66 -5.23
CA THR A 162 -18.05 -29.79 -5.93
C THR A 162 -18.29 -28.38 -5.33
N VAL A 163 -17.38 -28.00 -4.44
CA VAL A 163 -17.57 -26.76 -3.72
C VAL A 163 -17.12 -25.47 -4.38
N GLY A 164 -16.17 -25.57 -5.31
CA GLY A 164 -15.55 -24.41 -5.91
C GLY A 164 -14.17 -24.30 -5.25
N ASP A 165 -13.28 -23.50 -5.83
CA ASP A 165 -11.93 -23.29 -5.27
C ASP A 165 -12.00 -22.04 -4.37
N VAL A 166 -12.18 -22.28 -3.08
CA VAL A 166 -12.30 -21.22 -2.09
C VAL A 166 -11.06 -20.32 -1.99
N SER A 167 -9.89 -20.85 -2.32
CA SER A 167 -8.67 -20.06 -2.27
C SER A 167 -8.73 -18.82 -3.13
N VAL A 168 -9.43 -18.88 -4.26
CA VAL A 168 -9.43 -17.74 -5.22
C VAL A 168 -10.74 -17.29 -5.90
N ALA A 169 -11.80 -18.06 -5.74
CA ALA A 169 -13.04 -17.80 -6.47
C ALA A 169 -14.15 -17.19 -5.64
N ALA A 170 -14.73 -16.09 -6.12
CA ALA A 170 -15.84 -15.43 -5.41
C ALA A 170 -17.06 -16.32 -5.32
N GLN A 171 -17.25 -17.17 -6.30
CA GLN A 171 -18.42 -18.04 -6.33
C GLN A 171 -18.34 -19.06 -5.17
N ALA A 172 -17.14 -19.57 -4.96
CA ALA A 172 -16.86 -20.54 -3.92
C ALA A 172 -16.90 -19.90 -2.57
N VAL A 173 -16.29 -18.72 -2.42
CA VAL A 173 -16.33 -17.99 -1.13
C VAL A 173 -17.78 -17.68 -0.73
N SER A 174 -18.60 -17.30 -1.72
CA SER A 174 -19.97 -17.02 -1.51
C SER A 174 -20.77 -18.26 -1.11
N ALA A 175 -20.43 -19.40 -1.72
CA ALA A 175 -21.08 -20.68 -1.39
C ALA A 175 -20.86 -21.00 0.10
N VAL A 176 -19.68 -20.72 0.62
CA VAL A 176 -19.40 -20.93 2.02
C VAL A 176 -20.31 -20.02 2.88
N LEU A 177 -20.44 -18.75 2.52
CA LEU A 177 -21.30 -17.84 3.26
C LEU A 177 -22.75 -18.34 3.18
N ALA A 178 -23.19 -18.83 1.99
CA ALA A 178 -24.52 -19.37 1.81
C ALA A 178 -24.80 -20.50 2.80
N ALA A 179 -23.87 -21.44 2.96
CA ALA A 179 -24.02 -22.50 3.94
C ALA A 179 -24.08 -21.89 5.34
N ASN A 180 -23.25 -20.86 5.57
CA ASN A 180 -23.19 -20.20 6.88
C ASN A 180 -24.54 -19.60 7.26
N TYR A 181 -25.15 -18.89 6.31
CA TYR A 181 -26.49 -18.37 6.53
C TYR A 181 -27.48 -19.48 6.90
N ALA A 182 -27.44 -20.60 6.19
CA ALA A 182 -28.37 -21.71 6.47
C ALA A 182 -28.16 -22.36 7.85
N LEU A 183 -26.91 -22.30 8.33
CA LEU A 183 -26.57 -22.82 9.64
C LEU A 183 -26.85 -21.79 10.75
N GLY A 184 -27.40 -20.61 10.43
CA GLY A 184 -27.74 -19.60 11.45
C GLY A 184 -26.70 -18.53 11.77
N GLY A 185 -25.66 -18.44 10.94
CA GLY A 185 -24.58 -17.49 11.14
C GLY A 185 -24.77 -16.35 10.19
N ASP A 186 -23.78 -15.49 10.07
CA ASP A 186 -23.83 -14.35 9.17
C ASP A 186 -22.42 -14.08 8.68
N GLU A 187 -22.25 -12.97 7.96
CA GLU A 187 -20.98 -12.62 7.34
C GLU A 187 -19.89 -12.19 8.34
N LYS A 188 -20.22 -12.00 9.62
CA LYS A 188 -19.20 -11.63 10.64
C LYS A 188 -18.35 -12.81 11.17
N ASP A 189 -18.82 -14.06 11.04
CA ASP A 189 -18.08 -15.24 11.58
C ASP A 189 -18.48 -16.48 10.80
N LEU A 190 -17.54 -17.00 10.01
CA LEU A 190 -17.76 -18.14 9.13
C LEU A 190 -17.48 -19.49 9.75
N SER A 191 -17.15 -19.52 11.03
CA SER A 191 -16.86 -20.74 11.77
C SER A 191 -17.90 -21.88 11.61
N PRO A 192 -19.20 -21.55 11.67
CA PRO A 192 -20.16 -22.66 11.51
C PRO A 192 -20.05 -23.35 10.15
N ALA A 193 -19.90 -22.58 9.08
CA ALA A 193 -19.77 -23.17 7.74
C ALA A 193 -18.45 -23.94 7.60
N LEU A 194 -17.37 -23.41 8.19
CA LEU A 194 -16.10 -24.11 8.13
C LEU A 194 -16.27 -25.47 8.82
N ALA A 195 -16.99 -25.54 9.94
CA ALA A 195 -17.21 -26.82 10.60
C ALA A 195 -18.00 -27.78 9.75
N PHE A 196 -19.01 -27.26 9.07
CA PHE A 196 -19.86 -28.02 8.13
C PHE A 196 -18.99 -28.62 7.01
N PHE A 197 -18.12 -27.82 6.40
CA PHE A 197 -17.25 -28.33 5.33
C PHE A 197 -16.15 -29.27 5.84
N ASN A 198 -15.71 -29.07 7.08
CA ASN A 198 -14.72 -29.94 7.70
C ASN A 198 -15.37 -31.32 7.85
N THR A 199 -16.65 -31.35 8.24
CA THR A 199 -17.42 -32.60 8.38
C THR A 199 -17.46 -33.35 7.07
N LEU A 200 -17.73 -32.66 5.97
CA LEU A 200 -17.82 -33.30 4.66
C LEU A 200 -16.42 -33.76 4.20
N ALA A 201 -15.40 -32.96 4.49
CA ALA A 201 -14.03 -33.32 4.13
C ALA A 201 -13.65 -34.66 4.78
N LYS A 202 -14.02 -34.82 6.06
CA LYS A 202 -13.71 -36.05 6.80
C LYS A 202 -14.45 -37.27 6.25
N GLN A 203 -15.66 -37.05 5.73
CA GLN A 203 -16.42 -38.13 5.06
C GLN A 203 -15.80 -38.49 3.69
N GLY A 204 -14.86 -37.71 3.20
CA GLY A 204 -14.26 -37.95 1.88
C GLY A 204 -15.15 -37.52 0.73
N ARG A 205 -16.02 -36.56 1.00
CA ARG A 205 -16.97 -36.12 0.00
C ARG A 205 -16.77 -34.73 -0.60
N LEU A 206 -15.64 -34.07 -0.36
CA LEU A 206 -15.42 -32.75 -0.97
C LEU A 206 -14.52 -32.76 -2.21
N VAL A 207 -14.90 -31.97 -3.21
CA VAL A 207 -14.09 -31.79 -4.43
C VAL A 207 -13.78 -30.30 -4.47
N ASN A 208 -12.50 -29.93 -4.30
CA ASN A 208 -12.05 -28.51 -4.24
C ASN A 208 -11.74 -27.83 -5.56
N ASN A 209 -12.62 -28.01 -6.54
CA ASN A 209 -12.47 -27.37 -7.81
C ASN A 209 -13.81 -26.74 -8.19
N ASP A 210 -13.80 -25.99 -9.28
CA ASP A 210 -15.01 -25.31 -9.74
C ASP A 210 -15.84 -26.18 -10.71
N VAL A 211 -17.17 -26.05 -10.66
CA VAL A 211 -18.05 -26.71 -11.63
C VAL A 211 -17.73 -26.05 -12.98
N SER A 212 -17.61 -26.83 -14.02
CA SER A 212 -17.35 -26.35 -15.40
C SER A 212 -18.24 -27.12 -16.32
N ILE A 213 -18.52 -26.55 -17.50
CA ILE A 213 -19.29 -27.27 -18.51
C ILE A 213 -18.60 -28.63 -18.85
N ALA A 214 -17.27 -28.63 -18.91
CA ALA A 214 -16.55 -29.88 -19.27
C ALA A 214 -16.81 -31.03 -18.26
N ASN A 215 -16.69 -30.73 -16.96
N ASN A 215 -16.70 -30.77 -16.97
CA ASN A 215 -16.92 -31.72 -15.87
CA ASN A 215 -16.96 -31.81 -15.97
C ASN A 215 -18.43 -32.05 -15.68
C ASN A 215 -18.45 -32.18 -15.91
N LEU A 216 -19.32 -31.21 -16.21
CA LEU A 216 -20.75 -31.47 -16.21
C LEU A 216 -21.04 -32.39 -17.38
N GLU A 217 -20.46 -32.10 -18.54
CA GLU A 217 -20.62 -32.96 -19.74
C GLU A 217 -20.25 -34.42 -19.45
N LYS A 218 -19.09 -34.59 -18.82
CA LYS A 218 -18.60 -35.93 -18.46
C LYS A 218 -19.42 -36.62 -17.37
N GLY A 219 -20.31 -35.89 -16.69
CA GLY A 219 -21.13 -36.45 -15.63
C GLY A 219 -20.36 -36.56 -14.33
N GLU A 220 -19.23 -35.87 -14.22
CA GLU A 220 -18.40 -35.96 -13.03
C GLU A 220 -18.89 -35.18 -11.80
N VAL A 221 -19.66 -34.12 -12.03
CA VAL A 221 -20.21 -33.35 -10.93
C VAL A 221 -21.39 -34.11 -10.41
N GLU A 222 -21.45 -34.28 -9.11
CA GLU A 222 -22.60 -34.98 -8.49
C GLU A 222 -23.48 -33.88 -7.92
N VAL A 223 -23.04 -33.19 -6.88
CA VAL A 223 -23.74 -31.98 -6.45
C VAL A 223 -22.71 -30.90 -6.58
N GLY A 224 -23.05 -29.81 -7.22
CA GLY A 224 -22.11 -28.69 -7.35
C GLY A 224 -22.69 -27.40 -6.81
N LEU A 225 -21.81 -26.51 -6.30
CA LEU A 225 -22.24 -25.24 -5.75
C LEU A 225 -21.94 -24.14 -6.76
N VAL A 226 -22.97 -23.47 -7.25
CA VAL A 226 -22.77 -22.45 -8.24
C VAL A 226 -23.85 -21.39 -8.17
N TRP A 227 -23.55 -20.22 -8.73
CA TRP A 227 -24.59 -19.17 -8.87
C TRP A 227 -25.74 -19.73 -9.71
N ASP A 228 -26.97 -19.35 -9.41
CA ASP A 228 -28.11 -19.80 -10.20
C ASP A 228 -27.94 -19.49 -11.69
N PHE A 229 -27.40 -18.34 -12.01
CA PHE A 229 -27.24 -18.01 -13.43
C PHE A 229 -26.30 -19.00 -14.16
N ASN A 230 -25.25 -19.43 -13.49
CA ASN A 230 -24.31 -20.43 -14.03
C ASN A 230 -24.97 -21.81 -14.04
N GLY A 231 -25.72 -22.16 -12.99
CA GLY A 231 -26.41 -23.44 -13.00
C GLY A 231 -27.34 -23.57 -14.23
N LEU A 232 -28.12 -22.51 -14.47
CA LEU A 232 -29.06 -22.49 -15.57
C LEU A 232 -28.37 -22.41 -16.93
N GLY A 233 -27.33 -21.59 -17.05
CA GLY A 233 -26.59 -21.47 -18.30
C GLY A 233 -25.90 -22.76 -18.64
N TYR A 234 -25.24 -23.36 -17.63
CA TYR A 234 -24.55 -24.60 -17.85
C TYR A 234 -25.54 -25.72 -18.18
N ARG A 235 -26.72 -25.73 -17.54
CA ARG A 235 -27.77 -26.73 -17.75
C ARG A 235 -28.25 -26.74 -19.21
N ASP A 236 -28.33 -25.55 -19.82
CA ASP A 236 -28.74 -25.47 -21.23
C ASP A 236 -27.70 -26.10 -22.13
N LYS A 237 -26.42 -25.82 -21.89
CA LYS A 237 -25.34 -26.36 -22.70
C LYS A 237 -25.25 -27.86 -22.66
N VAL A 238 -25.36 -28.42 -21.45
CA VAL A 238 -25.19 -29.85 -21.20
C VAL A 238 -26.44 -30.73 -21.28
N GLY A 239 -27.59 -30.21 -20.81
CA GLY A 239 -28.83 -30.99 -20.86
C GLY A 239 -29.70 -30.77 -19.65
N LYS A 240 -30.89 -30.27 -19.89
CA LYS A 240 -31.86 -29.94 -18.82
C LYS A 240 -32.38 -31.16 -18.07
N ASP A 241 -32.44 -32.30 -18.75
CA ASP A 241 -32.87 -33.55 -18.15
C ASP A 241 -31.71 -34.30 -17.46
N ARG A 242 -30.48 -33.77 -17.54
CA ARG A 242 -29.31 -34.38 -16.87
C ARG A 242 -29.03 -33.74 -15.51
N TYR A 243 -29.31 -32.45 -15.39
CA TYR A 243 -29.04 -31.69 -14.16
C TYR A 243 -30.22 -30.82 -13.69
N GLU A 244 -30.45 -30.84 -12.39
CA GLU A 244 -31.46 -30.02 -11.75
C GLU A 244 -30.72 -28.91 -11.05
N VAL A 245 -31.27 -27.72 -11.08
CA VAL A 245 -30.70 -26.57 -10.44
C VAL A 245 -31.75 -26.06 -9.46
N LEU A 246 -31.32 -25.75 -8.25
CA LEU A 246 -32.28 -25.30 -7.25
C LEU A 246 -31.59 -24.45 -6.19
N ILE A 247 -32.37 -23.66 -5.45
CA ILE A 247 -31.85 -22.85 -4.37
C ILE A 247 -32.07 -23.63 -3.05
N PRO A 248 -31.02 -23.80 -2.24
CA PRO A 248 -31.23 -24.51 -0.99
C PRO A 248 -32.29 -23.79 -0.15
N ALA A 249 -33.29 -24.53 0.34
CA ALA A 249 -34.42 -23.93 1.06
C ALA A 249 -34.12 -23.33 2.44
N ASP A 250 -33.06 -23.82 3.07
CA ASP A 250 -32.73 -23.38 4.40
C ASP A 250 -31.92 -22.08 4.41
N GLY A 251 -31.39 -21.68 3.27
CA GLY A 251 -30.66 -20.44 3.20
C GLY A 251 -29.69 -20.34 2.05
N SER A 252 -29.52 -19.13 1.57
CA SER A 252 -28.55 -18.87 0.54
C SER A 252 -28.16 -17.41 0.56
N VAL A 253 -27.14 -17.05 -0.22
CA VAL A 253 -26.66 -15.68 -0.32
C VAL A 253 -26.87 -15.11 -1.73
N ILE A 254 -27.20 -13.82 -1.73
CA ILE A 254 -27.34 -13.07 -2.96
C ILE A 254 -26.10 -12.18 -2.96
N SER A 255 -25.37 -12.15 -4.06
CA SER A 255 -24.20 -11.25 -4.17
C SER A 255 -23.99 -11.02 -5.65
N GLY A 256 -22.93 -10.34 -6.02
CA GLY A 256 -22.75 -10.01 -7.42
C GLY A 256 -21.35 -9.72 -7.81
N TYR A 257 -21.17 -9.23 -9.03
CA TYR A 257 -19.86 -8.99 -9.59
C TYR A 257 -19.68 -7.58 -10.14
N THR A 258 -18.45 -7.08 -10.01
CA THR A 258 -18.06 -5.78 -10.50
C THR A 258 -16.89 -5.92 -11.46
N THR A 259 -16.95 -5.20 -12.55
CA THR A 259 -15.81 -5.11 -13.43
C THR A 259 -14.74 -4.30 -12.71
N ILE A 260 -13.49 -4.50 -13.09
CA ILE A 260 -12.39 -3.72 -12.61
C ILE A 260 -11.61 -3.26 -13.83
N ILE A 261 -11.43 -1.96 -14.00
CA ILE A 261 -10.66 -1.45 -15.11
C ILE A 261 -9.22 -1.37 -14.60
N ASN A 262 -8.33 -2.12 -15.23
CA ASN A 262 -6.93 -2.15 -14.79
C ASN A 262 -6.32 -0.72 -14.83
N LYS A 263 -5.75 -0.31 -13.72
CA LYS A 263 -5.07 0.97 -13.61
C LYS A 263 -3.96 1.01 -14.67
N TYR A 264 -3.36 -0.16 -14.96
CA TYR A 264 -2.26 -0.26 -15.92
C TYR A 264 -2.69 -0.78 -17.30
N ALA A 265 -3.98 -0.72 -17.62
CA ALA A 265 -4.49 -1.21 -18.89
C ALA A 265 -3.76 -0.61 -20.10
N LYS A 266 -3.44 -1.46 -21.07
CA LYS A 266 -2.90 -0.97 -22.33
C LYS A 266 -3.98 -0.33 -23.17
N HIS A 267 -5.25 -0.72 -22.97
CA HIS A 267 -6.39 -0.19 -23.75
C HIS A 267 -7.47 0.32 -22.77
N PRO A 268 -7.16 1.42 -22.05
CA PRO A 268 -8.04 1.98 -21.02
C PRO A 268 -9.35 2.49 -21.54
N ASN A 269 -9.33 3.13 -22.71
CA ASN A 269 -10.54 3.65 -23.35
C ASN A 269 -11.46 2.51 -23.79
N ALA A 270 -10.91 1.43 -24.36
CA ALA A 270 -11.75 0.29 -24.80
C ALA A 270 -12.38 -0.41 -23.55
N ALA A 271 -11.60 -0.45 -22.46
CA ALA A 271 -12.09 -1.00 -21.20
C ALA A 271 -13.23 -0.14 -20.64
N LYS A 272 -13.04 1.17 -20.64
N LYS A 272 -13.06 1.17 -20.64
CA LYS A 272 -14.08 2.12 -20.18
CA LYS A 272 -14.10 2.09 -20.17
C LYS A 272 -15.35 1.93 -21.07
C LYS A 272 -15.35 1.93 -21.07
N LEU A 273 -15.13 1.90 -22.39
CA LEU A 273 -16.25 1.67 -23.33
C LEU A 273 -16.97 0.36 -22.97
N ALA A 274 -16.21 -0.70 -22.67
CA ALA A 274 -16.85 -1.98 -22.35
C ALA A 274 -17.71 -1.88 -21.11
N ARG A 275 -17.17 -1.26 -20.08
CA ARG A 275 -17.92 -1.07 -18.84
C ARG A 275 -19.21 -0.25 -19.03
N GLU A 276 -19.09 0.82 -19.78
CA GLU A 276 -20.22 1.70 -20.11
C GLU A 276 -21.31 0.90 -20.80
N PHE A 277 -20.88 0.03 -21.72
CA PHE A 277 -21.83 -0.80 -22.49
C PHE A 277 -22.52 -1.84 -21.63
N ILE A 278 -21.74 -2.45 -20.76
CA ILE A 278 -22.23 -3.45 -19.85
C ILE A 278 -23.34 -2.90 -18.99
N LEU A 279 -23.23 -1.64 -18.58
CA LEU A 279 -24.24 -0.99 -17.76
C LEU A 279 -25.36 -0.35 -18.53
N SER A 280 -25.19 -0.20 -19.84
CA SER A 280 -26.23 0.32 -20.71
C SER A 280 -27.40 -0.70 -20.81
N ASP A 281 -28.56 -0.25 -21.26
CA ASP A 281 -29.72 -1.15 -21.39
C ASP A 281 -29.35 -2.43 -22.11
N LYS A 282 -28.61 -2.34 -23.21
CA LYS A 282 -28.25 -3.54 -23.97
C LYS A 282 -27.35 -4.50 -23.18
N GLY A 283 -26.33 -4.00 -22.52
CA GLY A 283 -25.49 -4.91 -21.73
C GLY A 283 -26.25 -5.56 -20.59
N GLN A 284 -27.17 -4.81 -19.99
CA GLN A 284 -28.01 -5.30 -18.88
C GLN A 284 -28.99 -6.39 -19.39
N ILE A 285 -29.53 -6.18 -20.60
CA ILE A 285 -30.41 -7.17 -21.23
C ILE A 285 -29.59 -8.41 -21.51
N ASN A 286 -28.36 -8.27 -22.03
CA ASN A 286 -27.49 -9.43 -22.27
C ASN A 286 -27.34 -10.25 -21.03
N LEU A 287 -27.03 -9.60 -19.89
CA LEU A 287 -26.89 -10.26 -18.61
C LEU A 287 -28.18 -11.01 -18.24
N ALA A 288 -29.33 -10.40 -18.47
CA ALA A 288 -30.60 -11.05 -18.17
C ALA A 288 -30.80 -12.33 -19.01
N LYS A 289 -30.42 -12.29 -20.30
CA LYS A 289 -30.54 -13.47 -21.19
C LYS A 289 -29.63 -14.59 -20.68
N GLY A 290 -28.56 -14.20 -20.00
CA GLY A 290 -27.72 -15.18 -19.35
C GLY A 290 -28.20 -15.58 -17.94
N TYR A 291 -29.45 -15.26 -17.58
CA TYR A 291 -30.06 -15.62 -16.30
C TYR A 291 -29.62 -14.87 -15.05
N ALA A 292 -28.78 -13.84 -15.21
CA ALA A 292 -28.36 -13.04 -14.05
C ALA A 292 -29.37 -11.91 -13.85
N ARG A 293 -29.38 -11.32 -12.67
CA ARG A 293 -30.27 -10.19 -12.40
C ARG A 293 -29.48 -8.89 -12.63
N PRO A 294 -29.83 -8.12 -13.69
CA PRO A 294 -29.06 -6.90 -13.98
C PRO A 294 -29.25 -5.89 -12.89
N ILE A 295 -28.19 -5.20 -12.51
CA ILE A 295 -28.28 -4.23 -11.43
C ILE A 295 -29.29 -3.09 -11.75
N ARG A 296 -29.49 -2.79 -13.04
CA ARG A 296 -30.41 -1.73 -13.46
C ARG A 296 -31.77 -2.31 -13.88
N ILE A 297 -32.14 -3.46 -13.30
CA ILE A 297 -33.40 -4.09 -13.66
C ILE A 297 -34.61 -3.13 -13.55
N ASP A 298 -34.63 -2.25 -12.55
CA ASP A 298 -35.73 -1.28 -12.37
C ASP A 298 -35.86 -0.21 -13.45
N HIS A 299 -34.87 -0.10 -14.34
CA HIS A 299 -34.83 0.94 -15.38
C HIS A 299 -34.75 0.43 -16.81
N ILE A 300 -34.94 -0.87 -17.01
CA ILE A 300 -34.87 -1.46 -18.32
C ILE A 300 -36.12 -2.33 -18.53
N THR A 301 -36.46 -2.56 -19.79
CA THR A 301 -37.56 -3.43 -20.13
C THR A 301 -36.93 -4.74 -20.63
N LEU A 302 -37.21 -5.84 -19.94
CA LEU A 302 -36.68 -7.15 -20.30
C LEU A 302 -37.59 -7.86 -21.29
N PRO A 303 -37.06 -8.86 -22.03
CA PRO A 303 -37.97 -9.62 -22.89
C PRO A 303 -38.79 -10.60 -22.01
N ASP A 304 -40.05 -10.78 -22.37
CA ASP A 304 -41.02 -11.64 -21.66
C ASP A 304 -40.63 -13.12 -21.50
N ASP A 305 -39.84 -13.65 -22.44
CA ASP A 305 -39.42 -15.07 -22.42
C ASP A 305 -38.52 -15.52 -21.25
N ILE A 306 -37.78 -14.59 -20.65
CA ILE A 306 -36.81 -14.95 -19.61
C ILE A 306 -37.45 -15.56 -18.37
N LYS A 307 -38.50 -14.91 -17.86
CA LYS A 307 -39.15 -15.31 -16.61
C LYS A 307 -39.49 -16.80 -16.47
N ALA A 308 -39.97 -17.41 -17.55
CA ALA A 308 -40.36 -18.83 -17.56
C ALA A 308 -39.19 -19.80 -17.48
N LYS A 309 -37.98 -19.37 -17.85
CA LYS A 309 -36.78 -20.23 -17.76
C LYS A 309 -36.09 -20.09 -16.40
N LEU A 310 -36.51 -19.10 -15.60
CA LEU A 310 -35.94 -18.88 -14.26
C LEU A 310 -36.53 -19.87 -13.24
N LEU A 311 -35.89 -19.97 -12.09
CA LEU A 311 -36.34 -20.89 -11.07
C LEU A 311 -37.59 -20.37 -10.35
N PRO A 312 -38.38 -21.29 -9.79
CA PRO A 312 -39.54 -20.87 -9.03
C PRO A 312 -39.16 -19.92 -7.89
N SER A 313 -39.94 -18.85 -7.74
CA SER A 313 -39.71 -17.81 -6.72
C SER A 313 -39.67 -18.34 -5.31
N GLU A 314 -40.54 -19.31 -5.05
CA GLU A 314 -40.62 -19.97 -3.75
C GLU A 314 -39.27 -20.42 -3.20
N GLN A 315 -38.41 -20.87 -4.12
CA GLN A 315 -37.06 -21.35 -3.76
C GLN A 315 -36.14 -20.36 -3.10
N TYR A 316 -36.41 -19.07 -3.32
CA TYR A 316 -35.60 -17.98 -2.83
C TYR A 316 -36.03 -17.51 -1.45
N LYS A 317 -36.86 -18.30 -0.75
CA LYS A 317 -37.44 -17.88 0.53
C LYS A 317 -36.45 -17.55 1.65
N ASN A 318 -35.28 -18.16 1.66
CA ASN A 318 -34.26 -17.82 2.68
C ASN A 318 -32.97 -17.33 1.99
N ALA A 319 -33.06 -16.73 0.81
CA ALA A 319 -31.87 -16.22 0.14
C ALA A 319 -31.78 -14.77 0.57
N ARG A 320 -30.64 -14.34 1.13
CA ARG A 320 -30.45 -12.96 1.60
C ARG A 320 -29.19 -12.31 1.08
N ALA A 321 -29.25 -10.99 1.01
CA ALA A 321 -28.13 -10.17 0.65
C ALA A 321 -27.29 -9.97 1.95
N ILE A 322 -26.05 -9.55 1.75
CA ILE A 322 -25.10 -9.27 2.84
C ILE A 322 -25.44 -7.91 3.44
N LYS A 323 -25.58 -7.81 4.77
CA LYS A 323 -25.91 -6.52 5.47
C LYS A 323 -24.71 -5.61 5.76
N ASP A 324 -23.59 -6.23 6.09
CA ASP A 324 -22.35 -5.53 6.47
C ASP A 324 -21.22 -5.83 5.49
N GLN A 325 -21.09 -4.98 4.47
CA GLN A 325 -20.08 -5.13 3.41
C GLN A 325 -18.66 -5.24 4.01
N LYS A 326 -18.32 -4.38 4.96
CA LYS A 326 -16.97 -4.42 5.58
C LYS A 326 -16.69 -5.71 6.32
N ALA A 327 -17.68 -6.25 7.03
CA ALA A 327 -17.52 -7.51 7.73
C ALA A 327 -17.31 -8.61 6.75
N TRP A 328 -18.08 -8.60 5.65
CA TRP A 328 -17.90 -9.64 4.64
C TRP A 328 -16.53 -9.52 3.96
N GLU A 329 -16.09 -8.29 3.65
CA GLU A 329 -14.78 -8.11 3.01
C GLU A 329 -13.70 -8.78 3.89
N LYS A 330 -13.82 -8.56 5.18
CA LYS A 330 -12.83 -9.07 6.16
C LYS A 330 -12.93 -10.57 6.28
N SER A 331 -14.15 -11.11 6.43
CA SER A 331 -14.31 -12.56 6.58
C SER A 331 -13.85 -13.31 5.33
N ALA A 332 -14.21 -12.77 4.17
CA ALA A 332 -13.84 -13.38 2.89
C ALA A 332 -12.33 -13.40 2.65
N LYS A 333 -11.66 -12.32 3.01
CA LYS A 333 -10.21 -12.22 2.86
C LYS A 333 -9.50 -13.27 3.73
N GLU A 334 -10.05 -13.55 4.90
CA GLU A 334 -9.47 -14.53 5.83
C GLU A 334 -9.82 -15.95 5.49
N LEU A 335 -10.85 -16.12 4.67
CA LEU A 335 -11.32 -17.47 4.34
C LEU A 335 -10.34 -18.42 3.68
N PRO A 336 -9.53 -17.99 2.70
CA PRO A 336 -8.60 -18.91 2.05
C PRO A 336 -7.68 -19.64 3.02
N GLN A 337 -7.09 -18.93 3.97
CA GLN A 337 -6.20 -19.58 4.93
C GLN A 337 -6.98 -20.53 5.86
N LEU A 338 -8.18 -20.12 6.28
CA LEU A 338 -8.99 -20.98 7.14
C LEU A 338 -9.38 -22.25 6.39
N TRP A 339 -9.67 -22.09 5.09
CA TRP A 339 -10.07 -23.23 4.28
C TRP A 339 -8.95 -24.27 4.22
N GLN A 340 -7.73 -23.83 3.94
CA GLN A 340 -6.59 -24.72 3.90
C GLN A 340 -6.39 -25.37 5.27
N GLU A 341 -6.44 -24.57 6.31
CA GLU A 341 -6.13 -25.05 7.66
C GLU A 341 -7.22 -25.85 8.38
N LYS A 342 -8.46 -25.62 8.06
CA LYS A 342 -9.56 -26.30 8.72
C LYS A 342 -10.27 -27.32 7.82
N VAL A 343 -10.16 -27.20 6.50
CA VAL A 343 -10.87 -28.12 5.60
C VAL A 343 -9.94 -29.02 4.79
N ILE A 344 -9.02 -28.43 4.04
CA ILE A 344 -8.09 -29.18 3.18
C ILE A 344 -7.26 -30.20 3.95
N VAL A 345 -6.67 -29.74 5.04
CA VAL A 345 -5.81 -30.59 5.84
C VAL A 345 -6.57 -31.85 6.36
N ASP A 346 -7.91 -31.82 6.46
CA ASP A 346 -8.71 -32.96 6.96
C ASP A 346 -9.44 -33.80 5.89
N LYS A 348 -10.34 -36.69 3.63
CA LYS A 348 -10.06 -38.14 3.80
C LYS A 348 -9.22 -38.68 2.67
N ILE B 22 -14.15 49.80 5.34
CA ILE B 22 -12.78 49.61 5.89
C ILE B 22 -11.85 50.73 5.42
N ASP B 23 -11.08 51.33 6.35
CA ASP B 23 -10.11 52.40 6.04
C ASP B 23 -9.41 52.06 4.73
N GLU B 24 -9.44 52.99 3.79
CA GLU B 24 -8.87 52.77 2.47
C GLU B 24 -7.36 52.61 2.44
N ASN B 25 -6.66 53.32 3.32
CA ASN B 25 -5.21 53.23 3.37
C ASN B 25 -4.79 51.88 3.95
N LEU B 26 -5.58 51.38 4.91
CA LEU B 26 -5.31 50.06 5.51
C LEU B 26 -5.34 49.02 4.42
N ILE B 27 -6.36 49.09 3.57
CA ILE B 27 -6.46 48.17 2.45
C ILE B 27 -5.22 48.33 1.57
N LYS B 28 -4.92 49.58 1.17
CA LYS B 28 -3.75 49.85 0.31
C LYS B 28 -2.46 49.33 0.95
N ALA B 29 -2.25 49.64 2.23
CA ALA B 29 -1.05 49.15 2.95
C ALA B 29 -0.92 47.61 2.94
N ALA B 30 -2.05 46.93 3.15
CA ALA B 30 -2.07 45.47 3.13
C ALA B 30 -1.73 44.92 1.74
N GLN B 31 -2.23 45.62 0.73
CA GLN B 31 -1.98 45.21 -0.63
C GLN B 31 -0.50 45.36 -1.01
N ALA B 32 0.18 46.39 -0.51
CA ALA B 32 1.62 46.61 -0.81
C ALA B 32 2.46 45.46 -0.21
N GLU B 33 1.96 44.86 0.88
CA GLU B 33 2.61 43.70 1.50
C GLU B 33 2.27 42.51 0.61
N GLY B 34 0.98 42.35 0.30
CA GLY B 34 0.53 41.32 -0.64
C GLY B 34 0.07 39.99 -0.08
N ARG B 35 0.34 39.73 1.19
CA ARG B 35 -0.05 38.46 1.78
C ARG B 35 0.02 38.53 3.27
N VAL B 36 -0.64 37.56 3.89
CA VAL B 36 -0.63 37.41 5.32
C VAL B 36 -0.37 35.93 5.61
N ASN B 37 0.62 35.67 6.46
CA ASN B 37 0.99 34.31 6.89
C ASN B 37 0.38 34.05 8.27
N SER B 38 -0.47 33.04 8.39
CA SER B 38 -1.05 32.72 9.69
C SER B 38 -0.50 31.45 10.37
N LEU B 39 -0.68 31.41 11.68
CA LEU B 39 -0.37 30.27 12.46
C LEU B 39 -1.71 29.81 13.06
N ALA B 40 -1.94 28.51 13.05
CA ALA B 40 -3.11 27.90 13.69
C ALA B 40 -4.48 28.37 13.29
N PRO B 42 -6.24 26.98 10.27
CA PRO B 42 -6.46 26.15 9.08
C PRO B 42 -7.87 26.24 8.56
N ASP B 43 -8.04 25.85 7.32
CA ASP B 43 -9.37 25.90 6.70
C ASP B 43 -10.50 25.17 7.43
N THR B 44 -10.17 24.10 8.16
CA THR B 44 -11.12 23.24 8.84
C THR B 44 -11.58 23.65 10.22
N TRP B 45 -11.07 24.77 10.71
CA TRP B 45 -11.41 25.23 12.03
C TRP B 45 -12.32 26.43 11.91
N ALA B 46 -13.55 26.25 12.36
CA ALA B 46 -14.54 27.33 12.37
C ALA B 46 -14.69 28.12 11.10
N ASN B 47 -14.57 27.41 9.99
CA ASN B 47 -14.72 27.94 8.67
C ASN B 47 -13.73 29.07 8.31
N TRP B 48 -12.46 28.97 8.73
CA TRP B 48 -11.51 30.01 8.32
C TRP B 48 -11.43 29.97 6.79
N LYS B 49 -11.80 28.83 6.20
CA LYS B 49 -11.80 28.62 4.74
C LYS B 49 -12.40 29.83 4.01
N ASP B 50 -13.67 30.15 4.35
CA ASP B 50 -14.41 31.29 3.72
C ASP B 50 -13.77 32.65 3.97
N THR B 51 -13.14 32.82 5.11
CA THR B 51 -12.47 34.08 5.42
C THR B 51 -11.20 34.30 4.60
N TRP B 52 -10.36 33.27 4.45
CA TRP B 52 -9.14 33.44 3.65
C TRP B 52 -9.51 33.64 2.16
N ALA B 53 -10.59 32.98 1.73
CA ALA B 53 -11.06 33.16 0.35
C ALA B 53 -11.53 34.60 0.16
N ASP B 54 -12.27 35.11 1.15
CA ASP B 54 -12.80 36.48 1.11
C ASP B 54 -11.67 37.49 1.09
N LEU B 55 -10.60 37.28 1.85
CA LEU B 55 -9.50 38.25 1.83
C LEU B 55 -8.80 38.27 0.47
N LYS B 56 -8.81 37.13 -0.22
CA LYS B 56 -8.27 37.07 -1.57
C LYS B 56 -9.23 37.74 -2.56
N ASN B 57 -10.51 37.37 -2.48
CA ASN B 57 -11.48 37.86 -3.45
C ASN B 57 -11.93 39.31 -3.36
N LEU B 58 -12.07 39.84 -2.15
CA LEU B 58 -12.53 41.22 -1.97
C LEU B 58 -11.38 42.21 -1.92
N TYR B 59 -10.21 41.77 -1.45
CA TYR B 59 -9.06 42.66 -1.31
C TYR B 59 -7.78 42.17 -1.95
N ASP B 60 -7.84 41.05 -2.65
CA ASP B 60 -6.71 40.48 -3.36
C ASP B 60 -5.49 40.21 -2.47
N ILE B 61 -5.73 39.77 -1.23
CA ILE B 61 -4.65 39.42 -0.29
C ILE B 61 -4.41 37.91 -0.29
N GLU B 62 -3.17 37.50 -0.52
CA GLU B 62 -2.80 36.06 -0.51
C GLU B 62 -2.62 35.61 0.92
N HIS B 63 -2.60 34.28 1.11
CA HIS B 63 -2.47 33.66 2.42
C HIS B 63 -2.00 32.20 2.44
N SER B 64 -1.23 31.84 3.48
CA SER B 64 -0.83 30.44 3.73
C SER B 64 -0.83 30.30 5.26
N ASP B 65 -1.08 29.09 5.74
CA ASP B 65 -1.18 28.81 7.17
C ASP B 65 -0.29 27.66 7.62
N THR B 66 0.21 27.71 8.85
CA THR B 66 0.95 26.55 9.43
C THR B 66 0.14 26.24 10.69
N ASP B 67 -0.42 25.04 10.79
CA ASP B 67 -1.31 24.75 11.93
C ASP B 67 -0.46 24.33 13.11
N SER B 69 -0.65 24.58 17.90
CA SER B 69 -1.43 24.93 19.11
C SER B 69 -1.01 26.30 19.73
N SER B 70 -1.92 26.88 20.52
CA SER B 70 -1.73 28.19 21.15
C SER B 70 -0.34 28.45 21.74
N ALA B 71 0.16 27.54 22.58
CA ALA B 71 1.47 27.72 23.21
C ALA B 71 2.60 27.77 22.19
N GLN B 72 2.48 26.93 21.17
CA GLN B 72 3.52 26.88 20.10
C GLN B 72 3.50 28.15 19.25
N GLU B 73 2.34 28.78 19.08
CA GLU B 73 2.24 30.01 18.28
C GLU B 73 3.03 31.16 18.96
N ILE B 74 2.78 31.32 20.26
CA ILE B 74 3.47 32.33 21.04
C ILE B 74 4.97 32.07 21.07
N ALA B 75 5.38 30.83 21.34
CA ALA B 75 6.81 30.46 21.35
C ALA B 75 7.47 30.74 19.99
N LYS B 76 6.74 30.49 18.90
CA LYS B 76 7.26 30.73 17.55
C LYS B 76 7.47 32.21 17.27
N PHE B 77 6.50 33.07 17.66
CA PHE B 77 6.66 34.51 17.46
C PHE B 77 7.86 35.00 18.28
N LYS B 78 7.95 34.50 19.52
CA LYS B 78 9.01 34.86 20.47
C LYS B 78 10.40 34.42 20.00
N THR B 79 10.56 33.18 19.55
CA THR B 79 11.87 32.67 19.13
C THR B 79 12.36 33.22 17.78
N GLU B 80 11.46 33.54 16.88
CA GLU B 80 11.83 34.07 15.56
C GLU B 80 12.05 35.58 15.52
N LYS B 81 11.35 36.34 16.38
CA LYS B 81 11.52 37.80 16.37
C LYS B 81 11.29 38.41 14.97
N LYS B 82 12.06 39.44 14.58
CA LYS B 82 11.89 40.11 13.28
C LYS B 82 11.90 39.20 12.05
N ASN B 83 12.66 38.11 12.06
CA ASN B 83 12.65 37.17 10.92
C ASN B 83 11.51 36.22 11.09
N ALA B 84 10.31 36.81 11.10
CA ALA B 84 9.06 36.12 11.35
C ALA B 84 8.46 35.36 10.18
N SER B 85 8.03 34.13 10.46
CA SER B 85 7.37 33.25 9.51
C SER B 85 5.85 33.40 9.68
N GLY B 86 5.41 33.97 10.80
CA GLY B 86 3.99 34.18 11.02
C GLY B 86 3.66 35.64 11.31
N ASP B 87 2.55 36.09 10.78
CA ASP B 87 2.05 37.46 10.96
C ASP B 87 0.88 37.58 11.94
N ILE B 88 0.02 36.58 11.92
CA ILE B 88 -1.18 36.51 12.76
C ILE B 88 -1.42 35.07 13.22
N GLY B 89 -1.92 34.95 14.44
CA GLY B 89 -2.22 33.69 15.07
C GLY B 89 -3.58 33.78 15.68
N ASP B 90 -4.07 32.64 16.17
CA ASP B 90 -5.40 32.55 16.82
C ASP B 90 -5.16 31.66 18.05
N VAL B 91 -5.25 32.25 19.24
CA VAL B 91 -5.01 31.57 20.50
C VAL B 91 -6.19 31.58 21.44
N GLY B 92 -6.21 30.66 22.39
CA GLY B 92 -7.34 30.65 23.34
C GLY B 92 -7.32 31.87 24.25
N ALA B 93 -8.47 32.13 24.87
CA ALA B 93 -8.62 33.24 25.78
C ALA B 93 -7.62 33.29 26.91
N SER B 94 -7.19 32.14 27.44
CA SER B 94 -6.23 32.16 28.52
C SER B 94 -4.82 32.52 28.04
N PHE B 95 -4.59 32.60 26.73
CA PHE B 95 -3.27 32.92 26.19
C PHE B 95 -3.10 34.37 25.75
N GLY B 96 -4.16 35.17 25.70
CA GLY B 96 -4.00 36.55 25.22
C GLY B 96 -3.03 37.36 26.08
N GLU B 97 -3.22 37.26 27.37
CA GLU B 97 -2.34 37.97 28.31
C GLU B 97 -0.91 37.43 28.30
N ILE B 98 -0.75 36.13 28.10
CA ILE B 98 0.57 35.55 28.00
C ILE B 98 1.28 36.14 26.77
N ALA B 99 0.56 36.25 25.66
CA ALA B 99 1.11 36.82 24.45
C ALA B 99 1.59 38.25 24.70
N VAL B 100 0.83 39.03 25.47
CA VAL B 100 1.24 40.40 25.80
C VAL B 100 2.46 40.42 26.76
N LYS B 101 2.41 39.60 27.81
CA LYS B 101 3.49 39.48 28.85
C LYS B 101 4.82 39.06 28.20
N GLN B 102 4.74 38.22 27.15
CA GLN B 102 5.93 37.74 26.44
C GLN B 102 6.39 38.64 25.29
N GLY B 103 5.74 39.78 25.14
CA GLY B 103 6.11 40.76 24.15
C GLY B 103 5.98 40.34 22.69
N VAL B 104 4.96 39.55 22.34
CA VAL B 104 4.81 39.14 20.93
C VAL B 104 3.56 39.68 20.26
N ALA B 105 2.83 40.54 20.96
CA ALA B 105 1.59 41.09 20.46
C ALA B 105 1.68 42.55 20.13
N GLN B 106 0.99 43.02 19.08
CA GLN B 106 0.88 44.46 18.74
C GLN B 106 -0.60 44.79 18.63
N PRO B 107 -0.99 46.01 19.04
CA PRO B 107 -2.43 46.31 19.07
C PRO B 107 -3.10 46.77 17.78
N PHE B 108 -4.38 46.41 17.69
CA PHE B 108 -5.28 46.78 16.59
C PHE B 108 -6.71 46.50 17.03
N LYS B 109 -7.42 47.52 17.48
CA LYS B 109 -8.79 47.35 18.00
C LYS B 109 -9.90 46.99 17.00
N THR B 110 -9.70 47.38 15.74
CA THR B 110 -10.66 47.26 14.64
C THR B 110 -11.72 48.33 14.82
N SER B 111 -12.45 48.62 13.75
CA SER B 111 -13.51 49.58 13.80
C SER B 111 -14.73 49.05 14.60
N TYR B 112 -14.75 47.76 14.96
CA TYR B 112 -15.89 47.17 15.69
C TYR B 112 -15.64 47.04 17.20
N TRP B 113 -14.53 47.63 17.67
CA TRP B 113 -14.15 47.57 19.08
C TRP B 113 -15.26 47.76 20.09
N ASP B 114 -16.07 48.79 19.88
CA ASP B 114 -17.14 49.11 20.84
C ASP B 114 -18.24 48.08 21.01
N GLN B 115 -18.35 47.17 20.04
CA GLN B 115 -19.32 46.09 20.10
C GLN B 115 -18.75 44.79 20.67
N ILE B 116 -17.45 44.77 21.02
CA ILE B 116 -16.83 43.59 21.59
C ILE B 116 -16.97 43.79 23.09
N PRO B 117 -17.54 42.79 23.79
CA PRO B 117 -17.76 42.95 25.21
C PRO B 117 -16.48 43.23 26.00
N THR B 118 -16.64 43.93 27.13
CA THR B 118 -15.50 44.31 27.99
C THR B 118 -14.72 43.06 28.43
N TRP B 119 -15.48 42.01 28.74
CA TRP B 119 -14.95 40.74 29.17
C TRP B 119 -14.26 39.91 28.10
N ALA B 120 -14.38 40.32 26.83
CA ALA B 120 -13.83 39.61 25.69
C ALA B 120 -12.60 40.30 25.07
N LYS B 121 -12.03 41.28 25.76
CA LYS B 121 -10.89 42.00 25.20
C LYS B 121 -9.99 42.67 26.28
N ASP B 122 -8.79 43.06 25.89
CA ASP B 122 -7.90 43.78 26.81
C ASP B 122 -8.31 45.25 26.73
N LYS B 123 -7.47 46.13 27.25
CA LYS B 123 -7.76 47.55 27.22
C LYS B 123 -7.24 48.21 25.94
N ASP B 124 -6.10 47.74 25.41
CA ASP B 124 -5.45 48.42 24.26
C ASP B 124 -5.63 47.86 22.86
N GLY B 125 -6.24 46.69 22.76
CA GLY B 125 -6.46 46.04 21.48
C GLY B 125 -5.45 44.95 21.08
N ASN B 126 -4.60 44.51 22.02
CA ASN B 126 -3.69 43.42 21.72
C ASN B 126 -4.45 42.10 21.50
N TRP B 127 -5.54 41.92 22.25
CA TRP B 127 -6.36 40.75 22.11
C TRP B 127 -7.83 41.05 22.30
N LEU B 128 -8.64 40.32 21.51
CA LEU B 128 -10.06 40.45 21.48
C LEU B 128 -10.67 39.17 20.91
N LEU B 129 -11.60 38.60 21.63
CA LEU B 129 -12.24 37.35 21.18
C LEU B 129 -13.12 37.67 19.97
N ALA B 130 -13.06 36.79 18.94
CA ALA B 130 -13.89 36.92 17.77
C ALA B 130 -15.08 35.93 17.76
N TYR B 131 -14.98 34.91 18.59
CA TYR B 131 -16.00 33.87 18.70
C TYR B 131 -15.76 33.03 19.94
N THR B 132 -16.81 32.31 20.32
CA THR B 132 -16.79 31.43 21.46
C THR B 132 -17.41 30.09 21.11
N GLY B 133 -17.15 29.13 21.98
CA GLY B 133 -17.72 27.80 21.85
C GLY B 133 -17.81 27.15 23.23
N THR B 134 -18.37 25.94 23.24
CA THR B 134 -18.59 25.16 24.43
C THR B 134 -17.95 23.76 24.30
N ILE B 135 -17.32 23.25 25.36
CA ILE B 135 -16.70 21.95 25.29
C ILE B 135 -17.76 20.85 25.11
N ALA B 136 -17.48 19.97 24.15
CA ALA B 136 -18.29 18.86 23.74
C ALA B 136 -17.59 17.54 23.65
N PHE B 137 -18.40 16.49 23.59
CA PHE B 137 -17.91 15.19 23.29
C PHE B 137 -18.20 14.86 21.83
N ILE B 138 -17.23 14.19 21.18
CA ILE B 138 -17.46 13.62 19.85
C ILE B 138 -17.33 12.09 20.12
N VAL B 139 -18.35 11.31 19.78
CA VAL B 139 -18.38 9.87 20.10
C VAL B 139 -18.53 9.01 18.87
N ASN B 140 -17.68 7.99 18.77
CA ASN B 140 -17.65 7.07 17.65
C ASN B 140 -18.83 6.12 17.83
N LYS B 141 -19.84 6.24 16.99
CA LYS B 141 -21.06 5.40 17.12
C LYS B 141 -20.91 3.90 16.85
N ASP B 142 -19.89 3.52 16.09
CA ASP B 142 -19.63 2.10 15.78
C ASP B 142 -18.91 1.44 16.98
N VAL B 143 -18.05 2.16 17.68
CA VAL B 143 -17.32 1.57 18.82
C VAL B 143 -18.02 1.75 20.17
N VAL B 144 -18.68 2.88 20.38
CA VAL B 144 -19.34 3.15 21.66
C VAL B 144 -20.82 2.97 21.48
N LYS B 145 -21.36 1.95 22.12
CA LYS B 145 -22.77 1.63 22.01
C LYS B 145 -23.59 2.40 23.06
N ASP B 146 -23.00 2.66 24.23
CA ASP B 146 -23.68 3.44 25.27
C ASP B 146 -23.00 4.80 25.24
N ILE B 147 -23.58 5.71 24.44
CA ILE B 147 -23.06 7.05 24.25
C ILE B 147 -23.07 7.77 25.62
N PRO B 148 -21.91 8.29 26.04
CA PRO B 148 -21.91 8.98 27.34
C PRO B 148 -22.62 10.32 27.22
N LYS B 149 -23.44 10.62 28.22
CA LYS B 149 -24.22 11.85 28.25
C LYS B 149 -23.63 12.88 29.19
N THR B 150 -22.76 12.42 30.10
CA THR B 150 -22.12 13.25 31.12
C THR B 150 -20.67 12.81 31.31
N TRP B 151 -19.92 13.63 32.05
CA TRP B 151 -18.55 13.34 32.42
C TRP B 151 -18.52 12.11 33.30
N GLN B 152 -19.55 11.95 34.12
CA GLN B 152 -19.70 10.77 34.97
C GLN B 152 -19.84 9.49 34.15
N ASP B 153 -20.67 9.50 33.12
CA ASP B 153 -20.81 8.31 32.22
C ASP B 153 -19.46 7.95 31.60
N LEU B 154 -18.75 8.98 31.14
CA LEU B 154 -17.48 8.81 30.51
C LEU B 154 -16.44 8.16 31.46
N LEU B 155 -16.40 8.56 32.73
CA LEU B 155 -15.46 7.95 33.67
C LEU B 155 -15.74 6.43 33.86
N LYS B 156 -17.03 6.09 33.94
CA LYS B 156 -17.47 4.70 34.14
C LYS B 156 -17.35 3.86 32.85
N GLY B 157 -17.14 4.46 31.69
CA GLY B 157 -16.96 3.65 30.49
C GLY B 157 -15.59 2.97 30.49
N ASN B 158 -15.27 2.23 29.43
CA ASN B 158 -13.95 1.61 29.31
C ASN B 158 -13.31 1.91 27.95
N TYR B 159 -13.90 2.85 27.19
CA TYR B 159 -13.39 3.30 25.89
C TYR B 159 -12.25 4.37 26.00
N LYS B 160 -11.48 4.54 24.92
CA LYS B 160 -10.35 5.50 24.88
C LYS B 160 -10.86 6.93 24.76
N ILE B 161 -10.24 7.85 25.51
CA ILE B 161 -10.63 9.24 25.49
C ILE B 161 -9.49 10.10 24.97
N THR B 162 -9.73 10.74 23.82
CA THR B 162 -8.78 11.66 23.19
C THR B 162 -9.07 12.99 23.87
N VAL B 163 -8.20 13.35 24.79
N VAL B 163 -8.22 13.36 24.82
CA VAL B 163 -8.35 14.52 25.62
CA VAL B 163 -8.40 14.56 25.62
C VAL B 163 -7.80 15.82 25.10
C VAL B 163 -7.85 15.85 25.06
N GLY B 164 -6.87 15.76 24.17
CA GLY B 164 -6.23 16.94 23.61
C GLY B 164 -4.85 16.98 24.21
N ASP B 165 -3.97 17.78 23.60
CA ASP B 165 -2.60 17.94 24.09
C ASP B 165 -2.60 19.13 25.05
N VAL B 166 -2.87 18.82 26.31
CA VAL B 166 -2.96 19.78 27.41
C VAL B 166 -1.69 20.62 27.55
N SER B 167 -0.54 20.11 27.16
CA SER B 167 0.71 20.89 27.31
C SER B 167 0.73 22.15 26.44
N VAL B 168 -0.01 22.16 25.34
CA VAL B 168 0.02 23.32 24.47
C VAL B 168 -1.27 23.85 23.88
N ALA B 169 -2.36 23.07 23.88
CA ALA B 169 -3.59 23.50 23.23
C ALA B 169 -4.62 24.07 24.16
N ALA B 170 -5.24 25.18 23.75
CA ALA B 170 -6.30 25.82 24.53
C ALA B 170 -7.58 24.94 24.59
N GLN B 171 -7.83 24.20 23.52
CA GLN B 171 -9.00 23.31 23.47
C GLN B 171 -8.86 22.26 24.61
N ALA B 172 -7.66 21.72 24.75
CA ALA B 172 -7.36 20.69 25.75
C ALA B 172 -7.38 21.21 27.18
N VAL B 173 -6.75 22.36 27.39
N VAL B 173 -6.74 22.35 27.46
CA VAL B 173 -6.73 23.03 28.68
CA VAL B 173 -6.78 22.88 28.83
C VAL B 173 -8.17 23.33 29.12
C VAL B 173 -8.23 23.30 29.17
N SER B 174 -8.98 23.76 28.18
CA SER B 174 -10.35 24.11 28.45
C SER B 174 -11.18 22.86 28.72
N ALA B 175 -10.86 21.75 28.06
CA ALA B 175 -11.58 20.49 28.27
C ALA B 175 -11.39 20.03 29.72
N VAL B 176 -10.19 20.24 30.25
CA VAL B 176 -9.88 19.87 31.66
C VAL B 176 -10.74 20.72 32.57
N LEU B 177 -10.87 22.02 32.24
CA LEU B 177 -11.70 22.90 33.05
C LEU B 177 -13.15 22.50 33.00
N ALA B 178 -13.61 22.07 31.82
CA ALA B 178 -15.00 21.61 31.66
C ALA B 178 -15.29 20.47 32.61
N ALA B 179 -14.44 19.44 32.57
CA ALA B 179 -14.58 18.30 33.48
C ALA B 179 -14.61 18.77 34.93
N ASN B 180 -13.78 19.74 35.24
CA ASN B 180 -13.69 20.27 36.61
C ASN B 180 -15.02 20.90 37.07
N TYR B 181 -15.61 21.71 36.20
CA TYR B 181 -16.90 22.36 36.45
C TYR B 181 -17.94 21.32 36.80
N ALA B 182 -17.94 20.21 36.07
CA ALA B 182 -18.87 19.10 36.30
C ALA B 182 -18.57 18.29 37.59
N LEU B 183 -17.36 18.39 38.12
CA LEU B 183 -16.99 17.70 39.35
C LEU B 183 -17.17 18.62 40.56
N GLY B 184 -17.82 19.78 40.36
CA GLY B 184 -18.08 20.75 41.43
C GLY B 184 -17.03 21.86 41.58
N GLY B 185 -15.93 21.79 40.82
CA GLY B 185 -14.86 22.78 40.94
C GLY B 185 -15.00 24.05 40.10
N ASP B 186 -13.94 24.86 40.14
CA ASP B 186 -13.89 26.09 39.35
C ASP B 186 -12.47 26.29 38.81
N GLU B 187 -12.26 27.43 38.16
CA GLU B 187 -10.98 27.80 37.55
C GLU B 187 -9.82 28.06 38.52
N LYS B 188 -10.09 28.11 39.81
CA LYS B 188 -9.03 28.37 40.82
C LYS B 188 -8.33 27.10 41.30
N ASP B 189 -8.99 25.95 41.17
CA ASP B 189 -8.44 24.69 41.65
C ASP B 189 -8.83 23.56 40.73
N LEU B 190 -7.86 23.06 39.97
CA LEU B 190 -8.09 21.99 38.97
C LEU B 190 -7.93 20.56 39.51
N SER B 191 -7.72 20.45 40.84
CA SER B 191 -7.50 19.16 41.47
C SER B 191 -8.54 18.12 41.17
N PRO B 192 -9.83 18.49 41.18
CA PRO B 192 -10.79 17.41 40.92
C PRO B 192 -10.67 16.81 39.52
N ALA B 193 -10.46 17.65 38.51
CA ALA B 193 -10.31 17.20 37.10
C ALA B 193 -9.03 16.39 36.98
N LEU B 194 -7.98 16.88 37.64
CA LEU B 194 -6.70 16.17 37.64
C LEU B 194 -6.82 14.73 38.20
N ALA B 195 -7.60 14.50 39.26
CA ALA B 195 -7.82 13.12 39.74
C ALA B 195 -8.60 12.27 38.72
N PHE B 196 -9.55 12.91 38.03
CA PHE B 196 -10.40 12.27 37.04
C PHE B 196 -9.54 11.78 35.87
N PHE B 197 -8.65 12.65 35.37
CA PHE B 197 -7.79 12.25 34.26
C PHE B 197 -6.71 11.25 34.68
N ASN B 198 -6.30 11.34 35.94
CA ASN B 198 -5.36 10.41 36.52
C ASN B 198 -5.96 9.01 36.48
N THR B 199 -7.24 8.89 36.84
CA THR B 199 -7.91 7.60 36.75
C THR B 199 -7.92 7.05 35.30
N LEU B 200 -8.19 7.92 34.34
CA LEU B 200 -8.22 7.50 32.95
C LEU B 200 -6.84 7.03 32.49
N ALA B 201 -5.80 7.69 33.00
CA ALA B 201 -4.40 7.39 32.70
C ALA B 201 -4.07 5.99 33.22
N LYS B 202 -4.35 5.77 34.50
CA LYS B 202 -4.14 4.46 35.14
C LYS B 202 -4.84 3.32 34.40
N GLN B 203 -6.05 3.57 33.91
CA GLN B 203 -6.82 2.57 33.17
C GLN B 203 -6.29 2.31 31.75
N GLY B 204 -5.37 3.17 31.28
CA GLY B 204 -4.76 3.06 29.95
C GLY B 204 -5.64 3.65 28.89
N ARG B 205 -6.61 4.48 29.31
CA ARG B 205 -7.62 5.04 28.42
C ARG B 205 -7.34 6.47 27.95
N LEU B 206 -6.34 7.11 28.51
CA LEU B 206 -6.06 8.48 28.16
C LEU B 206 -5.21 8.61 26.91
N VAL B 207 -5.75 9.28 25.89
CA VAL B 207 -5.02 9.52 24.66
C VAL B 207 -4.63 11.00 24.66
N ASN B 208 -3.33 11.25 24.81
CA ASN B 208 -2.81 12.64 24.97
C ASN B 208 -2.52 13.38 23.70
N ASN B 209 -3.47 13.44 22.81
CA ASN B 209 -3.29 14.19 21.59
C ASN B 209 -4.65 14.75 21.16
N ASP B 210 -4.67 15.53 20.09
CA ASP B 210 -5.88 16.19 19.68
C ASP B 210 -6.68 15.39 18.70
N VAL B 211 -7.99 15.60 18.73
CA VAL B 211 -8.87 14.99 17.78
C VAL B 211 -8.56 15.65 16.44
N SER B 212 -8.40 14.85 15.40
CA SER B 212 -8.17 15.37 14.08
C SER B 212 -9.13 14.70 13.12
N ILE B 213 -9.36 15.35 11.99
CA ILE B 213 -10.19 14.78 10.92
C ILE B 213 -9.56 13.46 10.46
N ALA B 214 -8.24 13.45 10.33
CA ALA B 214 -7.50 12.25 9.92
C ALA B 214 -7.80 11.02 10.80
N ASN B 215 -7.74 11.17 12.13
CA ASN B 215 -8.02 10.06 13.07
C ASN B 215 -9.50 9.74 13.20
N LEU B 216 -10.35 10.73 12.99
CA LEU B 216 -11.80 10.48 12.94
C LEU B 216 -12.10 9.63 11.70
N GLU B 217 -11.51 9.99 10.55
CA GLU B 217 -11.71 9.21 9.29
C GLU B 217 -11.31 7.75 9.50
N LYS B 218 -10.11 7.56 10.06
CA LYS B 218 -9.56 6.24 10.36
C LYS B 218 -10.36 5.50 11.44
N GLY B 219 -11.28 6.19 12.11
CA GLY B 219 -12.11 5.57 13.14
C GLY B 219 -11.40 5.34 14.46
N GLU B 220 -10.22 5.91 14.63
CA GLU B 220 -9.45 5.69 15.86
C GLU B 220 -9.98 6.41 17.11
N VAL B 221 -10.64 7.57 16.95
CA VAL B 221 -11.20 8.28 18.10
C VAL B 221 -12.43 7.52 18.59
N GLU B 222 -12.47 7.27 19.89
CA GLU B 222 -13.61 6.60 20.53
C GLU B 222 -14.50 7.71 21.09
N VAL B 223 -14.05 8.38 22.16
CA VAL B 223 -14.72 9.57 22.63
C VAL B 223 -13.63 10.65 22.58
N GLY B 224 -13.94 11.79 21.98
CA GLY B 224 -12.99 12.90 21.88
C GLY B 224 -13.53 14.14 22.56
N LEU B 225 -12.64 15.01 23.04
CA LEU B 225 -13.03 16.25 23.73
C LEU B 225 -12.70 17.41 22.79
N VAL B 226 -13.74 18.09 22.31
CA VAL B 226 -13.55 19.18 21.37
C VAL B 226 -14.54 20.27 21.59
N TRP B 227 -14.24 21.46 21.07
CA TRP B 227 -15.21 22.52 21.07
C TRP B 227 -16.41 22.07 20.23
N ASP B 228 -17.63 22.45 20.64
CA ASP B 228 -18.81 22.12 19.88
C ASP B 228 -18.70 22.48 18.40
N PHE B 229 -18.15 23.64 18.05
CA PHE B 229 -18.02 24.00 16.63
C PHE B 229 -17.14 23.02 15.85
N ASN B 230 -16.06 22.50 16.45
CA ASN B 230 -15.17 21.54 15.79
C ASN B 230 -15.88 20.16 15.71
N GLY B 231 -16.63 19.82 16.74
CA GLY B 231 -17.41 18.59 16.72
C GLY B 231 -18.35 18.54 15.52
N LEU B 232 -19.12 19.61 15.34
CA LEU B 232 -20.10 19.70 14.29
C LEU B 232 -19.42 19.83 12.94
N GLY B 233 -18.38 20.67 12.84
CA GLY B 233 -17.65 20.81 11.60
C GLY B 233 -17.01 19.51 11.17
N TYR B 234 -16.31 18.86 12.11
CA TYR B 234 -15.65 17.57 11.78
C TYR B 234 -16.66 16.46 11.47
N ARG B 235 -17.78 16.47 12.17
CA ARG B 235 -18.82 15.49 11.94
C ARG B 235 -19.23 15.62 10.48
N ASP B 236 -19.43 16.85 10.04
CA ASP B 236 -19.77 17.12 8.65
C ASP B 236 -18.75 16.53 7.66
N LYS B 237 -17.46 16.68 7.93
CA LYS B 237 -16.42 16.15 7.03
C LYS B 237 -16.40 14.62 6.98
N VAL B 238 -16.52 14.00 8.14
CA VAL B 238 -16.42 12.55 8.26
C VAL B 238 -17.75 11.84 8.09
N GLY B 239 -18.86 12.54 8.36
CA GLY B 239 -20.22 12.00 8.21
C GLY B 239 -20.90 11.77 9.55
N LYS B 240 -22.14 12.24 9.69
CA LYS B 240 -22.89 12.12 10.96
C LYS B 240 -23.37 10.73 11.32
N ASP B 241 -23.30 9.81 10.37
CA ASP B 241 -23.63 8.41 10.63
C ASP B 241 -22.47 7.77 11.43
N ARG B 242 -21.27 8.35 11.36
CA ARG B 242 -20.12 7.78 12.09
C ARG B 242 -19.88 8.32 13.51
N TYR B 243 -20.15 9.61 13.74
CA TYR B 243 -19.95 10.26 15.08
C TYR B 243 -21.12 11.07 15.57
N GLU B 244 -21.32 11.06 16.89
CA GLU B 244 -22.33 11.87 17.52
C GLU B 244 -21.65 12.94 18.38
N VAL B 245 -22.21 14.13 18.40
CA VAL B 245 -21.66 15.28 19.13
C VAL B 245 -22.67 15.75 20.14
N LEU B 246 -22.24 16.00 21.36
CA LEU B 246 -23.13 16.45 22.39
C LEU B 246 -22.41 17.19 23.49
N ILE B 247 -23.14 17.97 24.26
CA ILE B 247 -22.54 18.69 25.38
C ILE B 247 -22.77 17.89 26.65
N PRO B 248 -21.71 17.67 27.47
CA PRO B 248 -21.97 16.93 28.74
C PRO B 248 -23.01 17.63 29.60
N ALA B 249 -24.03 16.90 30.03
CA ALA B 249 -25.12 17.49 30.81
C ALA B 249 -24.76 17.97 32.22
N ASP B 250 -23.69 17.41 32.79
CA ASP B 250 -23.28 17.74 34.14
C ASP B 250 -22.41 18.97 34.24
N GLY B 251 -21.93 19.48 33.11
CA GLY B 251 -21.08 20.66 33.20
C GLY B 251 -20.13 20.82 32.05
N SER B 252 -19.97 22.06 31.64
CA SER B 252 -19.02 22.35 30.58
C SER B 252 -18.62 23.81 30.69
N VAL B 253 -17.63 24.18 29.90
CA VAL B 253 -17.11 25.54 29.91
C VAL B 253 -17.31 26.18 28.54
N ILE B 254 -17.56 27.48 28.59
CA ILE B 254 -17.70 28.32 27.43
C ILE B 254 -16.43 29.16 27.40
N SER B 255 -15.71 29.18 26.28
CA SER B 255 -14.54 30.07 26.15
C SER B 255 -14.43 30.44 24.69
N GLY B 256 -13.35 31.12 24.29
CA GLY B 256 -13.22 31.55 22.91
C GLY B 256 -11.79 31.84 22.54
N TYR B 257 -11.61 32.34 21.35
CA TYR B 257 -10.31 32.55 20.78
C TYR B 257 -10.09 33.97 20.33
N THR B 258 -8.84 34.43 20.43
CA THR B 258 -8.46 35.76 20.05
C THR B 258 -7.32 35.65 19.07
N THR B 259 -7.41 36.44 18.00
CA THR B 259 -6.31 36.57 17.10
C THR B 259 -5.20 37.31 17.84
N ILE B 260 -3.98 37.14 17.38
CA ILE B 260 -2.81 37.85 17.91
C ILE B 260 -2.00 38.29 16.71
N ILE B 261 -1.76 39.59 16.57
CA ILE B 261 -0.96 40.14 15.49
C ILE B 261 0.45 40.19 16.03
N ASN B 262 1.33 39.44 15.39
CA ASN B 262 2.73 39.37 15.81
C ASN B 262 3.33 40.78 15.87
N LYS B 263 3.87 41.19 17.02
CA LYS B 263 4.56 42.47 17.12
C LYS B 263 5.64 42.54 16.03
N TYR B 264 6.29 41.41 15.76
CA TYR B 264 7.35 41.33 14.74
C TYR B 264 6.88 40.87 13.35
N ALA B 265 5.57 40.94 13.06
CA ALA B 265 5.05 40.49 11.76
C ALA B 265 5.78 41.11 10.56
N LYS B 266 6.02 40.31 9.52
CA LYS B 266 6.60 40.82 8.26
C LYS B 266 5.55 41.64 7.52
N HIS B 267 4.29 41.21 7.64
CA HIS B 267 3.18 41.84 6.95
C HIS B 267 2.17 42.34 7.98
N PRO B 268 2.53 43.38 8.75
CA PRO B 268 1.61 43.85 9.79
C PRO B 268 0.30 44.43 9.28
N ASN B 269 0.31 45.13 8.15
CA ASN B 269 -0.93 45.70 7.60
C ASN B 269 -1.92 44.66 7.11
N ALA B 270 -1.42 43.61 6.46
CA ALA B 270 -2.26 42.51 6.00
C ALA B 270 -2.87 41.73 7.21
N ALA B 271 -2.13 41.61 8.32
CA ALA B 271 -2.63 40.96 9.54
C ALA B 271 -3.73 41.81 10.16
N LYS B 272 -3.49 43.12 10.23
CA LYS B 272 -4.50 44.06 10.75
C LYS B 272 -5.78 43.98 9.91
N LEU B 273 -5.61 43.95 8.59
CA LEU B 273 -6.76 43.84 7.71
C LEU B 273 -7.52 42.57 7.96
N ALA B 274 -6.78 41.47 8.15
CA ALA B 274 -7.40 40.18 8.45
C ALA B 274 -8.23 40.26 9.73
N ARG B 275 -7.67 40.84 10.80
CA ARG B 275 -8.43 41.01 12.05
C ARG B 275 -9.70 41.85 11.84
N GLU B 276 -9.56 42.98 11.12
CA GLU B 276 -10.70 43.85 10.82
C GLU B 276 -11.83 43.08 10.11
N PHE B 277 -11.46 42.32 9.09
CA PHE B 277 -12.42 41.53 8.36
C PHE B 277 -13.09 40.41 9.22
N ILE B 278 -12.29 39.75 10.05
CA ILE B 278 -12.77 38.68 10.94
C ILE B 278 -13.87 39.18 11.87
N LEU B 279 -13.74 40.42 12.31
CA LEU B 279 -14.75 41.05 13.17
C LEU B 279 -15.83 41.76 12.40
N SER B 280 -15.70 41.93 11.10
CA SER B 280 -16.76 42.59 10.34
C SER B 280 -17.97 41.64 10.22
N ASP B 281 -19.10 42.16 9.75
CA ASP B 281 -20.28 41.35 9.59
C ASP B 281 -20.01 40.08 8.80
N LYS B 282 -19.23 40.17 7.74
CA LYS B 282 -18.99 39.01 6.91
C LYS B 282 -18.08 38.01 7.58
N GLY B 283 -17.05 38.47 8.29
CA GLY B 283 -16.17 37.51 8.99
C GLY B 283 -16.90 36.80 10.12
N GLN B 284 -17.83 37.51 10.74
CA GLN B 284 -18.61 36.99 11.87
C GLN B 284 -19.60 35.95 11.37
N ILE B 285 -20.19 36.26 10.23
CA ILE B 285 -21.11 35.37 9.62
C ILE B 285 -20.34 34.14 9.22
N ASN B 286 -19.16 34.30 8.68
CA ASN B 286 -18.36 33.09 8.34
C ASN B 286 -18.10 32.16 9.55
N LEU B 287 -17.79 32.76 10.70
CA LEU B 287 -17.58 31.98 11.91
C LEU B 287 -18.88 31.25 12.32
N ALA B 288 -20.02 31.93 12.17
CA ALA B 288 -21.30 31.31 12.49
C ALA B 288 -21.59 30.12 11.54
N LYS B 289 -21.27 30.26 10.27
CA LYS B 289 -21.43 29.13 9.33
C LYS B 289 -20.51 27.97 9.73
N GLY B 290 -19.38 28.23 10.38
CA GLY B 290 -18.51 27.17 10.93
C GLY B 290 -18.94 26.65 12.32
N TYR B 291 -20.15 27.00 12.71
CA TYR B 291 -20.83 26.58 13.95
C TYR B 291 -20.39 27.24 15.25
N ALA B 292 -19.50 28.24 15.14
CA ALA B 292 -18.99 28.94 16.28
C ALA B 292 -19.97 30.08 16.57
N ARG B 293 -19.92 30.62 17.79
CA ARG B 293 -20.79 31.71 18.13
C ARG B 293 -19.99 32.99 17.92
N PRO B 294 -20.37 33.79 16.93
CA PRO B 294 -19.62 35.04 16.73
C PRO B 294 -19.76 35.99 17.93
N ILE B 295 -18.69 36.71 18.25
CA ILE B 295 -18.71 37.61 19.41
C ILE B 295 -19.72 38.75 19.17
N ARG B 296 -19.87 39.18 17.91
CA ARG B 296 -20.82 40.26 17.53
C ARG B 296 -22.20 39.75 17.11
N ILE B 297 -22.57 38.59 17.61
CA ILE B 297 -23.87 38.01 17.25
C ILE B 297 -25.08 38.95 17.52
N ASP B 298 -25.03 39.78 18.55
CA ASP B 298 -26.12 40.74 18.83
C ASP B 298 -26.24 41.88 17.84
N HIS B 299 -25.27 41.99 16.92
CA HIS B 299 -25.24 43.06 15.95
C HIS B 299 -25.18 42.63 14.50
N ILE B 300 -25.44 41.38 14.19
CA ILE B 300 -25.37 40.97 12.80
C ILE B 300 -26.61 40.17 12.51
N THR B 301 -26.90 40.00 11.22
CA THR B 301 -28.02 39.16 10.82
C THR B 301 -27.46 37.82 10.38
N LEU B 302 -27.83 36.73 11.04
CA LEU B 302 -27.37 35.41 10.62
C LEU B 302 -28.40 34.81 9.68
N PRO B 303 -28.00 33.85 8.83
CA PRO B 303 -29.02 33.18 8.00
C PRO B 303 -29.88 32.26 8.87
N ASP B 304 -31.08 31.97 8.40
CA ASP B 304 -32.02 31.11 9.14
C ASP B 304 -31.54 29.66 9.23
N ASP B 305 -30.82 29.21 8.21
CA ASP B 305 -30.33 27.80 8.07
C ASP B 305 -29.30 27.26 9.08
N ILE B 306 -28.74 28.14 9.91
CA ILE B 306 -27.75 27.73 10.92
C ILE B 306 -28.40 27.11 12.16
N LYS B 307 -29.40 27.80 12.72
CA LYS B 307 -30.05 27.37 13.97
C LYS B 307 -30.42 25.90 14.06
N ALA B 308 -30.98 25.35 12.98
CA ALA B 308 -31.39 23.96 12.95
C ALA B 308 -30.21 22.97 12.96
N LYS B 309 -29.03 23.41 12.51
CA LYS B 309 -27.85 22.54 12.49
C LYS B 309 -27.13 22.52 13.86
N LEU B 310 -27.46 23.46 14.75
CA LEU B 310 -26.79 23.51 16.05
C LEU B 310 -27.36 22.44 16.99
N LEU B 311 -26.63 22.15 18.06
CA LEU B 311 -27.10 21.16 19.02
C LEU B 311 -28.33 21.68 19.78
N PRO B 312 -29.15 20.78 20.34
CA PRO B 312 -30.32 21.21 21.10
C PRO B 312 -29.94 22.04 22.31
N SER B 313 -30.69 23.10 22.56
CA SER B 313 -30.42 24.01 23.68
C SER B 313 -30.33 23.39 25.06
N GLU B 314 -31.17 22.38 25.33
CA GLU B 314 -31.17 21.79 26.64
C GLU B 314 -29.82 21.15 27.01
N GLN B 315 -29.01 20.73 26.03
CA GLN B 315 -27.73 20.09 26.32
C GLN B 315 -26.75 21.05 26.98
N TYR B 316 -26.97 22.36 26.81
CA TYR B 316 -26.11 23.40 27.37
C TYR B 316 -26.53 23.82 28.78
N LYS B 317 -27.40 23.04 29.41
CA LYS B 317 -27.92 23.38 30.75
C LYS B 317 -26.88 23.65 31.84
N ASN B 318 -25.70 23.06 31.78
CA ASN B 318 -24.66 23.32 32.80
C ASN B 318 -23.33 23.87 32.17
N ALA B 319 -23.45 24.53 31.02
CA ALA B 319 -22.31 25.13 30.33
C ALA B 319 -22.20 26.54 30.87
N ARG B 320 -21.06 26.89 31.45
N ARG B 320 -21.06 26.85 31.49
CA ARG B 320 -20.89 28.22 32.02
CA ARG B 320 -20.77 28.14 32.13
C ARG B 320 -19.59 28.84 31.55
C ARG B 320 -19.56 28.84 31.55
N ALA B 321 -19.58 30.18 31.55
CA ALA B 321 -18.40 30.95 31.16
C ALA B 321 -17.53 31.00 32.44
N ILE B 322 -16.28 31.40 32.27
CA ILE B 322 -15.30 31.52 33.34
C ILE B 322 -15.58 32.83 34.11
N LYS B 323 -15.70 32.79 35.44
CA LYS B 323 -15.98 34.04 36.17
C LYS B 323 -14.77 34.92 36.42
N ASP B 324 -13.66 34.29 36.78
CA ASP B 324 -12.45 35.01 37.15
C ASP B 324 -11.36 34.78 36.11
N GLN B 325 -11.27 35.72 35.19
CA GLN B 325 -10.31 35.69 34.08
C GLN B 325 -8.86 35.51 34.54
N LYS B 326 -8.46 36.25 35.56
CA LYS B 326 -7.08 36.16 36.07
C LYS B 326 -6.69 34.82 36.69
N ALA B 327 -7.60 34.20 37.42
CA ALA B 327 -7.36 32.91 38.05
C ALA B 327 -7.24 31.88 36.93
N TRP B 328 -8.08 32.00 35.91
CA TRP B 328 -7.96 31.05 34.81
C TRP B 328 -6.63 31.25 34.09
N GLU B 329 -6.19 32.47 33.90
CA GLU B 329 -4.90 32.73 33.23
C GLU B 329 -3.77 32.02 33.98
N LYS B 330 -3.82 32.06 35.30
CA LYS B 330 -2.83 31.42 36.15
C LYS B 330 -2.96 29.89 36.09
N SER B 331 -4.13 29.36 36.40
CA SER B 331 -4.33 27.92 36.41
C SER B 331 -3.99 27.29 35.06
N ALA B 332 -4.44 27.91 33.96
CA ALA B 332 -4.15 27.39 32.63
C ALA B 332 -2.64 27.36 32.33
N LYS B 333 -1.94 28.37 32.83
CA LYS B 333 -0.49 28.49 32.64
C LYS B 333 0.26 27.45 33.48
N GLU B 334 -0.29 27.11 34.65
CA GLU B 334 0.27 26.08 35.56
C GLU B 334 -0.17 24.64 35.23
N LEU B 335 -1.22 24.48 34.46
CA LEU B 335 -1.75 23.15 34.13
C LEU B 335 -0.77 22.20 33.38
N PRO B 336 0.02 22.72 32.42
CA PRO B 336 0.92 21.80 31.75
C PRO B 336 1.86 21.01 32.68
N GLN B 337 2.47 21.69 33.66
CA GLN B 337 3.36 20.99 34.60
C GLN B 337 2.54 20.08 35.53
N LEU B 338 1.39 20.56 36.01
CA LEU B 338 0.50 19.75 36.88
C LEU B 338 -0.01 18.51 36.12
N TRP B 339 -0.23 18.64 34.83
CA TRP B 339 -0.68 17.51 34.00
C TRP B 339 0.42 16.45 33.94
N GLN B 340 1.65 16.91 33.66
CA GLN B 340 2.80 16.04 33.64
C GLN B 340 3.00 15.35 35.00
N GLU B 341 2.86 16.09 36.10
CA GLU B 341 3.10 15.57 37.45
C GLU B 341 1.99 14.72 38.05
N LYS B 342 0.74 15.08 37.78
CA LYS B 342 -0.41 14.37 38.33
C LYS B 342 -1.15 13.41 37.38
N VAL B 343 -0.90 13.47 36.09
CA VAL B 343 -1.61 12.61 35.14
C VAL B 343 -0.71 11.74 34.29
N ILE B 344 0.27 12.35 33.62
CA ILE B 344 1.16 11.61 32.71
C ILE B 344 1.95 10.51 33.41
N VAL B 345 2.44 10.82 34.60
CA VAL B 345 3.24 9.85 35.36
C VAL B 345 2.57 8.47 35.54
N ASP B 346 1.25 8.45 35.68
CA ASP B 346 0.52 7.19 35.93
C ASP B 346 -0.15 6.53 34.73
N ASP C 23 3.66 -54.10 -24.26
CA ASP C 23 3.18 -55.49 -24.51
C ASP C 23 1.67 -55.52 -24.87
N GLU C 24 1.14 -56.74 -25.04
CA GLU C 24 -0.26 -56.96 -25.42
C GLU C 24 -1.32 -56.56 -24.38
N ASN C 25 -1.05 -56.83 -23.10
CA ASN C 25 -1.98 -56.46 -22.03
C ASN C 25 -2.17 -54.95 -21.98
N LEU C 26 -1.05 -54.22 -21.84
CA LEU C 26 -1.09 -52.75 -21.75
C LEU C 26 -1.94 -52.14 -22.87
N ILE C 27 -1.68 -52.54 -24.12
CA ILE C 27 -2.42 -52.03 -25.30
C ILE C 27 -3.92 -52.34 -25.22
N LYS C 28 -4.28 -53.56 -24.82
CA LYS C 28 -5.69 -53.96 -24.68
C LYS C 28 -6.40 -53.15 -23.57
N ALA C 29 -5.70 -52.98 -22.45
CA ALA C 29 -6.23 -52.19 -21.32
C ALA C 29 -6.40 -50.71 -21.74
N ALA C 30 -5.47 -50.23 -22.57
CA ALA C 30 -5.50 -48.85 -23.10
C ALA C 30 -6.69 -48.62 -24.04
N GLN C 31 -6.93 -49.61 -24.90
CA GLN C 31 -8.04 -49.60 -25.84
C GLN C 31 -9.40 -49.70 -25.13
N ALA C 32 -9.41 -50.40 -23.98
CA ALA C 32 -10.59 -50.54 -23.12
C ALA C 32 -10.93 -49.14 -22.58
N GLU C 33 -9.92 -48.49 -22.03
CA GLU C 33 -10.05 -47.10 -21.54
C GLU C 33 -10.48 -46.19 -22.70
N GLY C 34 -9.87 -46.41 -23.87
CA GLY C 34 -10.26 -45.74 -25.11
C GLY C 34 -9.73 -44.38 -25.51
N ARG C 35 -9.16 -43.65 -24.56
CA ARG C 35 -8.61 -42.32 -24.83
C ARG C 35 -7.57 -41.97 -23.79
N VAL C 36 -6.89 -40.85 -24.02
CA VAL C 36 -5.92 -40.33 -23.05
C VAL C 36 -6.07 -38.81 -23.04
N ASN C 37 -6.20 -38.26 -21.84
CA ASN C 37 -6.37 -36.84 -21.67
C ASN C 37 -5.02 -36.33 -21.23
N SER C 38 -4.50 -35.30 -21.90
CA SER C 38 -3.20 -34.74 -21.53
C SER C 38 -3.30 -33.34 -20.96
N LEU C 39 -2.31 -32.99 -20.14
CA LEU C 39 -2.16 -31.64 -19.66
C LEU C 39 -0.85 -31.08 -20.23
N ALA C 40 -0.91 -29.87 -20.78
CA ALA C 40 0.29 -29.19 -21.27
C ALA C 40 1.04 -29.89 -22.38
N PRO C 42 0.13 -29.57 -26.01
CA PRO C 42 -0.59 -29.12 -27.20
C PRO C 42 0.09 -29.49 -28.49
N ASP C 43 -0.66 -29.43 -29.57
CA ASP C 43 -0.13 -29.78 -30.89
C ASP C 43 1.06 -28.94 -31.31
N THR C 44 1.04 -27.68 -30.86
CA THR C 44 2.04 -26.69 -31.18
C THR C 44 3.36 -26.80 -30.43
N TRP C 45 3.44 -27.72 -29.45
CA TRP C 45 4.67 -27.90 -28.65
C TRP C 45 5.49 -29.15 -29.05
N ALA C 46 6.68 -28.91 -29.61
CA ALA C 46 7.58 -29.99 -29.96
C ALA C 46 6.90 -31.13 -30.76
N ASN C 47 5.99 -30.76 -31.65
CA ASN C 47 5.29 -31.70 -32.53
C ASN C 47 4.51 -32.79 -31.83
N TRP C 48 3.84 -32.49 -30.71
CA TRP C 48 2.98 -33.51 -30.10
C TRP C 48 1.83 -33.92 -31.08
N LYS C 49 1.49 -33.03 -32.03
CA LYS C 49 0.45 -33.28 -33.03
C LYS C 49 0.65 -34.64 -33.73
N ASP C 50 1.86 -34.91 -34.24
CA ASP C 50 2.12 -36.16 -34.91
C ASP C 50 1.96 -37.34 -33.94
N THR C 51 2.44 -37.17 -32.70
CA THR C 51 2.36 -38.24 -31.70
C THR C 51 0.91 -38.57 -31.37
N TRP C 52 0.04 -37.57 -31.23
CA TRP C 52 -1.37 -37.86 -30.91
C TRP C 52 -2.08 -38.56 -32.11
N ALA C 53 -1.79 -38.07 -33.32
CA ALA C 53 -2.29 -38.69 -34.57
C ALA C 53 -1.81 -40.15 -34.65
N ASP C 54 -0.57 -40.41 -34.22
CA ASP C 54 0.02 -41.75 -34.22
C ASP C 54 -0.67 -42.68 -33.20
N LEU C 55 -0.90 -42.21 -31.97
CA LEU C 55 -1.64 -43.01 -30.98
C LEU C 55 -3.01 -43.45 -31.52
N LYS C 56 -3.72 -42.53 -32.19
CA LYS C 56 -5.03 -42.82 -32.78
C LYS C 56 -4.98 -43.74 -34.02
N ASN C 57 -4.19 -43.38 -35.04
CA ASN C 57 -4.10 -44.18 -36.29
C ASN C 57 -3.64 -45.60 -35.98
N LEU C 58 -2.58 -45.73 -35.18
CA LEU C 58 -2.01 -47.03 -34.86
C LEU C 58 -2.76 -47.80 -33.77
N TYR C 59 -3.13 -47.12 -32.67
CA TYR C 59 -3.79 -47.83 -31.54
C TYR C 59 -5.26 -47.55 -31.25
N ASP C 60 -5.90 -46.69 -32.02
CA ASP C 60 -7.34 -46.35 -31.82
C ASP C 60 -7.58 -45.63 -30.47
N ILE C 61 -6.55 -44.97 -29.97
CA ILE C 61 -6.63 -44.21 -28.73
C ILE C 61 -6.92 -42.76 -29.08
N GLU C 62 -8.05 -42.26 -28.56
CA GLU C 62 -8.50 -40.89 -28.77
C GLU C 62 -7.77 -40.00 -27.77
N HIS C 63 -7.82 -38.69 -28.00
CA HIS C 63 -7.13 -37.75 -27.13
C HIS C 63 -7.64 -36.31 -27.19
N SER C 64 -7.46 -35.62 -26.06
CA SER C 64 -7.78 -34.20 -25.88
C SER C 64 -6.72 -33.66 -24.86
N ASP C 65 -6.34 -32.39 -25.04
CA ASP C 65 -5.36 -31.67 -24.22
C ASP C 65 -5.95 -30.39 -23.62
N THR C 66 -5.36 -30.02 -22.48
CA THR C 66 -5.68 -28.76 -21.81
C THR C 66 -4.30 -28.19 -21.49
N ASP C 67 -3.93 -27.10 -22.16
CA ASP C 67 -2.61 -26.48 -21.99
C ASP C 67 -2.52 -25.64 -20.74
N SER C 69 0.94 -24.53 -17.55
CA SER C 69 2.36 -24.60 -17.20
C SER C 69 2.69 -25.68 -16.14
N SER C 70 3.97 -26.07 -16.06
CA SER C 70 4.43 -27.14 -15.16
C SER C 70 3.84 -27.18 -13.75
N ALA C 71 4.00 -26.08 -13.03
CA ALA C 71 3.48 -26.02 -11.63
C ALA C 71 1.95 -26.17 -11.63
N GLN C 72 1.29 -25.62 -12.66
CA GLN C 72 -0.16 -25.75 -12.75
C GLN C 72 -0.63 -27.18 -12.98
N GLU C 73 0.16 -27.95 -13.73
CA GLU C 73 -0.19 -29.34 -14.04
C GLU C 73 -0.16 -30.15 -12.77
N ILE C 74 0.90 -29.92 -11.97
CA ILE C 74 1.10 -30.60 -10.67
C ILE C 74 -0.07 -30.33 -9.70
N ALA C 75 -0.38 -29.05 -9.47
CA ALA C 75 -1.50 -28.69 -8.57
C ALA C 75 -2.80 -29.27 -9.10
N LYS C 76 -3.00 -29.24 -10.42
CA LYS C 76 -4.22 -29.78 -11.04
C LYS C 76 -4.38 -31.31 -10.85
N PHE C 77 -3.27 -32.08 -10.84
CA PHE C 77 -3.33 -33.53 -10.59
C PHE C 77 -3.71 -33.79 -9.13
N LYS C 78 -3.06 -33.03 -8.25
CA LYS C 78 -3.28 -33.10 -6.81
C LYS C 78 -4.73 -32.72 -6.37
N THR C 79 -5.34 -31.70 -7.00
CA THR C 79 -6.70 -31.27 -6.65
C THR C 79 -7.83 -32.14 -7.25
N GLU C 80 -7.52 -32.88 -8.32
CA GLU C 80 -8.49 -33.75 -9.01
C GLU C 80 -8.35 -35.27 -8.74
N LYS C 81 -7.89 -35.65 -7.54
CA LYS C 81 -7.70 -37.08 -7.18
C LYS C 81 -8.95 -37.90 -7.52
N LYS C 82 -10.10 -37.31 -7.21
CA LYS C 82 -11.41 -37.93 -7.40
C LYS C 82 -11.74 -38.32 -8.84
N ASN C 83 -11.67 -37.32 -9.71
CA ASN C 83 -12.00 -37.43 -11.12
C ASN C 83 -10.99 -36.59 -11.86
N ALA C 84 -9.89 -37.23 -12.23
CA ALA C 84 -8.82 -36.54 -12.94
C ALA C 84 -9.27 -36.11 -14.35
N SER C 85 -9.04 -34.85 -14.71
CA SER C 85 -9.34 -34.40 -16.07
C SER C 85 -8.05 -34.60 -16.92
N GLY C 86 -6.93 -34.90 -16.28
CA GLY C 86 -5.68 -35.20 -16.97
C GLY C 86 -5.10 -36.53 -16.52
N ASP C 87 -4.60 -37.32 -17.48
CA ASP C 87 -3.96 -38.64 -17.23
C ASP C 87 -2.43 -38.57 -17.32
N ILE C 88 -1.95 -37.73 -18.25
CA ILE C 88 -0.52 -37.54 -18.46
C ILE C 88 -0.28 -36.06 -18.70
N GLY C 89 0.85 -35.59 -18.17
CA GLY C 89 1.33 -34.21 -18.31
C GLY C 89 2.80 -34.22 -18.71
N ASP C 90 3.40 -33.03 -18.90
CA ASP C 90 4.81 -32.87 -19.30
C ASP C 90 5.30 -31.65 -18.56
N VAL C 91 6.31 -31.84 -17.71
CA VAL C 91 6.86 -30.77 -16.89
C VAL C 91 8.38 -30.65 -17.03
N GLY C 92 8.93 -29.48 -16.71
CA GLY C 92 10.37 -29.25 -16.79
C GLY C 92 11.16 -30.13 -15.84
N ALA C 93 12.45 -30.32 -16.18
CA ALA C 93 13.36 -31.13 -15.35
C ALA C 93 13.39 -30.78 -13.85
N SER C 94 13.23 -29.51 -13.52
CA SER C 94 13.24 -29.08 -12.10
C SER C 94 11.95 -29.46 -11.36
N PHE C 95 10.90 -29.80 -12.12
CA PHE C 95 9.61 -30.15 -11.56
C PHE C 95 9.42 -31.66 -11.35
N GLY C 96 10.36 -32.50 -11.78
CA GLY C 96 10.23 -33.94 -11.57
C GLY C 96 10.08 -34.28 -10.08
N GLU C 97 11.06 -33.84 -9.28
CA GLU C 97 11.00 -34.09 -7.84
C GLU C 97 9.80 -33.43 -7.18
N ILE C 98 9.46 -32.22 -7.60
CA ILE C 98 8.26 -31.58 -7.04
C ILE C 98 7.04 -32.51 -7.23
N ALA C 99 6.88 -33.09 -8.42
CA ALA C 99 5.75 -33.97 -8.69
C ALA C 99 5.79 -35.19 -7.76
N VAL C 100 6.99 -35.66 -7.42
CA VAL C 100 7.19 -36.78 -6.49
C VAL C 100 6.78 -36.39 -5.07
N LYS C 101 7.41 -35.35 -4.51
CA LYS C 101 7.04 -34.89 -3.15
C LYS C 101 5.53 -34.60 -3.05
N GLN C 102 4.96 -34.01 -4.09
CA GLN C 102 3.52 -33.70 -4.10
C GLN C 102 2.60 -34.95 -4.23
N GLY C 103 3.17 -36.12 -4.50
CA GLY C 103 2.42 -37.37 -4.60
C GLY C 103 1.48 -37.54 -5.79
N VAL C 104 1.78 -36.85 -6.89
CA VAL C 104 0.93 -36.89 -8.11
C VAL C 104 1.51 -37.77 -9.20
N ALA C 105 2.65 -38.40 -8.94
CA ALA C 105 3.31 -39.27 -9.92
C ALA C 105 3.30 -40.72 -9.52
N GLN C 106 3.20 -41.59 -10.52
CA GLN C 106 3.29 -43.02 -10.32
C GLN C 106 4.37 -43.48 -11.29
N PRO C 107 5.11 -44.54 -10.95
CA PRO C 107 6.21 -44.96 -11.85
C PRO C 107 5.83 -45.76 -13.11
N PHE C 108 6.68 -45.65 -14.13
CA PHE C 108 6.57 -46.39 -15.39
C PHE C 108 7.89 -46.12 -16.14
N LYS C 109 8.85 -47.01 -15.93
CA LYS C 109 10.17 -46.84 -16.51
C LYS C 109 10.21 -46.90 -18.05
N THR C 110 9.27 -47.64 -18.63
CA THR C 110 9.17 -47.95 -20.06
C THR C 110 10.24 -49.00 -20.36
N SER C 111 10.09 -49.67 -21.51
CA SER C 111 11.06 -50.67 -21.96
C SER C 111 12.40 -50.02 -22.39
N TYR C 112 12.41 -48.68 -22.55
CA TYR C 112 13.57 -47.94 -23.00
C TYR C 112 14.43 -47.39 -21.83
N TRP C 113 14.05 -47.71 -20.59
CA TRP C 113 14.78 -47.23 -19.40
C TRP C 113 16.34 -47.21 -19.49
N ASP C 114 16.96 -48.34 -19.79
CA ASP C 114 18.43 -48.38 -19.85
C ASP C 114 19.07 -47.42 -20.84
N GLN C 115 18.35 -47.05 -21.89
CA GLN C 115 18.86 -46.14 -22.90
C GLN C 115 18.81 -44.70 -22.46
N ILE C 116 18.05 -44.42 -21.41
CA ILE C 116 17.93 -43.05 -20.90
C ILE C 116 19.13 -42.81 -19.99
N PRO C 117 19.88 -41.72 -20.23
CA PRO C 117 21.02 -41.41 -19.38
C PRO C 117 20.67 -41.28 -17.89
N THR C 118 21.62 -41.61 -17.04
CA THR C 118 21.39 -41.52 -15.59
C THR C 118 21.03 -40.08 -15.16
N TRP C 119 21.65 -39.07 -15.76
CA TRP C 119 21.37 -37.69 -15.39
C TRP C 119 19.95 -37.23 -15.81
N ALA C 120 19.28 -38.01 -16.66
CA ALA C 120 17.98 -37.61 -17.20
C ALA C 120 16.82 -38.36 -16.63
N LYS C 121 16.98 -38.96 -15.47
CA LYS C 121 15.90 -39.75 -14.89
C LYS C 121 16.11 -39.91 -13.39
N ASP C 122 15.06 -40.29 -12.67
CA ASP C 122 15.16 -40.54 -11.23
C ASP C 122 15.68 -41.97 -11.09
N LYS C 123 15.37 -42.67 -9.99
CA LYS C 123 15.81 -44.07 -9.84
C LYS C 123 14.67 -45.05 -10.04
N ASP C 124 13.45 -44.63 -9.71
CA ASP C 124 12.28 -45.50 -9.76
C ASP C 124 11.32 -45.42 -10.96
N GLY C 125 11.52 -44.46 -11.85
CA GLY C 125 10.66 -44.33 -13.02
C GLY C 125 9.51 -43.35 -12.93
N ASN C 126 9.50 -42.51 -11.89
CA ASN C 126 8.49 -41.44 -11.74
C ASN C 126 8.68 -40.33 -12.81
N TRP C 127 9.95 -40.01 -13.11
CA TRP C 127 10.28 -39.01 -14.13
C TRP C 127 11.52 -39.39 -14.98
N LEU C 128 11.48 -38.98 -16.23
CA LEU C 128 12.50 -39.27 -17.20
C LEU C 128 12.29 -38.36 -18.39
N LEU C 129 13.35 -37.66 -18.75
CA LEU C 129 13.30 -36.72 -19.83
C LEU C 129 13.15 -37.45 -21.16
N ALA C 130 12.22 -37.00 -22.01
CA ALA C 130 12.04 -37.53 -23.34
C ALA C 130 12.76 -36.70 -24.39
N TYR C 131 13.14 -35.47 -24.03
CA TYR C 131 13.83 -34.60 -24.95
C TYR C 131 14.45 -33.40 -24.21
N THR C 132 15.34 -32.70 -24.91
CA THR C 132 16.03 -31.51 -24.39
C THR C 132 15.99 -30.38 -25.42
N GLY C 133 16.30 -29.19 -24.93
CA GLY C 133 16.36 -27.97 -25.72
C GLY C 133 17.31 -27.01 -25.04
N THR C 134 17.61 -25.91 -25.74
CA THR C 134 18.50 -24.86 -25.30
C THR C 134 17.75 -23.52 -25.39
N ILE C 135 17.86 -22.71 -24.35
CA ILE C 135 17.17 -21.40 -24.32
C ILE C 135 17.63 -20.54 -25.47
N ALA C 136 16.67 -19.89 -26.12
CA ALA C 136 16.94 -19.07 -27.28
C ALA C 136 16.17 -17.77 -27.28
N PHE C 137 16.52 -16.90 -28.23
CA PHE C 137 15.76 -15.68 -28.42
C PHE C 137 14.95 -15.84 -29.70
N ILE C 138 13.72 -15.32 -29.67
CA ILE C 138 12.88 -15.20 -30.84
C ILE C 138 12.72 -13.67 -31.01
N VAL C 139 13.01 -13.15 -32.19
CA VAL C 139 13.03 -11.71 -32.45
C VAL C 139 12.13 -11.25 -33.62
N ASN C 140 11.29 -10.26 -33.35
CA ASN C 140 10.36 -9.70 -34.34
C ASN C 140 11.17 -8.82 -35.27
N LYS C 141 11.36 -9.29 -36.50
CA LYS C 141 12.14 -8.57 -37.52
C LYS C 141 11.53 -7.22 -37.98
N ASP C 142 10.21 -7.09 -37.91
CA ASP C 142 9.53 -5.83 -38.28
C ASP C 142 9.82 -4.75 -37.23
N VAL C 143 9.80 -5.14 -35.95
CA VAL C 143 10.01 -4.20 -34.86
C VAL C 143 11.46 -3.97 -34.48
N VAL C 144 12.22 -5.06 -34.36
CA VAL C 144 13.60 -5.01 -33.89
C VAL C 144 14.60 -5.02 -35.04
N LYS C 145 15.20 -3.87 -35.32
CA LYS C 145 16.18 -3.77 -36.41
C LYS C 145 17.55 -4.16 -35.92
N ASP C 146 17.85 -3.83 -34.67
CA ASP C 146 19.15 -4.13 -34.06
C ASP C 146 19.01 -5.51 -33.36
N ILE C 147 19.04 -6.58 -34.16
CA ILE C 147 18.87 -7.97 -33.67
C ILE C 147 19.85 -8.29 -32.52
N PRO C 148 19.36 -8.53 -31.29
CA PRO C 148 20.33 -8.89 -30.24
C PRO C 148 20.98 -10.25 -30.49
N LYS C 149 22.28 -10.36 -30.22
CA LYS C 149 23.04 -11.63 -30.36
C LYS C 149 23.49 -12.24 -29.00
N THR C 150 23.39 -11.44 -27.93
CA THR C 150 23.81 -11.82 -26.57
C THR C 150 22.80 -11.28 -25.54
N TRP C 151 22.88 -11.79 -24.31
CA TRP C 151 22.04 -11.28 -23.22
C TRP C 151 22.39 -9.82 -22.95
N GLN C 152 23.66 -9.47 -23.15
CA GLN C 152 24.15 -8.11 -22.95
C GLN C 152 23.45 -7.11 -23.86
N ASP C 153 23.20 -7.49 -25.12
CA ASP C 153 22.52 -6.64 -26.07
C ASP C 153 21.08 -6.32 -25.62
N LEU C 154 20.44 -7.21 -24.88
CA LEU C 154 19.06 -6.95 -24.42
C LEU C 154 18.96 -5.70 -23.50
N LEU C 155 19.95 -5.51 -22.64
CA LEU C 155 19.92 -4.35 -21.73
C LEU C 155 19.90 -3.01 -22.47
N LYS C 156 20.53 -2.99 -23.67
CA LYS C 156 20.65 -1.79 -24.50
C LYS C 156 19.44 -1.42 -25.37
N GLY C 157 18.61 -2.38 -25.79
CA GLY C 157 17.49 -2.04 -26.67
C GLY C 157 16.35 -1.17 -26.12
N ASN C 158 15.42 -0.85 -27.01
CA ASN C 158 14.19 -0.11 -26.68
C ASN C 158 12.94 -1.01 -26.69
N TYR C 159 13.12 -2.28 -27.12
CA TYR C 159 12.04 -3.24 -27.27
C TYR C 159 11.67 -4.02 -26.00
N LYS C 160 10.42 -4.44 -25.93
CA LYS C 160 9.91 -5.21 -24.78
C LYS C 160 10.42 -6.68 -24.85
N ILE C 161 10.81 -7.24 -23.71
CA ILE C 161 11.30 -8.62 -23.62
C ILE C 161 10.24 -9.50 -22.92
N THR C 162 9.71 -10.50 -23.63
CA THR C 162 8.74 -11.45 -23.11
C THR C 162 9.59 -12.57 -22.50
N VAL C 163 9.71 -12.55 -21.18
N VAL C 163 9.71 -12.55 -21.18
CA VAL C 163 10.55 -13.50 -20.46
CA VAL C 163 10.55 -13.51 -20.46
C VAL C 163 9.91 -14.81 -20.02
C VAL C 163 9.90 -14.82 -20.03
N GLY C 164 8.57 -14.88 -20.03
CA GLY C 164 7.86 -16.08 -19.62
C GLY C 164 7.23 -15.85 -18.28
N ASP C 165 6.37 -16.78 -17.85
CA ASP C 165 5.72 -16.64 -16.52
C ASP C 165 6.56 -17.41 -15.52
N VAL C 166 7.52 -16.71 -14.94
CA VAL C 166 8.42 -17.31 -13.98
C VAL C 166 7.71 -18.00 -12.78
N SER C 167 6.57 -17.50 -12.32
CA SER C 167 5.87 -18.17 -11.19
C SER C 167 5.49 -19.64 -11.47
N VAL C 168 5.29 -20.03 -12.73
CA VAL C 168 4.78 -21.39 -13.00
C VAL C 168 5.39 -22.23 -14.14
N ALA C 169 6.19 -21.59 -15.01
CA ALA C 169 6.70 -22.28 -16.18
C ALA C 169 8.16 -22.62 -16.13
N ALA C 170 8.48 -23.87 -16.45
CA ALA C 170 9.86 -24.33 -16.50
C ALA C 170 10.66 -23.55 -17.58
N GLN C 171 10.00 -23.21 -18.70
CA GLN C 171 10.64 -22.43 -19.78
C GLN C 171 11.16 -21.05 -19.26
N ALA C 172 10.32 -20.38 -18.47
CA ALA C 172 10.67 -19.08 -17.89
C ALA C 172 11.74 -19.23 -16.81
N VAL C 173 11.55 -20.15 -15.88
CA VAL C 173 12.60 -20.30 -14.86
C VAL C 173 13.93 -20.67 -15.52
N SER C 174 13.94 -21.55 -16.55
CA SER C 174 15.17 -21.92 -17.25
C SER C 174 15.79 -20.72 -18.01
N ALA C 175 14.94 -19.87 -18.57
CA ALA C 175 15.41 -18.64 -19.26
C ALA C 175 16.17 -17.77 -18.26
N VAL C 176 15.69 -17.67 -17.03
CA VAL C 176 16.39 -16.89 -16.01
C VAL C 176 17.78 -17.51 -15.73
N LEU C 177 17.83 -18.84 -15.60
CA LEU C 177 19.11 -19.53 -15.37
C LEU C 177 20.04 -19.37 -16.58
N ALA C 178 19.49 -19.35 -17.79
CA ALA C 178 20.28 -19.15 -19.01
C ALA C 178 21.01 -17.79 -18.95
N ALA C 179 20.27 -16.74 -18.56
CA ALA C 179 20.88 -15.41 -18.40
C ALA C 179 21.92 -15.50 -17.28
N ASN C 180 21.59 -16.25 -16.21
CA ASN C 180 22.52 -16.36 -15.10
C ASN C 180 23.86 -16.94 -15.59
N TYR C 181 23.81 -17.97 -16.44
CA TYR C 181 25.03 -18.57 -17.06
C TYR C 181 25.87 -17.61 -17.89
N ALA C 182 25.20 -16.75 -18.64
CA ALA C 182 25.86 -15.74 -19.46
C ALA C 182 26.52 -14.62 -18.62
N LEU C 183 25.98 -14.41 -17.41
CA LEU C 183 26.48 -13.39 -16.47
C LEU C 183 27.51 -13.95 -15.48
N GLY C 184 28.00 -15.18 -15.71
CA GLY C 184 29.02 -15.80 -14.85
C GLY C 184 28.56 -16.57 -13.63
N GLY C 185 27.25 -16.66 -13.38
CA GLY C 185 26.70 -17.42 -12.25
C GLY C 185 26.29 -18.84 -12.65
N ASP C 186 25.72 -19.56 -11.69
CA ASP C 186 25.29 -20.94 -11.94
C ASP C 186 23.99 -21.20 -11.18
N GLU C 187 23.56 -22.46 -11.17
CA GLU C 187 22.28 -22.85 -10.55
C GLU C 187 22.14 -22.73 -9.01
N LYS C 188 23.21 -22.41 -8.30
CA LYS C 188 23.15 -22.29 -6.84
C LYS C 188 22.77 -20.91 -6.38
N ASP C 189 23.02 -19.89 -7.21
CA ASP C 189 22.73 -18.50 -6.85
C ASP C 189 22.33 -17.68 -8.11
N LEU C 190 21.05 -17.34 -8.21
CA LEU C 190 20.50 -16.57 -9.35
C LEU C 190 20.59 -15.04 -9.23
N SER C 191 21.31 -14.54 -8.20
CA SER C 191 21.47 -13.09 -7.95
C SER C 191 21.85 -12.27 -9.18
N PRO C 192 22.84 -12.75 -9.99
CA PRO C 192 23.21 -11.98 -11.18
C PRO C 192 22.02 -11.73 -12.13
N ALA C 193 21.30 -12.81 -12.44
CA ALA C 193 20.16 -12.69 -13.34
C ALA C 193 19.03 -11.85 -12.74
N LEU C 194 18.86 -11.93 -11.41
CA LEU C 194 17.81 -11.16 -10.76
C LEU C 194 18.07 -9.66 -10.98
N ALA C 195 19.35 -9.26 -10.91
CA ALA C 195 19.72 -7.87 -11.14
C ALA C 195 19.48 -7.43 -12.61
N PHE C 196 19.85 -8.32 -13.53
CA PHE C 196 19.68 -8.12 -14.96
C PHE C 196 18.18 -7.90 -15.21
N PHE C 197 17.33 -8.84 -14.81
CA PHE C 197 15.86 -8.64 -15.01
C PHE C 197 15.26 -7.43 -14.26
N ASN C 198 15.87 -7.05 -13.14
CA ASN C 198 15.42 -5.90 -12.34
C ASN C 198 15.61 -4.63 -13.14
N THR C 199 16.75 -4.53 -13.84
CA THR C 199 17.06 -3.40 -14.71
C THR C 199 15.97 -3.28 -15.82
N LEU C 200 15.63 -4.39 -16.45
CA LEU C 200 14.59 -4.41 -17.48
C LEU C 200 13.21 -4.04 -16.91
N ALA C 201 12.94 -4.45 -15.67
CA ALA C 201 11.66 -4.14 -15.01
C ALA C 201 11.58 -2.62 -14.85
N LYS C 202 12.66 -2.03 -14.31
CA LYS C 202 12.70 -0.58 -14.11
C LYS C 202 12.58 0.19 -15.42
N GLN C 203 13.11 -0.38 -16.51
CA GLN C 203 13.02 0.28 -17.80
C GLN C 203 11.62 0.20 -18.43
N GLY C 204 10.74 -0.61 -17.86
CA GLY C 204 9.37 -0.79 -18.39
C GLY C 204 9.35 -1.77 -19.54
N ARG C 205 10.43 -2.54 -19.71
CA ARG C 205 10.55 -3.46 -20.83
C ARG C 205 10.39 -4.94 -20.49
N LEU C 206 9.96 -5.25 -19.27
CA LEU C 206 9.81 -6.65 -18.86
C LEU C 206 8.37 -7.15 -19.01
N VAL C 207 8.14 -8.08 -19.94
CA VAL C 207 6.80 -8.65 -20.11
C VAL C 207 6.78 -10.00 -19.42
N ASN C 208 5.95 -10.14 -18.38
CA ASN C 208 5.82 -11.38 -17.56
C ASN C 208 4.83 -12.42 -18.06
N ASN C 209 4.86 -12.67 -19.36
CA ASN C 209 3.96 -13.63 -19.99
C ASN C 209 4.86 -14.55 -20.77
N ASP C 210 4.30 -15.67 -21.21
CA ASP C 210 5.05 -16.62 -22.00
C ASP C 210 4.78 -16.21 -23.43
N VAL C 211 5.67 -16.64 -24.31
CA VAL C 211 5.53 -16.39 -25.71
C VAL C 211 4.43 -17.35 -26.18
N SER C 212 3.46 -16.85 -26.95
CA SER C 212 2.37 -17.68 -27.49
C SER C 212 2.27 -17.50 -28.98
N ILE C 213 1.71 -18.51 -29.66
CA ILE C 213 1.46 -18.37 -31.10
C ILE C 213 0.53 -17.19 -31.38
N ALA C 214 -0.55 -17.06 -30.61
CA ALA C 214 -1.51 -15.94 -30.81
C ALA C 214 -0.83 -14.56 -30.76
N ASN C 215 0.09 -14.37 -29.81
CA ASN C 215 0.80 -13.08 -29.69
C ASN C 215 1.89 -12.86 -30.73
N LEU C 216 2.45 -13.95 -31.26
CA LEU C 216 3.41 -13.85 -32.35
C LEU C 216 2.62 -13.46 -33.60
N GLU C 217 1.42 -14.02 -33.74
CA GLU C 217 0.54 -13.70 -34.89
C GLU C 217 0.17 -12.22 -34.79
N LYS C 218 -0.28 -11.78 -33.61
CA LYS C 218 -0.61 -10.36 -33.38
C LYS C 218 0.62 -9.42 -33.54
N GLY C 219 1.82 -10.00 -33.53
CA GLY C 219 3.05 -9.24 -33.71
C GLY C 219 3.44 -8.48 -32.45
N GLU C 220 2.88 -8.89 -31.32
CA GLU C 220 3.12 -8.23 -30.04
C GLU C 220 4.43 -8.62 -29.37
N VAL C 221 4.95 -9.81 -29.65
CA VAL C 221 6.24 -10.22 -29.10
C VAL C 221 7.27 -9.44 -29.90
N GLU C 222 8.25 -8.86 -29.20
CA GLU C 222 9.32 -8.08 -29.84
C GLU C 222 10.52 -9.00 -29.74
N VAL C 223 11.01 -9.21 -28.53
CA VAL C 223 12.01 -10.24 -28.27
C VAL C 223 11.39 -11.16 -27.22
N GLY C 224 11.37 -12.46 -27.48
CA GLY C 224 10.87 -13.43 -26.53
C GLY C 224 11.96 -14.43 -26.16
N LEU C 225 11.84 -14.99 -24.97
CA LEU C 225 12.78 -15.99 -24.48
C LEU C 225 12.07 -17.33 -24.52
N VAL C 226 12.58 -18.24 -25.34
CA VAL C 226 11.94 -19.57 -25.49
C VAL C 226 12.93 -20.68 -25.75
N TRP C 227 12.49 -21.94 -25.65
CA TRP C 227 13.35 -23.07 -25.98
C TRP C 227 13.56 -22.99 -27.48
N ASP C 228 14.73 -23.36 -27.96
CA ASP C 228 15.00 -23.28 -29.36
C ASP C 228 13.96 -24.03 -30.19
N PHE C 229 13.50 -25.18 -29.72
CA PHE C 229 12.46 -25.94 -30.47
C PHE C 229 11.12 -25.19 -30.61
N ASN C 230 10.75 -24.40 -29.62
CA ASN C 230 9.50 -23.59 -29.72
C ASN C 230 9.76 -22.39 -30.61
N GLY C 231 10.97 -21.84 -30.53
CA GLY C 231 11.32 -20.70 -31.36
C GLY C 231 11.18 -21.07 -32.81
N LEU C 232 11.75 -22.23 -33.17
CA LEU C 232 11.73 -22.75 -34.53
C LEU C 232 10.34 -23.21 -34.96
N GLY C 233 9.64 -23.86 -34.02
CA GLY C 233 8.28 -24.36 -34.28
C GLY C 233 7.29 -23.24 -34.48
N TYR C 234 7.28 -22.27 -33.57
CA TYR C 234 6.35 -21.14 -33.67
C TYR C 234 6.61 -20.30 -34.96
N ARG C 235 7.89 -20.10 -35.25
CA ARG C 235 8.35 -19.40 -36.45
C ARG C 235 7.71 -20.00 -37.74
N ASP C 236 7.67 -21.34 -37.81
CA ASP C 236 7.05 -22.03 -38.97
C ASP C 236 5.57 -21.70 -39.09
N LYS C 237 4.86 -21.85 -37.97
CA LYS C 237 3.42 -21.61 -37.87
C LYS C 237 2.99 -20.20 -38.29
N VAL C 238 3.71 -19.19 -37.82
CA VAL C 238 3.34 -17.79 -38.10
C VAL C 238 3.99 -17.19 -39.34
N GLY C 239 5.27 -17.50 -39.59
CA GLY C 239 5.99 -16.97 -40.76
C GLY C 239 7.47 -16.79 -40.46
N LYS C 240 8.31 -17.61 -41.09
CA LYS C 240 9.76 -17.57 -40.87
C LYS C 240 10.45 -16.24 -41.13
N ASP C 241 10.01 -15.50 -42.15
CA ASP C 241 10.58 -14.20 -42.45
C ASP C 241 10.15 -13.09 -41.50
N ARG C 242 9.23 -13.37 -40.57
CA ARG C 242 8.84 -12.38 -39.58
C ARG C 242 9.69 -12.47 -38.29
N TYR C 243 10.14 -13.68 -37.95
CA TYR C 243 10.91 -13.89 -36.71
C TYR C 243 12.25 -14.62 -36.89
N GLU C 244 13.31 -14.10 -36.30
CA GLU C 244 14.61 -14.74 -36.32
C GLU C 244 14.73 -15.42 -34.94
N VAL C 245 15.34 -16.61 -34.95
CA VAL C 245 15.56 -17.41 -33.76
C VAL C 245 17.07 -17.68 -33.65
N LEU C 246 17.60 -17.44 -32.46
CA LEU C 246 19.02 -17.63 -32.26
C LEU C 246 19.36 -17.97 -30.82
N ILE C 247 20.55 -18.51 -30.65
CA ILE C 247 21.03 -18.87 -29.33
C ILE C 247 21.96 -17.73 -28.89
N PRO C 248 21.72 -17.17 -27.69
CA PRO C 248 22.62 -16.10 -27.27
C PRO C 248 24.07 -16.63 -27.15
N ALA C 249 24.99 -15.86 -27.73
CA ALA C 249 26.39 -16.22 -27.81
C ALA C 249 27.16 -16.19 -26.49
N ASP C 250 26.74 -15.35 -25.55
CA ASP C 250 27.42 -15.25 -24.26
C ASP C 250 27.00 -16.33 -23.23
N GLY C 251 26.05 -17.19 -23.60
CA GLY C 251 25.62 -18.26 -22.71
C GLY C 251 24.15 -18.63 -22.80
N SER C 252 23.88 -19.92 -22.61
CA SER C 252 22.53 -20.43 -22.56
C SER C 252 22.55 -21.74 -21.76
N VAL C 253 21.36 -22.22 -21.44
CA VAL C 253 21.17 -23.45 -20.68
C VAL C 253 20.47 -24.53 -21.51
N ILE C 254 20.89 -25.76 -21.29
CA ILE C 254 20.32 -26.94 -21.90
C ILE C 254 19.53 -27.62 -20.79
N SER C 255 18.28 -27.95 -21.05
CA SER C 255 17.48 -28.69 -20.05
C SER C 255 16.43 -29.44 -20.82
N GLY C 256 15.52 -30.12 -20.11
CA GLY C 256 14.51 -30.93 -20.79
C GLY C 256 13.23 -31.12 -20.00
N TYR C 257 12.32 -31.87 -20.61
CA TYR C 257 10.99 -32.14 -20.06
C TYR C 257 10.76 -33.61 -19.84
N THR C 258 9.97 -33.88 -18.80
CA THR C 258 9.58 -35.22 -18.43
C THR C 258 8.07 -35.36 -18.41
N THR C 259 7.55 -36.44 -18.97
CA THR C 259 6.15 -36.69 -18.83
C THR C 259 5.94 -37.10 -17.35
N ILE C 260 4.70 -37.01 -16.89
CA ILE C 260 4.32 -37.49 -15.56
C ILE C 260 3.02 -38.28 -15.73
N ILE C 261 3.03 -39.52 -15.22
CA ILE C 261 1.85 -40.34 -15.22
C ILE C 261 1.14 -39.92 -13.93
N ASN C 262 -0.04 -39.36 -14.07
CA ASN C 262 -0.81 -38.91 -12.93
C ASN C 262 -1.06 -40.11 -12.02
N LYS C 263 -0.59 -40.05 -10.78
CA LYS C 263 -0.94 -41.07 -9.77
C LYS C 263 -2.44 -41.44 -9.86
N TYR C 264 -3.29 -40.42 -10.01
CA TYR C 264 -4.75 -40.59 -10.02
C TYR C 264 -5.46 -40.60 -11.39
N ALA C 265 -4.76 -41.00 -12.45
CA ALA C 265 -5.35 -41.04 -13.81
C ALA C 265 -6.58 -41.98 -13.95
N LYS C 266 -7.57 -41.53 -14.73
CA LYS C 266 -8.74 -42.33 -15.07
C LYS C 266 -8.36 -43.29 -16.20
N HIS C 267 -7.39 -42.92 -17.02
CA HIS C 267 -6.97 -43.77 -18.14
C HIS C 267 -5.45 -44.06 -17.96
N PRO C 268 -5.05 -44.75 -16.87
CA PRO C 268 -3.61 -45.01 -16.58
C PRO C 268 -2.87 -45.90 -17.58
N ASN C 269 -3.57 -46.84 -18.19
CA ASN C 269 -2.95 -47.71 -19.17
C ASN C 269 -2.62 -46.88 -20.41
N ALA C 270 -3.59 -46.04 -20.83
CA ALA C 270 -3.45 -45.16 -21.99
C ALA C 270 -2.30 -44.17 -21.80
N ALA C 271 -2.18 -43.66 -20.56
CA ALA C 271 -1.12 -42.75 -20.17
C ALA C 271 0.25 -43.43 -20.27
N LYS C 272 0.33 -44.63 -19.69
CA LYS C 272 1.55 -45.39 -19.72
C LYS C 272 1.92 -45.72 -21.17
N LEU C 273 0.92 -46.16 -21.94
CA LEU C 273 1.13 -46.44 -23.36
C LEU C 273 1.68 -45.17 -24.06
N ALA C 274 1.10 -44.02 -23.79
CA ALA C 274 1.57 -42.77 -24.40
C ALA C 274 3.05 -42.55 -24.08
N ARG C 275 3.41 -42.72 -22.80
CA ARG C 275 4.79 -42.62 -22.36
C ARG C 275 5.69 -43.65 -23.05
N GLU C 276 5.24 -44.91 -23.17
CA GLU C 276 6.01 -45.91 -23.88
C GLU C 276 6.23 -45.42 -25.32
N PHE C 277 5.14 -44.97 -25.96
CA PHE C 277 5.21 -44.50 -27.36
C PHE C 277 6.10 -43.26 -27.56
N ILE C 278 6.02 -42.32 -26.65
CA ILE C 278 6.82 -41.07 -26.71
C ILE C 278 8.31 -41.39 -26.68
N LEU C 279 8.69 -42.36 -25.82
CA LEU C 279 10.08 -42.86 -25.74
C LEU C 279 10.43 -43.83 -26.91
N SER C 280 9.45 -44.32 -27.69
CA SER C 280 9.80 -45.26 -28.81
C SER C 280 10.46 -44.51 -29.97
N ASP C 281 10.99 -45.25 -30.95
CA ASP C 281 11.65 -44.63 -32.12
C ASP C 281 10.82 -43.57 -32.81
N LYS C 282 9.59 -43.94 -33.14
CA LYS C 282 8.72 -43.04 -33.86
C LYS C 282 8.40 -41.75 -33.05
N GLY C 283 8.19 -41.92 -31.74
CA GLY C 283 7.86 -40.80 -30.86
C GLY C 283 9.05 -39.85 -30.69
N GLN C 284 10.25 -40.41 -30.68
CA GLN C 284 11.48 -39.63 -30.57
C GLN C 284 11.71 -38.89 -31.88
N ILE C 285 11.36 -39.57 -32.97
CA ILE C 285 11.50 -39.00 -34.32
C ILE C 285 10.54 -37.81 -34.43
N ASN C 286 9.33 -37.96 -33.88
CA ASN C 286 8.33 -36.89 -33.89
C ASN C 286 8.84 -35.66 -33.14
N LEU C 287 9.50 -35.89 -32.01
CA LEU C 287 10.06 -34.81 -31.23
C LEU C 287 11.10 -34.10 -32.10
N ALA C 288 11.94 -34.91 -32.78
CA ALA C 288 12.97 -34.42 -33.69
C ALA C 288 12.37 -33.55 -34.82
N LYS C 289 11.24 -33.97 -35.37
CA LYS C 289 10.56 -33.18 -36.41
C LYS C 289 10.04 -31.84 -35.85
N GLY C 290 9.78 -31.82 -34.54
CA GLY C 290 9.40 -30.64 -33.83
C GLY C 290 10.57 -29.80 -33.34
N TYR C 291 11.78 -30.10 -33.82
CA TYR C 291 13.00 -29.36 -33.49
C TYR C 291 13.65 -29.66 -32.13
N ALA C 292 13.05 -30.57 -31.34
CA ALA C 292 13.66 -30.92 -30.04
C ALA C 292 14.71 -32.02 -30.27
N ARG C 293 15.63 -32.17 -29.32
CA ARG C 293 16.64 -33.20 -29.38
C ARG C 293 16.09 -34.40 -28.60
N PRO C 294 15.71 -35.47 -29.32
CA PRO C 294 15.20 -36.62 -28.61
C PRO C 294 16.24 -37.20 -27.63
N ILE C 295 15.77 -37.62 -26.45
CA ILE C 295 16.69 -38.21 -25.45
C ILE C 295 17.39 -39.49 -25.97
N ARG C 296 16.75 -40.22 -26.88
CA ARG C 296 17.34 -41.44 -27.43
C ARG C 296 18.01 -41.25 -28.79
N ILE C 297 18.35 -40.02 -29.12
CA ILE C 297 19.00 -39.70 -30.39
C ILE C 297 20.07 -40.72 -30.82
N ASP C 298 20.90 -41.19 -29.89
CA ASP C 298 21.97 -42.17 -30.22
C ASP C 298 21.47 -43.57 -30.59
N HIS C 299 20.16 -43.82 -30.43
CA HIS C 299 19.55 -45.14 -30.66
C HIS C 299 18.43 -45.17 -31.70
N ILE C 300 18.35 -44.14 -32.53
CA ILE C 300 17.33 -44.02 -33.55
C ILE C 300 18.02 -43.41 -34.77
N THR C 301 17.40 -43.51 -35.95
CA THR C 301 17.99 -42.91 -37.13
C THR C 301 17.10 -41.77 -37.59
N LEU C 302 17.65 -40.56 -37.54
CA LEU C 302 16.90 -39.36 -37.92
C LEU C 302 16.77 -39.18 -39.42
N PRO C 303 15.56 -38.78 -39.88
CA PRO C 303 15.43 -38.54 -41.31
C PRO C 303 16.29 -37.33 -41.75
N ASP C 304 16.60 -37.28 -43.04
CA ASP C 304 17.40 -36.18 -43.62
C ASP C 304 16.64 -34.84 -43.71
N ASP C 305 15.34 -34.84 -43.42
CA ASP C 305 14.52 -33.62 -43.45
C ASP C 305 14.75 -32.65 -42.29
N ILE C 306 15.50 -33.08 -41.27
CA ILE C 306 15.68 -32.28 -40.04
C ILE C 306 16.92 -31.40 -39.87
N LYS C 307 18.13 -31.97 -40.00
CA LYS C 307 19.38 -31.21 -39.73
C LYS C 307 19.51 -29.83 -40.38
N ALA C 308 19.17 -29.75 -41.67
CA ALA C 308 19.26 -28.49 -42.39
C ALA C 308 18.37 -27.39 -41.79
N LYS C 309 17.26 -27.75 -41.14
CA LYS C 309 16.37 -26.73 -40.55
C LYS C 309 16.68 -26.31 -39.10
N LEU C 310 17.64 -26.98 -38.45
CA LEU C 310 18.08 -26.61 -37.08
C LEU C 310 18.98 -25.38 -37.12
N LEU C 311 19.30 -24.82 -35.97
CA LEU C 311 20.15 -23.65 -35.96
C LEU C 311 21.61 -24.09 -36.20
N PRO C 312 22.44 -23.21 -36.81
CA PRO C 312 23.87 -23.52 -36.96
C PRO C 312 24.50 -23.91 -35.58
N SER C 313 25.31 -24.96 -35.59
CA SER C 313 25.98 -25.49 -34.41
C SER C 313 26.82 -24.48 -33.65
N GLU C 314 27.44 -23.56 -34.37
CA GLU C 314 28.26 -22.49 -33.82
C GLU C 314 27.57 -21.69 -32.70
N GLN C 315 26.27 -21.51 -32.85
CA GLN C 315 25.49 -20.74 -31.88
C GLN C 315 25.46 -21.33 -30.47
N TYR C 316 25.70 -22.65 -30.38
CA TYR C 316 25.68 -23.39 -29.14
C TYR C 316 27.00 -23.41 -28.37
N LYS C 317 28.01 -22.67 -28.85
CA LYS C 317 29.34 -22.56 -28.23
C LYS C 317 29.32 -22.41 -26.71
N ASN C 318 28.39 -21.61 -26.20
CA ASN C 318 28.28 -21.40 -24.77
C ASN C 318 26.96 -21.89 -24.17
N ALA C 319 26.35 -22.90 -24.79
CA ALA C 319 25.13 -23.55 -24.23
C ALA C 319 25.62 -24.70 -23.37
N ARG C 320 25.19 -24.76 -22.11
CA ARG C 320 25.64 -25.81 -21.17
C ARG C 320 24.52 -26.40 -20.35
N ALA C 321 24.77 -27.64 -19.92
CA ALA C 321 23.86 -28.39 -19.10
C ALA C 321 23.95 -27.90 -17.65
N ILE C 322 22.99 -28.34 -16.86
CA ILE C 322 22.95 -28.00 -15.44
C ILE C 322 23.72 -29.13 -14.75
N LYS C 323 24.83 -28.81 -14.07
CA LYS C 323 25.64 -29.84 -13.42
C LYS C 323 25.15 -30.36 -12.05
N ASP C 324 24.44 -29.54 -11.28
CA ASP C 324 23.96 -29.96 -9.94
C ASP C 324 22.42 -29.97 -9.92
N GLN C 325 21.82 -31.15 -10.17
CA GLN C 325 20.36 -31.29 -10.24
C GLN C 325 19.66 -30.80 -9.01
N LYS C 326 20.20 -31.18 -7.85
CA LYS C 326 19.58 -30.84 -6.56
C LYS C 326 19.55 -29.34 -6.29
N ALA C 327 20.69 -28.68 -6.53
CA ALA C 327 20.78 -27.22 -6.35
C ALA C 327 19.80 -26.51 -7.31
N TRP C 328 19.68 -26.98 -8.56
CA TRP C 328 18.74 -26.36 -9.49
C TRP C 328 17.29 -26.58 -9.00
N GLU C 329 16.94 -27.80 -8.57
CA GLU C 329 15.60 -28.07 -8.02
C GLU C 329 15.28 -27.06 -6.91
N LYS C 330 16.25 -26.80 -6.04
CA LYS C 330 16.11 -25.86 -4.95
C LYS C 330 15.93 -24.41 -5.40
N SER C 331 16.86 -23.91 -6.23
CA SER C 331 16.78 -22.53 -6.73
C SER C 331 15.55 -22.35 -7.61
N ALA C 332 15.22 -23.34 -8.45
CA ALA C 332 14.02 -23.21 -9.28
C ALA C 332 12.74 -23.10 -8.42
N LYS C 333 12.69 -23.88 -7.33
CA LYS C 333 11.53 -23.81 -6.41
C LYS C 333 11.45 -22.42 -5.70
N GLU C 334 12.61 -21.84 -5.36
CA GLU C 334 12.72 -20.51 -4.70
C GLU C 334 12.52 -19.30 -5.62
N LEU C 335 12.70 -19.50 -6.92
CA LEU C 335 12.66 -18.40 -7.86
C LEU C 335 11.34 -17.62 -7.90
N PRO C 336 10.18 -18.31 -7.84
CA PRO C 336 8.92 -17.55 -7.89
C PRO C 336 8.84 -16.40 -6.85
N GLN C 337 9.21 -16.67 -5.60
CA GLN C 337 9.17 -15.64 -4.53
C GLN C 337 10.27 -14.58 -4.75
N LEU C 338 11.48 -15.02 -5.11
CA LEU C 338 12.61 -14.09 -5.40
C LEU C 338 12.24 -13.18 -6.60
N TRP C 339 11.56 -13.73 -7.59
CA TRP C 339 11.15 -12.94 -8.75
C TRP C 339 10.19 -11.84 -8.29
N GLN C 340 9.19 -12.23 -7.51
CA GLN C 340 8.22 -11.30 -6.95
C GLN C 340 8.91 -10.19 -6.12
N GLU C 341 9.85 -10.58 -5.29
CA GLU C 341 10.51 -9.68 -4.36
C GLU C 341 11.66 -8.83 -4.89
N LYS C 342 12.41 -9.31 -5.88
CA LYS C 342 13.56 -8.57 -6.42
C LYS C 342 13.37 -8.02 -7.84
N VAL C 343 12.36 -8.49 -8.56
CA VAL C 343 12.12 -8.02 -9.93
C VAL C 343 10.77 -7.30 -10.05
N ILE C 344 9.67 -8.00 -9.81
CA ILE C 344 8.33 -7.41 -9.92
C ILE C 344 8.14 -6.15 -9.10
N VAL C 345 8.77 -6.10 -7.91
CA VAL C 345 8.70 -4.92 -7.03
C VAL C 345 9.11 -3.61 -7.73
N ASP C 346 10.03 -3.71 -8.70
CA ASP C 346 10.55 -2.55 -9.46
C ASP C 346 9.96 -2.34 -10.89
N LYS C 348 8.00 -0.85 -13.79
CA LYS C 348 7.63 0.55 -14.04
C LYS C 348 6.09 0.59 -14.26
N GLN D 20 19.13 -10.27 1.96
CA GLN D 20 19.03 -11.37 2.99
C GLN D 20 17.56 -11.62 3.39
N ALA D 21 17.16 -12.89 3.44
CA ALA D 21 15.75 -13.26 3.70
C ALA D 21 15.13 -12.75 5.00
N ILE D 22 14.08 -11.93 4.89
CA ILE D 22 13.39 -11.43 6.07
C ILE D 22 12.55 -12.58 6.66
N ASP D 23 12.51 -12.61 7.98
CA ASP D 23 11.83 -13.64 8.73
C ASP D 23 10.34 -13.67 8.36
N GLU D 24 9.89 -14.83 7.92
CA GLU D 24 8.50 -15.04 7.50
C GLU D 24 7.51 -14.63 8.61
N ASN D 25 7.74 -15.11 9.84
CA ASN D 25 6.88 -14.79 10.97
C ASN D 25 6.83 -13.28 11.33
N LEU D 26 7.93 -12.57 11.11
CA LEU D 26 7.95 -11.14 11.36
C LEU D 26 7.04 -10.45 10.35
N ILE D 27 7.16 -10.84 9.08
CA ILE D 27 6.30 -10.30 8.04
C ILE D 27 4.81 -10.55 8.42
N LYS D 28 4.47 -11.79 8.75
CA LYS D 28 3.08 -12.15 9.13
C LYS D 28 2.60 -11.38 10.33
N ALA D 29 3.48 -11.23 11.34
CA ALA D 29 3.13 -10.46 12.52
C ALA D 29 2.89 -8.98 12.14
N ALA D 30 3.74 -8.40 11.28
CA ALA D 30 3.55 -7.01 10.83
C ALA D 30 2.25 -6.86 10.00
N GLN D 31 1.97 -7.85 9.17
CA GLN D 31 0.73 -7.85 8.35
C GLN D 31 -0.52 -7.89 9.21
N ALA D 32 -0.50 -8.64 10.31
CA ALA D 32 -1.66 -8.71 11.24
C ALA D 32 -1.90 -7.32 11.84
N GLU D 33 -0.81 -6.59 12.14
CA GLU D 33 -0.91 -5.21 12.61
C GLU D 33 -1.47 -4.35 11.47
N GLY D 34 -0.89 -4.49 10.27
CA GLY D 34 -1.43 -3.84 9.11
C GLY D 34 -0.87 -2.54 8.65
N ARG D 35 -0.15 -1.85 9.54
CA ARG D 35 0.44 -0.58 9.21
C ARG D 35 1.57 -0.23 10.20
N VAL D 36 2.34 0.79 9.86
CA VAL D 36 3.40 1.34 10.73
C VAL D 36 3.25 2.89 10.67
N ASN D 37 3.14 3.52 11.84
CA ASN D 37 3.05 4.96 11.94
C ASN D 37 4.42 5.45 12.31
N SER D 38 4.89 6.46 11.59
CA SER D 38 6.20 6.97 11.87
C SER D 38 6.16 8.41 12.35
N LEU D 39 7.20 8.77 13.09
CA LEU D 39 7.45 10.13 13.47
C LEU D 39 8.74 10.59 12.73
N ALA D 40 8.67 11.74 12.08
CA ALA D 40 9.85 12.36 11.48
C ALA D 40 10.51 11.62 10.34
N PRO D 42 9.23 11.93 6.82
CA PRO D 42 8.41 12.40 5.70
C PRO D 42 9.03 11.95 4.38
N ASP D 43 8.19 11.88 3.35
CA ASP D 43 8.61 11.42 2.02
C ASP D 43 9.76 12.24 1.48
N THR D 44 9.84 13.51 1.86
CA THR D 44 10.85 14.45 1.39
C THR D 44 12.25 14.34 2.03
N TRP D 45 12.40 13.56 3.09
CA TRP D 45 13.71 13.40 3.77
C TRP D 45 14.40 12.09 3.35
N ALA D 46 15.50 12.22 2.62
CA ALA D 46 16.33 11.09 2.18
C ALA D 46 15.59 9.93 1.51
N ASN D 47 14.60 10.29 0.71
CA ASN D 47 13.78 9.38 -0.06
C ASN D 47 13.11 8.27 0.75
N TRP D 48 12.52 8.64 1.90
CA TRP D 48 11.80 7.67 2.66
C TRP D 48 10.59 7.21 1.84
N LYS D 49 10.18 8.08 0.91
CA LYS D 49 9.05 7.87 0.00
C LYS D 49 9.15 6.49 -0.64
N ASP D 50 10.30 6.17 -1.24
CA ASP D 50 10.48 4.87 -1.90
C ASP D 50 10.37 3.68 -0.94
N THR D 51 10.86 3.84 0.29
CA THR D 51 10.81 2.79 1.30
C THR D 51 9.37 2.50 1.78
N TRP D 52 8.58 3.55 2.02
CA TRP D 52 7.20 3.34 2.42
C TRP D 52 6.43 2.65 1.28
N ALA D 53 6.71 3.03 0.03
CA ALA D 53 6.05 2.42 -1.14
C ALA D 53 6.47 0.95 -1.24
N ASP D 54 7.75 0.65 -1.01
CA ASP D 54 8.25 -0.72 -1.11
C ASP D 54 7.59 -1.62 -0.04
N LEU D 55 7.48 -1.14 1.19
CA LEU D 55 6.80 -1.92 2.24
C LEU D 55 5.34 -2.19 1.90
N LYS D 56 4.67 -1.19 1.34
CA LYS D 56 3.27 -1.37 0.92
C LYS D 56 3.23 -2.36 -0.26
N ASN D 57 4.11 -2.19 -1.26
CA ASN D 57 4.12 -3.05 -2.46
C ASN D 57 4.44 -4.53 -2.12
N LEU D 58 5.49 -4.72 -1.35
CA LEU D 58 5.95 -6.03 -0.96
C LEU D 58 5.17 -6.79 0.11
N TYR D 59 4.76 -6.09 1.16
CA TYR D 59 4.13 -6.70 2.31
C TYR D 59 2.74 -6.22 2.63
N ASP D 60 2.19 -5.31 1.81
CA ASP D 60 0.84 -4.80 2.01
C ASP D 60 0.71 -4.07 3.37
N ILE D 61 1.78 -3.36 3.76
CA ILE D 61 1.81 -2.59 5.01
C ILE D 61 1.57 -1.12 4.70
N GLU D 62 0.55 -0.52 5.32
CA GLU D 62 0.21 0.89 5.12
C GLU D 62 1.05 1.72 6.05
N HIS D 63 1.00 3.03 5.89
CA HIS D 63 1.84 3.93 6.66
C HIS D 63 1.38 5.37 6.61
N SER D 64 1.60 6.09 7.71
CA SER D 64 1.38 7.54 7.77
C SER D 64 2.47 8.06 8.67
N ASP D 65 2.86 9.31 8.45
CA ASP D 65 3.95 9.96 9.16
C ASP D 65 3.49 11.26 9.77
N THR D 66 4.09 11.65 10.91
CA THR D 66 3.86 12.98 11.50
C THR D 66 5.28 13.59 11.63
N ASP D 67 5.56 14.66 10.89
CA ASP D 67 6.92 15.22 10.88
C ASP D 67 7.17 16.08 12.11
N SER D 69 10.86 17.26 14.99
CA SER D 69 12.29 17.17 15.29
C SER D 69 12.68 16.09 16.30
N SER D 70 13.96 15.69 16.28
CA SER D 70 14.46 14.63 17.16
C SER D 70 13.99 14.70 18.63
N ALA D 71 14.24 15.80 19.32
CA ALA D 71 13.77 15.94 20.73
C ALA D 71 12.24 15.78 20.88
N GLN D 72 11.50 16.30 19.91
CA GLN D 72 10.05 16.19 19.95
C GLN D 72 9.59 14.74 19.78
N GLU D 73 10.28 13.95 18.95
CA GLU D 73 9.91 12.53 18.78
C GLU D 73 10.03 11.74 20.10
N ILE D 74 11.13 11.96 20.82
CA ILE D 74 11.38 11.28 22.10
C ILE D 74 10.31 11.65 23.13
N ALA D 75 10.04 12.94 23.29
CA ALA D 75 9.00 13.41 24.24
C ALA D 75 7.62 12.87 23.81
N LYS D 76 7.33 12.89 22.52
CA LYS D 76 6.05 12.38 22.06
C LYS D 76 5.86 10.90 22.48
N PHE D 77 6.86 10.06 22.19
CA PHE D 77 6.85 8.64 22.61
C PHE D 77 6.63 8.50 24.11
N LYS D 78 7.35 9.32 24.87
CA LYS D 78 7.28 9.25 26.33
C LYS D 78 5.93 9.70 26.87
N THR D 79 5.43 10.82 26.35
CA THR D 79 4.17 11.39 26.79
C THR D 79 2.98 10.55 26.40
N GLU D 80 2.99 9.91 25.24
CA GLU D 80 1.84 9.11 24.81
C GLU D 80 1.79 7.65 25.30
N LYS D 81 2.97 7.10 25.61
CA LYS D 81 3.13 5.69 25.99
C LYS D 81 2.29 4.73 25.18
N LYS D 82 1.52 3.86 25.85
CA LYS D 82 0.78 2.80 25.15
C LYS D 82 -0.28 3.25 24.11
N ASN D 83 -0.87 4.46 24.25
CA ASN D 83 -1.80 5.04 23.24
C ASN D 83 -0.96 5.87 22.27
N ALA D 84 -0.08 5.16 21.58
CA ALA D 84 0.92 5.74 20.72
C ALA D 84 0.50 6.22 19.33
N SER D 85 0.89 7.45 18.98
CA SER D 85 0.62 7.99 17.65
C SER D 85 1.74 7.54 16.71
N GLY D 86 2.90 7.19 17.26
CA GLY D 86 4.04 6.72 16.50
C GLY D 86 4.58 5.37 16.90
N ASP D 87 5.07 4.60 15.94
CA ASP D 87 5.68 3.30 16.21
C ASP D 87 7.20 3.29 16.01
N ILE D 88 7.67 4.10 15.06
CA ILE D 88 9.09 4.20 14.70
C ILE D 88 9.35 5.69 14.42
N GLY D 89 10.52 6.15 14.85
CA GLY D 89 10.97 7.52 14.60
C GLY D 89 12.37 7.47 14.08
N ASP D 90 12.92 8.62 13.68
CA ASP D 90 14.30 8.71 13.14
C ASP D 90 14.91 9.92 13.83
N VAL D 91 15.98 9.69 14.60
CA VAL D 91 16.62 10.79 15.34
C VAL D 91 18.09 10.90 15.04
N GLY D 92 18.68 12.06 15.33
CA GLY D 92 20.13 12.25 15.12
C GLY D 92 20.94 11.34 16.01
N ALA D 93 22.18 11.12 15.62
CA ALA D 93 23.13 10.27 16.36
C ALA D 93 23.31 10.66 17.82
N SER D 94 23.23 11.97 18.14
CA SER D 94 23.39 12.41 19.50
C SER D 94 22.16 12.12 20.37
N PHE D 95 21.04 11.73 19.75
CA PHE D 95 19.78 11.41 20.45
C PHE D 95 19.52 9.93 20.74
N GLY D 96 20.29 9.02 20.16
CA GLY D 96 20.12 7.60 20.44
C GLY D 96 20.18 7.32 21.93
N GLU D 97 21.22 7.81 22.60
CA GLU D 97 21.37 7.57 24.03
C GLU D 97 20.30 8.25 24.85
N ILE D 98 19.82 9.40 24.38
CA ILE D 98 18.70 10.07 25.05
C ILE D 98 17.45 9.20 24.98
N ALA D 99 17.13 8.66 23.82
CA ALA D 99 15.95 7.82 23.72
C ALA D 99 16.02 6.67 24.73
N VAL D 100 17.20 6.07 24.80
CA VAL D 100 17.41 4.95 25.70
C VAL D 100 17.24 5.38 27.17
N LYS D 101 17.89 6.46 27.58
CA LYS D 101 17.78 6.88 28.98
C LYS D 101 16.36 7.37 29.31
N GLN D 102 15.60 7.83 28.30
CA GLN D 102 14.21 8.24 28.52
C GLN D 102 13.26 7.04 28.60
N GLY D 103 13.74 5.84 28.29
CA GLY D 103 12.93 4.63 28.35
C GLY D 103 11.94 4.49 27.20
N VAL D 104 12.26 4.98 26.00
CA VAL D 104 11.31 4.93 24.86
C VAL D 104 11.73 4.02 23.69
N ALA D 105 12.90 3.41 23.81
CA ALA D 105 13.45 2.53 22.77
C ALA D 105 13.32 1.06 23.10
N GLN D 106 13.10 0.24 22.10
CA GLN D 106 13.15 -1.19 22.29
C GLN D 106 14.16 -1.72 21.29
N PRO D 107 14.87 -2.80 21.63
CA PRO D 107 15.91 -3.24 20.71
C PRO D 107 15.51 -4.15 19.55
N PHE D 108 16.27 -4.05 18.48
CA PHE D 108 16.10 -4.86 17.27
C PHE D 108 17.36 -4.59 16.45
N LYS D 109 18.32 -5.50 16.51
CA LYS D 109 19.60 -5.30 15.81
C LYS D 109 19.57 -5.43 14.29
N THR D 110 18.57 -6.15 13.77
CA THR D 110 18.37 -6.47 12.35
C THR D 110 19.36 -7.59 12.00
N SER D 111 19.12 -8.29 10.88
CA SER D 111 20.02 -9.34 10.41
C SER D 111 21.35 -8.77 9.88
N TYR D 112 21.40 -7.45 9.67
CA TYR D 112 22.57 -6.77 9.13
C TYR D 112 23.49 -6.19 10.18
N TRP D 113 23.16 -6.36 11.46
CA TRP D 113 23.98 -5.83 12.57
C TRP D 113 25.49 -5.90 12.40
N ASP D 114 26.03 -7.05 12.02
CA ASP D 114 27.49 -7.17 11.89
C ASP D 114 28.12 -6.27 10.83
N GLN D 115 27.35 -5.84 9.82
CA GLN D 115 27.90 -4.94 8.81
C GLN D 115 27.71 -3.46 9.15
N ILE D 116 27.08 -3.16 10.29
CA ILE D 116 26.91 -1.80 10.74
C ILE D 116 28.14 -1.54 11.62
N PRO D 117 28.89 -0.46 11.35
CA PRO D 117 30.09 -0.18 12.17
C PRO D 117 29.90 -0.05 13.68
N THR D 118 30.95 -0.34 14.44
CA THR D 118 30.86 -0.26 15.90
C THR D 118 30.50 1.16 16.36
N TRP D 119 31.09 2.16 15.71
CA TRP D 119 30.84 3.59 16.03
C TRP D 119 29.45 4.07 15.60
N ALA D 120 28.71 3.25 14.87
CA ALA D 120 27.41 3.66 14.35
C ALA D 120 26.26 2.97 15.05
N LYS D 121 26.48 2.37 16.21
CA LYS D 121 25.39 1.66 16.90
C LYS D 121 25.66 1.55 18.41
N ASP D 122 24.63 1.22 19.20
CA ASP D 122 24.85 1.00 20.66
C ASP D 122 25.34 -0.47 20.79
N LYS D 123 25.19 -1.08 21.98
CA LYS D 123 25.60 -2.47 22.17
C LYS D 123 24.44 -3.46 21.99
N ASP D 124 23.22 -3.05 22.36
CA ASP D 124 22.06 -3.94 22.37
C ASP D 124 21.03 -3.87 21.24
N GLY D 125 21.21 -2.95 20.29
CA GLY D 125 20.28 -2.82 19.18
C GLY D 125 19.16 -1.82 19.31
N ASN D 126 19.25 -0.97 20.34
CA ASN D 126 18.26 0.11 20.54
C ASN D 126 18.41 1.18 19.47
N TRP D 127 19.65 1.47 19.06
CA TRP D 127 19.92 2.44 18.02
C TRP D 127 21.06 2.00 17.10
N LEU D 128 20.93 2.40 15.84
CA LEU D 128 21.85 2.03 14.82
C LEU D 128 21.68 2.95 13.61
N LEU D 129 22.78 3.60 13.20
CA LEU D 129 22.67 4.54 12.10
C LEU D 129 22.39 3.81 10.84
N ALA D 130 21.45 4.33 10.02
CA ALA D 130 21.21 3.70 8.72
C ALA D 130 21.91 4.49 7.60
N TYR D 131 22.30 5.73 7.89
CA TYR D 131 22.93 6.59 6.87
C TYR D 131 23.60 7.78 7.52
N THR D 132 24.46 8.43 6.74
CA THR D 132 25.14 9.64 7.16
C THR D 132 25.08 10.69 6.06
N GLY D 133 25.34 11.92 6.49
CA GLY D 133 25.43 13.06 5.59
C GLY D 133 26.44 14.05 6.14
N THR D 134 26.58 15.17 5.45
CA THR D 134 27.53 16.21 5.84
C THR D 134 26.81 17.57 5.78
N ILE D 135 27.10 18.46 6.73
CA ILE D 135 26.47 19.81 6.72
C ILE D 135 26.85 20.65 5.49
N ALA D 136 25.82 21.18 4.85
CA ALA D 136 25.93 21.96 3.64
C ALA D 136 25.20 23.30 3.71
N PHE D 137 25.52 24.16 2.75
CA PHE D 137 24.81 25.43 2.60
C PHE D 137 23.87 25.24 1.41
N ILE D 138 22.63 25.73 1.51
CA ILE D 138 21.67 25.77 0.38
C ILE D 138 21.51 27.30 0.20
N VAL D 139 21.73 27.76 -1.02
CA VAL D 139 21.80 29.20 -1.34
C VAL D 139 20.84 29.59 -2.45
N ASN D 140 20.06 30.64 -2.21
CA ASN D 140 19.09 31.15 -3.17
C ASN D 140 19.83 32.01 -4.20
N LYS D 141 20.01 31.48 -5.40
CA LYS D 141 20.80 32.15 -6.44
C LYS D 141 20.21 33.49 -6.95
N ASP D 142 18.90 33.65 -6.86
CA ASP D 142 18.26 34.88 -7.32
C ASP D 142 18.43 36.00 -6.25
N VAL D 143 18.58 35.64 -4.98
CA VAL D 143 18.79 36.65 -3.92
C VAL D 143 20.27 36.87 -3.54
N VAL D 144 21.06 35.80 -3.55
CA VAL D 144 22.47 35.86 -3.14
C VAL D 144 23.42 35.86 -4.35
N LYS D 145 24.02 37.02 -4.64
CA LYS D 145 24.92 37.16 -5.77
C LYS D 145 26.33 36.70 -5.45
N ASP D 146 26.81 37.02 -4.26
CA ASP D 146 28.13 36.57 -3.84
C ASP D 146 27.95 35.27 -3.03
N ILE D 147 27.89 34.14 -3.76
CA ILE D 147 27.66 32.83 -3.15
C ILE D 147 28.79 32.46 -2.18
N PRO D 148 28.45 32.30 -0.89
CA PRO D 148 29.49 31.97 0.08
C PRO D 148 30.02 30.55 -0.13
N LYS D 149 31.33 30.40 0.04
CA LYS D 149 32.01 29.12 -0.11
C LYS D 149 32.52 28.54 1.21
N THR D 150 32.55 29.40 2.23
CA THR D 150 33.03 29.10 3.55
C THR D 150 32.12 29.70 4.63
N TRP D 151 32.28 29.24 5.87
CA TRP D 151 31.55 29.78 7.00
C TRP D 151 32.02 31.25 7.21
N GLN D 152 33.28 31.52 6.87
CA GLN D 152 33.81 32.89 6.99
C GLN D 152 33.06 33.87 6.13
N ASP D 153 32.75 33.47 4.89
CA ASP D 153 31.98 34.31 3.99
C ASP D 153 30.64 34.69 4.61
N LEU D 154 29.95 33.77 5.29
CA LEU D 154 28.66 34.10 5.94
C LEU D 154 28.74 35.36 6.79
N LEU D 155 29.84 35.55 7.52
CA LEU D 155 29.98 36.76 8.33
C LEU D 155 29.96 38.02 7.48
N LYS D 156 30.44 37.93 6.25
CA LYS D 156 30.54 39.09 5.34
C LYS D 156 29.24 39.52 4.67
N GLY D 157 28.35 38.57 4.39
CA GLY D 157 27.10 38.90 3.71
C GLY D 157 26.12 39.89 4.35
N ASN D 158 25.06 40.13 3.59
CA ASN D 158 23.89 40.95 3.95
C ASN D 158 22.61 40.07 3.94
N TYR D 159 22.75 38.81 3.57
CA TYR D 159 21.62 37.89 3.47
C TYR D 159 21.30 37.24 4.82
N LYS D 160 20.06 36.76 4.95
CA LYS D 160 19.59 36.11 6.16
C LYS D 160 20.01 34.63 6.12
N ILE D 161 20.44 34.13 7.29
CA ILE D 161 20.88 32.74 7.43
C ILE D 161 19.84 31.90 8.22
N THR D 162 19.27 30.91 7.54
CA THR D 162 18.35 29.95 8.15
C THR D 162 19.23 28.87 8.79
N VAL D 163 19.41 28.95 10.10
CA VAL D 163 20.27 28.01 10.80
C VAL D 163 19.65 26.75 11.38
N GLY D 164 18.33 26.68 11.44
CA GLY D 164 17.66 25.51 12.00
C GLY D 164 17.22 25.83 13.42
N ASP D 165 16.36 24.98 13.95
CA ASP D 165 15.87 25.13 15.31
C ASP D 165 16.78 24.35 16.24
N VAL D 166 17.77 25.04 16.78
CA VAL D 166 18.77 24.44 17.65
C VAL D 166 18.21 23.78 18.92
N SER D 167 17.06 24.26 19.39
CA SER D 167 16.44 23.71 20.58
C SER D 167 16.02 22.24 20.43
N VAL D 168 15.67 21.82 19.22
CA VAL D 168 15.16 20.44 19.06
C VAL D 168 15.61 19.59 17.88
N ALA D 169 16.26 20.19 16.87
CA ALA D 169 16.64 19.47 15.68
C ALA D 169 18.09 18.99 15.64
N ALA D 170 18.29 17.75 15.20
CA ALA D 170 19.66 17.21 15.10
C ALA D 170 20.43 17.92 13.96
N GLN D 171 19.70 18.31 12.93
CA GLN D 171 20.27 18.99 11.79
C GLN D 171 20.89 20.34 12.22
N ALA D 172 20.17 21.04 13.09
CA ALA D 172 20.57 22.34 13.60
C ALA D 172 21.76 22.26 14.60
N VAL D 173 21.66 21.37 15.57
CA VAL D 173 22.78 21.20 16.51
C VAL D 173 24.01 20.78 15.70
N SER D 174 23.87 19.90 14.72
CA SER D 174 25.03 19.49 13.92
C SER D 174 25.59 20.67 13.11
N ALA D 175 24.71 21.52 12.57
CA ALA D 175 25.15 22.73 11.85
C ALA D 175 26.03 23.59 12.74
N VAL D 176 25.65 23.78 13.99
CA VAL D 176 26.48 24.60 14.92
C VAL D 176 27.85 23.96 15.13
N LEU D 177 27.91 22.64 15.31
CA LEU D 177 29.17 21.92 15.45
C LEU D 177 29.99 22.04 14.16
N ALA D 178 29.33 22.00 12.99
CA ALA D 178 30.02 22.16 11.71
C ALA D 178 30.76 23.49 11.64
N ALA D 179 30.10 24.56 12.07
CA ALA D 179 30.69 25.89 12.13
C ALA D 179 31.86 25.84 13.12
N ASN D 180 31.66 25.15 14.23
CA ASN D 180 32.71 25.03 15.27
C ASN D 180 33.97 24.38 14.74
N TYR D 181 33.82 23.30 13.96
CA TYR D 181 34.94 22.59 13.32
C TYR D 181 35.75 23.51 12.42
N ALA D 182 35.03 24.33 11.64
CA ALA D 182 35.66 25.30 10.72
C ALA D 182 36.35 26.47 11.44
N LEU D 183 36.01 26.67 12.70
CA LEU D 183 36.56 27.73 13.51
C LEU D 183 37.68 27.24 14.45
N GLY D 184 38.13 26.00 14.29
CA GLY D 184 39.22 25.46 15.11
C GLY D 184 38.82 24.73 16.38
N GLY D 185 37.53 24.50 16.59
CA GLY D 185 37.07 23.80 17.79
C GLY D 185 36.66 22.36 17.57
N ASP D 186 36.08 21.77 18.60
CA ASP D 186 35.58 20.42 18.49
C ASP D 186 34.36 20.21 19.37
N GLU D 187 33.92 18.96 19.46
CA GLU D 187 32.72 18.60 20.19
C GLU D 187 32.74 18.80 21.72
N LYS D 188 33.87 19.14 22.31
CA LYS D 188 33.96 19.34 23.77
C LYS D 188 33.63 20.76 24.15
N ASP D 189 33.80 21.69 23.21
CA ASP D 189 33.58 23.08 23.52
C ASP D 189 33.09 23.82 22.29
N LEU D 190 31.82 24.20 22.32
CA LEU D 190 31.18 24.91 21.22
C LEU D 190 31.28 26.43 21.30
N SER D 191 32.11 26.97 22.19
CA SER D 191 32.24 28.41 22.34
C SER D 191 32.53 29.23 21.06
N PRO D 192 33.46 28.75 20.19
CA PRO D 192 33.72 29.51 18.95
C PRO D 192 32.47 29.66 18.09
N ALA D 193 31.73 28.57 17.89
CA ALA D 193 30.50 28.59 17.10
C ALA D 193 29.48 29.54 17.72
N LEU D 194 29.41 29.52 19.06
CA LEU D 194 28.46 30.38 19.79
C LEU D 194 28.79 31.85 19.55
N ALA D 195 30.09 32.20 19.52
CA ALA D 195 30.50 33.58 19.24
C ALA D 195 30.16 33.94 17.78
N PHE D 196 30.44 33.02 16.86
CA PHE D 196 30.15 33.21 15.45
C PHE D 196 28.62 33.48 15.22
N PHE D 197 27.72 32.67 15.77
CA PHE D 197 26.26 32.88 15.61
C PHE D 197 25.74 34.09 16.42
N ASN D 198 26.40 34.39 17.52
CA ASN D 198 26.11 35.58 18.31
C ASN D 198 26.39 36.80 17.41
N THR D 199 27.45 36.75 16.61
CA THR D 199 27.75 37.83 15.69
C THR D 199 26.61 38.00 14.69
N LEU D 200 26.15 36.91 14.09
CA LEU D 200 25.07 36.99 13.10
C LEU D 200 23.77 37.53 13.70
N ALA D 201 23.49 37.12 14.93
CA ALA D 201 22.31 37.55 15.65
C ALA D 201 22.30 39.08 15.81
N LYS D 202 23.46 39.65 16.16
CA LYS D 202 23.61 41.12 16.29
C LYS D 202 23.36 41.86 14.98
N GLN D 203 23.75 41.24 13.88
CA GLN D 203 23.53 41.80 12.56
C GLN D 203 22.05 41.70 12.10
N GLY D 204 21.22 40.95 12.83
CA GLY D 204 19.79 40.77 12.50
C GLY D 204 19.60 39.81 11.33
N ARG D 205 20.54 38.88 11.19
CA ARG D 205 20.55 37.97 10.06
C ARG D 205 20.35 36.49 10.41
N LEU D 206 20.09 36.19 11.68
CA LEU D 206 19.92 34.81 12.12
C LEU D 206 18.45 34.42 12.09
N VAL D 207 18.09 33.43 11.30
CA VAL D 207 16.69 32.99 11.25
C VAL D 207 16.64 31.69 12.07
N ASN D 208 16.04 31.72 13.27
CA ASN D 208 15.94 30.56 14.18
C ASN D 208 14.81 29.60 13.78
N ASN D 209 14.88 28.98 12.60
CA ASN D 209 13.88 27.98 12.21
C ASN D 209 14.53 27.09 11.20
N ASP D 210 13.82 26.07 10.72
CA ASP D 210 14.36 25.08 9.78
C ASP D 210 14.07 25.37 8.30
N VAL D 211 14.97 24.94 7.44
CA VAL D 211 14.76 25.02 6.00
C VAL D 211 13.66 23.98 5.67
N SER D 212 12.70 24.40 4.86
CA SER D 212 11.59 23.50 4.44
C SER D 212 11.32 23.72 2.97
N ILE D 213 10.74 22.70 2.34
CA ILE D 213 10.36 22.81 0.94
C ILE D 213 9.48 24.02 0.71
N ALA D 214 8.43 24.17 1.52
CA ALA D 214 7.47 25.28 1.41
C ALA D 214 8.13 26.65 1.41
N ASN D 215 9.05 26.88 2.34
CA ASN D 215 9.76 28.16 2.40
C ASN D 215 10.74 28.37 1.28
N LEU D 216 11.30 27.30 0.75
CA LEU D 216 12.21 27.41 -0.37
C LEU D 216 11.41 27.74 -1.63
N GLU D 217 10.19 27.20 -1.72
CA GLU D 217 9.35 27.36 -2.89
C GLU D 217 8.89 28.81 -3.02
N LYS D 218 8.75 29.52 -1.91
CA LYS D 218 8.36 30.93 -1.89
C LYS D 218 9.56 31.88 -1.90
N GLY D 219 10.78 31.33 -1.90
CA GLY D 219 12.00 32.14 -1.91
C GLY D 219 12.32 32.88 -0.63
N GLU D 220 11.84 32.39 0.51
CA GLU D 220 12.08 33.03 1.81
C GLU D 220 13.47 32.63 2.38
N VAL D 221 13.94 31.43 2.07
CA VAL D 221 15.30 31.04 2.46
C VAL D 221 16.29 31.75 1.54
N GLU D 222 17.33 32.34 2.11
CA GLU D 222 18.39 33.04 1.36
C GLU D 222 19.60 32.09 1.37
N VAL D 223 20.16 31.88 2.55
CA VAL D 223 21.18 30.85 2.76
C VAL D 223 20.63 30.01 3.91
N GLY D 224 20.66 28.69 3.76
CA GLY D 224 20.19 27.76 4.76
C GLY D 224 21.25 26.75 5.10
N LEU D 225 21.19 26.22 6.32
CA LEU D 225 22.13 25.21 6.76
C LEU D 225 21.33 23.90 6.82
N VAL D 226 21.73 22.92 6.05
CA VAL D 226 21.07 21.64 5.98
C VAL D 226 22.07 20.56 5.60
N TRP D 227 21.64 19.31 5.82
CA TRP D 227 22.43 18.17 5.42
C TRP D 227 22.55 18.22 3.90
N ASP D 228 23.72 17.79 3.35
CA ASP D 228 23.86 17.73 1.90
C ASP D 228 22.72 16.97 1.27
N PHE D 229 22.35 15.81 1.82
CA PHE D 229 21.28 15.06 1.19
C PHE D 229 19.94 15.86 1.14
N ASN D 230 19.64 16.64 2.17
CA ASN D 230 18.43 17.47 2.17
C ASN D 230 18.57 18.64 1.21
N GLY D 231 19.72 19.27 1.20
CA GLY D 231 19.96 20.37 0.27
C GLY D 231 19.76 19.93 -1.19
N LEU D 232 20.30 18.78 -1.56
CA LEU D 232 20.21 18.24 -2.92
C LEU D 232 18.81 17.76 -3.24
N GLY D 233 18.22 17.08 -2.27
CA GLY D 233 16.85 16.59 -2.38
C GLY D 233 15.87 17.74 -2.53
N TYR D 234 15.99 18.74 -1.64
CA TYR D 234 15.10 19.91 -1.66
C TYR D 234 15.30 20.74 -2.92
N ARG D 235 16.54 20.88 -3.38
CA ARG D 235 16.88 21.64 -4.58
C ARG D 235 16.21 21.01 -5.79
N ASP D 236 16.20 19.68 -5.89
CA ASP D 236 15.58 18.97 -7.02
C ASP D 236 14.08 19.24 -7.10
N LYS D 237 13.39 19.12 -5.96
CA LYS D 237 11.95 19.33 -5.90
C LYS D 237 11.57 20.76 -6.25
N VAL D 238 12.33 21.73 -5.76
CA VAL D 238 12.08 23.14 -6.00
C VAL D 238 12.64 23.66 -7.33
N GLY D 239 13.87 23.27 -7.68
CA GLY D 239 14.50 23.72 -8.92
C GLY D 239 15.99 23.97 -8.72
N LYS D 240 16.78 23.60 -9.72
CA LYS D 240 18.24 23.70 -9.63
C LYS D 240 18.75 25.12 -9.95
N ASP D 241 18.08 25.87 -10.81
CA ASP D 241 18.51 27.27 -11.06
C ASP D 241 18.07 28.23 -9.96
N ARG D 242 17.20 27.78 -9.06
CA ARG D 242 16.80 28.62 -7.92
C ARG D 242 17.79 28.48 -6.77
N TYR D 243 18.20 27.24 -6.47
CA TYR D 243 19.11 26.98 -5.35
C TYR D 243 20.40 26.19 -5.71
N GLU D 244 21.49 26.55 -5.03
CA GLU D 244 22.77 25.88 -5.17
C GLU D 244 23.13 25.32 -3.79
N VAL D 245 23.70 24.12 -3.83
CA VAL D 245 24.10 23.41 -2.63
C VAL D 245 25.59 23.16 -2.72
N LEU D 246 26.29 23.39 -1.61
CA LEU D 246 27.72 23.14 -1.57
C LEU D 246 28.15 22.88 -0.15
N ILE D 247 29.36 22.33 0.03
CA ILE D 247 29.91 22.10 1.37
C ILE D 247 30.89 23.25 1.70
N PRO D 248 30.70 23.91 2.86
CA PRO D 248 31.69 24.92 3.20
C PRO D 248 33.13 24.37 3.18
N ALA D 249 34.04 25.08 2.50
CA ALA D 249 35.43 24.65 2.33
C ALA D 249 36.32 24.72 3.60
N ASP D 250 35.94 25.54 4.58
CA ASP D 250 36.71 25.67 5.80
C ASP D 250 36.43 24.60 6.83
N GLY D 251 35.36 23.84 6.61
CA GLY D 251 35.06 22.76 7.47
C GLY D 251 33.61 22.45 7.63
N SER D 252 33.33 21.20 7.94
CA SER D 252 31.98 20.75 8.18
C SER D 252 32.02 19.47 9.01
N VAL D 253 30.83 19.06 9.40
CA VAL D 253 30.68 17.86 10.21
C VAL D 253 29.90 16.76 9.46
N ILE D 254 30.29 15.51 9.69
CA ILE D 254 29.61 14.34 9.15
C ILE D 254 28.91 13.65 10.31
N SER D 255 27.62 13.34 10.16
CA SER D 255 26.90 12.61 11.20
C SER D 255 25.73 11.87 10.57
N GLY D 256 24.86 11.26 11.35
CA GLY D 256 23.75 10.53 10.75
C GLY D 256 22.59 10.31 11.66
N TYR D 257 21.66 9.48 11.17
CA TYR D 257 20.39 9.19 11.84
C TYR D 257 20.16 7.72 12.10
N THR D 258 19.47 7.48 13.21
CA THR D 258 19.07 6.16 13.66
C THR D 258 17.60 6.11 13.90
N THR D 259 16.98 5.02 13.43
CA THR D 259 15.60 4.80 13.72
C THR D 259 15.50 4.47 15.19
N ILE D 260 14.32 4.71 15.76
CA ILE D 260 14.03 4.33 17.13
C ILE D 260 12.71 3.53 17.10
N ILE D 261 12.72 2.32 17.61
CA ILE D 261 11.51 1.53 17.72
C ILE D 261 10.93 1.87 19.07
N ASN D 262 9.74 2.49 19.04
CA ASN D 262 9.05 2.91 20.26
C ASN D 262 8.75 1.68 21.12
N LYS D 263 9.25 1.72 22.36
CA LYS D 263 9.02 0.68 23.33
C LYS D 263 7.54 0.47 23.46
N TYR D 264 6.76 1.55 23.35
CA TYR D 264 5.31 1.48 23.51
C TYR D 264 4.57 1.51 22.18
N ALA D 265 5.19 1.05 21.09
CA ALA D 265 4.52 1.06 19.79
C ALA D 265 3.21 0.28 19.75
N LYS D 266 2.21 0.81 19.05
CA LYS D 266 0.99 0.02 18.84
C LYS D 266 1.28 -1.08 17.81
N HIS D 267 2.24 -0.82 16.92
CA HIS D 267 2.56 -1.75 15.84
C HIS D 267 4.06 -2.11 15.86
N PRO D 268 4.51 -2.80 16.95
CA PRO D 268 5.91 -3.11 17.10
C PRO D 268 6.48 -4.02 16.00
N ASN D 269 5.70 -4.97 15.56
CA ASN D 269 6.22 -5.86 14.49
C ASN D 269 6.43 -5.13 13.15
N ALA D 270 5.55 -4.21 12.77
CA ALA D 270 5.67 -3.48 11.50
C ALA D 270 6.84 -2.50 11.60
N ALA D 271 7.06 -1.95 12.81
CA ALA D 271 8.18 -1.02 13.05
C ALA D 271 9.47 -1.80 12.91
N LYS D 272 9.53 -3.01 13.47
CA LYS D 272 10.73 -3.86 13.37
C LYS D 272 10.99 -4.24 11.92
N LEU D 273 9.92 -4.59 11.20
CA LEU D 273 10.02 -4.93 9.80
C LEU D 273 10.56 -3.74 9.00
N ALA D 274 10.10 -2.52 9.32
CA ALA D 274 10.58 -1.33 8.63
C ALA D 274 12.06 -1.14 8.86
N ARG D 275 12.49 -1.29 10.11
CA ARG D 275 13.91 -1.15 10.41
C ARG D 275 14.75 -2.17 9.64
N GLU D 276 14.31 -3.44 9.67
CA GLU D 276 14.98 -4.52 8.92
C GLU D 276 15.09 -4.17 7.42
N PHE D 277 14.02 -3.63 6.86
CA PHE D 277 14.00 -3.29 5.44
C PHE D 277 14.91 -2.07 5.10
N ILE D 278 14.94 -1.09 5.99
CA ILE D 278 15.75 0.10 5.78
C ILE D 278 17.26 -0.26 5.74
N LEU D 279 17.65 -1.29 6.51
CA LEU D 279 19.04 -1.79 6.57
C LEU D 279 19.36 -2.79 5.50
N SER D 280 18.31 -3.32 4.85
CA SER D 280 18.48 -4.29 3.78
C SER D 280 19.06 -3.54 2.58
N ASP D 281 19.50 -4.29 1.59
CA ASP D 281 20.08 -3.67 0.40
C ASP D 281 19.12 -2.69 -0.27
N LYS D 282 17.87 -3.12 -0.42
CA LYS D 282 16.86 -2.28 -1.09
C LYS D 282 16.65 -0.97 -0.33
N GLY D 283 16.55 -1.08 1.00
CA GLY D 283 16.38 0.12 1.85
C GLY D 283 17.57 1.07 1.83
N GLN D 284 18.77 0.48 1.75
CA GLN D 284 20.03 1.23 1.73
C GLN D 284 20.18 1.99 0.40
N ILE D 285 19.83 1.29 -0.65
CA ILE D 285 19.80 1.83 -2.00
C ILE D 285 18.78 3.00 -2.11
N ASN D 286 17.63 2.88 -1.45
CA ASN D 286 16.59 3.95 -1.44
C ASN D 286 17.20 5.22 -0.81
N LEU D 287 17.94 5.03 0.29
CA LEU D 287 18.62 6.14 0.92
C LEU D 287 19.65 6.75 -0.06
N ALA D 288 20.44 5.93 -0.74
CA ALA D 288 21.41 6.49 -1.73
C ALA D 288 20.67 7.27 -2.84
N LYS D 289 19.49 6.81 -3.25
CA LYS D 289 18.70 7.53 -4.26
C LYS D 289 18.26 8.86 -3.72
N GLY D 290 18.14 8.96 -2.39
CA GLY D 290 17.85 10.21 -1.74
C GLY D 290 19.10 11.03 -1.36
N TYR D 291 20.25 10.73 -1.95
CA TYR D 291 21.54 11.45 -1.74
C TYR D 291 22.26 11.22 -0.39
N ALA D 292 21.72 10.35 0.47
CA ALA D 292 22.39 10.06 1.73
C ALA D 292 23.38 8.95 1.48
N ARG D 293 24.39 8.84 2.33
CA ARG D 293 25.36 7.80 2.20
C ARG D 293 24.83 6.64 3.09
N PRO D 294 24.44 5.51 2.49
CA PRO D 294 23.97 4.39 3.34
C PRO D 294 25.07 3.83 4.18
N ILE D 295 24.74 3.48 5.41
CA ILE D 295 25.71 2.96 6.36
C ILE D 295 26.38 1.68 5.84
N ARG D 296 25.64 0.88 5.07
CA ARG D 296 26.18 -0.37 4.48
C ARG D 296 26.75 -0.21 3.07
N ILE D 297 27.23 0.99 2.75
CA ILE D 297 27.80 1.29 1.43
C ILE D 297 28.87 0.29 0.97
N ASP D 298 29.67 -0.22 1.89
CA ASP D 298 30.69 -1.22 1.58
C ASP D 298 30.18 -2.59 1.18
N HIS D 299 28.91 -2.91 1.48
CA HIS D 299 28.37 -4.24 1.20
C HIS D 299 27.20 -4.28 0.22
N ILE D 300 27.00 -3.22 -0.55
CA ILE D 300 25.90 -3.15 -1.50
C ILE D 300 26.40 -2.63 -2.84
N THR D 301 25.63 -2.87 -3.89
CA THR D 301 25.98 -2.37 -5.20
C THR D 301 25.02 -1.22 -5.54
N LEU D 302 25.54 -0.01 -5.68
CA LEU D 302 24.70 1.12 -6.04
C LEU D 302 24.50 1.17 -7.55
N PRO D 303 23.42 1.82 -8.03
CA PRO D 303 23.26 1.99 -9.47
C PRO D 303 24.42 2.85 -10.06
N ASP D 304 24.52 2.94 -11.39
CA ASP D 304 25.63 3.71 -12.01
C ASP D 304 25.44 5.24 -11.94
N ASP D 305 24.20 5.69 -12.16
CA ASP D 305 23.82 7.14 -12.18
C ASP D 305 24.07 8.00 -10.92
N ILE D 306 24.18 7.37 -9.74
CA ILE D 306 24.34 8.11 -8.46
C ILE D 306 25.56 9.03 -8.27
N LYS D 307 26.70 8.73 -8.90
CA LYS D 307 27.93 9.55 -8.70
C LYS D 307 27.95 10.93 -9.40
N ALA D 308 27.29 11.05 -10.55
CA ALA D 308 27.22 12.35 -11.26
C ALA D 308 26.32 13.33 -10.50
N LYS D 309 25.32 12.80 -9.76
CA LYS D 309 24.39 13.61 -8.96
C LYS D 309 24.97 14.02 -7.57
N LEU D 310 26.02 13.35 -7.10
CA LEU D 310 26.66 13.73 -5.82
C LEU D 310 27.54 14.96 -6.04
N LEU D 311 27.66 15.81 -5.03
CA LEU D 311 28.54 17.01 -5.11
C LEU D 311 30.01 16.61 -5.41
N PRO D 312 30.82 17.52 -6.01
CA PRO D 312 32.22 17.11 -6.28
C PRO D 312 32.93 16.74 -4.97
N SER D 313 33.73 15.69 -5.01
CA SER D 313 34.41 15.21 -3.82
C SER D 313 35.37 16.26 -3.16
N GLU D 314 35.88 17.18 -3.98
CA GLU D 314 36.77 18.28 -3.51
C GLU D 314 36.17 19.13 -2.39
N GLN D 315 34.85 19.33 -2.46
CA GLN D 315 34.16 20.15 -1.49
C GLN D 315 34.15 19.60 -0.09
N TYR D 316 34.37 18.29 0.06
CA TYR D 316 34.35 17.67 1.38
C TYR D 316 35.72 17.70 2.04
N LYS D 317 36.65 18.50 1.50
CA LYS D 317 38.02 18.50 2.02
C LYS D 317 38.22 18.71 3.51
N ASN D 318 37.38 19.47 4.20
CA ASN D 318 37.49 19.64 5.68
C ASN D 318 36.23 19.15 6.43
N ALA D 319 35.53 18.18 5.83
CA ALA D 319 34.33 17.60 6.46
C ALA D 319 34.86 16.46 7.29
N ARG D 320 34.58 16.45 8.57
CA ARG D 320 35.12 15.43 9.49
C ARG D 320 34.02 14.88 10.34
N ALA D 321 34.19 13.64 10.81
CA ALA D 321 33.22 13.01 11.68
C ALA D 321 33.60 13.38 13.11
N ILE D 322 32.70 13.08 14.03
CA ILE D 322 32.91 13.34 15.45
C ILE D 322 33.76 12.23 16.06
N LYS D 323 34.86 12.59 16.70
CA LYS D 323 35.78 11.59 17.28
C LYS D 323 35.33 11.05 18.62
N ASP D 324 34.63 11.87 19.42
CA ASP D 324 34.20 11.50 20.78
C ASP D 324 32.66 11.48 20.89
N GLN D 325 32.07 10.30 20.68
CA GLN D 325 30.61 10.08 20.71
C GLN D 325 30.03 10.59 22.04
N LYS D 326 30.65 10.25 23.17
CA LYS D 326 30.13 10.71 24.49
C LYS D 326 30.23 12.21 24.70
N ALA D 327 31.30 12.85 24.24
CA ALA D 327 31.45 14.30 24.38
C ALA D 327 30.44 15.03 23.51
N TRP D 328 30.09 14.49 22.34
CA TRP D 328 29.09 15.16 21.51
C TRP D 328 27.70 14.99 22.14
N GLU D 329 27.39 13.78 22.58
CA GLU D 329 26.12 13.53 23.26
C GLU D 329 25.91 14.58 24.37
N LYS D 330 26.94 14.79 25.21
CA LYS D 330 26.89 15.78 26.27
C LYS D 330 26.75 17.19 25.72
N SER D 331 27.66 17.62 24.84
CA SER D 331 27.61 19.00 24.27
C SER D 331 26.30 19.29 23.55
N ALA D 332 25.79 18.31 22.80
CA ALA D 332 24.54 18.45 22.10
C ALA D 332 23.38 18.69 23.09
N LYS D 333 23.41 17.97 24.21
CA LYS D 333 22.38 18.10 25.25
C LYS D 333 22.44 19.49 25.93
N GLU D 334 23.64 20.06 26.04
CA GLU D 334 23.81 21.39 26.63
C GLU D 334 23.59 22.54 25.68
N LEU D 335 23.66 22.29 24.37
CA LEU D 335 23.54 23.35 23.37
C LEU D 335 22.26 24.22 23.41
N PRO D 336 21.05 23.61 23.50
CA PRO D 336 19.83 24.43 23.54
C PRO D 336 19.84 25.57 24.57
N GLN D 337 20.34 25.30 25.77
CA GLN D 337 20.40 26.32 26.81
C GLN D 337 21.53 27.33 26.55
N LEU D 338 22.71 26.87 26.11
CA LEU D 338 23.82 27.82 25.77
C LEU D 338 23.41 28.70 24.59
N TRP D 339 22.60 28.16 23.69
CA TRP D 339 22.10 28.92 22.55
C TRP D 339 21.26 30.11 23.07
N GLN D 340 20.51 29.91 24.16
CA GLN D 340 19.73 31.00 24.77
C GLN D 340 20.64 32.01 25.42
N GLU D 341 21.48 31.58 26.37
CA GLU D 341 22.39 32.52 27.05
C GLU D 341 23.40 33.20 26.14
N LYS D 342 23.90 32.51 25.11
CA LYS D 342 24.99 33.09 24.34
C LYS D 342 24.72 33.59 22.93
N VAL D 343 23.57 33.27 22.36
CA VAL D 343 23.29 33.70 21.00
C VAL D 343 22.04 34.57 20.91
N ILE D 344 20.87 33.95 21.07
CA ILE D 344 19.57 34.65 20.97
C ILE D 344 19.49 35.98 21.69
N VAL D 345 20.01 36.03 22.91
CA VAL D 345 20.01 37.24 23.72
C VAL D 345 20.64 38.51 23.07
N ASP D 346 21.22 38.38 21.87
CA ASP D 346 21.81 39.53 21.18
C ASP D 346 21.20 39.84 19.80
N ILE E 22 37.85 -18.84 18.43
CA ILE E 22 38.34 -19.59 17.20
C ILE E 22 38.03 -21.08 17.40
N ASP E 23 37.42 -21.72 16.39
CA ASP E 23 37.03 -23.13 16.42
C ASP E 23 38.14 -24.06 16.97
N GLU E 24 37.80 -24.77 18.04
CA GLU E 24 38.70 -25.69 18.72
C GLU E 24 39.29 -26.78 17.79
N ASN E 25 38.49 -27.28 16.86
CA ASN E 25 38.94 -28.30 15.91
C ASN E 25 39.97 -27.78 14.92
N LEU E 26 39.82 -26.53 14.52
CA LEU E 26 40.77 -25.91 13.62
C LEU E 26 42.07 -25.77 14.37
N ILE E 27 42.00 -25.29 15.61
CA ILE E 27 43.21 -25.15 16.45
C ILE E 27 43.94 -26.51 16.61
N LYS E 28 43.22 -27.55 17.00
CA LYS E 28 43.79 -28.90 17.17
C LYS E 28 44.38 -29.45 15.88
N ALA E 29 43.75 -29.18 14.73
CA ALA E 29 44.26 -29.63 13.44
C ALA E 29 45.53 -28.86 13.12
N ALA E 30 45.56 -27.56 13.40
CA ALA E 30 46.77 -26.78 13.18
C ALA E 30 47.90 -27.19 14.14
N GLN E 31 47.58 -27.53 15.40
CA GLN E 31 48.58 -27.95 16.38
C GLN E 31 49.18 -29.33 16.06
N ALA E 32 48.38 -30.20 15.42
CA ALA E 32 48.82 -31.53 14.94
C ALA E 32 49.88 -31.35 13.85
N GLU E 33 49.66 -30.37 12.97
CA GLU E 33 50.66 -29.99 11.94
C GLU E 33 51.92 -29.39 12.59
N GLY E 34 51.72 -28.56 13.59
CA GLY E 34 52.81 -28.01 14.41
C GLY E 34 53.41 -26.67 14.06
N ARG E 35 53.29 -26.28 12.80
CA ARG E 35 53.87 -25.07 12.33
C ARG E 35 53.15 -24.58 11.08
N VAL E 36 53.51 -23.37 10.67
CA VAL E 36 53.02 -22.77 9.42
C VAL E 36 54.21 -22.09 8.76
N ASN E 37 54.47 -22.44 7.51
CA ASN E 37 55.52 -21.84 6.74
C ASN E 37 54.94 -20.75 5.87
N SER E 38 55.47 -19.52 6.00
CA SER E 38 54.97 -18.40 5.21
C SER E 38 55.92 -17.93 4.15
N LEU E 39 55.35 -17.32 3.15
CA LEU E 39 56.16 -16.69 2.11
C LEU E 39 55.80 -15.20 2.18
N ALA E 40 56.81 -14.33 2.16
CA ALA E 40 56.63 -12.87 2.09
C ALA E 40 55.82 -12.22 3.22
N PRO E 42 57.45 -11.25 6.33
CA PRO E 42 58.52 -11.03 7.25
C PRO E 42 58.09 -10.20 8.45
N ASP E 43 58.86 -10.34 9.54
CA ASP E 43 58.58 -9.66 10.78
C ASP E 43 58.43 -8.16 10.62
N THR E 44 59.27 -7.60 9.75
CA THR E 44 59.37 -6.17 9.51
C THR E 44 58.25 -5.55 8.70
N TRP E 45 57.38 -6.34 8.13
CA TRP E 45 56.30 -5.79 7.32
C TRP E 45 54.96 -5.90 8.03
N ALA E 46 54.24 -4.79 8.08
CA ALA E 46 52.91 -4.73 8.70
C ALA E 46 52.77 -5.36 10.07
N ASN E 47 53.81 -5.24 10.90
CA ASN E 47 53.83 -5.81 12.23
C ASN E 47 53.43 -7.31 12.21
N TRP E 48 53.86 -8.06 11.20
CA TRP E 48 53.54 -9.51 11.23
C TRP E 48 54.17 -10.19 12.46
N LYS E 49 55.30 -9.66 12.93
CA LYS E 49 55.95 -10.20 14.08
C LYS E 49 54.97 -10.47 15.21
N ASP E 50 54.05 -9.54 15.48
CA ASP E 50 53.10 -9.70 16.60
C ASP E 50 52.13 -10.85 16.38
N THR E 51 51.79 -11.08 15.14
CA THR E 51 50.88 -12.16 14.82
C THR E 51 51.59 -13.51 14.89
N TRP E 52 52.78 -13.64 14.34
CA TRP E 52 53.50 -14.91 14.50
C TRP E 52 53.78 -15.22 15.98
N ALA E 53 54.08 -14.18 16.76
CA ALA E 53 54.30 -14.32 18.22
C ALA E 53 53.01 -14.77 18.93
N ASP E 54 51.87 -14.21 18.54
CA ASP E 54 50.58 -14.63 19.11
C ASP E 54 50.30 -16.09 18.77
N LEU E 55 50.50 -16.49 17.52
CA LEU E 55 50.25 -17.90 17.15
C LEU E 55 51.13 -18.85 17.98
N LYS E 56 52.39 -18.46 18.17
CA LYS E 56 53.31 -19.22 18.98
C LYS E 56 52.82 -19.27 20.42
N ASN E 57 52.72 -18.10 21.03
CA ASN E 57 52.34 -17.99 22.44
C ASN E 57 50.91 -18.49 22.75
N LEU E 58 49.92 -18.25 21.90
CA LEU E 58 48.54 -18.67 22.16
C LEU E 58 48.16 -20.09 21.76
N TYR E 59 48.78 -20.61 20.69
CA TYR E 59 48.46 -21.95 20.21
C TYR E 59 49.66 -22.89 19.99
N ASP E 60 50.85 -22.45 20.38
CA ASP E 60 52.07 -23.22 20.21
C ASP E 60 52.34 -23.68 18.75
N ILE E 61 51.99 -22.81 17.79
CA ILE E 61 52.29 -23.06 16.37
C ILE E 61 53.61 -22.37 16.09
N GLU E 62 54.56 -23.14 15.56
CA GLU E 62 55.87 -22.62 15.19
C GLU E 62 55.73 -22.00 13.81
N HIS E 63 56.74 -21.24 13.41
CA HIS E 63 56.72 -20.59 12.09
C HIS E 63 58.10 -20.15 11.62
N SER E 64 58.23 -20.09 10.31
CA SER E 64 59.43 -19.57 9.64
C SER E 64 58.90 -18.96 8.34
N ASP E 65 59.63 -17.94 7.87
CA ASP E 65 59.25 -17.18 6.68
C ASP E 65 60.40 -17.06 5.68
N THR E 66 60.05 -16.87 4.41
CA THR E 66 61.06 -16.62 3.39
C THR E 66 60.46 -15.47 2.61
N ASP E 67 61.12 -14.30 2.62
CA ASP E 67 60.59 -13.11 1.95
C ASP E 67 60.84 -13.16 0.43
N SER E 69 58.92 -11.64 -3.74
CA SER E 69 57.85 -10.82 -4.37
C SER E 69 56.58 -11.63 -4.55
N SER E 70 55.44 -10.98 -4.86
CA SER E 70 54.20 -11.73 -5.10
C SER E 70 54.35 -12.74 -6.24
N ALA E 71 54.95 -12.30 -7.35
CA ALA E 71 55.14 -13.18 -8.48
C ALA E 71 55.93 -14.43 -8.06
N GLN E 72 57.00 -14.28 -7.26
CA GLN E 72 57.82 -15.45 -6.84
C GLN E 72 57.00 -16.38 -5.92
N GLU E 73 56.01 -15.83 -5.20
CA GLU E 73 55.18 -16.65 -4.32
C GLU E 73 54.25 -17.55 -5.15
N ILE E 74 53.62 -16.99 -6.19
CA ILE E 74 52.69 -17.74 -7.08
C ILE E 74 53.48 -18.86 -7.75
N ALA E 75 54.60 -18.49 -8.35
CA ALA E 75 55.46 -19.48 -9.04
C ALA E 75 55.93 -20.58 -8.11
N LYS E 76 56.31 -20.25 -6.88
CA LYS E 76 56.81 -21.24 -5.92
C LYS E 76 55.71 -22.21 -5.48
N PHE E 77 54.53 -21.68 -5.14
CA PHE E 77 53.39 -22.56 -4.77
C PHE E 77 53.04 -23.53 -5.91
N LYS E 78 53.07 -23.03 -7.14
CA LYS E 78 52.72 -23.82 -8.30
C LYS E 78 53.75 -24.91 -8.62
N THR E 79 55.03 -24.62 -8.37
CA THR E 79 56.13 -25.54 -8.64
C THR E 79 56.29 -26.66 -7.61
N GLU E 80 56.03 -26.34 -6.34
CA GLU E 80 56.25 -27.26 -5.24
C GLU E 80 54.98 -28.03 -4.82
N LYS E 81 54.32 -28.64 -5.82
CA LYS E 81 53.08 -29.41 -5.62
C LYS E 81 53.27 -30.59 -4.69
N LYS E 82 54.32 -31.37 -4.93
CA LYS E 82 54.60 -32.56 -4.12
C LYS E 82 55.12 -32.28 -2.70
N ASN E 83 56.08 -31.36 -2.57
CA ASN E 83 56.69 -31.05 -1.27
C ASN E 83 56.73 -29.53 -1.06
N ALA E 84 55.56 -28.96 -0.81
CA ALA E 84 55.43 -27.51 -0.61
C ALA E 84 56.23 -27.03 0.59
N SER E 85 57.05 -25.99 0.39
CA SER E 85 57.83 -25.39 1.48
C SER E 85 57.10 -24.14 1.99
N GLY E 86 55.98 -23.77 1.37
CA GLY E 86 55.19 -22.64 1.83
C GLY E 86 53.74 -23.08 1.97
N ASP E 87 53.08 -22.62 3.03
CA ASP E 87 51.67 -22.94 3.31
C ASP E 87 50.78 -21.72 3.10
N ILE E 88 51.30 -20.53 3.42
CA ILE E 88 50.57 -19.28 3.28
C ILE E 88 51.53 -18.15 2.83
N GLY E 89 51.00 -17.28 1.98
CA GLY E 89 51.72 -16.14 1.48
C GLY E 89 50.83 -14.92 1.55
N ASP E 90 51.45 -13.77 1.28
CA ASP E 90 50.75 -12.50 1.26
C ASP E 90 51.15 -11.80 -0.05
N VAL E 91 50.18 -11.38 -0.81
CA VAL E 91 50.43 -10.77 -2.09
C VAL E 91 49.59 -9.53 -2.33
N GLY E 92 50.03 -8.72 -3.29
CA GLY E 92 49.24 -7.55 -3.68
C GLY E 92 47.87 -8.02 -4.21
N ALA E 93 46.89 -7.11 -4.15
CA ALA E 93 45.49 -7.36 -4.54
C ALA E 93 45.29 -7.98 -5.93
N SER E 94 46.03 -7.50 -6.91
CA SER E 94 45.92 -8.03 -8.26
C SER E 94 46.29 -9.51 -8.31
N PHE E 95 47.18 -9.93 -7.41
CA PHE E 95 47.62 -11.32 -7.42
C PHE E 95 46.61 -12.33 -6.82
N GLY E 96 45.48 -11.86 -6.28
CA GLY E 96 44.45 -12.75 -5.75
C GLY E 96 43.86 -13.54 -6.93
N GLU E 97 43.40 -12.78 -7.94
CA GLU E 97 42.81 -13.37 -9.15
C GLU E 97 43.83 -14.21 -9.89
N ILE E 98 45.07 -13.72 -9.94
CA ILE E 98 46.13 -14.46 -10.61
C ILE E 98 46.30 -15.82 -9.92
N ALA E 99 46.44 -15.82 -8.60
CA ALA E 99 46.62 -17.06 -7.86
C ALA E 99 45.52 -18.11 -8.18
N VAL E 100 44.28 -17.63 -8.26
CA VAL E 100 43.12 -18.48 -8.53
C VAL E 100 43.25 -19.09 -9.92
N LYS E 101 43.55 -18.24 -10.90
CA LYS E 101 43.75 -18.66 -12.28
C LYS E 101 44.91 -19.63 -12.44
N GLN E 102 45.95 -19.46 -11.64
CA GLN E 102 47.08 -20.40 -11.69
C GLN E 102 46.83 -21.67 -10.89
N GLY E 103 45.68 -21.75 -10.20
CA GLY E 103 45.31 -22.95 -9.43
C GLY E 103 46.13 -23.18 -8.15
N VAL E 104 46.69 -22.10 -7.57
CA VAL E 104 47.52 -22.22 -6.33
C VAL E 104 46.80 -21.85 -5.05
N ALA E 105 45.53 -21.46 -5.14
CA ALA E 105 44.73 -21.08 -4.00
C ALA E 105 43.67 -22.08 -3.55
N GLN E 106 43.44 -22.17 -2.24
CA GLN E 106 42.32 -22.97 -1.70
C GLN E 106 41.49 -22.06 -0.80
N PRO E 107 40.18 -22.26 -0.76
CA PRO E 107 39.32 -21.33 -0.04
C PRO E 107 39.21 -21.41 1.50
N PHE E 108 39.13 -20.25 2.15
CA PHE E 108 38.85 -20.16 3.59
C PHE E 108 38.36 -18.73 3.87
N LYS E 109 37.05 -18.57 4.02
CA LYS E 109 36.45 -17.25 4.20
C LYS E 109 36.69 -16.54 5.51
N THR E 110 36.90 -17.34 6.55
CA THR E 110 37.07 -16.90 7.93
C THR E 110 35.69 -16.61 8.55
N SER E 111 35.65 -16.53 9.88
CA SER E 111 34.43 -16.18 10.61
C SER E 111 34.04 -14.70 10.37
N TYR E 112 34.99 -13.92 9.86
CA TYR E 112 34.80 -12.47 9.66
C TYR E 112 34.43 -12.06 8.24
N TRP E 113 34.08 -13.03 7.40
CA TRP E 113 33.78 -12.76 6.00
C TRP E 113 32.79 -11.62 5.74
N ASP E 114 31.66 -11.62 6.44
CA ASP E 114 30.63 -10.61 6.24
C ASP E 114 31.02 -9.17 6.54
N GLN E 115 32.07 -8.97 7.33
CA GLN E 115 32.54 -7.65 7.61
C GLN E 115 33.60 -7.17 6.62
N ILE E 116 33.97 -7.99 5.66
CA ILE E 116 34.95 -7.58 4.65
C ILE E 116 34.17 -7.05 3.47
N PRO E 117 34.47 -5.82 3.01
CA PRO E 117 33.76 -5.23 1.89
C PRO E 117 33.79 -6.09 0.60
N THR E 118 32.77 -5.91 -0.22
CA THR E 118 32.61 -6.65 -1.48
C THR E 118 33.79 -6.57 -2.43
N TRP E 119 34.32 -5.36 -2.64
CA TRP E 119 35.46 -5.10 -3.53
C TRP E 119 36.79 -5.71 -3.03
N ALA E 120 36.87 -5.95 -1.74
CA ALA E 120 38.08 -6.47 -1.10
C ALA E 120 38.15 -8.00 -0.98
N LYS E 121 37.41 -8.74 -1.79
CA LYS E 121 37.43 -10.22 -1.68
C LYS E 121 36.78 -10.84 -2.91
N ASP E 122 37.09 -12.10 -3.19
CA ASP E 122 36.46 -12.85 -4.30
C ASP E 122 35.14 -13.35 -3.73
N LYS E 123 34.55 -14.39 -4.32
CA LYS E 123 33.25 -14.86 -3.90
C LYS E 123 33.32 -16.18 -3.14
N ASP E 124 34.37 -16.98 -3.38
CA ASP E 124 34.51 -18.28 -2.74
C ASP E 124 35.41 -18.35 -1.49
N GLY E 125 36.23 -17.32 -1.23
CA GLY E 125 37.14 -17.33 -0.10
C GLY E 125 38.58 -17.63 -0.44
N ASN E 126 38.95 -17.60 -1.71
CA ASN E 126 40.34 -17.83 -2.08
C ASN E 126 41.21 -16.62 -1.77
N TRP E 127 40.65 -15.42 -1.87
CA TRP E 127 41.40 -14.23 -1.53
C TRP E 127 40.48 -13.17 -0.91
N LEU E 128 41.05 -12.45 0.06
CA LEU E 128 40.38 -11.40 0.81
C LEU E 128 41.44 -10.44 1.37
N LEU E 129 41.24 -9.15 1.21
CA LEU E 129 42.23 -8.19 1.73
C LEU E 129 42.16 -8.13 3.26
N ALA E 130 43.29 -8.19 3.95
CA ALA E 130 43.31 -8.09 5.40
C ALA E 130 43.68 -6.64 5.82
N TYR E 131 44.24 -5.89 4.87
CA TYR E 131 44.59 -4.50 5.08
C TYR E 131 44.76 -3.81 3.76
N THR E 132 44.76 -2.47 3.77
CA THR E 132 44.91 -1.68 2.60
C THR E 132 45.99 -0.63 2.79
N GLY E 133 46.33 -0.03 1.67
CA GLY E 133 47.20 1.08 1.58
C GLY E 133 46.55 2.07 0.63
N THR E 134 46.65 3.36 0.93
CA THR E 134 46.04 4.43 0.13
C THR E 134 47.06 5.57 -0.01
N ILE E 135 47.09 6.18 -1.19
CA ILE E 135 48.03 7.26 -1.41
C ILE E 135 47.57 8.48 -0.62
N ALA E 136 48.52 9.06 0.10
CA ALA E 136 48.36 10.17 1.01
C ALA E 136 49.38 11.24 0.76
N PHE E 137 49.13 12.42 1.34
CA PHE E 137 50.13 13.48 1.33
C PHE E 137 50.81 13.47 2.70
N ILE E 138 52.12 13.71 2.76
CA ILE E 138 52.84 13.92 4.04
C ILE E 138 53.31 15.37 3.88
N VAL E 139 52.91 16.22 4.81
CA VAL E 139 53.20 17.67 4.75
C VAL E 139 54.04 18.19 5.90
N ASN E 140 55.09 18.93 5.54
CA ASN E 140 56.02 19.56 6.50
C ASN E 140 55.33 20.78 7.09
N LYS E 141 54.84 20.65 8.32
CA LYS E 141 54.10 21.75 8.97
C LYS E 141 54.91 22.97 9.30
N ASP E 142 56.23 22.82 9.33
CA ASP E 142 57.10 23.94 9.64
C ASP E 142 57.29 24.87 8.43
N VAL E 143 57.25 24.30 7.22
CA VAL E 143 57.43 25.07 6.00
C VAL E 143 56.10 25.44 5.31
N VAL E 144 55.12 24.53 5.28
CA VAL E 144 53.82 24.81 4.63
C VAL E 144 52.71 25.22 5.63
N LYS E 145 52.24 26.45 5.49
CA LYS E 145 51.25 27.00 6.42
C LYS E 145 49.80 26.70 6.04
N ASP E 146 49.51 26.70 4.75
N ASP E 146 49.53 26.64 4.73
CA ASP E 146 48.17 26.35 4.26
CA ASP E 146 48.22 26.36 4.19
C ASP E 146 48.28 24.90 3.78
C ASP E 146 48.29 24.89 3.76
N ILE E 147 47.98 23.98 4.69
CA ILE E 147 48.06 22.53 4.40
C ILE E 147 47.14 22.17 3.21
N PRO E 148 47.69 21.67 2.07
CA PRO E 148 46.82 21.25 0.97
C PRO E 148 46.01 20.01 1.36
N LYS E 149 44.71 20.02 1.06
CA LYS E 149 43.79 18.94 1.41
C LYS E 149 43.27 18.12 0.22
N THR E 150 43.65 18.56 -0.99
CA THR E 150 43.23 17.99 -2.25
C THR E 150 44.38 18.10 -3.25
N TRP E 151 44.32 17.32 -4.31
CA TRP E 151 45.29 17.43 -5.40
C TRP E 151 45.13 18.84 -6.01
N GLN E 152 43.90 19.33 -6.10
CA GLN E 152 43.65 20.70 -6.61
C GLN E 152 44.42 21.73 -5.80
N ASP E 153 44.45 21.60 -4.48
CA ASP E 153 45.22 22.55 -3.63
C ASP E 153 46.70 22.63 -4.01
N LEU E 154 47.29 21.49 -4.41
CA LEU E 154 48.68 21.44 -4.77
C LEU E 154 49.05 22.36 -5.91
N LEU E 155 48.15 22.58 -6.85
CA LEU E 155 48.47 23.47 -7.96
C LEU E 155 48.62 24.92 -7.54
N LYS E 156 48.19 25.29 -6.33
CA LYS E 156 48.25 26.69 -5.89
C LYS E 156 49.42 27.19 -5.06
N GLY E 157 50.05 26.40 -4.21
CA GLY E 157 51.10 27.06 -3.38
C GLY E 157 52.45 27.37 -4.00
N ASN E 158 53.40 27.67 -3.12
CA ASN E 158 54.78 27.94 -3.46
C ASN E 158 55.77 26.93 -2.84
N TYR E 159 55.24 25.93 -2.14
CA TYR E 159 56.07 24.87 -1.54
C TYR E 159 56.38 23.83 -2.66
N LYS E 160 57.40 23.04 -2.40
CA LYS E 160 57.83 22.05 -3.34
C LYS E 160 57.10 20.76 -3.06
N ILE E 161 56.88 20.00 -4.15
CA ILE E 161 56.22 18.71 -4.11
C ILE E 161 57.17 17.57 -4.52
N THR E 162 57.30 16.57 -3.65
CA THR E 162 58.12 15.40 -3.90
C THR E 162 57.21 14.23 -4.31
N VAL E 163 57.37 13.77 -5.55
CA VAL E 163 56.57 12.69 -6.08
C VAL E 163 57.13 11.27 -5.88
N GLY E 164 58.45 11.16 -6.04
CA GLY E 164 59.16 9.88 -5.89
C GLY E 164 59.68 9.41 -7.25
N ASP E 165 60.48 8.38 -7.25
CA ASP E 165 61.10 7.88 -8.44
C ASP E 165 60.18 6.91 -9.13
N VAL E 166 59.54 7.40 -10.17
CA VAL E 166 58.62 6.62 -10.92
C VAL E 166 59.34 5.41 -11.58
N SER E 167 60.62 5.56 -11.95
CA SER E 167 61.38 4.47 -12.61
C SER E 167 61.67 3.27 -11.70
N VAL E 168 61.55 3.40 -10.38
CA VAL E 168 61.83 2.29 -9.49
C VAL E 168 60.78 2.02 -8.41
N ALA E 169 60.16 3.06 -7.87
CA ALA E 169 59.19 2.89 -6.79
C ALA E 169 57.71 2.76 -7.20
N ALA E 170 57.10 1.63 -6.82
CA ALA E 170 55.67 1.41 -7.07
C ALA E 170 54.84 2.44 -6.31
N GLN E 171 55.33 2.95 -5.18
CA GLN E 171 54.64 4.00 -4.45
C GLN E 171 54.41 5.24 -5.34
N ALA E 172 55.46 5.65 -6.05
CA ALA E 172 55.41 6.82 -6.93
C ALA E 172 54.49 6.59 -8.12
N VAL E 173 54.57 5.42 -8.71
CA VAL E 173 53.68 5.06 -9.85
C VAL E 173 52.20 5.14 -9.38
N SER E 174 51.90 4.59 -8.20
CA SER E 174 50.55 4.69 -7.68
C SER E 174 50.13 6.14 -7.35
N ALA E 175 51.07 6.96 -6.93
CA ALA E 175 50.75 8.37 -6.63
C ALA E 175 50.23 9.07 -7.89
N VAL E 176 50.76 8.70 -9.04
CA VAL E 176 50.30 9.30 -10.31
C VAL E 176 48.88 8.88 -10.63
N LEU E 177 48.59 7.59 -10.43
CA LEU E 177 47.23 7.08 -10.64
C LEU E 177 46.22 7.75 -9.70
N ALA E 178 46.65 7.99 -8.45
CA ALA E 178 45.78 8.64 -7.44
C ALA E 178 45.38 10.05 -7.91
N ALA E 179 46.37 10.82 -8.36
CA ALA E 179 46.07 12.15 -8.91
C ALA E 179 45.10 12.03 -10.11
N ASN E 180 45.37 11.01 -10.93
CA ASN E 180 44.59 10.76 -12.11
C ASN E 180 43.10 10.52 -11.76
N TYR E 181 42.84 9.70 -10.72
CA TYR E 181 41.48 9.50 -10.28
C TYR E 181 40.82 10.80 -9.83
N ALA E 182 41.56 11.64 -9.11
CA ALA E 182 41.01 12.93 -8.63
C ALA E 182 40.72 13.93 -9.78
N LEU E 183 41.43 13.76 -10.88
CA LEU E 183 41.27 14.59 -12.05
C LEU E 183 40.27 14.03 -13.08
N GLY E 184 39.48 13.03 -12.70
CA GLY E 184 38.42 12.51 -13.57
C GLY E 184 38.86 11.40 -14.48
N GLY E 185 40.08 10.92 -14.30
CA GLY E 185 40.65 9.83 -15.10
C GLY E 185 40.51 8.49 -14.42
N ASP E 186 41.11 7.47 -15.03
CA ASP E 186 41.10 6.13 -14.46
C ASP E 186 42.40 5.47 -14.89
N GLU E 187 42.53 4.20 -14.54
CA GLU E 187 43.77 3.43 -14.79
C GLU E 187 44.13 3.16 -16.26
N LYS E 188 43.22 3.45 -17.20
CA LYS E 188 43.47 3.19 -18.59
C LYS E 188 44.30 4.24 -19.34
N ASP E 189 44.27 5.47 -18.88
CA ASP E 189 44.89 6.60 -19.58
C ASP E 189 45.28 7.63 -18.54
N LEU E 190 46.59 7.78 -18.35
CA LEU E 190 47.16 8.71 -17.34
C LEU E 190 47.36 10.15 -17.80
N SER E 191 46.82 10.47 -18.97
CA SER E 191 46.99 11.83 -19.52
C SER E 191 46.63 12.99 -18.59
N PRO E 192 45.49 12.88 -17.88
CA PRO E 192 45.15 14.00 -17.02
C PRO E 192 46.21 14.25 -15.92
N ALA E 193 46.70 13.18 -15.30
CA ALA E 193 47.72 13.33 -14.25
C ALA E 193 49.02 13.82 -14.85
N LEU E 194 49.36 13.37 -16.05
CA LEU E 194 50.60 13.82 -16.71
C LEU E 194 50.55 15.33 -16.95
N ALA E 195 49.41 15.84 -17.41
CA ALA E 195 49.21 17.29 -17.59
C ALA E 195 49.28 18.06 -16.23
N PHE E 196 48.69 17.49 -15.18
CA PHE E 196 48.73 18.08 -13.80
C PHE E 196 50.18 18.22 -13.33
N PHE E 197 50.95 17.14 -13.44
CA PHE E 197 52.35 17.20 -13.02
C PHE E 197 53.22 18.08 -13.91
N ASN E 198 52.87 18.18 -15.19
CA ASN E 198 53.57 19.04 -16.08
C ASN E 198 53.38 20.47 -15.62
N THR E 199 52.18 20.81 -15.15
CA THR E 199 51.91 22.18 -14.68
C THR E 199 52.83 22.47 -13.46
N LEU E 200 52.90 21.53 -12.53
CA LEU E 200 53.80 21.69 -11.37
C LEU E 200 55.28 21.77 -11.83
N ALA E 201 55.66 20.96 -12.82
CA ALA E 201 57.03 21.02 -13.34
C ALA E 201 57.34 22.40 -13.85
N LYS E 202 56.46 22.95 -14.71
CA LYS E 202 56.65 24.27 -15.27
C LYS E 202 56.72 25.40 -14.24
N GLN E 203 56.02 25.24 -13.11
CA GLN E 203 56.01 26.20 -12.01
C GLN E 203 57.34 26.14 -11.24
N GLY E 204 58.13 25.10 -11.47
CA GLY E 204 59.43 24.94 -10.76
C GLY E 204 59.23 24.39 -9.35
N ARG E 205 58.14 23.63 -9.14
CA ARG E 205 57.80 23.13 -7.82
C ARG E 205 57.94 21.61 -7.60
N LEU E 206 58.37 20.87 -8.61
CA LEU E 206 58.57 19.45 -8.43
C LEU E 206 60.00 19.17 -8.04
N VAL E 207 60.19 18.24 -7.12
CA VAL E 207 61.53 17.86 -6.73
C VAL E 207 61.63 16.37 -7.06
N ASN E 208 62.70 15.98 -7.75
CA ASN E 208 62.89 14.56 -8.13
C ASN E 208 63.52 13.52 -7.21
N ASN E 209 63.74 13.91 -5.94
CA ASN E 209 64.04 13.04 -4.78
C ASN E 209 62.93 12.13 -4.18
N ASP E 210 63.36 11.20 -3.31
CA ASP E 210 62.49 10.19 -2.69
C ASP E 210 61.95 10.70 -1.36
N VAL E 211 60.85 10.14 -0.88
CA VAL E 211 60.36 10.51 0.43
C VAL E 211 60.98 9.48 1.37
N SER E 212 62.25 9.71 1.71
CA SER E 212 62.99 8.82 2.60
C SER E 212 63.12 9.48 3.95
N ILE E 213 63.23 8.66 4.99
CA ILE E 213 63.42 9.14 6.37
C ILE E 213 64.57 10.15 6.43
N ALA E 214 65.64 9.93 5.65
CA ALA E 214 66.79 10.83 5.60
C ALA E 214 66.47 12.22 5.05
N ASN E 215 65.49 12.34 4.15
CA ASN E 215 65.10 13.67 3.63
C ASN E 215 64.07 14.34 4.56
N LEU E 216 63.22 13.57 5.22
CA LEU E 216 62.22 14.12 6.18
C LEU E 216 62.90 14.70 7.43
N GLU E 217 63.88 13.96 7.97
CA GLU E 217 64.69 14.40 9.13
C GLU E 217 65.31 15.77 8.87
N LYS E 218 65.85 15.91 7.67
CA LYS E 218 66.54 17.10 7.19
C LYS E 218 65.67 18.19 6.59
N GLY E 219 64.36 17.95 6.47
CA GLY E 219 63.43 18.93 5.90
C GLY E 219 63.59 19.27 4.43
N GLU E 220 63.94 18.27 3.62
CA GLU E 220 64.04 18.46 2.16
C GLU E 220 62.72 18.01 1.49
N VAL E 221 61.70 17.73 2.30
CA VAL E 221 60.39 17.34 1.84
C VAL E 221 59.40 18.33 2.39
N GLU E 222 58.73 19.03 1.48
CA GLU E 222 57.70 20.01 1.87
C GLU E 222 56.36 19.33 1.81
N VAL E 223 55.96 18.83 0.63
CA VAL E 223 54.79 17.97 0.51
C VAL E 223 55.33 16.78 -0.25
N GLY E 224 55.11 15.59 0.29
CA GLY E 224 55.51 14.35 -0.35
C GLY E 224 54.31 13.44 -0.57
N LEU E 225 54.36 12.62 -1.60
CA LEU E 225 53.31 11.69 -1.90
C LEU E 225 53.76 10.30 -1.43
N VAL E 226 53.00 9.68 -0.53
CA VAL E 226 53.38 8.36 0.04
C VAL E 226 52.18 7.55 0.40
N TRP E 227 52.35 6.25 0.50
CA TRP E 227 51.31 5.38 1.00
C TRP E 227 51.05 5.79 2.45
N ASP E 228 49.78 5.80 2.85
CA ASP E 228 49.42 6.16 4.21
C ASP E 228 50.18 5.39 5.31
N PHE E 229 50.37 4.09 5.13
CA PHE E 229 51.13 3.31 6.12
C PHE E 229 52.58 3.83 6.30
N ASN E 230 53.19 4.30 5.20
CA ASN E 230 54.52 4.85 5.24
C ASN E 230 54.51 6.24 5.87
N GLY E 231 53.61 7.10 5.41
CA GLY E 231 53.51 8.42 5.99
C GLY E 231 53.27 8.40 7.50
N LEU E 232 52.35 7.55 7.94
CA LEU E 232 51.97 7.48 9.35
C LEU E 232 53.10 7.01 10.25
N GLY E 233 53.85 6.01 9.81
CA GLY E 233 55.01 5.52 10.54
C GLY E 233 56.05 6.59 10.67
N TYR E 234 56.33 7.32 9.58
CA TYR E 234 57.31 8.41 9.60
C TYR E 234 56.80 9.53 10.54
N ARG E 235 55.54 9.91 10.42
CA ARG E 235 54.98 10.93 11.30
C ARG E 235 55.17 10.56 12.78
N ASP E 236 54.86 9.31 13.11
CA ASP E 236 54.95 8.84 14.50
C ASP E 236 56.42 8.95 14.99
N LYS E 237 57.40 8.74 14.11
CA LYS E 237 58.83 8.84 14.44
C LYS E 237 59.48 10.23 14.45
N VAL E 238 59.09 11.12 13.55
CA VAL E 238 59.65 12.48 13.49
C VAL E 238 58.75 13.43 14.30
N GLY E 239 57.53 13.02 14.61
CA GLY E 239 56.59 13.81 15.43
C GLY E 239 55.36 14.42 14.77
N LYS E 240 54.19 14.17 15.38
CA LYS E 240 52.88 14.71 14.95
C LYS E 240 52.91 16.25 14.77
N ASP E 241 53.73 16.91 15.57
CA ASP E 241 53.87 18.38 15.46
C ASP E 241 54.70 18.85 14.25
N ARG E 242 55.44 17.96 13.62
CA ARG E 242 56.30 18.26 12.48
C ARG E 242 55.64 17.93 11.12
N TYR E 243 54.90 16.82 11.05
CA TYR E 243 54.26 16.42 9.79
C TYR E 243 52.83 16.02 9.96
N GLU E 244 52.02 16.42 8.99
CA GLU E 244 50.62 16.06 8.94
C GLU E 244 50.51 15.08 7.79
N VAL E 245 49.72 14.01 7.98
CA VAL E 245 49.49 13.01 6.97
C VAL E 245 47.96 12.99 6.76
N LEU E 246 47.56 12.97 5.49
CA LEU E 246 46.14 12.98 5.13
C LEU E 246 45.93 12.40 3.76
N ILE E 247 44.72 11.90 3.51
CA ILE E 247 44.35 11.41 2.18
C ILE E 247 43.71 12.59 1.42
N PRO E 248 44.17 12.87 0.19
CA PRO E 248 43.60 13.98 -0.60
C PRO E 248 42.12 13.69 -0.82
N ALA E 249 41.26 14.68 -0.59
CA ALA E 249 39.81 14.46 -0.62
C ALA E 249 39.18 14.35 -1.99
N ASP E 250 39.84 14.85 -3.03
CA ASP E 250 39.30 14.78 -4.35
C ASP E 250 39.51 13.44 -5.02
N GLY E 251 40.25 12.56 -4.35
CA GLY E 251 40.47 11.20 -4.87
C GLY E 251 41.87 10.69 -4.60
N SER E 252 41.95 9.39 -4.50
CA SER E 252 43.18 8.70 -4.32
C SER E 252 42.96 7.26 -4.76
N VAL E 253 44.03 6.48 -4.71
CA VAL E 253 43.98 5.08 -5.03
C VAL E 253 44.17 4.26 -3.77
N ILE E 254 43.31 3.27 -3.61
CA ILE E 254 43.40 2.37 -2.48
C ILE E 254 43.69 1.01 -3.04
N SER E 255 44.65 0.33 -2.45
CA SER E 255 44.94 -0.99 -2.90
C SER E 255 44.96 -1.87 -1.63
N GLY E 256 45.46 -3.07 -1.74
CA GLY E 256 45.47 -3.92 -0.57
C GLY E 256 46.29 -5.14 -0.81
N TYR E 257 46.34 -5.96 0.23
CA TYR E 257 47.11 -7.16 0.24
C TYR E 257 46.24 -8.28 0.79
N THR E 258 46.38 -9.47 0.23
CA THR E 258 45.61 -10.64 0.63
C THR E 258 46.49 -11.84 0.87
N THR E 259 46.12 -12.63 1.87
CA THR E 259 46.84 -13.85 2.11
C THR E 259 46.34 -14.82 1.03
N ILE E 260 47.14 -15.83 0.76
CA ILE E 260 46.81 -16.92 -0.16
C ILE E 260 47.17 -18.20 0.56
N ILE E 261 46.19 -19.08 0.69
CA ILE E 261 46.43 -20.36 1.33
C ILE E 261 46.75 -21.28 0.18
N ASN E 262 47.97 -21.78 0.20
CA ASN E 262 48.45 -22.66 -0.86
C ASN E 262 47.56 -23.93 -1.00
N LYS E 263 47.06 -24.18 -2.20
CA LYS E 263 46.25 -25.36 -2.46
C LYS E 263 47.07 -26.59 -2.08
N TYR E 264 48.38 -26.53 -2.29
CA TYR E 264 49.27 -27.65 -2.00
C TYR E 264 49.94 -27.52 -0.65
N ALA E 265 49.39 -26.72 0.27
CA ALA E 265 50.06 -26.55 1.57
C ALA E 265 50.34 -27.88 2.26
N LYS E 266 51.49 -27.97 2.89
CA LYS E 266 51.83 -29.14 3.68
C LYS E 266 51.12 -29.00 5.05
N HIS E 267 50.93 -27.75 5.53
CA HIS E 267 50.24 -27.51 6.79
C HIS E 267 49.01 -26.61 6.51
N PRO E 268 47.99 -27.16 5.83
CA PRO E 268 46.84 -26.31 5.50
C PRO E 268 46.02 -25.79 6.68
N ASN E 269 45.85 -26.60 7.71
CA ASN E 269 45.09 -26.13 8.90
C ASN E 269 45.79 -24.97 9.63
N ALA E 270 47.11 -25.04 9.74
CA ALA E 270 47.89 -23.99 10.39
C ALA E 270 47.82 -22.70 9.54
N ALA E 271 47.76 -22.85 8.21
CA ALA E 271 47.62 -21.69 7.34
C ALA E 271 46.23 -21.09 7.51
N LYS E 272 45.20 -21.95 7.57
CA LYS E 272 43.83 -21.48 7.77
C LYS E 272 43.66 -20.72 9.12
N LEU E 273 44.24 -21.30 10.16
CA LEU E 273 44.20 -20.68 11.48
C LEU E 273 44.90 -19.29 11.40
N ALA E 274 46.03 -19.21 10.72
CA ALA E 274 46.74 -17.94 10.54
C ALA E 274 45.82 -16.90 9.89
N ARG E 275 45.20 -17.28 8.77
CA ARG E 275 44.26 -16.35 8.14
C ARG E 275 43.12 -15.94 9.09
N GLU E 276 42.53 -16.92 9.77
CA GLU E 276 41.47 -16.67 10.76
C GLU E 276 41.96 -15.67 11.79
N PHE E 277 43.13 -15.90 12.36
CA PHE E 277 43.67 -15.02 13.37
C PHE E 277 43.92 -13.61 12.79
N ILE E 278 44.51 -13.53 11.60
CA ILE E 278 44.80 -12.25 10.94
C ILE E 278 43.55 -11.38 10.73
N LEU E 279 42.43 -12.03 10.45
CA LEU E 279 41.15 -11.32 10.24
C LEU E 279 40.44 -11.02 11.55
N SER E 280 40.81 -11.74 12.61
CA SER E 280 40.19 -11.55 13.93
C SER E 280 40.58 -10.20 14.51
N ASP E 281 39.89 -9.78 15.57
CA ASP E 281 40.21 -8.50 16.18
C ASP E 281 41.66 -8.41 16.55
N LYS E 282 42.18 -9.46 17.22
CA LYS E 282 43.60 -9.40 17.59
C LYS E 282 44.51 -9.21 16.38
N GLY E 283 44.27 -9.94 15.30
CA GLY E 283 45.11 -9.81 14.10
C GLY E 283 44.96 -8.46 13.41
N GLN E 284 43.75 -7.90 13.47
CA GLN E 284 43.50 -6.60 12.86
C GLN E 284 44.14 -5.49 13.68
N ILE E 285 44.14 -5.63 15.01
CA ILE E 285 44.79 -4.66 15.90
C ILE E 285 46.28 -4.72 15.64
N ASN E 286 46.83 -5.93 15.46
CA ASN E 286 48.28 -6.06 15.17
C ASN E 286 48.70 -5.29 13.92
N LEU E 287 47.90 -5.38 12.86
CA LEU E 287 48.15 -4.67 11.61
C LEU E 287 48.06 -3.16 11.85
N ALA E 288 47.03 -2.71 12.58
CA ALA E 288 46.89 -1.27 12.88
C ALA E 288 48.13 -0.78 13.64
N LYS E 289 48.66 -1.62 14.53
CA LYS E 289 49.89 -1.28 15.30
C LYS E 289 51.08 -1.12 14.38
N GLY E 290 51.03 -1.74 13.21
CA GLY E 290 52.06 -1.61 12.20
C GLY E 290 51.76 -0.50 11.20
N TYR E 291 50.79 0.38 11.49
CA TYR E 291 50.39 1.50 10.64
C TYR E 291 49.60 1.06 9.36
N ALA E 292 49.31 -0.22 9.24
CA ALA E 292 48.59 -0.72 8.09
C ALA E 292 47.12 -0.68 8.41
N ARG E 293 46.33 0.09 7.64
N ARG E 293 46.35 -0.03 7.55
CA ARG E 293 44.89 0.18 7.92
CA ARG E 293 44.92 0.12 7.77
C ARG E 293 44.16 -1.17 7.73
C ARG E 293 44.16 -1.23 7.68
N PRO E 294 43.67 -1.76 8.83
CA PRO E 294 42.98 -3.04 8.76
C PRO E 294 41.66 -2.99 8.02
N ILE E 295 41.37 -4.05 7.29
CA ILE E 295 40.16 -4.10 6.51
C ILE E 295 38.93 -4.00 7.40
N ARG E 296 38.99 -4.50 8.66
CA ARG E 296 37.86 -4.46 9.57
C ARG E 296 37.94 -3.28 10.55
N ILE E 297 38.60 -2.20 10.13
CA ILE E 297 38.74 -0.98 10.93
C ILE E 297 37.39 -0.49 11.49
N ASP E 298 36.32 -0.56 10.72
CA ASP E 298 35.02 -0.06 11.25
C ASP E 298 34.34 -1.00 12.24
N HIS E 299 34.93 -2.18 12.47
CA HIS E 299 34.31 -3.18 13.37
C HIS E 299 35.16 -3.65 14.55
N ILE E 300 36.22 -2.93 14.83
CA ILE E 300 37.09 -3.27 15.93
C ILE E 300 37.20 -2.02 16.79
N THR E 301 37.63 -2.22 18.03
CA THR E 301 37.83 -1.12 18.91
C THR E 301 39.32 -1.03 19.13
N LEU E 302 39.92 -0.03 18.51
CA LEU E 302 41.34 0.16 18.66
C LEU E 302 41.57 0.81 19.99
N PRO E 303 42.59 0.34 20.72
CA PRO E 303 42.87 1.10 21.95
C PRO E 303 43.34 2.51 21.54
N ASP E 304 43.14 3.48 22.42
CA ASP E 304 43.47 4.90 22.17
C ASP E 304 44.89 5.18 21.66
N ASP E 305 45.88 4.48 22.23
CA ASP E 305 47.27 4.65 21.80
C ASP E 305 47.46 4.24 20.32
N ILE E 306 46.68 3.25 19.89
CA ILE E 306 46.73 2.76 18.51
C ILE E 306 45.83 3.58 17.60
N LYS E 307 44.64 3.94 18.06
CA LYS E 307 43.70 4.72 17.24
C LYS E 307 44.40 5.97 16.67
N ALA E 308 45.30 6.57 17.46
CA ALA E 308 46.01 7.76 17.03
C ALA E 308 47.05 7.54 15.88
N LYS E 309 47.47 6.29 15.67
N LYS E 309 47.50 6.30 15.67
CA LYS E 309 48.44 5.97 14.62
CA LYS E 309 48.46 6.03 14.59
C LYS E 309 47.81 5.95 13.22
C LYS E 309 47.80 6.03 13.22
N LEU E 310 46.49 5.82 13.15
CA LEU E 310 45.77 5.77 11.88
C LEU E 310 44.96 7.02 11.55
N LEU E 311 44.48 7.07 10.31
CA LEU E 311 43.67 8.20 9.83
C LEU E 311 42.18 7.94 9.99
N PRO E 312 41.39 9.00 10.18
CA PRO E 312 39.95 8.73 10.31
C PRO E 312 39.36 8.18 9.00
N SER E 313 38.43 7.24 9.15
CA SER E 313 37.79 6.56 8.04
C SER E 313 37.13 7.46 6.99
N GLU E 314 36.63 8.62 7.38
CA GLU E 314 35.99 9.50 6.40
C GLU E 314 36.97 10.05 5.34
N GLN E 315 38.25 10.02 5.64
CA GLN E 315 39.23 10.47 4.64
C GLN E 315 39.33 9.53 3.47
N TYR E 316 38.82 8.31 3.61
CA TYR E 316 38.90 7.31 2.55
C TYR E 316 37.66 7.22 1.70
N LYS E 317 36.66 8.04 2.05
CA LYS E 317 35.36 8.14 1.39
C LYS E 317 35.40 8.00 -0.13
N ASN E 318 36.33 8.71 -0.75
CA ASN E 318 36.47 8.80 -2.22
C ASN E 318 37.70 8.16 -2.82
N ALA E 319 38.44 7.36 -2.04
CA ALA E 319 39.56 6.59 -2.55
C ALA E 319 38.98 5.53 -3.49
N ARG E 320 39.63 5.28 -4.62
CA ARG E 320 39.17 4.29 -5.60
C ARG E 320 40.12 3.12 -5.76
N ALA E 321 39.53 1.96 -5.99
CA ALA E 321 40.28 0.75 -6.21
C ALA E 321 40.36 0.54 -7.71
N ILE E 322 41.42 -0.12 -8.14
CA ILE E 322 41.62 -0.45 -9.54
C ILE E 322 40.66 -1.55 -9.98
N LYS E 323 39.95 -1.29 -11.07
CA LYS E 323 38.97 -2.22 -11.66
C LYS E 323 39.48 -3.05 -12.84
N ASP E 324 40.35 -2.46 -13.67
CA ASP E 324 40.89 -3.15 -14.85
C ASP E 324 42.39 -3.29 -14.63
N GLN E 325 42.77 -4.42 -14.05
CA GLN E 325 44.16 -4.68 -13.73
C GLN E 325 45.05 -4.73 -14.96
N LYS E 326 44.56 -5.34 -16.03
CA LYS E 326 45.28 -5.47 -17.27
C LYS E 326 45.62 -4.05 -17.83
N ALA E 327 44.64 -3.17 -17.86
CA ALA E 327 44.86 -1.81 -18.33
C ALA E 327 45.85 -1.07 -17.39
N TRP E 328 45.70 -1.26 -16.09
CA TRP E 328 46.62 -0.62 -15.16
C TRP E 328 48.06 -1.06 -15.41
N GLU E 329 48.33 -2.36 -15.52
CA GLU E 329 49.71 -2.88 -15.76
C GLU E 329 50.37 -2.25 -16.99
N LYS E 330 49.58 -2.14 -18.06
CA LYS E 330 50.03 -1.54 -19.31
C LYS E 330 50.29 -0.03 -19.11
N SER E 331 49.39 0.72 -18.46
CA SER E 331 49.65 2.16 -18.21
C SER E 331 50.86 2.38 -17.26
N ALA E 332 50.95 1.54 -16.22
CA ALA E 332 52.07 1.65 -15.27
C ALA E 332 53.42 1.33 -15.92
N LYS E 333 53.42 0.36 -16.84
CA LYS E 333 54.64 -0.03 -17.60
C LYS E 333 55.17 1.12 -18.49
N GLU E 334 54.26 1.88 -19.11
CA GLU E 334 54.61 3.02 -20.00
C GLU E 334 54.98 4.30 -19.22
N LEU E 335 54.50 4.43 -17.99
CA LEU E 335 54.67 5.64 -17.20
C LEU E 335 56.08 6.19 -17.01
N PRO E 336 57.09 5.33 -16.74
CA PRO E 336 58.44 5.89 -16.54
C PRO E 336 58.93 6.74 -17.70
N GLN E 337 58.70 6.26 -18.91
CA GLN E 337 59.10 6.99 -20.11
C GLN E 337 58.23 8.23 -20.32
N LEU E 338 56.92 8.11 -20.09
CA LEU E 338 56.05 9.27 -20.22
C LEU E 338 56.37 10.33 -19.17
N TRP E 339 56.76 9.91 -17.98
CA TRP E 339 57.12 10.87 -16.92
C TRP E 339 58.27 11.74 -17.43
N GLN E 340 59.29 11.12 -18.03
CA GLN E 340 60.43 11.86 -18.60
C GLN E 340 60.05 12.80 -19.74
N GLU E 341 59.25 12.27 -20.65
CA GLU E 341 58.84 12.96 -21.86
C GLU E 341 57.79 14.04 -21.67
N LYS E 342 56.94 13.92 -20.65
CA LYS E 342 55.87 14.87 -20.39
C LYS E 342 56.06 15.75 -19.14
N VAL E 343 56.85 15.31 -18.16
CA VAL E 343 56.96 16.08 -16.89
C VAL E 343 58.39 16.57 -16.70
N ILE E 344 59.35 15.65 -16.69
CA ILE E 344 60.76 16.07 -16.50
C ILE E 344 61.23 17.07 -17.56
N VAL E 345 60.69 16.95 -18.77
CA VAL E 345 61.03 17.81 -19.89
C VAL E 345 60.84 19.28 -19.60
N ASP E 346 59.82 19.61 -18.79
CA ASP E 346 59.57 21.00 -18.46
C ASP E 346 60.01 21.41 -17.03
N ALA F 21 32.28 -24.93 23.22
CA ALA F 21 32.05 -23.55 23.76
C ALA F 21 30.81 -22.99 23.10
N ILE F 22 29.78 -22.64 23.89
CA ILE F 22 28.55 -22.14 23.28
C ILE F 22 28.80 -20.76 22.62
N ASP F 23 28.22 -20.56 21.44
CA ASP F 23 28.33 -19.34 20.63
C ASP F 23 27.98 -18.09 21.48
N GLU F 24 28.85 -17.10 21.43
CA GLU F 24 28.74 -15.87 22.23
C GLU F 24 27.52 -15.10 21.79
N ASN F 25 27.29 -15.10 20.48
CA ASN F 25 26.15 -14.46 19.83
C ASN F 25 24.80 -15.08 20.31
N LEU F 26 24.73 -16.41 20.37
CA LEU F 26 23.52 -17.10 20.80
C LEU F 26 23.24 -16.74 22.23
N ILE F 27 24.26 -16.84 23.07
CA ILE F 27 24.13 -16.47 24.47
C ILE F 27 23.53 -15.07 24.67
N LYS F 28 24.08 -14.04 24.04
CA LYS F 28 23.57 -12.69 24.23
C LYS F 28 22.17 -12.47 23.61
N ALA F 29 21.88 -13.15 22.49
CA ALA F 29 20.57 -13.04 21.89
C ALA F 29 19.57 -13.68 22.86
N ALA F 30 19.94 -14.79 23.51
CA ALA F 30 19.04 -15.46 24.49
C ALA F 30 18.83 -14.58 25.74
N GLN F 31 19.91 -13.98 26.22
CA GLN F 31 19.85 -13.05 27.38
C GLN F 31 18.96 -11.81 27.08
N ALA F 32 18.96 -11.32 25.85
CA ALA F 32 18.11 -10.18 25.46
C ALA F 32 16.62 -10.60 25.60
N GLU F 33 16.33 -11.85 25.30
CA GLU F 33 14.97 -12.40 25.48
C GLU F 33 14.74 -12.58 26.99
N GLY F 34 15.74 -13.08 27.70
CA GLY F 34 15.71 -13.20 29.17
C GLY F 34 15.13 -14.45 29.81
N ARG F 35 14.40 -15.25 29.05
CA ARG F 35 13.78 -16.44 29.58
C ARG F 35 13.44 -17.40 28.48
N VAL F 36 13.18 -18.65 28.86
CA VAL F 36 12.73 -19.68 27.95
C VAL F 36 11.53 -20.33 28.64
N ASN F 37 10.44 -20.50 27.89
CA ASN F 37 9.23 -21.12 28.39
C ASN F 37 9.18 -22.50 27.79
N SER F 38 9.02 -23.52 28.62
CA SER F 38 8.94 -24.88 28.10
C SER F 38 7.57 -25.50 28.27
N LEU F 39 7.32 -26.51 27.46
CA LEU F 39 6.13 -27.31 27.55
C LEU F 39 6.64 -28.74 27.86
N ALA F 40 5.99 -29.42 28.80
CA ALA F 40 6.31 -30.80 29.14
C ALA F 40 7.76 -31.13 29.50
N PRO F 42 9.03 -30.75 32.96
CA PRO F 42 8.99 -30.46 34.38
C PRO F 42 10.26 -30.95 35.11
N ASP F 43 10.50 -30.34 36.26
CA ASP F 43 11.67 -30.65 37.08
C ASP F 43 11.80 -32.12 37.49
N THR F 44 10.66 -32.82 37.55
CA THR F 44 10.61 -34.21 37.93
C THR F 44 10.94 -35.20 36.81
N TRP F 45 10.92 -34.76 35.55
CA TRP F 45 11.26 -35.69 34.45
C TRP F 45 12.74 -35.55 33.95
N ALA F 46 13.40 -36.69 33.73
CA ALA F 46 14.79 -36.76 33.22
C ALA F 46 15.77 -35.74 33.81
N ASN F 47 15.60 -35.44 35.09
CA ASN F 47 16.44 -34.45 35.76
C ASN F 47 16.52 -33.12 34.98
N TRP F 48 15.39 -32.62 34.47
CA TRP F 48 15.43 -31.32 33.82
C TRP F 48 15.74 -30.24 34.87
N LYS F 49 15.36 -30.44 36.13
CA LYS F 49 15.67 -29.43 37.15
C LYS F 49 17.13 -28.95 37.09
N ASP F 50 18.12 -29.85 36.96
CA ASP F 50 19.54 -29.44 36.88
C ASP F 50 19.88 -28.61 35.65
N THR F 51 19.25 -28.91 34.52
CA THR F 51 19.51 -28.18 33.29
C THR F 51 18.90 -26.75 33.36
N TRP F 52 17.68 -26.60 33.88
CA TRP F 52 17.12 -25.25 34.00
C TRP F 52 17.94 -24.46 35.03
N ALA F 53 18.34 -25.11 36.12
CA ALA F 53 19.17 -24.43 37.13
C ALA F 53 20.49 -23.98 36.49
N ASP F 54 21.13 -24.83 35.70
CA ASP F 54 22.38 -24.45 35.02
C ASP F 54 22.19 -23.26 34.08
N LEU F 55 21.08 -23.23 33.32
CA LEU F 55 20.81 -22.12 32.41
C LEU F 55 20.61 -20.80 33.18
N LYS F 56 20.01 -20.89 34.35
CA LYS F 56 19.82 -19.74 35.21
C LYS F 56 21.18 -19.30 35.79
N ASN F 57 21.95 -20.27 36.31
CA ASN F 57 23.26 -19.96 36.94
C ASN F 57 24.37 -19.53 36.01
N LEU F 58 24.43 -20.13 34.83
CA LEU F 58 25.49 -19.83 33.86
C LEU F 58 25.22 -18.66 32.96
N TYR F 59 23.97 -18.47 32.58
CA TYR F 59 23.62 -17.42 31.61
C TYR F 59 22.53 -16.43 31.99
N ASP F 60 22.01 -16.54 33.22
CA ASP F 60 20.98 -15.65 33.73
C ASP F 60 19.62 -15.80 32.97
N ILE F 61 19.36 -17.00 32.44
CA ILE F 61 18.12 -17.24 31.70
C ILE F 61 17.07 -17.82 32.64
N GLU F 62 15.93 -17.13 32.71
CA GLU F 62 14.82 -17.57 33.57
C GLU F 62 14.01 -18.63 32.80
N HIS F 63 13.11 -19.28 33.51
CA HIS F 63 12.32 -20.32 32.92
C HIS F 63 11.11 -20.69 33.71
N SER F 64 10.10 -21.17 33.00
CA SER F 64 8.90 -21.70 33.62
C SER F 64 8.39 -22.79 32.67
N ASP F 65 7.66 -23.76 33.20
CA ASP F 65 7.16 -24.91 32.44
C ASP F 65 5.70 -25.14 32.63
N THR F 66 5.08 -25.76 31.62
CA THR F 66 3.70 -26.22 31.71
C THR F 66 3.71 -27.66 31.19
N ASP F 67 3.46 -28.63 32.06
CA ASP F 67 3.48 -30.04 31.67
C ASP F 67 2.20 -30.41 30.88
N SER F 69 0.74 -33.43 27.43
CA SER F 69 1.07 -34.56 26.56
C SER F 69 1.72 -34.07 25.27
N SER F 70 2.39 -34.98 24.56
CA SER F 70 3.04 -34.60 23.32
C SER F 70 2.07 -34.00 22.32
N ALA F 71 0.92 -34.65 22.13
CA ALA F 71 -0.07 -34.14 21.18
C ALA F 71 -0.51 -32.72 21.54
N GLN F 72 -0.71 -32.47 22.84
CA GLN F 72 -1.11 -31.14 23.34
C GLN F 72 -0.05 -30.06 23.04
N GLU F 73 1.24 -30.40 23.17
CA GLU F 73 2.27 -29.39 22.85
C GLU F 73 2.31 -29.05 21.34
N ILE F 74 2.03 -30.03 20.48
CA ILE F 74 2.00 -29.79 19.04
C ILE F 74 0.81 -28.88 18.69
N ALA F 75 -0.38 -29.22 19.17
CA ALA F 75 -1.57 -28.38 18.89
C ALA F 75 -1.40 -26.93 19.40
N LYS F 76 -0.76 -26.81 20.55
CA LYS F 76 -0.51 -25.53 21.21
C LYS F 76 0.52 -24.67 20.43
N PHE F 77 1.62 -25.27 19.95
CA PHE F 77 2.55 -24.48 19.15
C PHE F 77 1.87 -24.01 17.85
N LYS F 78 1.04 -24.88 17.29
CA LYS F 78 0.37 -24.61 16.02
C LYS F 78 -0.60 -23.43 16.10
N THR F 79 -1.41 -23.36 17.16
CA THR F 79 -2.44 -22.31 17.26
C THR F 79 -1.96 -20.95 17.80
N GLU F 80 -1.04 -20.99 18.77
CA GLU F 80 -0.56 -19.78 19.43
C GLU F 80 0.55 -19.05 18.69
N LYS F 81 0.22 -18.56 17.50
CA LYS F 81 1.17 -17.86 16.67
C LYS F 81 1.49 -16.43 17.15
N LYS F 82 0.48 -15.67 17.58
CA LYS F 82 0.72 -14.28 17.99
C LYS F 82 1.53 -14.11 19.28
N ASN F 83 1.17 -14.85 20.33
CA ASN F 83 1.83 -14.74 21.63
C ASN F 83 2.01 -16.15 22.20
N ALA F 84 2.94 -16.89 21.63
CA ALA F 84 3.21 -18.26 22.03
C ALA F 84 3.51 -18.33 23.51
N SER F 85 2.86 -19.25 24.21
CA SER F 85 3.12 -19.42 25.62
C SER F 85 4.32 -20.38 25.81
N GLY F 86 4.74 -21.08 24.75
CA GLY F 86 5.83 -22.03 24.80
C GLY F 86 6.85 -21.77 23.69
N ASP F 87 8.13 -21.97 24.02
CA ASP F 87 9.23 -21.76 23.08
C ASP F 87 9.89 -23.08 22.71
N ILE F 88 9.97 -23.99 23.68
CA ILE F 88 10.56 -25.29 23.49
C ILE F 88 9.73 -26.34 24.20
N GLY F 89 9.67 -27.50 23.59
CA GLY F 89 8.92 -28.63 24.08
C GLY F 89 9.74 -29.90 23.90
N ASP F 90 9.26 -30.97 24.54
CA ASP F 90 9.91 -32.26 24.52
C ASP F 90 8.83 -33.29 24.24
N VAL F 91 9.03 -34.07 23.19
CA VAL F 91 8.02 -35.04 22.77
C VAL F 91 8.59 -36.41 22.44
N GLY F 92 7.71 -37.39 22.37
CA GLY F 92 8.10 -38.75 22.00
C GLY F 92 8.65 -38.68 20.59
N ALA F 93 9.57 -39.59 20.25
CA ALA F 93 10.21 -39.63 18.93
C ALA F 93 9.22 -39.56 17.77
N SER F 94 8.11 -40.31 17.85
CA SER F 94 7.09 -40.28 16.78
C SER F 94 6.59 -38.87 16.53
N PHE F 95 6.57 -38.01 17.54
CA PHE F 95 6.11 -36.64 17.36
C PHE F 95 7.06 -35.70 16.57
N GLY F 96 8.27 -36.15 16.26
CA GLY F 96 9.21 -35.34 15.48
C GLY F 96 8.63 -35.10 14.08
N GLU F 97 8.37 -36.19 13.36
CA GLU F 97 7.76 -36.11 12.01
C GLU F 97 6.41 -35.43 12.01
N ILE F 98 5.66 -35.59 13.09
CA ILE F 98 4.34 -34.95 13.21
C ILE F 98 4.51 -33.43 13.30
N ALA F 99 5.44 -33.00 14.14
CA ALA F 99 5.78 -31.57 14.31
C ALA F 99 6.12 -30.91 12.96
N VAL F 100 7.01 -31.56 12.19
CA VAL F 100 7.44 -31.07 10.87
C VAL F 100 6.22 -31.03 9.92
N LYS F 101 5.49 -32.14 9.89
CA LYS F 101 4.28 -32.31 9.07
C LYS F 101 3.28 -31.18 9.35
N GLN F 102 3.18 -30.76 10.60
CA GLN F 102 2.28 -29.67 10.98
C GLN F 102 2.85 -28.23 10.99
N GLY F 103 4.10 -28.06 10.53
CA GLY F 103 4.75 -26.74 10.45
C GLY F 103 4.90 -26.01 11.77
N VAL F 104 5.19 -26.78 12.81
CA VAL F 104 5.32 -26.29 14.18
C VAL F 104 6.77 -26.20 14.68
N ALA F 105 7.71 -26.76 13.91
CA ALA F 105 9.12 -26.76 14.28
C ALA F 105 10.01 -25.86 13.42
N GLN F 106 11.04 -25.29 14.08
CA GLN F 106 12.11 -24.55 13.38
C GLN F 106 13.44 -25.30 13.70
N PRO F 107 14.39 -25.27 12.74
CA PRO F 107 15.57 -26.08 12.88
C PRO F 107 16.74 -25.51 13.65
N PHE F 108 17.46 -26.39 14.33
CA PHE F 108 18.66 -25.99 15.03
C PHE F 108 19.37 -27.31 15.33
N LYS F 109 20.33 -27.65 14.48
CA LYS F 109 21.07 -28.91 14.61
C LYS F 109 21.95 -29.08 15.87
N THR F 110 22.49 -27.98 16.39
CA THR F 110 23.41 -27.90 17.54
C THR F 110 24.78 -28.20 17.06
N SER F 111 25.80 -27.85 17.84
CA SER F 111 27.15 -28.13 17.40
C SER F 111 27.47 -29.63 17.54
N TYR F 112 26.56 -30.41 18.09
CA TYR F 112 26.80 -31.82 18.33
C TYR F 112 26.11 -32.76 17.34
N TRP F 113 25.51 -32.19 16.30
CA TRP F 113 24.75 -32.94 15.31
C TRP F 113 25.40 -34.21 14.79
N ASP F 114 26.68 -34.11 14.44
CA ASP F 114 27.39 -35.27 13.88
C ASP F 114 27.53 -36.44 14.83
N GLN F 115 27.39 -36.20 16.13
CA GLN F 115 27.45 -37.28 17.11
C GLN F 115 26.10 -37.95 17.42
N ILE F 116 25.03 -37.45 16.85
CA ILE F 116 23.69 -37.98 17.04
C ILE F 116 23.41 -38.98 15.91
N PRO F 117 23.02 -40.24 16.23
CA PRO F 117 22.80 -41.24 15.19
C PRO F 117 21.77 -40.86 14.16
N THR F 118 21.92 -41.39 12.95
CA THR F 118 21.04 -41.13 11.81
C THR F 118 19.55 -41.42 12.13
N TRP F 119 19.28 -42.57 12.77
CA TRP F 119 17.87 -42.97 13.15
C TRP F 119 17.26 -42.03 14.17
N ALA F 120 18.11 -41.30 14.90
CA ALA F 120 17.67 -40.42 15.96
C ALA F 120 17.48 -38.93 15.59
N LYS F 121 17.32 -38.63 14.31
CA LYS F 121 17.18 -37.24 13.93
C LYS F 121 16.62 -37.13 12.52
N ASP F 122 16.20 -35.92 12.15
CA ASP F 122 15.71 -35.67 10.77
C ASP F 122 16.96 -35.27 9.99
N LYS F 123 16.80 -34.65 8.82
CA LYS F 123 17.93 -34.21 8.01
C LYS F 123 18.21 -32.69 8.15
N ASP F 124 17.20 -31.92 8.57
CA ASP F 124 17.30 -30.46 8.66
C ASP F 124 17.56 -29.83 10.04
N GLY F 125 17.44 -30.63 11.10
CA GLY F 125 17.61 -30.14 12.45
C GLY F 125 16.33 -29.77 13.17
N ASN F 126 15.17 -30.18 12.63
CA ASN F 126 13.90 -29.89 13.35
C ASN F 126 13.68 -30.75 14.62
N TRP F 127 14.17 -31.98 14.57
CA TRP F 127 14.09 -32.87 15.69
C TRP F 127 15.33 -33.74 15.81
N LEU F 128 15.63 -34.08 17.06
CA LEU F 128 16.79 -34.88 17.38
C LEU F 128 16.67 -35.42 18.78
N LEU F 129 16.79 -36.72 18.92
CA LEU F 129 16.63 -37.31 20.22
C LEU F 129 17.81 -36.88 21.11
N ALA F 130 17.54 -36.42 22.32
CA ALA F 130 18.61 -36.10 23.29
C ALA F 130 18.85 -37.26 24.26
N TYR F 131 17.88 -38.15 24.37
CA TYR F 131 17.99 -39.29 25.27
C TYR F 131 17.03 -40.35 24.77
N THR F 132 17.27 -41.58 25.21
CA THR F 132 16.45 -42.70 24.83
C THR F 132 15.97 -43.45 26.04
N GLY F 133 14.99 -44.30 25.75
CA GLY F 133 14.43 -45.26 26.69
C GLY F 133 14.34 -46.59 25.94
N THR F 134 14.63 -47.70 26.61
CA THR F 134 14.60 -49.07 26.07
C THR F 134 13.98 -50.02 27.12
N ILE F 135 13.16 -50.98 26.68
CA ILE F 135 12.53 -51.93 27.60
C ILE F 135 13.58 -52.89 28.14
N ALA F 136 13.60 -53.00 29.46
CA ALA F 136 14.53 -53.81 30.22
C ALA F 136 13.79 -54.75 31.14
N PHE F 137 14.55 -55.65 31.74
CA PHE F 137 14.09 -56.53 32.77
C PHE F 137 14.66 -55.99 34.09
N ILE F 138 13.85 -56.05 35.13
CA ILE F 138 14.27 -55.76 36.48
C ILE F 138 14.01 -57.12 37.20
N VAL F 139 15.09 -57.73 37.70
CA VAL F 139 15.09 -59.07 38.29
C VAL F 139 15.46 -59.06 39.78
N ASN F 140 14.65 -59.77 40.57
CA ASN F 140 14.88 -59.88 42.01
C ASN F 140 15.96 -60.94 42.22
N LYS F 141 17.18 -60.48 42.56
CA LYS F 141 18.34 -61.38 42.73
C LYS F 141 18.25 -62.35 43.88
N ASP F 142 17.38 -62.04 44.83
CA ASP F 142 17.18 -62.92 45.96
C ASP F 142 16.28 -64.12 45.62
N VAL F 143 15.20 -63.89 44.86
CA VAL F 143 14.27 -64.98 44.53
C VAL F 143 14.64 -65.66 43.21
N VAL F 144 15.24 -64.91 42.29
CA VAL F 144 15.66 -65.43 41.00
C VAL F 144 17.17 -65.66 41.01
N LYS F 145 17.57 -66.94 40.97
CA LYS F 145 18.99 -67.37 40.98
C LYS F 145 19.59 -67.53 39.58
N ASP F 146 18.74 -67.87 38.62
CA ASP F 146 19.12 -68.07 37.23
C ASP F 146 18.49 -66.86 36.51
N ILE F 147 19.20 -65.72 36.58
CA ILE F 147 18.74 -64.45 36.02
C ILE F 147 18.51 -64.52 34.52
N PRO F 148 17.30 -64.18 34.06
CA PRO F 148 17.09 -64.26 32.63
C PRO F 148 17.82 -63.11 31.90
N LYS F 149 18.46 -63.43 30.78
CA LYS F 149 19.22 -62.47 29.99
C LYS F 149 18.55 -62.22 28.64
N THR F 150 17.46 -62.94 28.36
CA THR F 150 16.71 -62.86 27.11
C THR F 150 15.25 -63.16 27.37
N TRP F 151 14.40 -62.80 26.42
CA TRP F 151 12.98 -63.15 26.51
C TRP F 151 12.86 -64.70 26.53
N GLN F 152 13.64 -65.39 25.71
CA GLN F 152 13.61 -66.86 25.69
C GLN F 152 13.89 -67.45 27.06
N ASP F 153 14.84 -66.87 27.80
CA ASP F 153 15.15 -67.37 29.15
C ASP F 153 13.89 -67.37 30.05
N LEU F 154 13.04 -66.34 29.91
CA LEU F 154 11.81 -66.27 30.71
C LEU F 154 10.95 -67.53 30.67
N LEU F 155 10.88 -68.20 29.52
CA LEU F 155 10.07 -69.40 29.36
C LEU F 155 10.49 -70.56 30.27
N LYS F 156 11.79 -70.70 30.50
CA LYS F 156 12.33 -71.77 31.34
C LYS F 156 12.26 -71.47 32.82
N GLY F 157 12.01 -70.22 33.17
CA GLY F 157 11.95 -69.83 34.58
C GLY F 157 10.86 -70.46 35.45
N ASN F 158 10.97 -70.20 36.75
CA ASN F 158 10.03 -70.67 37.78
C ASN F 158 9.43 -69.49 38.57
N TYR F 159 9.56 -68.28 38.03
CA TYR F 159 9.13 -67.04 38.68
C TYR F 159 8.00 -66.37 37.93
N LYS F 160 7.30 -65.50 38.66
CA LYS F 160 6.21 -64.71 38.14
C LYS F 160 6.80 -63.53 37.36
N ILE F 161 6.16 -63.18 36.25
CA ILE F 161 6.57 -62.04 35.43
C ILE F 161 5.53 -60.91 35.51
N THR F 162 5.96 -59.75 35.99
CA THR F 162 5.09 -58.59 36.10
C THR F 162 5.20 -57.82 34.79
N VAL F 163 4.14 -57.95 34.00
CA VAL F 163 4.03 -57.40 32.67
C VAL F 163 3.68 -55.94 32.59
N GLY F 164 2.89 -55.47 33.54
CA GLY F 164 2.44 -54.10 33.52
C GLY F 164 0.97 -54.15 33.15
N ASP F 165 0.28 -53.03 33.26
CA ASP F 165 -1.14 -52.93 32.94
C ASP F 165 -1.31 -52.51 31.47
N VAL F 166 -1.54 -53.47 30.60
CA VAL F 166 -1.72 -53.20 29.18
C VAL F 166 -2.94 -52.31 28.86
N SER F 167 -3.96 -52.31 29.73
CA SER F 167 -5.15 -51.50 29.49
C SER F 167 -4.89 -50.01 29.59
N VAL F 168 -3.87 -49.58 30.35
CA VAL F 168 -3.58 -48.17 30.51
C VAL F 168 -2.16 -47.64 30.35
N ALA F 169 -1.15 -48.41 30.78
CA ALA F 169 0.23 -47.95 30.78
C ALA F 169 0.94 -48.13 29.43
N ALA F 170 1.53 -47.04 28.92
CA ALA F 170 2.22 -47.11 27.62
C ALA F 170 3.47 -47.98 27.76
N GLN F 171 4.02 -48.02 28.97
CA GLN F 171 5.17 -48.82 29.24
C GLN F 171 4.87 -50.31 28.94
N ALA F 172 3.73 -50.79 29.43
CA ALA F 172 3.31 -52.16 29.26
C ALA F 172 3.11 -52.48 27.78
N VAL F 173 2.48 -51.57 27.05
CA VAL F 173 2.26 -51.73 25.61
C VAL F 173 3.61 -51.88 24.89
N SER F 174 4.57 -51.02 25.21
CA SER F 174 5.89 -51.14 24.59
C SER F 174 6.60 -52.46 24.95
N ALA F 175 6.37 -52.94 26.17
CA ALA F 175 6.99 -54.21 26.61
C ALA F 175 6.55 -55.36 25.70
N VAL F 176 5.28 -55.38 25.29
CA VAL F 176 4.79 -56.43 24.38
C VAL F 176 5.47 -56.28 23.00
N LEU F 177 5.64 -55.04 22.54
CA LEU F 177 6.34 -54.79 21.27
C LEU F 177 7.79 -55.23 21.39
N ALA F 178 8.41 -54.96 22.56
CA ALA F 178 9.79 -55.37 22.80
C ALA F 178 9.97 -56.89 22.60
N ALA F 179 9.06 -57.65 23.24
CA ALA F 179 9.08 -59.08 23.15
C ALA F 179 8.86 -59.50 21.71
N ASN F 180 7.94 -58.82 21.04
CA ASN F 180 7.61 -59.11 19.68
C ASN F 180 8.83 -59.01 18.76
N TYR F 181 9.68 -57.98 18.96
CA TYR F 181 10.89 -57.82 18.14
C TYR F 181 11.87 -58.98 18.35
N ALA F 182 11.96 -59.47 19.59
CA ALA F 182 12.85 -60.60 19.94
C ALA F 182 12.37 -61.97 19.40
N LEU F 183 11.09 -62.05 19.07
CA LEU F 183 10.45 -63.27 18.61
C LEU F 183 10.19 -63.30 17.12
N GLY F 184 10.94 -62.47 16.41
CA GLY F 184 10.86 -62.40 14.96
C GLY F 184 9.75 -61.55 14.37
N GLY F 185 9.07 -60.71 15.16
CA GLY F 185 7.97 -59.90 14.63
C GLY F 185 8.35 -58.45 14.54
N ASP F 186 7.42 -57.61 14.10
CA ASP F 186 7.65 -56.16 14.05
C ASP F 186 6.41 -55.44 14.53
N GLU F 187 6.43 -54.11 14.50
CA GLU F 187 5.28 -53.34 14.97
C GLU F 187 3.94 -53.52 14.21
N LYS F 188 3.95 -54.19 13.08
CA LYS F 188 2.71 -54.39 12.33
C LYS F 188 1.78 -55.48 12.87
N ASP F 189 2.30 -56.45 13.62
CA ASP F 189 1.49 -57.57 14.09
C ASP F 189 2.18 -58.22 15.31
N LEU F 190 1.50 -58.13 16.45
CA LEU F 190 2.00 -58.62 17.71
C LEU F 190 1.66 -60.08 18.01
N SER F 191 1.24 -60.84 16.99
CA SER F 191 0.87 -62.27 17.23
C SER F 191 2.01 -63.13 17.82
N PRO F 192 3.28 -62.91 17.40
CA PRO F 192 4.30 -63.74 18.04
C PRO F 192 4.42 -63.45 19.55
N ALA F 193 4.31 -62.19 19.95
CA ALA F 193 4.39 -61.83 21.37
C ALA F 193 3.19 -62.35 22.14
N LEU F 194 2.00 -62.27 21.52
CA LEU F 194 0.78 -62.76 22.18
C LEU F 194 0.86 -64.29 22.46
N ALA F 195 1.50 -65.04 21.58
CA ALA F 195 1.66 -66.49 21.78
C ALA F 195 2.67 -66.73 22.90
N PHE F 196 3.74 -65.93 22.90
CA PHE F 196 4.76 -65.98 23.95
C PHE F 196 4.11 -65.77 25.30
N PHE F 197 3.33 -64.69 25.43
CA PHE F 197 2.65 -64.37 26.69
C PHE F 197 1.59 -65.39 27.03
N ASN F 198 0.90 -65.91 26.01
CA ASN F 198 -0.10 -66.97 26.20
C ASN F 198 0.57 -68.16 26.91
N THR F 199 1.81 -68.49 26.52
CA THR F 199 2.55 -69.62 27.12
C THR F 199 2.80 -69.37 28.62
N LEU F 200 3.19 -68.15 28.94
CA LEU F 200 3.43 -67.79 30.33
C LEU F 200 2.10 -67.76 31.15
N ALA F 201 1.01 -67.40 30.48
CA ALA F 201 -0.30 -67.34 31.13
C ALA F 201 -0.73 -68.75 31.51
N LYS F 202 -0.62 -69.69 30.56
CA LYS F 202 -0.98 -71.10 30.82
C LYS F 202 -0.15 -71.68 31.98
N GLN F 203 1.10 -71.24 32.12
CA GLN F 203 1.98 -71.67 33.23
C GLN F 203 1.60 -70.99 34.55
N GLY F 204 0.66 -70.04 34.52
CA GLY F 204 0.21 -69.31 35.72
C GLY F 204 1.31 -68.39 36.19
N ARG F 205 2.09 -67.87 35.26
CA ARG F 205 3.22 -67.04 35.59
C ARG F 205 3.11 -65.56 35.25
N LEU F 206 1.95 -65.08 34.81
CA LEU F 206 1.78 -63.64 34.50
C LEU F 206 1.13 -62.88 35.62
N VAL F 207 1.52 -61.62 35.77
CA VAL F 207 0.95 -60.73 36.77
C VAL F 207 0.71 -59.43 36.02
N ASN F 208 -0.57 -59.09 35.80
CA ASN F 208 -0.94 -57.88 35.04
C ASN F 208 -0.87 -56.52 35.79
N ASN F 209 0.05 -56.40 36.75
CA ASN F 209 0.25 -55.18 37.55
C ASN F 209 1.42 -54.37 37.02
N ASP F 210 1.47 -53.08 37.39
CA ASP F 210 2.61 -52.24 37.04
C ASP F 210 3.66 -52.47 38.12
N VAL F 211 4.92 -52.38 37.71
CA VAL F 211 6.04 -52.49 38.64
C VAL F 211 5.99 -51.20 39.41
N SER F 212 6.06 -51.27 40.75
CA SER F 212 6.07 -50.05 41.61
C SER F 212 7.17 -50.15 42.67
N ILE F 213 7.49 -49.04 43.32
CA ILE F 213 8.52 -49.07 44.35
C ILE F 213 7.94 -49.90 45.50
N ALA F 214 6.65 -49.73 45.74
CA ALA F 214 5.97 -50.49 46.82
C ALA F 214 6.19 -52.00 46.65
N ASN F 215 5.88 -52.54 45.47
CA ASN F 215 6.05 -53.99 45.20
C ASN F 215 7.52 -54.45 45.14
N LEU F 216 8.43 -53.56 44.72
CA LEU F 216 9.86 -53.87 44.70
C LEU F 216 10.40 -53.93 46.14
N GLU F 217 9.97 -52.99 46.99
CA GLU F 217 10.38 -52.98 48.41
C GLU F 217 9.91 -54.27 49.10
N LYS F 218 8.67 -54.67 48.81
CA LYS F 218 8.09 -55.88 49.39
C LYS F 218 8.63 -57.20 48.79
N GLY F 219 9.45 -57.11 47.73
CA GLY F 219 10.02 -58.29 47.07
C GLY F 219 8.97 -59.08 46.30
N GLU F 220 7.88 -58.39 45.92
CA GLU F 220 6.76 -59.02 45.22
C GLU F 220 7.05 -59.23 43.74
N VAL F 221 7.74 -58.30 43.12
CA VAL F 221 8.12 -58.42 41.72
C VAL F 221 9.32 -59.37 41.64
N GLU F 222 9.22 -60.36 40.76
CA GLU F 222 10.30 -61.34 40.58
C GLU F 222 11.08 -60.89 39.35
N VAL F 223 10.36 -60.77 38.24
CA VAL F 223 10.89 -60.20 37.02
C VAL F 223 9.78 -59.24 36.58
N GLY F 224 10.13 -57.98 36.30
CA GLY F 224 9.17 -56.99 35.85
C GLY F 224 9.69 -56.40 34.55
N LEU F 225 8.79 -55.94 33.70
CA LEU F 225 9.11 -55.35 32.44
C LEU F 225 8.95 -53.85 32.59
N VAL F 226 10.06 -53.13 32.40
CA VAL F 226 10.07 -51.67 32.58
C VAL F 226 11.04 -50.99 31.64
N TRP F 227 10.82 -49.68 31.42
CA TRP F 227 11.76 -48.85 30.67
C TRP F 227 13.04 -48.86 31.48
N ASP F 228 14.20 -48.92 30.83
CA ASP F 228 15.49 -48.91 31.53
C ASP F 228 15.60 -47.72 32.49
N PHE F 229 15.22 -46.52 32.07
CA PHE F 229 15.32 -45.36 33.00
C PHE F 229 14.53 -45.53 34.33
N ASN F 230 13.38 -46.19 34.24
CA ASN F 230 12.54 -46.48 35.43
C ASN F 230 13.17 -47.58 36.27
N GLY F 231 13.60 -48.63 35.60
CA GLY F 231 14.25 -49.73 36.24
C GLY F 231 15.50 -49.37 37.01
N LEU F 232 16.38 -48.58 36.39
CA LEU F 232 17.65 -48.20 37.03
C LEU F 232 17.44 -47.31 38.27
N GLY F 233 16.43 -46.43 38.16
CA GLY F 233 16.01 -45.55 39.23
C GLY F 233 15.52 -46.37 40.40
N TYR F 234 14.63 -47.33 40.13
CA TYR F 234 14.11 -48.17 41.21
C TYR F 234 15.24 -49.02 41.81
N ARG F 235 16.10 -49.56 40.96
CA ARG F 235 17.22 -50.38 41.41
C ARG F 235 18.01 -49.64 42.50
N ASP F 236 18.49 -48.44 42.20
CA ASP F 236 19.30 -47.65 43.17
C ASP F 236 18.56 -47.24 44.43
N LYS F 237 17.25 -47.06 44.31
CA LYS F 237 16.39 -46.68 45.44
C LYS F 237 16.16 -47.86 46.40
N VAL F 238 15.78 -49.00 45.85
CA VAL F 238 15.52 -50.23 46.63
C VAL F 238 16.82 -50.91 47.09
N GLY F 239 17.88 -50.84 46.29
CA GLY F 239 19.16 -51.46 46.60
C GLY F 239 19.64 -52.33 45.44
N LYS F 240 20.87 -52.07 44.98
CA LYS F 240 21.50 -52.80 43.86
C LYS F 240 21.72 -54.29 44.13
N ASP F 241 22.02 -54.64 45.38
CA ASP F 241 22.21 -56.03 45.75
C ASP F 241 20.90 -56.83 45.75
N ARG F 242 19.75 -56.13 45.70
CA ARG F 242 18.44 -56.79 45.64
C ARG F 242 17.91 -56.90 44.19
N TYR F 243 18.09 -55.87 43.38
CA TYR F 243 17.63 -55.92 42.01
C TYR F 243 18.71 -55.67 40.96
N GLU F 244 18.60 -56.39 39.83
CA GLU F 244 19.49 -56.25 38.67
C GLU F 244 18.62 -55.82 37.51
N VAL F 245 19.13 -54.91 36.71
CA VAL F 245 18.41 -54.37 35.55
C VAL F 245 19.28 -54.69 34.38
N LEU F 246 18.64 -55.07 33.27
CA LEU F 246 19.36 -55.42 32.05
C LEU F 246 18.44 -55.39 30.85
N ILE F 247 19.00 -55.19 29.67
CA ILE F 247 18.22 -55.21 28.43
C ILE F 247 18.24 -56.66 27.91
N PRO F 248 17.08 -57.24 27.57
CA PRO F 248 17.08 -58.59 27.00
C PRO F 248 17.84 -58.62 25.68
N ALA F 249 18.80 -59.54 25.57
CA ALA F 249 19.69 -59.57 24.39
C ALA F 249 19.13 -60.08 23.09
N ASP F 250 18.00 -60.78 23.14
CA ASP F 250 17.40 -61.28 21.92
C ASP F 250 16.59 -60.19 21.21
N GLY F 251 16.40 -59.06 21.89
CA GLY F 251 15.70 -57.94 21.29
C GLY F 251 14.91 -57.11 22.28
N SER F 252 14.73 -55.84 21.94
CA SER F 252 13.90 -54.95 22.72
C SER F 252 13.49 -53.75 21.87
N VAL F 253 12.63 -52.88 22.41
CA VAL F 253 12.27 -51.66 21.68
C VAL F 253 13.04 -50.48 22.27
N ILE F 254 13.60 -49.66 21.40
CA ILE F 254 14.30 -48.44 21.80
C ILE F 254 13.52 -47.28 21.21
N SER F 255 13.21 -46.31 22.05
N SER F 255 13.12 -46.34 22.08
CA SER F 255 12.51 -45.12 21.62
CA SER F 255 12.42 -45.12 21.65
C SER F 255 13.32 -43.96 22.22
C SER F 255 12.92 -43.94 22.50
N GLY F 256 12.88 -42.76 21.93
CA GLY F 256 13.46 -41.59 22.56
C GLY F 256 12.52 -40.42 22.62
N TYR F 257 13.11 -39.30 23.04
CA TYR F 257 12.40 -38.05 23.23
C TYR F 257 13.23 -36.95 22.58
N THR F 258 12.52 -36.06 21.91
CA THR F 258 13.12 -34.93 21.19
C THR F 258 12.54 -33.61 21.60
N THR F 259 13.41 -32.60 21.63
CA THR F 259 12.98 -31.28 21.84
C THR F 259 12.45 -30.80 20.49
N ILE F 260 11.58 -29.82 20.55
CA ILE F 260 11.02 -29.15 19.39
C ILE F 260 11.17 -27.68 19.71
N ILE F 261 11.83 -26.94 18.83
CA ILE F 261 11.88 -25.49 18.98
C ILE F 261 10.67 -24.93 18.21
N ASN F 262 9.75 -24.32 18.96
CA ASN F 262 8.52 -23.77 18.41
C ASN F 262 8.88 -22.78 17.31
N LYS F 263 8.27 -22.98 16.14
CA LYS F 263 8.46 -22.08 15.00
C LYS F 263 8.03 -20.67 15.39
N TYR F 264 6.97 -20.59 16.19
CA TYR F 264 6.44 -19.30 16.63
C TYR F 264 6.93 -18.87 18.02
N ALA F 265 8.05 -19.45 18.49
CA ALA F 265 8.53 -19.14 19.82
C ALA F 265 8.65 -17.62 20.02
N LYS F 266 8.27 -17.17 21.21
CA LYS F 266 8.41 -15.76 21.57
C LYS F 266 9.90 -15.53 21.99
N HIS F 267 10.55 -16.59 22.45
CA HIS F 267 11.96 -16.54 22.85
C HIS F 267 12.78 -17.61 22.10
N PRO F 268 12.92 -17.45 20.78
CA PRO F 268 13.62 -18.49 20.00
C PRO F 268 15.10 -18.71 20.31
N ASN F 269 15.81 -17.65 20.64
CA ASN F 269 17.23 -17.78 20.93
C ASN F 269 17.43 -18.48 22.27
N ALA F 270 16.56 -18.22 23.25
CA ALA F 270 16.62 -18.92 24.52
C ALA F 270 16.30 -20.40 24.32
N ALA F 271 15.40 -20.73 23.39
CA ALA F 271 15.06 -22.12 23.10
C ALA F 271 16.25 -22.85 22.45
N LYS F 272 16.84 -22.16 21.48
CA LYS F 272 18.02 -22.67 20.78
C LYS F 272 19.16 -22.91 21.77
N LEU F 273 19.38 -21.96 22.66
CA LEU F 273 20.43 -22.12 23.67
C LEU F 273 20.13 -23.35 24.49
N ALA F 274 18.87 -23.48 24.90
CA ALA F 274 18.49 -24.61 25.75
C ALA F 274 18.80 -25.92 25.04
N ARG F 275 18.46 -26.04 23.75
CA ARG F 275 18.72 -27.26 22.99
C ARG F 275 20.23 -27.54 22.87
N GLU F 276 21.00 -26.51 22.53
CA GLU F 276 22.44 -26.61 22.49
C GLU F 276 22.97 -27.08 23.85
N PHE F 277 22.43 -26.51 24.92
CA PHE F 277 22.91 -26.89 26.23
C PHE F 277 22.58 -28.37 26.56
N ILE F 278 21.37 -28.78 26.23
CA ILE F 278 20.88 -30.15 26.49
C ILE F 278 21.76 -31.21 25.81
N LEU F 279 22.18 -30.90 24.56
CA LEU F 279 23.04 -31.78 23.78
C LEU F 279 24.54 -31.67 24.19
N SER F 280 24.94 -30.64 24.92
CA SER F 280 26.35 -30.47 25.28
C SER F 280 26.71 -31.45 26.37
N ASP F 281 28.00 -31.62 26.61
CA ASP F 281 28.41 -32.57 27.65
C ASP F 281 27.65 -32.40 28.96
N LYS F 282 27.55 -31.14 29.39
CA LYS F 282 26.88 -30.80 30.63
C LYS F 282 25.39 -31.20 30.64
N GLY F 283 24.66 -30.94 29.55
CA GLY F 283 23.24 -31.33 29.53
C GLY F 283 23.05 -32.82 29.42
N GLN F 284 23.99 -33.47 28.71
CA GLN F 284 23.95 -34.93 28.53
C GLN F 284 24.23 -35.60 29.85
N ILE F 285 25.14 -35.02 30.61
CA ILE F 285 25.45 -35.55 31.94
C ILE F 285 24.25 -35.41 32.90
N ASN F 286 23.54 -34.28 32.83
CA ASN F 286 22.36 -34.03 33.64
C ASN F 286 21.29 -35.13 33.41
N LEU F 287 21.07 -35.48 32.15
CA LEU F 287 20.15 -36.54 31.78
C LEU F 287 20.61 -37.87 32.43
N ALA F 288 21.90 -38.17 32.33
CA ALA F 288 22.45 -39.39 32.89
C ALA F 288 22.21 -39.45 34.40
N LYS F 289 22.40 -38.32 35.11
CA LYS F 289 22.10 -38.23 36.55
C LYS F 289 20.64 -38.54 36.87
N GLY F 290 19.76 -38.28 35.91
CA GLY F 290 18.35 -38.60 36.06
C GLY F 290 17.98 -39.95 35.49
N TYR F 291 18.98 -40.82 35.23
CA TYR F 291 18.77 -42.17 34.72
C TYR F 291 18.36 -42.26 33.24
N ALA F 292 18.31 -41.13 32.55
CA ALA F 292 17.94 -41.12 31.15
C ALA F 292 19.21 -41.30 30.34
N ARG F 293 19.24 -42.34 29.51
CA ARG F 293 20.39 -42.62 28.67
C ARG F 293 20.58 -41.50 27.61
N PRO F 294 21.67 -40.74 27.72
CA PRO F 294 21.91 -39.64 26.79
C PRO F 294 22.30 -40.16 25.43
N ILE F 295 21.85 -39.46 24.41
CA ILE F 295 22.11 -39.88 23.04
C ILE F 295 23.61 -39.86 22.71
N ARG F 296 24.39 -39.00 23.38
CA ARG F 296 25.82 -38.91 23.17
C ARG F 296 26.65 -39.68 24.21
N ILE F 297 26.06 -40.73 24.76
CA ILE F 297 26.69 -41.55 25.78
C ILE F 297 28.09 -42.04 25.35
N ASP F 298 28.28 -42.36 24.08
CA ASP F 298 29.59 -42.84 23.62
C ASP F 298 30.66 -41.77 23.41
N HIS F 299 30.29 -40.48 23.54
CA HIS F 299 31.20 -39.35 23.37
C HIS F 299 31.41 -38.46 24.57
N ILE F 300 30.91 -38.87 25.73
CA ILE F 300 31.05 -38.05 26.93
C ILE F 300 31.73 -38.89 28.00
N THR F 301 32.26 -38.18 28.98
CA THR F 301 32.94 -38.79 30.10
C THR F 301 32.08 -38.49 31.32
N LEU F 302 31.52 -39.56 31.88
CA LEU F 302 30.65 -39.49 33.05
C LEU F 302 31.46 -39.80 34.30
N PRO F 303 31.23 -39.08 35.42
CA PRO F 303 31.95 -39.47 36.64
C PRO F 303 31.50 -40.88 37.06
N ASP F 304 32.34 -41.59 37.84
CA ASP F 304 32.07 -42.96 38.25
C ASP F 304 30.69 -43.21 38.84
N ASP F 305 30.24 -42.34 39.74
CA ASP F 305 28.91 -42.52 40.36
C ASP F 305 27.71 -42.36 39.37
N ILE F 306 27.88 -41.53 38.35
CA ILE F 306 26.82 -41.33 37.32
C ILE F 306 26.90 -42.49 36.31
N LYS F 307 28.10 -42.89 35.93
CA LYS F 307 28.29 -44.03 35.05
C LYS F 307 27.63 -45.30 35.63
N ALA F 308 27.69 -45.49 36.95
CA ALA F 308 27.07 -46.66 37.59
C ALA F 308 25.54 -46.64 37.52
N LYS F 309 24.97 -45.49 37.17
CA LYS F 309 23.51 -45.40 37.03
C LYS F 309 23.00 -45.94 35.71
N LEU F 310 23.88 -46.14 34.74
CA LEU F 310 23.47 -46.58 33.41
C LEU F 310 23.97 -47.97 33.00
N LEU F 311 23.36 -48.53 31.97
CA LEU F 311 23.75 -49.85 31.53
C LEU F 311 24.85 -49.76 30.47
N PRO F 312 25.67 -50.82 30.33
CA PRO F 312 26.72 -50.78 29.31
C PRO F 312 26.08 -50.70 27.94
N SER F 313 26.73 -49.97 27.03
CA SER F 313 26.24 -49.75 25.66
C SER F 313 26.03 -51.02 24.84
N GLU F 314 26.84 -52.05 25.09
N GLU F 314 26.85 -52.04 25.09
CA GLU F 314 26.73 -53.31 24.34
CA GLU F 314 26.75 -53.35 24.43
C GLU F 314 25.37 -54.02 24.56
C GLU F 314 25.35 -53.98 24.54
N GLN F 315 24.67 -53.73 25.65
CA GLN F 315 23.36 -54.31 25.87
C GLN F 315 22.28 -53.77 24.92
N TYR F 316 22.54 -52.64 24.26
CA TYR F 316 21.62 -52.03 23.35
C TYR F 316 21.82 -52.43 21.87
N LYS F 317 22.83 -53.27 21.61
CA LYS F 317 23.22 -53.71 20.29
C LYS F 317 22.05 -54.09 19.37
N ASN F 318 21.12 -54.89 19.88
CA ASN F 318 20.00 -55.38 19.12
C ASN F 318 18.65 -54.76 19.42
N ALA F 319 18.61 -53.69 20.22
CA ALA F 319 17.37 -52.98 20.51
C ALA F 319 16.93 -52.40 19.19
N ARG F 320 15.63 -52.44 18.91
CA ARG F 320 15.08 -51.92 17.65
C ARG F 320 14.17 -50.73 17.81
N ALA F 321 14.27 -49.80 16.86
CA ALA F 321 13.46 -48.60 16.81
C ALA F 321 12.26 -48.90 15.95
N ILE F 322 11.16 -48.22 16.21
CA ILE F 322 9.92 -48.41 15.45
C ILE F 322 10.04 -47.64 14.16
N LYS F 323 9.93 -48.32 13.01
CA LYS F 323 10.06 -47.63 11.72
C LYS F 323 8.75 -47.21 11.08
N ASP F 324 7.71 -48.05 11.19
CA ASP F 324 6.39 -47.72 10.61
C ASP F 324 5.49 -47.30 11.79
N GLN F 325 5.37 -46.00 11.97
CA GLN F 325 4.64 -45.46 13.10
C GLN F 325 3.10 -45.62 12.98
N LYS F 326 2.59 -45.53 11.77
CA LYS F 326 1.15 -45.64 11.51
C LYS F 326 0.71 -47.02 11.94
N ALA F 327 1.47 -48.02 11.52
CA ALA F 327 1.20 -49.41 11.86
C ALA F 327 1.27 -49.67 13.37
N TRP F 328 2.24 -49.07 14.03
CA TRP F 328 2.40 -49.26 15.47
C TRP F 328 1.21 -48.71 16.25
N GLU F 329 0.78 -47.47 15.92
CA GLU F 329 -0.37 -46.84 16.58
C GLU F 329 -1.59 -47.73 16.43
N LYS F 330 -1.75 -48.34 15.26
CA LYS F 330 -2.88 -49.21 15.02
C LYS F 330 -2.80 -50.46 15.93
N SER F 331 -1.64 -51.11 15.93
CA SER F 331 -1.36 -52.30 16.77
C SER F 331 -1.49 -51.98 18.26
N ALA F 332 -1.02 -50.80 18.65
CA ALA F 332 -1.11 -50.37 20.05
C ALA F 332 -2.57 -50.22 20.44
N LYS F 333 -3.41 -49.70 19.54
CA LYS F 333 -4.83 -49.53 19.84
C LYS F 333 -5.59 -50.85 19.98
N GLU F 334 -5.24 -51.82 19.15
CA GLU F 334 -5.88 -53.12 19.16
C GLU F 334 -5.37 -54.06 20.27
N LEU F 335 -4.19 -53.76 20.84
CA LEU F 335 -3.57 -54.65 21.85
C LEU F 335 -4.40 -55.01 23.08
N PRO F 336 -4.99 -54.02 23.79
CA PRO F 336 -5.76 -54.39 25.00
C PRO F 336 -6.84 -55.48 24.79
N GLN F 337 -7.63 -55.36 23.71
CA GLN F 337 -8.67 -56.35 23.40
C GLN F 337 -7.98 -57.68 23.13
N LEU F 338 -7.01 -57.69 22.20
CA LEU F 338 -6.24 -58.91 21.86
C LEU F 338 -5.58 -59.58 23.06
N TRP F 339 -5.04 -58.77 23.96
CA TRP F 339 -4.42 -59.30 25.17
C TRP F 339 -5.46 -60.11 25.96
N GLN F 340 -6.64 -59.53 26.13
CA GLN F 340 -7.73 -60.19 26.82
C GLN F 340 -8.10 -61.51 26.08
N GLU F 341 -8.33 -61.43 24.78
CA GLU F 341 -8.73 -62.58 23.95
C GLU F 341 -7.70 -63.71 23.80
N LYS F 342 -6.43 -63.34 23.58
CA LYS F 342 -5.34 -64.29 23.32
C LYS F 342 -4.43 -64.70 24.49
N VAL F 343 -4.41 -63.92 25.58
CA VAL F 343 -3.52 -64.21 26.73
C VAL F 343 -4.27 -64.44 28.03
N ILE F 344 -5.13 -63.50 28.39
CA ILE F 344 -5.92 -63.55 29.64
C ILE F 344 -6.80 -64.80 29.72
N VAL F 345 -7.44 -65.13 28.60
CA VAL F 345 -8.28 -66.29 28.50
C VAL F 345 -7.62 -67.52 29.14
N ASP F 346 -6.32 -67.71 28.93
CA ASP F 346 -5.63 -68.89 29.47
C ASP F 346 -4.83 -68.65 30.75
N ILE G 22 -21.83 25.35 -10.81
CA ILE G 22 -22.16 24.80 -9.46
C ILE G 22 -22.75 23.38 -9.45
N ASP G 23 -23.32 22.93 -10.59
CA ASP G 23 -23.90 21.56 -10.69
C ASP G 23 -22.85 20.57 -10.18
N GLU G 24 -23.24 19.79 -9.16
CA GLU G 24 -22.33 18.82 -8.56
C GLU G 24 -21.84 17.75 -9.54
N ASN G 25 -22.69 17.26 -10.44
CA ASN G 25 -22.30 16.21 -11.43
C ASN G 25 -21.19 16.75 -12.37
N LEU G 26 -21.32 18.02 -12.77
CA LEU G 26 -20.34 18.66 -13.62
C LEU G 26 -19.00 18.77 -12.90
N ILE G 27 -19.04 19.11 -11.61
CA ILE G 27 -17.82 19.24 -10.81
C ILE G 27 -17.10 17.89 -10.66
N LYS G 28 -17.86 16.87 -10.30
CA LYS G 28 -17.31 15.55 -10.15
C LYS G 28 -16.82 15.04 -11.52
N ALA G 29 -17.52 15.36 -12.61
CA ALA G 29 -17.06 14.93 -13.96
C ALA G 29 -15.69 15.56 -14.27
N ALA G 30 -15.56 16.86 -14.03
CA ALA G 30 -14.30 17.60 -14.22
C ALA G 30 -13.17 17.04 -13.37
N GLN G 31 -13.50 16.64 -12.15
CA GLN G 31 -12.51 16.07 -11.23
C GLN G 31 -12.06 14.70 -11.71
N ALA G 32 -12.96 13.97 -12.38
CA ALA G 32 -12.65 12.64 -12.93
C ALA G 32 -11.52 12.81 -13.93
N GLU G 33 -11.62 13.86 -14.76
CA GLU G 33 -10.56 14.17 -15.75
C GLU G 33 -9.31 14.65 -15.03
N GLY G 34 -9.50 15.52 -14.03
CA GLY G 34 -8.43 16.02 -13.15
C GLY G 34 -7.71 17.30 -13.53
N ARG G 35 -7.87 17.74 -14.78
CA ARG G 35 -7.22 18.92 -15.25
C ARG G 35 -7.91 19.47 -16.50
N VAL G 36 -7.47 20.65 -16.91
CA VAL G 36 -7.98 21.30 -18.11
C VAL G 36 -6.77 22.01 -18.72
N ASN G 37 -6.53 21.76 -19.99
CA ASN G 37 -5.41 22.36 -20.74
C ASN G 37 -5.96 23.49 -21.59
N SER G 38 -5.43 24.70 -21.42
CA SER G 38 -5.91 25.83 -22.19
C SER G 38 -4.94 26.28 -23.26
N LEU G 39 -5.48 26.96 -24.26
CA LEU G 39 -4.71 27.61 -25.27
C LEU G 39 -5.01 29.08 -25.14
N ALA G 40 -3.97 29.89 -25.11
CA ALA G 40 -4.08 31.34 -25.10
C ALA G 40 -4.80 31.96 -23.91
N PRO G 42 -3.16 32.82 -20.82
CA PRO G 42 -2.06 32.95 -19.85
C PRO G 42 -2.47 33.77 -18.60
N ASP G 43 -1.71 33.53 -17.54
CA ASP G 43 -1.90 34.19 -16.23
C ASP G 43 -1.95 35.71 -16.30
N THR G 44 -1.14 36.25 -17.19
CA THR G 44 -0.98 37.67 -17.36
C THR G 44 -2.08 38.42 -18.13
N TRP G 45 -3.02 37.70 -18.73
CA TRP G 45 -4.10 38.31 -19.50
C TRP G 45 -5.42 38.19 -18.81
N ALA G 46 -6.12 39.31 -18.64
CA ALA G 46 -7.46 39.35 -18.04
C ALA G 46 -7.56 38.66 -16.69
N ASN G 47 -6.51 38.78 -15.90
CA ASN G 47 -6.45 38.16 -14.59
C ASN G 47 -6.91 36.70 -14.61
N TRP G 48 -6.56 35.94 -15.68
CA TRP G 48 -6.93 34.51 -15.72
C TRP G 48 -6.25 33.75 -14.58
N LYS G 49 -5.15 34.27 -14.06
CA LYS G 49 -4.46 33.56 -12.96
C LYS G 49 -5.34 33.30 -11.74
N ASP G 50 -6.19 34.26 -11.36
CA ASP G 50 -7.05 34.08 -10.18
C ASP G 50 -8.10 33.01 -10.46
N THR G 51 -8.56 32.93 -11.70
CA THR G 51 -9.55 31.90 -12.05
C THR G 51 -8.91 30.53 -12.09
N TRP G 52 -7.71 30.41 -12.64
CA TRP G 52 -7.07 29.07 -12.65
C TRP G 52 -6.82 28.64 -11.18
N ALA G 53 -6.46 29.60 -10.35
CA ALA G 53 -6.19 29.35 -8.94
C ALA G 53 -7.48 28.91 -8.22
N ASP G 54 -8.61 29.53 -8.55
CA ASP G 54 -9.90 29.15 -7.93
C ASP G 54 -10.27 27.72 -8.35
N LEU G 55 -10.08 27.38 -9.62
CA LEU G 55 -10.40 26.03 -10.08
C LEU G 55 -9.56 24.98 -9.36
N LYS G 56 -8.36 25.36 -8.96
CA LYS G 56 -7.47 24.47 -8.22
C LYS G 56 -7.83 24.43 -6.73
N ASN G 57 -8.03 25.61 -6.15
CA ASN G 57 -8.30 25.76 -4.73
C ASN G 57 -9.73 25.37 -4.32
N LEU G 58 -10.68 25.45 -5.25
CA LEU G 58 -12.06 25.10 -4.96
C LEU G 58 -12.44 23.67 -5.37
N TYR G 59 -12.02 23.22 -6.55
CA TYR G 59 -12.38 21.87 -7.05
C TYR G 59 -11.19 20.95 -7.37
N ASP G 60 -9.98 21.35 -6.97
CA ASP G 60 -8.76 20.55 -7.15
C ASP G 60 -8.44 20.18 -8.61
N ILE G 61 -8.77 21.07 -9.54
CA ILE G 61 -8.54 20.89 -10.98
C ILE G 61 -7.21 21.52 -11.38
N GLU G 62 -6.26 20.71 -11.85
CA GLU G 62 -4.94 21.22 -12.27
C GLU G 62 -5.07 21.88 -13.64
N HIS G 63 -4.06 22.68 -14.01
CA HIS G 63 -4.07 23.41 -15.26
C HIS G 63 -2.70 23.79 -15.80
N SER G 64 -2.63 23.88 -17.14
CA SER G 64 -1.46 24.31 -17.89
C SER G 64 -1.96 25.02 -19.19
N ASP G 65 -1.23 26.03 -19.60
CA ASP G 65 -1.60 26.84 -20.73
C ASP G 65 -0.49 26.93 -21.74
N THR G 66 -0.87 27.07 -23.02
CA THR G 66 0.11 27.34 -24.06
C THR G 66 -0.42 28.57 -24.77
N ASP G 67 0.33 29.66 -24.73
CA ASP G 67 -0.15 30.92 -25.32
C ASP G 67 0.10 30.91 -26.83
N SER G 69 -1.77 32.67 -30.91
CA SER G 69 -2.81 33.58 -31.48
C SER G 69 -4.16 32.89 -31.71
N SER G 70 -5.24 33.65 -31.89
CA SER G 70 -6.52 33.04 -32.13
C SER G 70 -6.48 32.10 -33.34
N ALA G 71 -5.86 32.53 -34.44
CA ALA G 71 -5.78 31.69 -35.64
C ALA G 71 -5.02 30.37 -35.39
N GLN G 72 -3.94 30.42 -34.60
CA GLN G 72 -3.17 29.21 -34.27
C GLN G 72 -4.00 28.26 -33.39
N GLU G 73 -4.86 28.78 -32.51
CA GLU G 73 -5.71 27.93 -31.67
C GLU G 73 -6.67 27.08 -32.54
N ILE G 74 -7.34 27.76 -33.48
CA ILE G 74 -8.28 27.06 -34.38
C ILE G 74 -7.60 26.01 -35.20
N ALA G 75 -6.44 26.35 -35.77
CA ALA G 75 -5.66 25.41 -36.56
C ALA G 75 -5.21 24.21 -35.67
N LYS G 76 -4.82 24.46 -34.44
CA LYS G 76 -4.39 23.40 -33.55
C LYS G 76 -5.54 22.47 -33.17
N PHE G 77 -6.67 23.05 -32.76
CA PHE G 77 -7.85 22.24 -32.40
C PHE G 77 -8.30 21.35 -33.56
N LYS G 78 -8.31 21.94 -34.75
CA LYS G 78 -8.69 21.27 -36.00
C LYS G 78 -7.75 20.13 -36.36
N THR G 79 -6.45 20.35 -36.17
CA THR G 79 -5.42 19.36 -36.52
C THR G 79 -5.40 18.14 -35.59
N GLU G 80 -5.39 18.42 -34.28
CA GLU G 80 -5.20 17.39 -33.26
C GLU G 80 -6.46 16.63 -32.86
N LYS G 81 -7.05 15.93 -33.83
CA LYS G 81 -8.31 15.23 -33.57
C LYS G 81 -8.17 14.07 -32.63
N LYS G 82 -7.20 13.21 -32.97
CA LYS G 82 -6.94 11.98 -32.24
C LYS G 82 -6.44 12.19 -30.81
N ASN G 83 -5.44 13.04 -30.61
CA ASN G 83 -4.88 13.26 -29.28
C ASN G 83 -4.73 14.77 -29.05
N ALA G 84 -5.84 15.42 -28.73
CA ALA G 84 -5.87 16.86 -28.52
C ALA G 84 -5.10 17.29 -27.27
N SER G 85 -4.15 18.22 -27.43
CA SER G 85 -3.36 18.72 -26.31
C SER G 85 -4.07 19.93 -25.69
N GLY G 86 -5.07 20.46 -26.37
CA GLY G 86 -5.86 21.59 -25.85
C GLY G 86 -7.31 21.25 -25.63
N ASP G 87 -7.90 21.73 -24.52
CA ASP G 87 -9.32 21.48 -24.21
C ASP G 87 -10.20 22.70 -24.45
N ILE G 88 -9.69 23.85 -24.01
CA ILE G 88 -10.39 25.12 -24.12
C ILE G 88 -9.46 26.26 -24.60
N GLY G 89 -9.98 27.17 -25.44
CA GLY G 89 -9.22 28.31 -25.94
C GLY G 89 -10.03 29.58 -25.73
N ASP G 90 -9.37 30.73 -25.90
CA ASP G 90 -9.97 32.05 -25.81
C ASP G 90 -9.53 32.79 -27.08
N VAL G 91 -10.53 33.27 -27.82
CA VAL G 91 -10.31 33.92 -29.10
C VAL G 91 -11.12 35.20 -29.24
N GLY G 92 -10.72 36.05 -30.18
CA GLY G 92 -11.46 37.27 -30.50
C GLY G 92 -12.84 36.85 -31.00
N ALA G 93 -13.79 37.77 -30.88
CA ALA G 93 -15.19 37.54 -31.25
C ALA G 93 -15.36 37.00 -32.63
N SER G 94 -14.58 37.49 -33.59
CA SER G 94 -14.70 37.01 -35.00
C SER G 94 -14.36 35.55 -35.18
N PHE G 95 -13.53 35.01 -34.28
CA PHE G 95 -13.13 33.61 -34.38
C PHE G 95 -14.19 32.64 -33.83
N GLY G 96 -15.28 33.16 -33.25
CA GLY G 96 -16.37 32.27 -32.79
C GLY G 96 -16.98 31.56 -33.99
N GLU G 97 -17.40 32.35 -34.98
CA GLU G 97 -18.00 31.80 -36.20
C GLU G 97 -16.95 31.07 -37.04
N ILE G 98 -15.68 31.51 -37.02
CA ILE G 98 -14.63 30.75 -37.73
C ILE G 98 -14.46 29.37 -37.03
N ALA G 99 -14.53 29.33 -35.70
CA ALA G 99 -14.39 28.04 -35.00
C ALA G 99 -15.50 27.05 -35.44
N VAL G 100 -16.74 27.55 -35.48
CA VAL G 100 -17.89 26.77 -35.89
C VAL G 100 -17.78 26.26 -37.32
N LYS G 101 -17.39 27.14 -38.23
CA LYS G 101 -17.25 26.80 -39.65
C LYS G 101 -16.17 25.71 -39.87
N GLN G 102 -15.11 25.77 -39.07
CA GLN G 102 -14.00 24.83 -39.13
C GLN G 102 -14.26 23.49 -38.39
N GLY G 103 -15.39 23.40 -37.70
CA GLY G 103 -15.82 22.21 -36.98
C GLY G 103 -15.04 21.92 -35.71
N VAL G 104 -14.53 22.95 -35.04
CA VAL G 104 -13.72 22.74 -33.82
C VAL G 104 -14.43 23.04 -32.49
N ALA G 105 -15.66 23.53 -32.53
CA ALA G 105 -16.36 23.85 -31.28
C ALA G 105 -17.45 22.88 -30.85
N GLN G 106 -17.67 22.75 -29.55
CA GLN G 106 -18.81 21.97 -28.99
C GLN G 106 -19.57 22.94 -28.04
N PRO G 107 -20.88 22.80 -27.96
CA PRO G 107 -21.68 23.76 -27.21
C PRO G 107 -21.76 23.55 -25.70
N PHE G 108 -21.95 24.66 -25.00
CA PHE G 108 -22.19 24.69 -23.58
C PHE G 108 -22.59 26.13 -23.24
N LYS G 109 -23.89 26.40 -23.18
CA LYS G 109 -24.40 27.75 -22.94
C LYS G 109 -24.11 28.36 -21.54
N THR G 110 -23.79 27.48 -20.59
CA THR G 110 -23.61 27.82 -19.16
C THR G 110 -25.01 28.11 -18.58
N SER G 111 -25.11 28.23 -17.26
CA SER G 111 -26.39 28.55 -16.62
C SER G 111 -26.69 30.09 -16.64
N TYR G 112 -25.75 30.89 -17.17
CA TYR G 112 -25.89 32.34 -17.25
C TYR G 112 -26.20 32.82 -18.69
N TRP G 113 -26.56 31.89 -19.57
CA TRP G 113 -26.85 32.19 -20.99
C TRP G 113 -27.77 33.39 -21.22
N ASP G 114 -28.86 33.42 -20.49
CA ASP G 114 -29.85 34.47 -20.64
C ASP G 114 -29.36 35.87 -20.42
N GLN G 115 -28.34 36.03 -19.58
CA GLN G 115 -27.80 37.34 -19.28
C GLN G 115 -26.71 37.82 -20.28
N ILE G 116 -26.44 37.02 -21.32
CA ILE G 116 -25.47 37.36 -22.35
C ILE G 116 -26.25 37.97 -23.54
N PRO G 117 -25.88 39.20 -23.95
CA PRO G 117 -26.58 39.88 -25.06
C PRO G 117 -26.57 39.08 -26.36
N THR G 118 -27.59 39.30 -27.17
CA THR G 118 -27.74 38.58 -28.45
C THR G 118 -26.50 38.73 -29.34
N TRP G 119 -25.99 39.96 -29.46
CA TRP G 119 -24.80 40.26 -30.28
C TRP G 119 -23.53 39.57 -29.80
N ALA G 120 -23.51 39.15 -28.54
CA ALA G 120 -22.34 38.56 -27.93
C ALA G 120 -22.33 37.04 -27.82
N LYS G 121 -23.14 36.35 -28.62
CA LYS G 121 -23.21 34.88 -28.55
C LYS G 121 -23.86 34.32 -29.80
N ASP G 122 -23.65 33.02 -30.05
CA ASP G 122 -24.29 32.35 -31.19
C ASP G 122 -25.69 31.96 -30.73
N LYS G 123 -26.28 30.96 -31.38
CA LYS G 123 -27.61 30.45 -30.97
C LYS G 123 -27.50 29.15 -30.12
N ASP G 124 -26.49 28.33 -30.41
CA ASP G 124 -26.34 26.99 -29.77
C ASP G 124 -25.46 26.83 -28.54
N GLY G 125 -24.68 27.84 -28.21
CA GLY G 125 -23.79 27.72 -27.08
C GLY G 125 -22.35 27.42 -27.47
N ASN G 126 -22.05 27.47 -28.78
CA ASN G 126 -20.67 27.28 -29.29
C ASN G 126 -19.73 28.45 -28.90
N TRP G 127 -20.22 29.68 -28.91
CA TRP G 127 -19.38 30.79 -28.48
C TRP G 127 -20.18 31.86 -27.78
N LEU G 128 -19.51 32.59 -26.90
CA LEU G 128 -20.14 33.60 -26.09
C LEU G 128 -19.07 34.42 -25.42
N LEU G 129 -19.20 35.72 -25.53
CA LEU G 129 -18.21 36.59 -24.94
C LEU G 129 -18.34 36.62 -23.41
N ALA G 130 -17.25 36.46 -22.68
CA ALA G 130 -17.25 36.55 -21.23
C ALA G 130 -16.86 37.96 -20.82
N TYR G 131 -16.20 38.67 -21.74
CA TYR G 131 -15.75 40.04 -21.47
C TYR G 131 -15.62 40.78 -22.78
N THR G 132 -15.60 42.10 -22.67
CA THR G 132 -15.54 42.97 -23.77
C THR G 132 -14.41 43.94 -23.66
N GLY G 133 -14.17 44.56 -24.79
CA GLY G 133 -13.23 45.64 -24.95
C GLY G 133 -13.89 46.72 -25.80
N THR G 134 -13.75 47.98 -25.41
CA THR G 134 -14.33 49.13 -26.06
C THR G 134 -13.25 50.21 -26.22
N ILE G 135 -13.18 50.87 -27.37
CA ILE G 135 -12.20 51.94 -27.56
C ILE G 135 -12.54 53.14 -26.69
N ALA G 136 -11.51 53.64 -26.01
CA ALA G 136 -11.61 54.76 -25.08
C ALA G 136 -10.53 55.79 -25.28
N PHE G 137 -10.77 56.97 -24.69
CA PHE G 137 -9.77 58.00 -24.64
C PHE G 137 -9.05 57.92 -23.29
N ILE G 138 -7.73 58.06 -23.29
CA ILE G 138 -6.95 58.18 -22.05
C ILE G 138 -6.50 59.66 -22.12
N VAL G 139 -6.80 60.44 -21.06
CA VAL G 139 -6.55 61.89 -21.03
C VAL G 139 -5.68 62.40 -19.86
N ASN G 140 -4.58 63.06 -20.20
CA ASN G 140 -3.64 63.65 -19.25
C ASN G 140 -4.30 64.92 -18.66
N LYS G 141 -4.73 64.85 -17.40
CA LYS G 141 -5.47 65.92 -16.73
C LYS G 141 -4.63 67.15 -16.38
N ASP G 142 -3.31 66.99 -16.37
CA ASP G 142 -2.37 68.06 -16.09
C ASP G 142 -2.12 68.95 -17.31
N VAL G 143 -2.17 68.37 -18.52
CA VAL G 143 -1.99 69.14 -19.76
C VAL G 143 -3.32 69.53 -20.41
N VAL G 144 -4.31 68.66 -20.35
CA VAL G 144 -5.62 68.94 -20.95
C VAL G 144 -6.57 69.48 -19.88
N LYS G 145 -6.93 70.75 -20.03
CA LYS G 145 -7.84 71.41 -19.11
C LYS G 145 -9.31 71.11 -19.43
N ASP G 146 -9.62 71.07 -20.71
CA ASP G 146 -10.97 70.82 -21.23
C ASP G 146 -10.99 69.37 -21.74
N ILE G 147 -11.22 68.44 -20.82
CA ILE G 147 -11.23 67.01 -21.15
C ILE G 147 -12.25 66.66 -22.24
N PRO G 148 -11.77 66.14 -23.38
CA PRO G 148 -12.74 65.81 -24.42
C PRO G 148 -13.63 64.63 -24.00
N LYS G 149 -14.93 64.75 -24.27
CA LYS G 149 -15.93 63.71 -23.98
C LYS G 149 -16.43 62.97 -25.22
N THR G 150 -16.07 63.47 -26.40
CA THR G 150 -16.50 62.93 -27.68
C THR G 150 -15.45 63.06 -28.75
N TRP G 151 -15.60 62.29 -29.82
CA TRP G 151 -14.74 62.44 -30.98
C TRP G 151 -14.82 63.88 -31.51
N GLN G 152 -16.01 64.45 -31.57
CA GLN G 152 -16.15 65.85 -32.00
C GLN G 152 -15.31 66.80 -31.15
N ASP G 153 -15.27 66.60 -29.84
CA ASP G 153 -14.43 67.45 -29.00
C ASP G 153 -12.98 67.38 -29.40
N LEU G 154 -12.50 66.19 -29.80
CA LEU G 154 -11.12 66.07 -30.22
C LEU G 154 -10.73 67.07 -31.27
N LEU G 155 -11.56 67.24 -32.29
CA LEU G 155 -11.27 68.19 -33.36
C LEU G 155 -11.02 69.63 -32.98
N LYS G 156 -11.66 70.10 -31.92
CA LYS G 156 -11.59 71.50 -31.48
C LYS G 156 -10.51 71.83 -30.45
N GLY G 157 -9.92 70.83 -29.82
CA GLY G 157 -8.88 71.08 -28.83
C GLY G 157 -7.56 71.49 -29.46
N ASN G 158 -6.58 71.82 -28.60
CA ASN G 158 -5.26 72.21 -29.02
C ASN G 158 -4.14 71.23 -28.60
N TYR G 159 -4.49 70.10 -28.00
CA TYR G 159 -3.51 69.06 -27.53
C TYR G 159 -3.21 68.02 -28.62
N LYS G 160 -2.17 67.22 -28.43
CA LYS G 160 -1.80 66.22 -29.43
C LYS G 160 -2.48 64.91 -29.14
N ILE G 161 -2.89 64.23 -30.21
CA ILE G 161 -3.58 62.95 -30.11
C ILE G 161 -2.69 61.76 -30.55
N THR G 162 -2.45 60.84 -29.61
CA THR G 162 -1.67 59.62 -29.81
C THR G 162 -2.71 58.59 -30.27
N VAL G 163 -2.73 58.33 -31.57
CA VAL G 163 -3.72 57.45 -32.13
C VAL G 163 -3.36 55.96 -32.16
N GLY G 164 -2.08 55.63 -32.06
CA GLY G 164 -1.61 54.26 -32.16
C GLY G 164 -0.98 54.04 -33.52
N ASP G 165 -0.30 52.94 -33.71
CA ASP G 165 0.32 52.60 -34.98
C ASP G 165 -0.54 51.64 -35.82
N VAL G 166 -1.26 52.20 -36.78
CA VAL G 166 -2.14 51.44 -37.66
C VAL G 166 -1.51 50.32 -38.48
N SER G 167 -0.22 50.38 -38.76
CA SER G 167 0.49 49.39 -39.54
C SER G 167 0.76 48.10 -38.80
N VAL G 168 0.62 48.08 -37.49
CA VAL G 168 1.02 46.95 -36.70
C VAL G 168 0.03 46.65 -35.58
N ALA G 169 -0.54 47.68 -35.00
CA ALA G 169 -1.44 47.49 -33.89
C ALA G 169 -2.94 47.41 -34.16
N ALA G 170 -3.50 46.28 -33.77
CA ALA G 170 -4.92 46.04 -33.86
C ALA G 170 -5.72 47.06 -33.03
N GLN G 171 -5.19 47.46 -31.88
CA GLN G 171 -5.85 48.46 -31.09
C GLN G 171 -6.05 49.77 -31.91
N ALA G 172 -5.01 50.19 -32.63
CA ALA G 172 -5.04 51.43 -33.46
C ALA G 172 -6.04 51.30 -34.64
N VAL G 173 -6.05 50.12 -35.25
CA VAL G 173 -6.99 49.81 -36.32
C VAL G 173 -8.43 49.98 -35.80
N SER G 174 -8.74 49.34 -34.68
CA SER G 174 -10.06 49.46 -34.08
C SER G 174 -10.39 50.90 -33.65
N ALA G 175 -9.39 51.66 -33.21
CA ALA G 175 -9.66 53.07 -32.82
C ALA G 175 -10.20 53.85 -34.03
N VAL G 176 -9.67 53.57 -35.19
CA VAL G 176 -10.12 54.25 -36.41
C VAL G 176 -11.58 53.86 -36.69
N LEU G 177 -11.94 52.59 -36.49
CA LEU G 177 -13.34 52.16 -36.67
C LEU G 177 -14.27 52.80 -35.65
N ALA G 178 -13.76 52.97 -34.43
CA ALA G 178 -14.51 53.60 -33.34
C ALA G 178 -14.95 55.00 -33.75
N ALA G 179 -13.99 55.78 -34.23
CA ALA G 179 -14.26 57.13 -34.72
C ALA G 179 -15.25 57.07 -35.89
N ASN G 180 -15.04 56.10 -36.76
CA ASN G 180 -15.89 55.95 -37.95
C ASN G 180 -17.34 55.79 -37.53
N TYR G 181 -17.62 54.99 -36.51
CA TYR G 181 -19.01 54.81 -36.07
C TYR G 181 -19.60 56.11 -35.56
N ALA G 182 -18.81 56.90 -34.81
CA ALA G 182 -19.27 58.20 -34.28
C ALA G 182 -19.49 59.28 -35.38
N LEU G 183 -18.92 59.03 -36.55
CA LEU G 183 -18.97 59.92 -37.68
C LEU G 183 -19.98 59.48 -38.77
N GLY G 184 -20.88 58.58 -38.41
CA GLY G 184 -21.94 58.08 -39.31
C GLY G 184 -21.53 57.00 -40.29
N GLY G 185 -20.36 56.41 -40.11
CA GLY G 185 -19.93 55.36 -41.00
C GLY G 185 -20.15 54.03 -40.34
N ASP G 186 -19.64 52.99 -40.99
CA ASP G 186 -19.70 51.62 -40.46
C ASP G 186 -18.46 50.90 -40.97
N GLU G 187 -18.37 49.62 -40.64
CA GLU G 187 -17.19 48.82 -40.96
C GLU G 187 -16.82 48.57 -42.40
N LYS G 188 -17.70 48.90 -43.32
CA LYS G 188 -17.45 48.65 -44.74
C LYS G 188 -16.60 49.71 -45.41
N ASP G 189 -16.64 50.95 -44.90
CA ASP G 189 -15.99 52.11 -45.55
C ASP G 189 -15.50 53.10 -44.48
N LEU G 190 -14.18 53.23 -44.35
CA LEU G 190 -13.61 54.11 -43.33
C LEU G 190 -13.39 55.56 -43.74
N SER G 191 -13.97 55.98 -44.88
CA SER G 191 -13.81 57.37 -45.38
C SER G 191 -14.10 58.45 -44.35
N PRO G 192 -15.24 58.37 -43.62
CA PRO G 192 -15.49 59.42 -42.63
C PRO G 192 -14.35 59.59 -41.61
N ALA G 193 -13.88 58.47 -41.05
CA ALA G 193 -12.77 58.51 -40.12
C ALA G 193 -11.49 59.04 -40.77
N LEU G 194 -11.20 58.61 -41.98
CA LEU G 194 -10.02 59.08 -42.66
C LEU G 194 -10.06 60.61 -42.85
N ALA G 195 -11.24 61.19 -43.13
CA ALA G 195 -11.36 62.65 -43.26
C ALA G 195 -11.14 63.32 -41.90
N PHE G 196 -11.67 62.73 -40.84
CA PHE G 196 -11.51 63.20 -39.44
C PHE G 196 -10.03 63.20 -39.08
N PHE G 197 -9.36 62.08 -39.32
CA PHE G 197 -7.93 62.03 -39.00
C PHE G 197 -7.05 62.93 -39.87
N ASN G 198 -7.45 63.13 -41.13
CA ASN G 198 -6.76 64.00 -42.03
C ASN G 198 -6.83 65.43 -41.52
N THR G 199 -7.96 65.79 -40.94
CA THR G 199 -8.12 67.13 -40.34
C THR G 199 -7.13 67.31 -39.18
N LEU G 200 -7.04 66.29 -38.33
CA LEU G 200 -6.11 66.32 -37.22
C LEU G 200 -4.67 66.39 -37.73
N ALA G 201 -4.34 65.59 -38.76
CA ALA G 201 -2.99 65.64 -39.36
C ALA G 201 -2.69 67.08 -39.81
N LYS G 202 -3.58 67.67 -40.60
CA LYS G 202 -3.41 69.06 -41.08
C LYS G 202 -3.21 70.09 -39.94
N GLN G 203 -3.84 69.85 -38.80
CA GLN G 203 -3.70 70.69 -37.61
C GLN G 203 -2.34 70.52 -36.92
N GLY G 204 -1.57 69.52 -37.31
CA GLY G 204 -0.26 69.23 -36.71
C GLY G 204 -0.49 68.63 -35.34
N ARG G 205 -1.59 67.87 -35.20
CA ARG G 205 -1.96 67.31 -33.91
C ARG G 205 -2.03 65.80 -33.84
N LEU G 206 -1.41 65.10 -34.76
CA LEU G 206 -1.49 63.64 -34.76
C LEU G 206 -0.13 63.01 -34.41
N VAL G 207 -0.11 62.04 -33.49
CA VAL G 207 1.12 61.28 -33.12
C VAL G 207 0.88 59.81 -33.47
N ASN G 208 1.64 59.31 -34.42
CA ASN G 208 1.48 57.96 -35.00
C ASN G 208 2.08 56.72 -34.34
N ASN G 209 2.05 56.64 -33.02
CA ASN G 209 2.57 55.44 -32.36
C ASN G 209 1.67 55.09 -31.17
N ASP G 210 1.92 53.92 -30.58
CA ASP G 210 1.11 53.42 -29.48
C ASP G 210 1.38 54.06 -28.12
N VAL G 211 0.30 54.14 -27.34
CA VAL G 211 0.31 54.57 -25.96
C VAL G 211 1.02 53.43 -25.21
N SER G 212 2.10 53.77 -24.51
CA SER G 212 2.88 52.81 -23.73
C SER G 212 3.06 53.31 -22.33
N ILE G 213 3.14 52.39 -21.38
CA ILE G 213 3.42 52.77 -19.98
C ILE G 213 4.55 53.81 -19.81
N ALA G 214 5.63 53.69 -20.60
CA ALA G 214 6.78 54.60 -20.53
C ALA G 214 6.39 56.01 -20.91
N ASN G 215 5.67 56.16 -22.03
CA ASN G 215 5.26 57.50 -22.46
C ASN G 215 4.20 58.14 -21.55
N LEU G 216 3.42 57.33 -20.83
CA LEU G 216 2.42 57.85 -19.89
C LEU G 216 3.09 58.43 -18.66
N GLU G 217 4.04 57.68 -18.09
CA GLU G 217 4.78 58.17 -16.92
C GLU G 217 5.55 59.44 -17.31
N LYS G 218 6.23 59.42 -18.46
CA LYS G 218 6.95 60.59 -18.93
C LYS G 218 6.05 61.79 -19.37
N GLY G 219 4.72 61.66 -19.22
CA GLY G 219 3.77 62.72 -19.61
C GLY G 219 3.74 63.01 -21.11
N GLU G 220 4.23 62.08 -21.92
CA GLU G 220 4.32 62.32 -23.36
C GLU G 220 3.02 62.11 -24.13
N VAL G 221 1.97 61.63 -23.44
CA VAL G 221 0.65 61.43 -24.03
C VAL G 221 -0.27 62.49 -23.46
N GLU G 222 -0.93 63.21 -24.36
CA GLU G 222 -1.86 64.25 -23.98
C GLU G 222 -3.25 63.59 -24.04
N VAL G 223 -3.65 63.09 -25.22
CA VAL G 223 -4.89 62.26 -25.36
C VAL G 223 -4.51 61.06 -26.21
N GLY G 224 -4.78 59.87 -25.70
CA GLY G 224 -4.47 58.64 -26.39
C GLY G 224 -5.72 57.81 -26.62
N LEU G 225 -5.67 57.00 -27.68
CA LEU G 225 -6.76 56.10 -28.08
C LEU G 225 -6.34 54.70 -27.70
N VAL G 226 -7.12 54.08 -26.83
CA VAL G 226 -6.77 52.76 -26.35
C VAL G 226 -8.01 51.95 -25.97
N TRP G 227 -7.85 50.62 -25.88
CA TRP G 227 -8.95 49.80 -25.40
C TRP G 227 -9.15 50.19 -23.92
N ASP G 228 -10.40 50.23 -23.45
CA ASP G 228 -10.66 50.54 -22.05
C ASP G 228 -9.84 49.69 -21.08
N PHE G 229 -9.72 48.38 -21.30
CA PHE G 229 -8.91 47.56 -20.36
C PHE G 229 -7.44 48.01 -20.25
N ASN G 230 -6.83 48.45 -21.35
CA ASN G 230 -5.45 48.91 -21.27
C ASN G 230 -5.40 50.27 -20.54
N GLY G 231 -6.25 51.19 -20.98
CA GLY G 231 -6.38 52.52 -20.41
C GLY G 231 -6.54 52.53 -18.89
N LEU G 232 -7.49 51.73 -18.38
CA LEU G 232 -7.78 51.61 -16.94
C LEU G 232 -6.62 50.99 -16.17
N GLY G 233 -5.95 50.01 -16.77
CA GLY G 233 -4.79 49.36 -16.15
C GLY G 233 -3.64 50.33 -16.09
N TYR G 234 -3.48 51.14 -17.15
CA TYR G 234 -2.42 52.14 -17.15
C TYR G 234 -2.76 53.27 -16.18
N ARG G 235 -4.04 53.63 -16.06
CA ARG G 235 -4.48 54.70 -15.17
C ARG G 235 -4.11 54.39 -13.72
N ASP G 236 -4.44 53.19 -13.26
CA ASP G 236 -4.15 52.78 -11.87
C ASP G 236 -2.65 52.68 -11.57
N LYS G 237 -1.87 52.18 -12.52
CA LYS G 237 -0.43 52.03 -12.36
C LYS G 237 0.35 53.37 -12.47
N VAL G 238 -0.23 54.38 -13.14
CA VAL G 238 0.41 55.71 -13.28
C VAL G 238 -0.26 56.74 -12.35
N GLY G 239 -1.52 56.51 -11.98
CA GLY G 239 -2.27 57.41 -11.10
C GLY G 239 -3.48 58.11 -11.68
N LYS G 240 -4.62 57.99 -10.98
CA LYS G 240 -5.87 58.63 -11.39
C LYS G 240 -5.78 60.16 -11.33
N ASP G 241 -4.84 60.69 -10.53
CA ASP G 241 -4.62 62.14 -10.45
C ASP G 241 -4.06 62.71 -11.76
N ARG G 242 -3.41 61.87 -12.56
CA ARG G 242 -2.82 62.31 -13.83
C ARG G 242 -3.63 61.94 -15.07
N TYR G 243 -4.23 60.75 -15.09
CA TYR G 243 -5.00 60.32 -16.25
C TYR G 243 -6.43 59.96 -15.96
N GLU G 244 -7.31 60.37 -16.87
CA GLU G 244 -8.71 60.04 -16.86
C GLU G 244 -8.96 59.17 -18.08
N VAL G 245 -9.83 58.18 -17.91
CA VAL G 245 -10.19 57.24 -18.96
C VAL G 245 -11.70 57.31 -19.13
N LEU G 246 -12.15 57.38 -20.38
CA LEU G 246 -13.57 57.46 -20.66
C LEU G 246 -13.87 56.97 -22.06
N ILE G 247 -15.12 56.52 -22.28
CA ILE G 247 -15.58 56.10 -23.59
C ILE G 247 -16.18 57.33 -24.33
N PRO G 248 -15.74 57.64 -25.54
CA PRO G 248 -16.38 58.80 -26.23
C PRO G 248 -17.90 58.62 -26.44
N ALA G 249 -18.70 59.60 -26.04
CA ALA G 249 -20.19 59.52 -26.10
C ALA G 249 -20.82 59.46 -27.47
N ASP G 250 -20.14 59.99 -28.49
CA ASP G 250 -20.72 60.00 -29.84
C ASP G 250 -20.64 58.67 -30.57
N GLY G 251 -19.91 57.73 -29.99
CA GLY G 251 -19.80 56.39 -30.53
C GLY G 251 -18.43 55.78 -30.40
N SER G 252 -18.39 54.46 -30.39
CA SER G 252 -17.14 53.76 -30.32
C SER G 252 -17.39 52.35 -30.81
N VAL G 253 -16.35 51.51 -30.86
CA VAL G 253 -16.51 50.12 -31.21
C VAL G 253 -16.40 49.22 -29.96
N ILE G 254 -17.34 48.26 -29.84
CA ILE G 254 -17.29 47.31 -28.72
C ILE G 254 -17.04 45.94 -29.33
N SER G 255 -16.08 45.22 -28.79
CA SER G 255 -15.77 43.92 -29.29
C SER G 255 -15.64 43.03 -28.03
N GLY G 256 -15.23 41.79 -28.19
CA GLY G 256 -15.07 40.92 -27.03
C GLY G 256 -14.29 39.67 -27.36
N TYR G 257 -14.19 38.78 -26.38
CA TYR G 257 -13.40 37.53 -26.48
C TYR G 257 -14.21 36.35 -25.98
N THR G 258 -14.11 35.22 -26.69
CA THR G 258 -14.89 34.06 -26.35
C THR G 258 -14.11 32.80 -26.13
N THR G 259 -14.46 32.09 -25.07
CA THR G 259 -13.90 30.78 -24.88
C THR G 259 -14.47 29.89 -26.01
N ILE G 260 -13.75 28.83 -26.34
CA ILE G 260 -14.10 27.83 -27.32
C ILE G 260 -13.73 26.49 -26.64
N ILE G 261 -14.71 25.60 -26.54
CA ILE G 261 -14.54 24.27 -25.95
C ILE G 261 -14.26 23.39 -27.15
N ASN G 262 -13.06 22.83 -27.20
CA ASN G 262 -12.66 21.96 -28.28
C ASN G 262 -13.58 20.77 -28.36
N LYS G 263 -14.10 20.52 -29.56
CA LYS G 263 -14.93 19.37 -29.78
C LYS G 263 -14.12 18.12 -29.53
N TYR G 264 -12.83 18.16 -29.86
CA TYR G 264 -11.97 17.00 -29.67
C TYR G 264 -11.25 17.07 -28.31
N ALA G 265 -11.78 17.84 -27.37
CA ALA G 265 -11.15 17.95 -26.06
C ALA G 265 -10.90 16.60 -25.34
N LYS G 266 -9.70 16.43 -24.76
CA LYS G 266 -9.45 15.24 -23.94
C LYS G 266 -10.11 15.40 -22.54
N HIS G 267 -10.41 16.62 -22.12
CA HIS G 267 -11.02 16.85 -20.80
C HIS G 267 -12.18 17.82 -20.94
N PRO G 268 -13.23 17.41 -21.67
CA PRO G 268 -14.33 18.35 -21.90
C PRO G 268 -15.10 18.86 -20.67
N ASN G 269 -15.24 18.05 -19.63
CA ASN G 269 -15.97 18.46 -18.42
C ASN G 269 -15.18 19.51 -17.67
N ALA G 270 -13.86 19.40 -17.69
CA ALA G 270 -13.02 20.38 -17.02
C ALA G 270 -13.15 21.69 -17.78
N ALA G 271 -13.22 21.61 -19.12
CA ALA G 271 -13.38 22.75 -20.00
C ALA G 271 -14.71 23.45 -19.77
N LYS G 272 -15.77 22.64 -19.64
CA LYS G 272 -17.13 23.15 -19.39
C LYS G 272 -17.22 23.80 -18.01
N LEU G 273 -16.66 23.15 -17.00
CA LEU G 273 -16.61 23.70 -15.64
C LEU G 273 -15.88 25.05 -15.70
N ALA G 274 -14.73 25.11 -16.39
CA ALA G 274 -14.00 26.35 -16.54
C ALA G 274 -14.89 27.46 -17.15
N ARG G 275 -15.63 27.14 -18.20
CA ARG G 275 -16.49 28.10 -18.83
C ARG G 275 -17.63 28.55 -17.87
N GLU G 276 -18.30 27.58 -17.24
CA GLU G 276 -19.34 27.88 -16.27
C GLU G 276 -18.75 28.83 -15.22
N PHE G 277 -17.59 28.47 -14.69
CA PHE G 277 -16.98 29.32 -13.67
C PHE G 277 -16.70 30.75 -14.18
N ILE G 278 -16.11 30.82 -15.37
CA ILE G 278 -15.78 32.12 -16.01
C ILE G 278 -17.00 33.03 -16.16
N LEU G 279 -18.14 32.45 -16.54
CA LEU G 279 -19.38 33.20 -16.62
C LEU G 279 -20.08 33.42 -15.26
N SER G 280 -19.71 32.67 -14.23
CA SER G 280 -20.32 32.84 -12.91
C SER G 280 -19.89 34.19 -12.29
N ASP G 281 -20.54 34.58 -11.19
CA ASP G 281 -20.16 35.84 -10.56
C ASP G 281 -18.68 35.87 -10.21
N LYS G 282 -18.16 34.78 -9.63
CA LYS G 282 -16.72 34.74 -9.26
C LYS G 282 -15.79 34.91 -10.47
N GLY G 283 -16.13 34.31 -11.61
CA GLY G 283 -15.29 34.45 -12.81
C GLY G 283 -15.37 35.86 -13.40
N GLN G 284 -16.57 36.43 -13.35
CA GLN G 284 -16.81 37.75 -13.90
C GLN G 284 -16.09 38.75 -13.01
N ILE G 285 -16.15 38.50 -11.70
CA ILE G 285 -15.44 39.35 -10.75
C ILE G 285 -13.96 39.27 -11.03
N ASN G 286 -13.40 38.07 -11.19
CA ASN G 286 -11.96 37.95 -11.53
C ASN G 286 -11.52 38.78 -12.75
N LEU G 287 -12.34 38.74 -13.79
CA LEU G 287 -12.08 39.51 -14.99
C LEU G 287 -12.09 41.01 -14.68
N ALA G 288 -13.06 41.45 -13.88
CA ALA G 288 -13.15 42.85 -13.54
C ALA G 288 -11.86 43.29 -12.81
N LYS G 289 -11.35 42.39 -11.97
CA LYS G 289 -10.09 42.62 -11.23
C LYS G 289 -8.90 42.75 -12.18
N GLY G 290 -9.01 42.19 -13.38
CA GLY G 290 -7.98 42.34 -14.41
C GLY G 290 -8.23 43.48 -15.39
N TYR G 291 -9.16 44.39 -15.03
CA TYR G 291 -9.56 45.53 -15.84
C TYR G 291 -10.40 45.16 -17.05
N ALA G 292 -10.83 43.90 -17.18
CA ALA G 292 -11.61 43.47 -18.33
C ALA G 292 -13.08 43.57 -18.01
N ARG G 293 -13.84 44.38 -18.74
N ARG G 293 -13.85 44.38 -18.75
CA ARG G 293 -15.27 44.56 -18.47
CA ARG G 293 -15.30 44.56 -18.50
C ARG G 293 -16.07 43.25 -18.70
C ARG G 293 -16.09 43.25 -18.70
N PRO G 294 -16.59 42.66 -17.60
CA PRO G 294 -17.32 41.41 -17.77
C PRO G 294 -18.63 41.56 -18.52
N ILE G 295 -18.96 40.57 -19.30
CA ILE G 295 -20.19 40.64 -20.09
C ILE G 295 -21.46 40.72 -19.19
N ARG G 296 -21.38 40.21 -17.96
CA ARG G 296 -22.50 40.26 -17.01
C ARG G 296 -22.40 41.39 -15.94
N ILE G 297 -21.61 42.42 -16.24
CA ILE G 297 -21.40 43.56 -15.32
C ILE G 297 -22.69 44.11 -14.67
N ASP G 298 -23.76 44.22 -15.43
CA ASP G 298 -25.02 44.75 -14.89
C ASP G 298 -25.82 43.76 -13.99
N HIS G 299 -25.33 42.53 -13.85
CA HIS G 299 -26.01 41.50 -13.04
C HIS G 299 -25.19 40.96 -11.88
N ILE G 300 -24.04 41.57 -11.60
CA ILE G 300 -23.20 41.09 -10.52
C ILE G 300 -22.91 42.25 -9.60
N THR G 301 -22.40 41.96 -8.42
CA THR G 301 -22.03 43.00 -7.49
C THR G 301 -20.53 42.93 -7.34
N LEU G 302 -19.85 43.98 -7.77
CA LEU G 302 -18.42 44.07 -7.65
C LEU G 302 -18.14 44.61 -6.25
N PRO G 303 -17.03 44.22 -5.61
CA PRO G 303 -16.67 44.81 -4.29
C PRO G 303 -16.16 46.25 -4.48
N ASP G 304 -16.31 47.11 -3.47
CA ASP G 304 -15.87 48.53 -3.62
C ASP G 304 -14.45 48.71 -4.16
N ASP G 305 -13.52 47.90 -3.68
CA ASP G 305 -12.12 47.96 -4.13
C ASP G 305 -11.95 47.67 -5.65
N ILE G 306 -12.95 47.02 -6.26
CA ILE G 306 -12.95 46.64 -7.67
C ILE G 306 -13.83 47.48 -8.60
N LYS G 307 -14.91 48.07 -8.06
CA LYS G 307 -15.85 48.84 -8.88
C LYS G 307 -15.25 50.12 -9.47
N ALA G 308 -14.35 50.78 -8.72
CA ALA G 308 -13.68 52.01 -9.20
C ALA G 308 -12.67 51.76 -10.34
N LYS G 309 -12.37 50.47 -10.55
CA LYS G 309 -11.44 50.01 -11.55
C LYS G 309 -12.05 49.98 -12.97
N LEU G 310 -13.38 50.03 -13.04
CA LEU G 310 -14.11 49.99 -14.29
C LEU G 310 -14.89 51.28 -14.50
N LEU G 311 -15.32 51.47 -15.75
CA LEU G 311 -16.09 52.63 -16.13
C LEU G 311 -17.56 52.35 -15.91
N PRO G 312 -18.36 53.38 -15.61
CA PRO G 312 -19.80 53.17 -15.43
C PRO G 312 -20.42 52.74 -16.73
N SER G 313 -21.51 51.98 -16.64
CA SER G 313 -22.20 51.38 -17.78
C SER G 313 -22.82 52.30 -18.77
N GLU G 314 -23.30 53.46 -18.30
CA GLU G 314 -23.91 54.45 -19.22
C GLU G 314 -22.96 55.01 -20.29
N GLN G 315 -21.64 54.93 -20.06
CA GLN G 315 -20.64 55.38 -21.06
C GLN G 315 -20.59 54.44 -22.28
N TYR G 316 -21.18 53.26 -22.15
CA TYR G 316 -21.23 52.25 -23.21
C TYR G 316 -22.51 52.24 -24.04
N LYS G 317 -23.44 53.13 -23.71
CA LYS G 317 -24.73 53.25 -24.40
C LYS G 317 -24.66 53.23 -25.93
N ASN G 318 -23.77 54.01 -26.51
CA ASN G 318 -23.67 54.10 -27.98
C ASN G 318 -22.54 53.34 -28.65
N ALA G 319 -21.91 52.41 -27.93
CA ALA G 319 -20.84 51.62 -28.49
C ALA G 319 -21.49 50.60 -29.41
N ARG G 320 -20.94 50.44 -30.61
CA ARG G 320 -21.47 49.54 -31.60
C ARG G 320 -20.57 48.34 -31.82
N ALA G 321 -21.21 47.25 -32.19
CA ALA G 321 -20.56 46.00 -32.47
C ALA G 321 -20.48 45.84 -33.99
N ILE G 322 -19.42 45.17 -34.45
CA ILE G 322 -19.25 44.91 -35.87
C ILE G 322 -20.26 43.83 -36.27
N LYS G 323 -21.03 44.07 -37.33
CA LYS G 323 -22.07 43.12 -37.84
C LYS G 323 -21.58 42.33 -39.03
N ASP G 324 -20.85 43.01 -39.92
CA ASP G 324 -20.31 42.38 -41.11
C ASP G 324 -18.79 42.17 -40.91
N GLN G 325 -18.42 41.00 -40.40
N GLN G 325 -18.46 40.97 -40.47
CA GLN G 325 -17.00 40.66 -40.21
CA GLN G 325 -17.11 40.54 -40.19
C GLN G 325 -16.18 40.62 -41.48
C GLN G 325 -16.22 40.57 -41.44
N LYS G 326 -16.75 40.05 -42.54
CA LYS G 326 -16.00 39.97 -43.80
C LYS G 326 -15.71 41.37 -44.35
N ALA G 327 -16.71 42.24 -44.33
CA ALA G 327 -16.52 43.62 -44.78
C ALA G 327 -15.46 44.34 -43.90
N TRP G 328 -15.47 44.04 -42.58
CA TRP G 328 -14.48 44.62 -41.66
C TRP G 328 -13.04 44.15 -41.98
N GLU G 329 -12.85 42.84 -42.21
CA GLU G 329 -11.51 42.30 -42.56
C GLU G 329 -10.95 43.03 -43.81
N LYS G 330 -11.78 43.23 -44.83
CA LYS G 330 -11.32 43.96 -46.00
C LYS G 330 -10.91 45.40 -45.62
N SER G 331 -11.77 46.11 -44.89
CA SER G 331 -11.46 47.51 -44.50
C SER G 331 -10.19 47.59 -43.67
N ALA G 332 -10.07 46.68 -42.69
CA ALA G 332 -8.90 46.66 -41.79
C ALA G 332 -7.62 46.35 -42.55
N LYS G 333 -7.66 45.35 -43.43
CA LYS G 333 -6.51 44.98 -44.23
C LYS G 333 -5.99 46.13 -45.09
N GLU G 334 -6.89 47.00 -45.55
N GLU G 334 -6.90 46.99 -45.59
CA GLU G 334 -6.52 48.10 -46.43
CA GLU G 334 -6.52 48.13 -46.43
C GLU G 334 -6.13 49.40 -45.71
C GLU G 334 -6.14 49.42 -45.72
N LEU G 335 -6.51 49.53 -44.45
CA LEU G 335 -6.26 50.73 -43.66
C LEU G 335 -4.81 51.27 -43.60
N PRO G 336 -3.80 50.39 -43.40
CA PRO G 336 -2.41 50.86 -43.35
C PRO G 336 -2.04 51.72 -44.58
N GLN G 337 -2.48 51.27 -45.74
CA GLN G 337 -2.23 51.94 -47.02
C GLN G 337 -3.00 53.27 -47.06
N LEU G 338 -4.29 53.20 -46.76
CA LEU G 338 -5.16 54.38 -46.76
C LEU G 338 -4.65 55.40 -45.76
N TRP G 339 -4.15 54.93 -44.62
CA TRP G 339 -3.61 55.83 -43.58
C TRP G 339 -2.46 56.65 -44.12
N GLN G 340 -1.52 55.99 -44.80
CA GLN G 340 -0.41 56.70 -45.44
C GLN G 340 -0.84 57.66 -46.55
N GLU G 341 -1.77 57.24 -47.39
CA GLU G 341 -2.18 58.07 -48.52
C GLU G 341 -3.18 59.18 -48.19
N LYS G 342 -4.06 58.96 -47.21
CA LYS G 342 -5.14 59.92 -46.83
C LYS G 342 -4.90 60.76 -45.57
N VAL G 343 -4.08 60.31 -44.61
CA VAL G 343 -3.84 61.14 -43.42
C VAL G 343 -2.37 61.60 -43.30
N ILE G 344 -1.41 60.68 -43.46
CA ILE G 344 0.03 61.01 -43.33
C ILE G 344 0.56 62.03 -44.34
N VAL G 345 0.12 61.96 -45.58
CA VAL G 345 0.54 62.95 -46.57
C VAL G 345 0.27 64.41 -46.16
N ASP G 346 -0.77 64.62 -45.34
CA ASP G 346 -1.14 65.96 -44.90
C ASP G 346 -0.66 66.38 -43.48
N ALA H 21 -28.63 19.65 -3.93
CA ALA H 21 -28.97 20.98 -3.35
C ALA H 21 -30.17 21.61 -4.09
N ILE H 22 -31.25 21.91 -3.38
CA ILE H 22 -32.44 22.46 -4.05
C ILE H 22 -32.21 23.84 -4.69
N ASP H 23 -32.70 23.97 -5.93
CA ASP H 23 -32.60 25.14 -6.75
C ASP H 23 -33.04 26.42 -6.02
N GLU H 24 -32.07 27.29 -5.76
CA GLU H 24 -32.24 28.55 -5.07
C GLU H 24 -33.45 29.38 -5.56
N ASN H 25 -33.65 29.40 -6.88
CA ASN H 25 -34.76 30.13 -7.49
C ASN H 25 -36.10 29.50 -7.06
N LEU H 26 -36.24 28.17 -7.14
CA LEU H 26 -37.50 27.48 -6.74
C LEU H 26 -37.84 27.79 -5.29
N ILE H 27 -36.83 27.77 -4.42
CA ILE H 27 -37.03 28.10 -3.02
C ILE H 27 -37.62 29.52 -2.95
N LYS H 28 -37.00 30.48 -3.62
CA LYS H 28 -37.49 31.85 -3.60
C LYS H 28 -38.91 32.03 -4.17
N ALA H 29 -39.19 31.45 -5.32
CA ALA H 29 -40.53 31.57 -5.90
C ALA H 29 -41.59 30.95 -4.98
N ALA H 30 -41.20 29.90 -4.23
CA ALA H 30 -42.10 29.22 -3.28
C ALA H 30 -42.28 29.98 -1.98
N GLN H 31 -41.20 30.64 -1.55
CA GLN H 31 -41.24 31.47 -0.35
C GLN H 31 -42.09 32.72 -0.55
N ALA H 32 -42.07 33.29 -1.76
CA ALA H 32 -42.89 34.47 -2.07
C ALA H 32 -44.35 34.06 -1.96
N GLU H 33 -44.68 32.86 -2.44
CA GLU H 33 -46.05 32.34 -2.32
C GLU H 33 -46.38 32.16 -0.82
N GLY H 34 -45.39 31.75 -0.04
CA GLY H 34 -45.52 31.64 1.42
C GLY H 34 -46.13 30.38 2.01
N ARG H 35 -46.92 29.65 1.23
CA ARG H 35 -47.54 28.45 1.75
C ARG H 35 -47.85 27.39 0.68
N VAL H 36 -48.12 26.19 1.16
CA VAL H 36 -48.52 25.07 0.31
C VAL H 36 -49.73 24.43 1.00
N ASN H 37 -50.83 24.28 0.27
CA ASN H 37 -52.03 23.65 0.81
C ASN H 37 -52.11 22.27 0.20
N SER H 38 -52.24 21.26 1.06
CA SER H 38 -52.28 19.88 0.61
C SER H 38 -53.61 19.22 0.80
N LEU H 39 -53.87 18.24 -0.05
CA LEU H 39 -55.06 17.43 0.06
C LEU H 39 -54.60 15.99 0.37
N ALA H 40 -55.16 15.44 1.44
CA ALA H 40 -54.91 14.06 1.86
C ALA H 40 -53.48 13.74 2.31
N PRO H 42 -52.24 14.20 5.67
CA PRO H 42 -52.32 14.50 7.12
C PRO H 42 -51.07 14.07 7.88
N ASP H 43 -50.82 14.74 8.99
CA ASP H 43 -49.63 14.46 9.81
C ASP H 43 -49.51 13.00 10.23
N THR H 44 -50.65 12.38 10.51
CA THR H 44 -50.71 11.00 10.96
C THR H 44 -50.33 9.93 9.93
N TRP H 45 -50.37 10.24 8.65
CA TRP H 45 -50.08 9.25 7.58
C TRP H 45 -48.63 9.36 7.09
N ALA H 46 -47.94 8.23 6.96
CA ALA H 46 -46.56 8.22 6.40
C ALA H 46 -45.65 9.33 6.90
N ASN H 47 -45.80 9.65 8.18
CA ASN H 47 -44.99 10.68 8.81
C ASN H 47 -44.89 11.98 7.98
N TRP H 48 -45.99 12.44 7.37
CA TRP H 48 -45.95 13.74 6.64
C TRP H 48 -45.61 14.87 7.61
N LYS H 49 -45.91 14.64 8.89
CA LYS H 49 -45.64 15.55 10.02
C LYS H 49 -44.22 16.15 10.01
N ASP H 50 -43.20 15.29 9.96
CA ASP H 50 -41.79 15.70 9.94
C ASP H 50 -41.43 16.47 8.65
N THR H 51 -42.08 16.12 7.56
CA THR H 51 -41.83 16.80 6.30
C THR H 51 -42.34 18.24 6.32
N TRP H 52 -43.53 18.48 6.87
CA TRP H 52 -44.08 19.84 6.94
C TRP H 52 -43.24 20.65 7.95
N ALA H 53 -42.79 19.99 9.03
CA ALA H 53 -41.91 20.62 10.02
C ALA H 53 -40.55 21.06 9.42
N ASP H 54 -40.03 20.27 8.46
CA ASP H 54 -38.77 20.57 7.76
C ASP H 54 -38.96 21.72 6.77
N LEU H 55 -40.02 21.68 5.98
CA LEU H 55 -40.34 22.76 5.04
C LEU H 55 -40.53 24.09 5.77
N LYS H 56 -40.99 24.04 7.02
CA LYS H 56 -41.12 25.24 7.83
C LYS H 56 -39.77 25.67 8.42
N ASN H 57 -39.04 24.75 9.07
CA ASN H 57 -37.74 25.13 9.66
C ASN H 57 -36.61 25.40 8.68
N LEU H 58 -36.60 24.75 7.52
CA LEU H 58 -35.54 24.96 6.53
C LEU H 58 -35.87 26.03 5.50
N TYR H 59 -37.16 26.32 5.26
CA TYR H 59 -37.54 27.31 4.23
C TYR H 59 -38.61 28.34 4.59
N ASP H 60 -39.04 28.37 5.84
CA ASP H 60 -40.06 29.33 6.29
C ASP H 60 -41.36 29.24 5.45
N ILE H 61 -41.70 28.03 4.99
CA ILE H 61 -42.92 27.76 4.19
C ILE H 61 -44.02 27.21 5.10
N GLU H 62 -45.18 27.87 5.10
CA GLU H 62 -46.33 27.49 5.93
C GLU H 62 -47.18 26.42 5.23
N HIS H 63 -48.08 25.77 5.96
CA HIS H 63 -48.87 24.70 5.36
C HIS H 63 -50.17 24.32 6.09
N SER H 64 -51.18 23.93 5.32
CA SER H 64 -52.44 23.40 5.88
C SER H 64 -52.90 22.25 4.97
N ASP H 65 -53.58 21.28 5.56
CA ASP H 65 -54.06 20.12 4.83
C ASP H 65 -55.53 19.91 5.12
N THR H 66 -56.23 19.22 4.22
CA THR H 66 -57.60 18.78 4.44
C THR H 66 -57.65 17.33 3.87
N ASP H 67 -57.84 16.35 4.77
CA ASP H 67 -57.82 14.94 4.39
C ASP H 67 -59.08 14.50 3.63
N SER H 69 -60.34 11.32 0.21
CA SER H 69 -60.01 10.15 -0.60
C SER H 69 -59.43 10.59 -1.92
N SER H 70 -58.76 9.67 -2.58
CA SER H 70 -58.12 10.01 -3.83
C SER H 70 -59.10 10.55 -4.86
N ALA H 71 -60.24 9.88 -4.97
CA ALA H 71 -61.33 10.29 -5.91
C ALA H 71 -61.73 11.74 -5.73
N GLN H 72 -61.90 12.15 -4.47
CA GLN H 72 -62.31 13.51 -4.10
C GLN H 72 -61.25 14.57 -4.47
N GLU H 73 -59.97 14.21 -4.34
CA GLU H 73 -58.86 15.12 -4.65
C GLU H 73 -58.88 15.49 -6.12
N ILE H 74 -59.12 14.48 -6.95
CA ILE H 74 -59.14 14.70 -8.38
C ILE H 74 -60.26 15.67 -8.72
N ALA H 75 -61.49 15.33 -8.29
CA ALA H 75 -62.68 16.18 -8.52
C ALA H 75 -62.49 17.59 -7.98
N LYS H 76 -61.80 17.73 -6.84
CA LYS H 76 -61.54 19.04 -6.24
C LYS H 76 -60.60 19.91 -7.10
N PHE H 77 -59.50 19.35 -7.59
CA PHE H 77 -58.59 20.12 -8.44
C PHE H 77 -59.29 20.55 -9.75
N LYS H 78 -60.10 19.63 -10.29
CA LYS H 78 -60.83 19.86 -11.55
C LYS H 78 -61.97 20.88 -11.47
N THR H 79 -62.56 21.07 -10.30
CA THR H 79 -63.68 22.03 -10.19
C THR H 79 -63.35 23.39 -9.57
N GLU H 80 -62.15 23.53 -8.99
CA GLU H 80 -61.74 24.78 -8.35
C GLU H 80 -60.60 25.44 -9.10
N LYS H 81 -60.85 25.75 -10.36
CA LYS H 81 -59.82 26.38 -11.19
C LYS H 81 -59.44 27.75 -10.59
N LYS H 82 -60.42 28.49 -10.08
CA LYS H 82 -60.18 29.75 -9.36
C LYS H 82 -60.06 29.40 -7.89
N ALA H 84 -57.86 28.05 -6.38
CA ALA H 84 -57.85 26.66 -5.89
C ALA H 84 -57.50 26.60 -4.42
N SER H 85 -58.19 25.72 -3.69
CA SER H 85 -57.94 25.54 -2.27
C SER H 85 -56.85 24.51 -2.05
N GLY H 86 -56.54 23.73 -3.08
CA GLY H 86 -55.49 22.71 -2.99
C GLY H 86 -54.38 22.90 -4.03
N ASP H 87 -53.14 22.69 -3.60
CA ASP H 87 -51.96 22.82 -4.45
C ASP H 87 -51.33 21.46 -4.77
N ILE H 88 -51.12 20.65 -3.73
CA ILE H 88 -50.52 19.35 -3.87
C ILE H 88 -51.39 18.28 -3.18
N GLY H 89 -51.54 17.13 -3.82
CA GLY H 89 -52.33 16.02 -3.28
C GLY H 89 -51.58 14.71 -3.35
N ASP H 90 -51.86 13.79 -2.42
CA ASP H 90 -51.22 12.46 -2.41
C ASP H 90 -52.33 11.49 -2.71
N VAL H 91 -52.05 10.60 -3.64
CA VAL H 91 -53.05 9.71 -4.15
C VAL H 91 -52.52 8.30 -4.48
N GLY H 92 -53.42 7.34 -4.58
CA GLY H 92 -53.05 5.96 -4.96
C GLY H 92 -52.49 5.96 -6.38
N ALA H 93 -51.53 5.07 -6.66
CA ALA H 93 -50.88 4.95 -7.97
C ALA H 93 -51.81 5.03 -9.19
N SER H 94 -52.94 4.33 -9.12
CA SER H 94 -53.91 4.29 -10.24
C SER H 94 -54.45 5.66 -10.59
N PHE H 95 -54.56 6.52 -9.60
CA PHE H 95 -55.07 7.86 -9.80
C PHE H 95 -54.07 8.83 -10.45
N GLY H 96 -52.84 8.35 -10.69
CA GLY H 96 -51.85 9.16 -11.40
C GLY H 96 -52.37 9.34 -12.81
N GLU H 97 -52.68 8.22 -13.47
CA GLU H 97 -53.22 8.25 -14.82
C GLU H 97 -54.54 9.04 -14.84
N ILE H 98 -55.37 8.83 -13.82
CA ILE H 98 -56.65 9.53 -13.74
C ILE H 98 -56.47 11.05 -13.74
N ALA H 99 -55.46 11.55 -13.01
CA ALA H 99 -55.20 12.98 -12.96
C ALA H 99 -54.84 13.49 -14.34
N VAL H 100 -53.94 12.80 -15.02
CA VAL H 100 -53.49 13.13 -16.39
C VAL H 100 -54.70 13.12 -17.34
N LYS H 101 -55.47 12.02 -17.28
CA LYS H 101 -56.68 11.83 -18.11
C LYS H 101 -57.78 12.84 -17.87
N GLN H 102 -57.72 13.56 -16.75
CA GLN H 102 -58.70 14.62 -16.45
C GLN H 102 -58.04 16.02 -16.36
N GLY H 103 -56.90 16.18 -17.04
CA GLY H 103 -56.16 17.44 -17.11
C GLY H 103 -55.99 18.20 -15.82
N VAL H 104 -55.86 17.47 -14.71
CA VAL H 104 -55.70 18.06 -13.38
C VAL H 104 -54.23 18.16 -12.89
N ALA H 105 -53.31 17.47 -13.56
CA ALA H 105 -51.91 17.48 -13.12
C ALA H 105 -50.95 18.34 -13.95
N GLN H 106 -49.90 18.84 -13.30
CA GLN H 106 -48.87 19.60 -13.99
C GLN H 106 -47.53 18.91 -13.69
N PRO H 107 -46.65 18.85 -14.69
CA PRO H 107 -45.42 18.08 -14.47
C PRO H 107 -44.29 18.75 -13.69
N PHE H 108 -43.53 17.92 -12.98
CA PHE H 108 -42.34 18.30 -12.23
C PHE H 108 -41.61 16.99 -11.83
N LYS H 109 -40.62 16.62 -12.61
CA LYS H 109 -39.90 15.36 -12.41
C LYS H 109 -39.02 15.26 -11.18
N THR H 110 -38.57 16.39 -10.68
CA THR H 110 -37.62 16.49 -9.57
C THR H 110 -36.23 16.14 -10.10
N SER H 111 -35.22 16.48 -9.32
CA SER H 111 -33.83 16.20 -9.68
C SER H 111 -33.47 14.71 -9.51
N TYR H 112 -34.38 13.95 -8.89
CA TYR H 112 -34.17 12.55 -8.59
C TYR H 112 -34.89 11.59 -9.53
N TRP H 113 -35.48 12.13 -10.60
CA TRP H 113 -36.22 11.35 -11.59
C TRP H 113 -35.55 10.07 -12.07
N ASP H 114 -34.24 10.16 -12.35
CA ASP H 114 -33.49 9.01 -12.86
C ASP H 114 -33.45 7.82 -11.93
N GLN H 115 -33.61 8.07 -10.62
CA GLN H 115 -33.61 7.02 -9.60
C GLN H 115 -34.96 6.42 -9.27
N ILE H 116 -36.00 6.84 -9.96
CA ILE H 116 -37.34 6.28 -9.72
C ILE H 116 -37.53 5.28 -10.83
N PRO H 117 -37.89 4.03 -10.48
CA PRO H 117 -38.08 2.97 -11.48
C PRO H 117 -39.14 3.29 -12.53
N THR H 118 -38.94 2.76 -13.73
CA THR H 118 -39.86 2.97 -14.83
C THR H 118 -41.34 2.71 -14.45
N TRP H 119 -41.61 1.64 -13.72
CA TRP H 119 -43.01 1.30 -13.34
C TRP H 119 -43.65 2.29 -12.37
N ALA H 120 -42.84 3.02 -11.62
CA ALA H 120 -43.33 3.92 -10.57
C ALA H 120 -43.50 5.39 -10.98
N LYS H 121 -43.55 5.65 -12.28
CA LYS H 121 -43.69 7.00 -12.78
C LYS H 121 -44.23 7.03 -14.21
N ASP H 122 -44.67 8.22 -14.63
CA ASP H 122 -45.18 8.45 -16.00
C ASP H 122 -43.96 8.81 -16.84
N LYS H 123 -44.17 9.27 -18.07
CA LYS H 123 -43.04 9.65 -18.90
C LYS H 123 -42.75 11.15 -18.82
N ASP H 124 -43.73 11.96 -18.43
CA ASP H 124 -43.55 13.42 -18.43
C ASP H 124 -43.34 14.16 -17.10
N GLY H 125 -43.42 13.44 -15.98
CA GLY H 125 -43.26 14.07 -14.67
C GLY H 125 -44.57 14.48 -13.98
N ASN H 126 -45.71 14.10 -14.55
CA ASN H 126 -47.01 14.35 -13.89
C ASN H 126 -47.25 13.55 -12.60
N TRP H 127 -46.72 12.33 -12.52
CA TRP H 127 -46.89 11.55 -11.33
C TRP H 127 -45.68 10.64 -11.11
N LEU H 128 -45.34 10.43 -9.85
CA LEU H 128 -44.22 9.60 -9.49
C LEU H 128 -44.40 9.07 -8.09
N LEU H 129 -44.21 7.77 -7.92
CA LEU H 129 -44.40 7.21 -6.61
C LEU H 129 -43.31 7.66 -5.66
N ALA H 130 -43.67 8.32 -4.55
CA ALA H 130 -42.65 8.66 -3.56
C ALA H 130 -42.36 7.49 -2.57
N TYR H 131 -43.34 6.60 -2.39
CA TYR H 131 -43.23 5.43 -1.51
C TYR H 131 -44.14 4.29 -2.01
N THR H 132 -43.88 3.09 -1.54
CA THR H 132 -44.62 1.90 -1.94
C THR H 132 -45.24 1.18 -0.79
N GLY H 133 -46.09 0.24 -1.13
CA GLY H 133 -46.69 -0.64 -0.14
C GLY H 133 -46.73 -2.02 -0.75
N THR H 134 -46.40 -3.04 0.03
CA THR H 134 -46.38 -4.44 -0.42
C THR H 134 -47.04 -5.33 0.62
N ILE H 135 -47.86 -6.26 0.17
CA ILE H 135 -48.54 -7.19 1.10
C ILE H 135 -47.51 -8.09 1.74
N ALA H 136 -47.60 -8.14 3.08
CA ALA H 136 -46.75 -8.89 3.95
C ALA H 136 -47.52 -9.79 4.87
N PHE H 137 -46.77 -10.69 5.48
CA PHE H 137 -47.27 -11.53 6.54
C PHE H 137 -46.78 -10.88 7.81
N ILE H 138 -47.64 -10.91 8.84
CA ILE H 138 -47.24 -10.52 10.22
C ILE H 138 -47.46 -11.83 11.04
N VAL H 139 -46.41 -12.32 11.70
CA VAL H 139 -46.45 -13.61 12.37
C VAL H 139 -46.15 -13.53 13.84
N ASN H 140 -46.99 -14.17 14.64
CA ASN H 140 -46.85 -14.20 16.09
C ASN H 140 -45.78 -15.26 16.43
N LYS H 141 -44.61 -14.82 16.90
CA LYS H 141 -43.47 -15.70 17.19
C LYS H 141 -43.64 -16.60 18.41
N ASP H 142 -44.57 -16.23 19.30
CA ASP H 142 -44.85 -17.02 20.50
C ASP H 142 -45.74 -18.23 20.17
N VAL H 143 -46.57 -18.11 19.13
CA VAL H 143 -47.49 -19.17 18.73
C VAL H 143 -47.00 -19.98 17.52
N VAL H 144 -46.43 -19.30 16.52
CA VAL H 144 -45.97 -19.94 15.28
C VAL H 144 -44.48 -20.23 15.36
N LYS H 145 -44.14 -21.52 15.47
CA LYS H 145 -42.76 -21.97 15.61
C LYS H 145 -42.01 -22.18 14.31
N ASP H 146 -42.73 -22.47 13.24
CA ASP H 146 -42.14 -22.64 11.92
C ASP H 146 -42.64 -21.42 11.14
N ILE H 147 -41.85 -20.34 11.13
CA ILE H 147 -42.33 -19.11 10.47
C ILE H 147 -42.60 -19.37 8.98
N PRO H 148 -43.83 -19.08 8.50
CA PRO H 148 -44.04 -19.28 7.07
C PRO H 148 -43.32 -18.15 6.30
N LYS H 149 -42.62 -18.49 5.20
CA LYS H 149 -41.86 -17.53 4.37
C LYS H 149 -42.45 -17.37 2.97
N THR H 150 -43.49 -18.16 2.67
CA THR H 150 -44.17 -18.13 1.38
C THR H 150 -45.65 -18.43 1.62
N TRP H 151 -46.47 -18.14 0.62
CA TRP H 151 -47.86 -18.49 0.67
C TRP H 151 -47.93 -20.04 0.70
N GLN H 152 -47.08 -20.74 -0.06
CA GLN H 152 -47.09 -22.20 -0.03
C GLN H 152 -46.93 -22.73 1.39
N ASP H 153 -46.05 -22.12 2.20
CA ASP H 153 -45.87 -22.56 3.58
C ASP H 153 -47.15 -22.48 4.40
N LEU H 154 -48.03 -21.51 4.08
CA LEU H 154 -49.29 -21.38 4.82
C LEU H 154 -50.17 -22.61 4.87
N LEU H 155 -50.25 -23.31 3.75
CA LEU H 155 -51.06 -24.53 3.63
C LEU H 155 -50.62 -25.64 4.58
N LYS H 156 -49.30 -25.74 4.82
CA LYS H 156 -48.74 -26.79 5.67
C LYS H 156 -48.94 -26.51 7.15
N GLY H 157 -49.11 -25.25 7.53
CA GLY H 157 -49.19 -24.86 8.93
C GLY H 157 -50.38 -25.29 9.75
N ASN H 158 -50.24 -25.16 11.07
N ASN H 158 -50.25 -25.17 11.08
CA ASN H 158 -51.26 -25.53 12.05
CA ASN H 158 -51.32 -25.54 12.02
C ASN H 158 -51.93 -24.32 12.72
C ASN H 158 -51.92 -24.32 12.74
N TYR H 159 -51.68 -23.12 12.20
CA TYR H 159 -52.18 -21.86 12.79
C TYR H 159 -53.30 -21.18 12.01
N LYS H 160 -54.01 -20.29 12.66
CA LYS H 160 -55.07 -19.51 11.99
C LYS H 160 -54.50 -18.31 11.21
N ILE H 161 -55.15 -18.01 10.08
CA ILE H 161 -54.78 -16.90 9.19
C ILE H 161 -55.87 -15.84 9.19
N THR H 162 -55.48 -14.63 9.58
CA THR H 162 -56.37 -13.45 9.61
C THR H 162 -56.14 -12.80 8.27
N VAL H 163 -57.08 -13.01 7.36
CA VAL H 163 -56.93 -12.52 6.01
C VAL H 163 -57.36 -11.10 5.76
N GLY H 164 -58.09 -10.50 6.70
CA GLY H 164 -58.66 -9.18 6.51
C GLY H 164 -60.13 -9.37 6.11
N ASP H 165 -60.92 -8.32 6.14
CA ASP H 165 -62.34 -8.36 5.77
C ASP H 165 -62.47 -8.00 4.28
N VAL H 166 -62.54 -9.01 3.46
CA VAL H 166 -62.67 -8.86 2.00
C VAL H 166 -63.94 -8.08 1.59
N SER H 167 -64.98 -8.12 2.42
CA SER H 167 -66.23 -7.43 2.14
C SER H 167 -66.07 -5.92 2.16
N VAL H 168 -65.02 -5.40 2.80
CA VAL H 168 -64.80 -3.93 2.83
C VAL H 168 -63.38 -3.34 2.76
N ALA H 169 -62.38 -4.03 3.30
CA ALA H 169 -61.02 -3.49 3.36
C ALA H 169 -60.25 -3.67 2.06
N ALA H 170 -59.80 -2.55 1.50
CA ALA H 170 -58.96 -2.57 0.28
C ALA H 170 -57.68 -3.41 0.53
N GLN H 171 -57.19 -3.38 1.76
CA GLN H 171 -56.01 -4.16 2.15
C GLN H 171 -56.20 -5.66 1.95
N ALA H 172 -57.37 -6.15 2.33
CA ALA H 172 -57.70 -7.54 2.25
C ALA H 172 -57.93 -7.97 0.80
N VAL H 173 -58.57 -7.11 0.02
CA VAL H 173 -58.73 -7.35 -1.40
C VAL H 173 -57.33 -7.49 -2.06
N SER H 174 -56.38 -6.61 -1.68
CA SER H 174 -55.03 -6.70 -2.26
C SER H 174 -54.28 -7.94 -1.76
N ALA H 175 -54.57 -8.38 -0.55
CA ALA H 175 -53.93 -9.58 -0.04
C ALA H 175 -54.33 -10.80 -0.91
N VAL H 176 -55.58 -10.80 -1.35
CA VAL H 176 -56.03 -11.92 -2.20
C VAL H 176 -55.28 -11.92 -3.53
N LEU H 177 -55.05 -10.72 -4.09
CA LEU H 177 -54.33 -10.55 -5.36
C LEU H 177 -52.86 -10.97 -5.14
N ALA H 178 -52.35 -10.61 -3.98
CA ALA H 178 -50.97 -10.98 -3.64
C ALA H 178 -50.79 -12.49 -3.75
N ALA H 179 -51.68 -13.25 -3.12
CA ALA H 179 -51.65 -14.70 -3.17
C ALA H 179 -51.78 -15.19 -4.61
N ASN H 180 -52.63 -14.50 -5.35
CA ASN H 180 -52.92 -14.84 -6.73
C ASN H 180 -51.66 -14.77 -7.62
N TYR H 181 -50.86 -13.71 -7.46
CA TYR H 181 -49.59 -13.56 -8.21
C TYR H 181 -48.62 -14.70 -7.87
N ALA H 182 -48.68 -15.13 -6.63
CA ALA H 182 -47.81 -16.20 -6.14
C ALA H 182 -48.22 -17.58 -6.63
N LEU H 183 -49.50 -17.72 -6.96
CA LEU H 183 -50.06 -19.00 -7.39
C LEU H 183 -50.22 -19.11 -8.92
N GLY H 184 -49.48 -18.28 -9.65
CA GLY H 184 -49.50 -18.30 -11.14
C GLY H 184 -50.53 -17.42 -11.86
N GLY H 185 -51.32 -16.66 -11.12
CA GLY H 185 -52.34 -15.81 -11.74
C GLY H 185 -51.97 -14.35 -11.85
N ASP H 186 -52.91 -13.56 -12.33
CA ASP H 186 -52.69 -12.10 -12.42
C ASP H 186 -53.98 -11.37 -12.06
N GLU H 187 -53.99 -10.04 -12.12
CA GLU H 187 -55.18 -9.27 -11.78
C GLU H 187 -56.45 -9.55 -12.62
N LYS H 188 -56.35 -10.20 -13.77
CA LYS H 188 -57.53 -10.49 -14.58
C LYS H 188 -58.46 -11.60 -14.03
N ASP H 189 -57.91 -12.59 -13.31
CA ASP H 189 -58.68 -13.76 -12.80
C ASP H 189 -58.08 -14.29 -11.48
N LEU H 190 -58.83 -14.09 -10.40
CA LEU H 190 -58.45 -14.50 -9.04
C LEU H 190 -58.72 -15.96 -8.67
N SER H 191 -59.17 -16.77 -9.62
CA SER H 191 -59.48 -18.18 -9.34
C SER H 191 -58.39 -18.96 -8.60
N PRO H 192 -57.12 -18.81 -9.01
CA PRO H 192 -56.12 -19.58 -8.28
C PRO H 192 -56.06 -19.26 -6.75
N ALA H 193 -56.24 -17.98 -6.42
CA ALA H 193 -56.22 -17.59 -5.01
C ALA H 193 -57.48 -18.06 -4.31
N LEU H 194 -58.62 -18.02 -5.00
CA LEU H 194 -59.89 -18.46 -4.41
C LEU H 194 -59.76 -19.93 -4.05
N ALA H 195 -59.10 -20.72 -4.90
CA ALA H 195 -58.90 -22.16 -4.63
C ALA H 195 -57.93 -22.35 -3.45
N PHE H 196 -56.94 -21.48 -3.35
CA PHE H 196 -55.98 -21.52 -2.23
C PHE H 196 -56.67 -21.22 -0.88
N PHE H 197 -57.46 -20.14 -0.85
CA PHE H 197 -58.17 -19.79 0.36
C PHE H 197 -59.27 -20.79 0.67
N ASN H 198 -59.86 -21.39 -0.36
CA ASN H 198 -60.86 -22.44 -0.14
C ASN H 198 -60.26 -23.62 0.66
N THR H 199 -58.98 -23.94 0.41
CA THR H 199 -58.29 -25.04 1.10
C THR H 199 -58.14 -24.67 2.56
N LEU H 200 -57.70 -23.45 2.79
CA LEU H 200 -57.57 -22.94 4.13
C LEU H 200 -58.93 -22.90 4.87
N ALA H 201 -60.02 -22.59 4.16
CA ALA H 201 -61.34 -22.54 4.76
C ALA H 201 -61.75 -23.95 5.20
N LYS H 202 -61.56 -24.95 4.32
N LYS H 202 -61.56 -24.95 4.32
CA LYS H 202 -61.86 -26.35 4.65
CA LYS H 202 -61.87 -26.36 4.64
C LYS H 202 -61.10 -26.86 5.87
C LYS H 202 -61.09 -26.87 5.86
N GLN H 203 -59.87 -26.38 6.05
CA GLN H 203 -59.07 -26.75 7.19
C GLN H 203 -59.50 -26.05 8.48
N GLY H 204 -60.47 -25.14 8.40
CA GLY H 204 -60.93 -24.36 9.56
C GLY H 204 -59.93 -23.29 10.03
N ARG H 205 -59.10 -22.79 9.13
CA ARG H 205 -58.05 -21.84 9.55
C ARG H 205 -58.16 -20.37 9.14
N LEU H 206 -59.21 -19.98 8.45
CA LEU H 206 -59.37 -18.58 8.08
C LEU H 206 -60.13 -17.83 9.13
N VAL H 207 -59.78 -16.57 9.26
CA VAL H 207 -60.45 -15.62 10.14
C VAL H 207 -60.66 -14.41 9.24
N ASN H 208 -61.93 -14.04 9.06
CA ASN H 208 -62.35 -13.00 8.11
C ASN H 208 -62.50 -11.58 8.63
N ASN H 209 -61.47 -11.13 9.36
CA ASN H 209 -61.48 -9.76 9.85
C ASN H 209 -60.10 -9.16 9.71
N ASP H 210 -60.04 -7.85 9.88
CA ASP H 210 -58.80 -7.11 9.78
C ASP H 210 -57.89 -7.28 10.99
N VAL H 211 -56.59 -7.27 10.71
CA VAL H 211 -55.58 -7.32 11.74
C VAL H 211 -55.68 -5.95 12.38
N SER H 212 -55.65 -5.90 13.71
CA SER H 212 -55.71 -4.65 14.44
C SER H 212 -54.71 -4.66 15.59
N ILE H 213 -54.36 -3.46 16.07
CA ILE H 213 -53.46 -3.29 17.19
C ILE H 213 -54.01 -4.06 18.39
N ALA H 214 -55.28 -3.84 18.72
CA ALA H 214 -55.94 -4.55 19.84
C ALA H 214 -55.77 -6.06 19.74
N ASN H 215 -56.06 -6.62 18.56
CA ASN H 215 -55.93 -8.08 18.39
C ASN H 215 -54.48 -8.59 18.39
N LEU H 216 -53.53 -7.76 17.98
CA LEU H 216 -52.13 -8.14 18.02
C LEU H 216 -51.63 -8.19 19.46
N GLU H 217 -52.05 -7.22 20.28
CA GLU H 217 -51.68 -7.17 21.71
C GLU H 217 -52.20 -8.37 22.50
N LYS H 218 -53.44 -8.78 22.21
CA LYS H 218 -54.04 -9.95 22.87
C LYS H 218 -53.42 -11.29 22.42
N GLY H 219 -52.60 -11.26 21.36
CA GLY H 219 -51.93 -12.45 20.85
C GLY H 219 -52.87 -13.36 20.08
N GLU H 220 -54.06 -12.90 19.71
CA GLU H 220 -54.99 -13.77 18.98
C GLU H 220 -54.59 -13.91 17.50
N VAL H 221 -54.02 -12.88 16.88
CA VAL H 221 -53.53 -12.99 15.50
C VAL H 221 -52.32 -13.96 15.53
N GLU H 222 -52.38 -15.00 14.71
CA GLU H 222 -51.31 -16.00 14.62
C GLU H 222 -50.49 -15.63 13.37
N VAL H 223 -51.13 -15.63 12.20
CA VAL H 223 -50.54 -15.12 10.96
C VAL H 223 -51.58 -14.14 10.35
N GLY H 224 -51.17 -12.92 10.05
CA GLY H 224 -52.05 -11.93 9.45
C GLY H 224 -51.50 -11.45 8.14
N LEU H 225 -52.41 -10.98 7.28
CA LEU H 225 -52.03 -10.43 5.98
C LEU H 225 -52.28 -8.90 6.07
N VAL H 226 -51.19 -8.14 5.97
CA VAL H 226 -51.23 -6.71 6.03
C VAL H 226 -50.24 -6.05 5.09
N TRP H 227 -50.52 -4.80 4.76
CA TRP H 227 -49.54 -3.99 4.02
C TRP H 227 -48.27 -3.95 4.87
N ASP H 228 -47.09 -4.04 4.25
CA ASP H 228 -45.82 -3.97 5.03
C ASP H 228 -45.72 -2.73 5.91
N PHE H 229 -46.18 -1.57 5.45
CA PHE H 229 -46.12 -0.36 6.29
C PHE H 229 -46.99 -0.46 7.56
N ASN H 230 -48.15 -1.10 7.45
CA ASN H 230 -48.98 -1.36 8.65
C ASN H 230 -48.34 -2.42 9.54
N GLY H 231 -47.83 -3.50 8.97
CA GLY H 231 -47.20 -4.55 9.72
C GLY H 231 -45.98 -4.10 10.52
N LEU H 232 -45.11 -3.31 9.87
CA LEU H 232 -43.91 -2.85 10.54
C LEU H 232 -44.21 -1.86 11.65
N GLY H 233 -45.22 -1.03 11.45
CA GLY H 233 -45.65 -0.09 12.46
C GLY H 233 -46.24 -0.87 13.61
N TYR H 234 -47.06 -1.89 13.33
CA TYR H 234 -47.67 -2.70 14.39
C TYR H 234 -46.59 -3.50 15.14
N ARG H 235 -45.60 -4.04 14.41
CA ARG H 235 -44.51 -4.80 15.02
C ARG H 235 -43.75 -3.92 15.99
N ASP H 236 -43.35 -2.73 15.56
CA ASP H 236 -42.58 -1.84 16.44
C ASP H 236 -43.38 -1.38 17.67
N LYS H 237 -44.70 -1.27 17.56
CA LYS H 237 -45.53 -0.86 18.70
C LYS H 237 -45.71 -2.01 19.71
N VAL H 238 -46.09 -3.19 19.23
CA VAL H 238 -46.36 -4.39 20.06
C VAL H 238 -45.09 -5.11 20.58
N GLY H 239 -43.97 -4.98 19.87
CA GLY H 239 -42.70 -5.61 20.24
C GLY H 239 -42.14 -6.42 19.07
N LYS H 240 -40.86 -6.19 18.72
CA LYS H 240 -40.16 -6.91 17.65
C LYS H 240 -39.94 -8.39 18.01
N ASP H 241 -39.87 -8.69 19.30
CA ASP H 241 -39.68 -10.06 19.76
C ASP H 241 -40.97 -10.88 19.70
N ARG H 242 -42.13 -10.20 19.67
CA ARG H 242 -43.44 -10.86 19.60
C ARG H 242 -43.91 -11.14 18.16
N TYR H 243 -43.69 -10.21 17.23
CA TYR H 243 -44.11 -10.41 15.86
C TYR H 243 -42.97 -10.19 14.84
N GLU H 244 -43.03 -10.95 13.74
CA GLU H 244 -42.08 -10.86 12.66
C GLU H 244 -42.87 -10.51 11.44
N VAL H 245 -42.34 -9.63 10.62
CA VAL H 245 -42.99 -9.20 9.41
C VAL H 245 -42.05 -9.55 8.27
N LEU H 246 -42.64 -10.06 7.19
CA LEU H 246 -41.85 -10.44 6.03
C LEU H 246 -42.72 -10.41 4.78
N ILE H 247 -42.10 -10.34 3.62
CA ILE H 247 -42.80 -10.39 2.36
C ILE H 247 -42.75 -11.85 1.90
N PRO H 248 -43.92 -12.48 1.56
CA PRO H 248 -43.91 -13.86 1.08
C PRO H 248 -43.06 -13.98 -0.19
N ALA H 249 -42.11 -14.90 -0.22
CA ALA H 249 -41.17 -14.97 -1.32
C ALA H 249 -41.65 -15.46 -2.67
N ASP H 250 -42.76 -16.20 -2.66
CA ASP H 250 -43.34 -16.75 -3.90
C ASP H 250 -44.08 -15.70 -4.70
N GLY H 251 -44.30 -14.53 -4.10
CA GLY H 251 -44.89 -13.42 -4.81
C GLY H 251 -45.82 -12.60 -3.95
N SER H 252 -45.98 -11.33 -4.33
CA SER H 252 -46.89 -10.45 -3.63
C SER H 252 -47.28 -9.31 -4.58
N VAL H 253 -48.13 -8.41 -4.09
CA VAL H 253 -48.51 -7.21 -4.87
C VAL H 253 -47.80 -6.01 -4.29
N ILE H 254 -47.25 -5.18 -5.17
CA ILE H 254 -46.63 -3.93 -4.75
C ILE H 254 -47.38 -2.80 -5.43
N SER H 255 -47.75 -1.82 -4.64
CA SER H 255 -48.41 -0.66 -5.15
C SER H 255 -47.67 0.54 -4.57
N GLY H 256 -48.18 1.73 -4.82
CA GLY H 256 -47.54 2.94 -4.31
C GLY H 256 -48.49 4.14 -4.29
N TYR H 257 -47.91 5.28 -3.95
CA TYR H 257 -48.65 6.52 -3.78
C TYR H 257 -47.87 7.62 -4.47
N THR H 258 -48.57 8.55 -5.10
CA THR H 258 -47.90 9.63 -5.79
C THR H 258 -48.48 10.97 -5.44
N THR H 259 -47.60 11.97 -5.34
CA THR H 259 -48.06 13.31 -5.12
C THR H 259 -48.63 13.75 -6.48
N ILE H 260 -49.48 14.76 -6.47
CA ILE H 260 -50.01 15.36 -7.71
C ILE H 260 -49.92 16.86 -7.53
N ILE H 261 -49.32 17.53 -8.51
CA ILE H 261 -49.20 18.97 -8.49
C ILE H 261 -50.41 19.48 -9.27
N ASN H 262 -51.29 20.20 -8.57
CA ASN H 262 -52.50 20.74 -9.17
C ASN H 262 -52.14 21.68 -10.33
N LYS H 263 -52.68 21.38 -11.51
CA LYS H 263 -52.46 22.22 -12.68
C LYS H 263 -52.96 23.65 -12.37
N TYR H 264 -54.09 23.72 -11.66
CA TYR H 264 -54.70 24.99 -11.30
C TYR H 264 -54.22 25.45 -9.92
N ALA H 265 -53.08 24.94 -9.43
CA ALA H 265 -52.59 25.32 -8.10
C ALA H 265 -52.37 26.83 -7.95
N LYS H 266 -52.69 27.36 -6.77
CA LYS H 266 -52.48 28.75 -6.44
C LYS H 266 -51.08 28.98 -5.91
N HIS H 267 -50.43 27.93 -5.44
CA HIS H 267 -49.06 28.02 -4.94
C HIS H 267 -48.24 26.93 -5.62
N PRO H 268 -48.12 26.97 -6.96
CA PRO H 268 -47.40 25.94 -7.71
C PRO H 268 -45.93 25.76 -7.30
N ASN H 269 -45.22 26.86 -7.06
CA ASN H 269 -43.82 26.77 -6.66
C ASN H 269 -43.60 26.17 -5.26
N ALA H 270 -44.56 26.32 -4.36
CA ALA H 270 -44.44 25.67 -3.04
C ALA H 270 -44.72 24.17 -3.21
N ALA H 271 -45.64 23.85 -4.14
CA ALA H 271 -45.99 22.47 -4.42
C ALA H 271 -44.79 21.76 -5.04
N LYS H 272 -44.16 22.38 -6.03
CA LYS H 272 -42.98 21.82 -6.68
C LYS H 272 -41.90 21.61 -5.64
N LEU H 273 -41.63 22.65 -4.84
CA LEU H 273 -40.66 22.54 -3.77
C LEU H 273 -41.00 21.34 -2.85
N ALA H 274 -42.28 21.17 -2.50
CA ALA H 274 -42.68 20.08 -1.63
C ALA H 274 -42.33 18.73 -2.24
N ARG H 275 -42.69 18.56 -3.50
CA ARG H 275 -42.41 17.31 -4.20
C ARG H 275 -40.89 17.03 -4.25
N GLU H 276 -40.10 18.03 -4.64
CA GLU H 276 -38.66 17.91 -4.69
C GLU H 276 -38.12 17.48 -3.33
N PHE H 277 -38.63 18.08 -2.27
CA PHE H 277 -38.18 17.72 -0.93
C PHE H 277 -38.54 16.26 -0.58
N ILE H 278 -39.76 15.86 -0.90
CA ILE H 278 -40.29 14.52 -0.58
C ILE H 278 -39.42 13.41 -1.17
N LEU H 279 -38.96 13.65 -2.38
CA LEU H 279 -38.05 12.75 -3.07
C LEU H 279 -36.62 12.88 -2.64
N SER H 280 -36.24 14.02 -2.05
CA SER H 280 -34.86 14.24 -1.62
C SER H 280 -34.55 13.27 -0.49
N ASP H 281 -33.25 13.05 -0.27
CA ASP H 281 -32.84 12.13 0.79
C ASP H 281 -33.58 12.36 2.13
N LYS H 282 -33.72 13.61 2.55
CA LYS H 282 -34.38 13.93 3.85
C LYS H 282 -35.88 13.60 3.83
N GLY H 283 -36.50 13.79 2.67
CA GLY H 283 -37.92 13.50 2.51
C GLY H 283 -38.15 12.00 2.47
N GLN H 284 -37.24 11.31 1.81
CA GLN H 284 -37.29 9.86 1.71
C GLN H 284 -37.04 9.23 3.07
N ILE H 285 -36.13 9.82 3.85
CA ILE H 285 -35.86 9.33 5.21
C ILE H 285 -37.06 9.54 6.14
N ASN H 286 -37.71 10.70 6.03
CA ASN H 286 -38.93 10.96 6.81
C ASN H 286 -40.01 9.87 6.55
N LEU H 287 -40.17 9.51 5.28
CA LEU H 287 -41.14 8.49 4.90
C LEU H 287 -40.82 7.14 5.59
N ALA H 288 -39.53 6.77 5.55
CA ALA H 288 -39.01 5.55 6.16
C ALA H 288 -39.25 5.59 7.66
N LYS H 289 -39.06 6.75 8.27
CA LYS H 289 -39.29 6.91 9.71
C LYS H 289 -40.76 6.59 9.98
N GLY H 290 -41.62 6.89 9.02
CA GLY H 290 -43.06 6.57 9.11
C GLY H 290 -43.45 5.15 8.68
N TYR H 291 -42.45 4.27 8.51
CA TYR H 291 -42.63 2.87 8.10
C TYR H 291 -43.00 2.69 6.64
N ALA H 292 -42.94 3.77 5.85
CA ALA H 292 -43.32 3.71 4.45
C ALA H 292 -42.05 3.54 3.64
N ARG H 293 -41.99 2.47 2.86
N ARG H 293 -41.95 2.44 2.89
CA ARG H 293 -40.81 2.15 2.06
CA ARG H 293 -40.75 2.15 2.10
C ARG H 293 -40.57 3.21 1.00
C ARG H 293 -40.55 3.20 1.00
N PRO H 294 -39.49 4.01 1.13
CA PRO H 294 -39.24 5.05 0.14
C PRO H 294 -38.88 4.49 -1.21
N ILE H 295 -39.35 5.14 -2.27
CA ILE H 295 -39.07 4.71 -3.64
C ILE H 295 -37.56 4.74 -3.94
N ARG H 296 -36.83 5.63 -3.27
CA ARG H 296 -35.37 5.77 -3.45
C ARG H 296 -34.54 5.04 -2.38
N ILE H 297 -35.10 3.97 -1.81
CA ILE H 297 -34.48 3.16 -0.78
C ILE H 297 -33.09 2.65 -1.16
N ASP H 298 -32.87 2.28 -2.43
CA ASP H 298 -31.54 1.83 -2.86
C ASP H 298 -30.48 2.92 -2.95
N HIS H 299 -30.90 4.19 -2.93
CA HIS H 299 -29.99 5.32 -3.12
C HIS H 299 -29.86 6.28 -1.96
N ILE H 300 -30.25 5.86 -0.77
CA ILE H 300 -30.13 6.73 0.41
C ILE H 300 -29.48 5.91 1.52
N THR H 301 -28.95 6.59 2.52
CA THR H 301 -28.35 5.94 3.68
C THR H 301 -29.24 6.25 4.91
N LEU H 302 -29.86 5.20 5.44
CA LEU H 302 -30.74 5.35 6.60
C LEU H 302 -29.93 5.17 7.86
N PRO H 303 -30.19 5.97 8.90
CA PRO H 303 -29.46 5.75 10.16
C PRO H 303 -29.95 4.42 10.75
N ASP H 304 -29.09 3.70 11.48
CA ASP H 304 -29.44 2.35 12.04
C ASP H 304 -30.84 2.15 12.65
N ASP H 305 -31.29 3.05 13.53
CA ASP H 305 -32.62 2.92 14.15
C ASP H 305 -33.79 3.03 13.13
N ILE H 306 -33.57 3.76 12.03
CA ILE H 306 -34.58 3.91 10.95
C ILE H 306 -34.53 2.73 9.98
N LYS H 307 -33.31 2.22 9.74
CA LYS H 307 -33.07 1.04 8.90
C LYS H 307 -33.80 -0.16 9.47
N ALA H 308 -33.77 -0.31 10.80
CA ALA H 308 -34.43 -1.44 11.47
C ALA H 308 -35.96 -1.40 11.38
N LYS H 309 -36.54 -0.27 11.00
CA LYS H 309 -38.00 -0.17 10.82
C LYS H 309 -38.48 -0.81 9.50
N LEU H 310 -37.56 -0.94 8.54
CA LEU H 310 -37.87 -1.45 7.21
C LEU H 310 -37.32 -2.86 6.88
N LEU H 311 -37.93 -3.49 5.86
CA LEU H 311 -37.50 -4.81 5.43
C LEU H 311 -36.40 -4.66 4.39
N PRO H 312 -35.51 -5.67 4.30
CA PRO H 312 -34.44 -5.62 3.30
C PRO H 312 -35.01 -5.71 1.90
N SER H 313 -34.37 -5.05 0.96
CA SER H 313 -34.88 -4.95 -0.42
C SER H 313 -35.02 -6.26 -1.18
N GLU H 314 -34.18 -7.25 -0.88
N GLU H 314 -34.20 -7.23 -0.78
CA GLU H 314 -34.28 -8.54 -1.57
CA GLU H 314 -34.13 -8.63 -1.28
C GLU H 314 -35.63 -9.26 -1.32
C GLU H 314 -35.54 -9.30 -1.23
N GLN H 315 -36.32 -8.94 -0.23
CA GLN H 315 -37.66 -9.53 0.00
C GLN H 315 -38.69 -9.08 -1.04
N TYR H 316 -38.42 -7.95 -1.69
CA TYR H 316 -39.28 -7.38 -2.71
C TYR H 316 -38.99 -7.85 -4.14
N LYS H 317 -37.99 -8.69 -4.31
CA LYS H 317 -37.56 -9.22 -5.59
C LYS H 317 -38.68 -9.67 -6.55
N ASN H 318 -39.62 -10.47 -6.05
CA ASN H 318 -40.72 -11.00 -6.85
C ASN H 318 -42.09 -10.38 -6.55
N ALA H 319 -42.13 -9.18 -5.99
CA ALA H 319 -43.39 -8.47 -5.74
C ALA H 319 -43.74 -7.90 -7.10
N ARG H 320 -45.02 -7.98 -7.48
CA ARG H 320 -45.50 -7.51 -8.77
C ARG H 320 -46.44 -6.33 -8.68
N ALA H 321 -46.35 -5.49 -9.70
CA ALA H 321 -47.18 -4.33 -9.81
C ALA H 321 -48.33 -4.70 -10.75
N ILE H 322 -49.41 -3.97 -10.60
CA ILE H 322 -50.61 -4.19 -11.39
C ILE H 322 -50.38 -3.56 -12.77
N LYS H 323 -50.48 -4.34 -13.85
CA LYS H 323 -50.30 -3.84 -15.23
C LYS H 323 -51.60 -3.40 -15.91
N ASP H 324 -52.71 -4.10 -15.67
CA ASP H 324 -54.04 -3.76 -16.24
C ASP H 324 -54.99 -3.32 -15.10
N GLN H 325 -55.05 -2.01 -14.89
CA GLN H 325 -55.84 -1.38 -13.84
C GLN H 325 -57.35 -1.60 -14.01
N LYS H 326 -57.82 -1.52 -15.25
CA LYS H 326 -59.24 -1.74 -15.53
C LYS H 326 -59.62 -3.19 -15.19
N ALA H 327 -58.82 -4.15 -15.64
CA ALA H 327 -59.04 -5.57 -15.34
C ALA H 327 -59.03 -5.82 -13.82
N TRP H 328 -58.10 -5.17 -13.12
CA TRP H 328 -58.07 -5.32 -11.65
C TRP H 328 -59.31 -4.78 -10.95
N GLU H 329 -59.75 -3.57 -11.34
CA GLU H 329 -60.95 -2.95 -10.75
C GLU H 329 -62.16 -3.83 -10.92
N LYS H 330 -62.23 -4.50 -12.06
CA LYS H 330 -63.32 -5.43 -12.35
C LYS H 330 -63.17 -6.65 -11.43
N SER H 331 -61.97 -7.23 -11.32
CA SER H 331 -61.76 -8.38 -10.43
C SER H 331 -61.99 -8.03 -8.94
N ALA H 332 -61.58 -6.83 -8.55
CA ALA H 332 -61.74 -6.37 -7.17
C ALA H 332 -63.21 -6.19 -6.80
N LYS H 333 -63.98 -5.60 -7.71
CA LYS H 333 -65.40 -5.41 -7.50
C LYS H 333 -66.15 -6.74 -7.40
N GLU H 334 -65.76 -7.72 -8.19
CA GLU H 334 -66.41 -9.05 -8.15
C GLU H 334 -65.98 -9.90 -6.95
N LEU H 335 -64.76 -9.68 -6.42
CA LEU H 335 -64.24 -10.50 -5.33
C LEU H 335 -65.11 -10.76 -4.08
N PRO H 336 -65.71 -9.72 -3.47
CA PRO H 336 -66.52 -9.98 -2.27
C PRO H 336 -67.61 -11.07 -2.47
N GLN H 337 -68.28 -11.06 -3.61
CA GLN H 337 -69.30 -12.09 -3.88
C GLN H 337 -68.64 -13.43 -4.18
N LEU H 338 -67.55 -13.44 -4.95
CA LEU H 338 -66.84 -14.70 -5.24
C LEU H 338 -66.25 -15.28 -3.96
N TRP H 339 -65.75 -14.42 -3.08
CA TRP H 339 -65.24 -14.89 -1.79
C TRP H 339 -66.34 -15.71 -1.08
N GLN H 340 -67.56 -15.16 -1.04
CA GLN H 340 -68.66 -15.88 -0.39
C GLN H 340 -69.01 -17.20 -1.06
N GLU H 341 -69.17 -17.12 -2.37
CA GLU H 341 -69.55 -18.23 -3.25
C GLU H 341 -68.45 -19.29 -3.42
N LYS H 342 -67.17 -18.92 -3.32
CA LYS H 342 -66.05 -19.87 -3.52
C LYS H 342 -65.19 -20.27 -2.32
N VAL H 343 -65.18 -19.45 -1.27
CA VAL H 343 -64.37 -19.71 -0.06
C VAL H 343 -65.20 -19.98 1.21
N ILE H 344 -66.12 -19.06 1.51
CA ILE H 344 -66.97 -19.15 2.69
C ILE H 344 -67.91 -20.35 2.60
N VAL H 345 -68.40 -20.66 1.41
CA VAL H 345 -69.27 -21.84 1.24
C VAL H 345 -68.66 -23.09 1.91
N ASP H 346 -67.33 -23.22 1.90
CA ASP H 346 -66.67 -24.40 2.48
C ASP H 346 -65.94 -24.16 3.81
#